data_2KMV
#
_entry.id   2KMV
#
_cell.length_a   1.000
_cell.length_b   1.000
_cell.length_c   1.000
_cell.angle_alpha   90.00
_cell.angle_beta   90.00
_cell.angle_gamma   90.00
#
_symmetry.space_group_name_H-M   'P 1'
#
_entity_poly.entity_id   1
_entity_poly.type   'polypeptide(L)'
_entity_poly.pdbx_seq_one_letter_code
;SFTMHGTPVVNQVKVLTESNRISHHKILAIVGTAESNSEHPLGTAITKYCKQELDTETLGTCIDFQVVPGCGISCKVTNI
EGLLHKNNWNIEDNNIKNASLVQIDASNEQSSTSSSMIIDAQISNALNAQQYKVLIGNREWMIRNGLVINNDVNDFMTEH
ERKGRTAVLVAVDDELCGLIAIADT
;
_entity_poly.pdbx_strand_id   A
#
# COMPACT_ATOMS: atom_id res chain seq x y z
N SER A 1 24.37 -17.21 4.50
CA SER A 1 24.89 -16.16 3.62
C SER A 1 24.08 -14.86 3.71
N PHE A 2 22.82 -14.84 3.29
CA PHE A 2 22.06 -13.58 3.11
C PHE A 2 21.54 -12.91 4.38
N THR A 3 21.17 -13.67 5.41
CA THR A 3 20.59 -13.11 6.66
C THR A 3 21.71 -12.67 7.62
N MET A 4 21.54 -11.51 8.26
CA MET A 4 22.51 -10.93 9.21
C MET A 4 21.85 -10.18 10.38
N HIS A 5 20.63 -9.67 10.21
CA HIS A 5 19.93 -8.82 11.18
C HIS A 5 18.52 -9.33 11.53
N GLY A 6 17.98 -8.90 12.67
CA GLY A 6 16.64 -9.25 13.15
C GLY A 6 15.50 -8.69 12.29
N THR A 7 14.32 -9.31 12.36
CA THR A 7 13.20 -9.04 11.45
C THR A 7 12.02 -8.36 12.17
N PRO A 8 11.56 -7.17 11.71
CA PRO A 8 10.49 -6.41 12.35
C PRO A 8 9.08 -7.00 12.13
N VAL A 9 8.11 -6.53 12.93
CA VAL A 9 6.69 -6.93 12.92
C VAL A 9 5.75 -5.72 12.99
N VAL A 10 4.57 -5.77 12.35
CA VAL A 10 3.54 -4.73 12.55
C VAL A 10 2.86 -4.97 13.89
N ASN A 11 2.87 -3.96 14.77
CA ASN A 11 2.49 -4.13 16.17
C ASN A 11 1.09 -3.55 16.49
N GLN A 12 0.81 -2.31 16.09
CA GLN A 12 -0.48 -1.63 16.32
C GLN A 12 -0.85 -0.76 15.11
N VAL A 13 -2.09 -0.86 14.62
CA VAL A 13 -2.67 0.06 13.62
C VAL A 13 -3.99 0.65 14.12
N LYS A 14 -4.13 1.97 13.98
CA LYS A 14 -5.26 2.75 14.53
C LYS A 14 -5.77 3.81 13.55
N VAL A 15 -7.09 3.98 13.49
CA VAL A 15 -7.78 4.92 12.61
C VAL A 15 -7.74 6.35 13.18
N LEU A 16 -7.69 7.35 12.30
CA LEU A 16 -7.55 8.77 12.62
C LEU A 16 -8.52 9.69 11.83
N THR A 17 -9.51 9.13 11.14
CA THR A 17 -10.63 9.85 10.48
C THR A 17 -11.92 9.05 10.55
N GLU A 18 -13.09 9.70 10.53
CA GLU A 18 -14.41 9.05 10.42
C GLU A 18 -14.75 8.70 8.96
N SER A 19 -15.85 7.97 8.71
CA SER A 19 -16.22 7.47 7.37
C SER A 19 -16.56 8.54 6.31
N ASN A 20 -16.45 9.84 6.65
CA ASN A 20 -16.83 11.00 5.84
C ASN A 20 -16.17 11.00 4.43
N ARG A 21 -14.83 10.91 4.34
CA ARG A 21 -14.09 10.74 3.06
C ARG A 21 -13.80 9.26 2.75
N ILE A 22 -13.32 8.51 3.75
CA ILE A 22 -12.98 7.09 3.65
C ILE A 22 -13.29 6.37 4.97
N SER A 23 -13.87 5.17 4.91
CA SER A 23 -14.19 4.33 6.07
C SER A 23 -13.04 3.39 6.48
N HIS A 24 -12.99 3.01 7.77
CA HIS A 24 -11.94 2.17 8.38
C HIS A 24 -11.53 0.92 7.57
N HIS A 25 -12.48 0.15 7.02
CA HIS A 25 -12.22 -1.08 6.24
C HIS A 25 -11.57 -0.76 4.89
N LYS A 26 -12.01 0.31 4.23
CA LYS A 26 -11.48 0.76 2.93
C LYS A 26 -10.07 1.35 3.08
N ILE A 27 -9.77 1.98 4.22
CA ILE A 27 -8.42 2.42 4.62
C ILE A 27 -7.49 1.21 4.84
N LEU A 28 -7.95 0.20 5.61
CA LEU A 28 -7.18 -1.03 5.87
C LEU A 28 -6.78 -1.75 4.57
N ALA A 29 -7.73 -1.84 3.62
CA ALA A 29 -7.48 -2.37 2.28
C ALA A 29 -6.39 -1.57 1.56
N ILE A 30 -6.56 -0.26 1.30
CA ILE A 30 -5.59 0.49 0.48
C ILE A 30 -4.20 0.60 1.13
N VAL A 31 -4.10 0.63 2.47
CA VAL A 31 -2.80 0.51 3.19
C VAL A 31 -2.14 -0.83 2.90
N GLY A 32 -2.89 -1.94 2.99
CA GLY A 32 -2.35 -3.27 2.76
C GLY A 32 -1.98 -3.52 1.29
N THR A 33 -2.91 -3.31 0.37
CA THR A 33 -2.73 -3.62 -1.06
C THR A 33 -1.67 -2.75 -1.74
N ALA A 34 -1.37 -1.55 -1.22
CA ALA A 34 -0.23 -0.75 -1.68
C ALA A 34 1.14 -1.41 -1.44
N GLU A 35 1.24 -2.36 -0.51
CA GLU A 35 2.48 -3.12 -0.25
C GLU A 35 2.49 -4.47 -0.98
N SER A 36 1.49 -4.75 -1.83
CA SER A 36 1.50 -5.88 -2.78
C SER A 36 2.59 -5.71 -3.87
N ASN A 37 3.26 -4.55 -3.86
CA ASN A 37 4.47 -4.19 -4.60
C ASN A 37 5.68 -5.10 -4.26
N SER A 38 6.90 -4.67 -4.59
CA SER A 38 8.14 -5.48 -4.45
C SER A 38 9.22 -4.78 -3.61
N GLU A 39 8.80 -4.09 -2.54
CA GLU A 39 9.64 -3.18 -1.76
C GLU A 39 10.54 -3.87 -0.73
N HIS A 40 10.01 -4.25 0.44
CA HIS A 40 10.79 -4.77 1.57
C HIS A 40 10.07 -5.94 2.28
N PRO A 41 10.73 -6.72 3.17
CA PRO A 41 10.08 -7.76 3.97
C PRO A 41 8.86 -7.29 4.78
N LEU A 42 8.83 -6.00 5.16
CA LEU A 42 7.69 -5.36 5.82
C LEU A 42 6.44 -5.27 4.93
N GLY A 43 6.59 -5.15 3.62
CA GLY A 43 5.47 -5.15 2.68
C GLY A 43 4.73 -6.48 2.66
N THR A 44 5.49 -7.59 2.59
CA THR A 44 4.95 -8.95 2.78
C THR A 44 4.31 -9.10 4.17
N ALA A 45 4.90 -8.54 5.23
CA ALA A 45 4.33 -8.60 6.58
C ALA A 45 3.00 -7.82 6.73
N ILE A 46 2.89 -6.61 6.14
CA ILE A 46 1.67 -5.79 6.09
C ILE A 46 0.57 -6.50 5.32
N THR A 47 0.86 -6.94 4.09
CA THR A 47 -0.12 -7.64 3.25
C THR A 47 -0.61 -8.92 3.93
N LYS A 48 0.28 -9.70 4.55
CA LYS A 48 -0.07 -10.90 5.35
C LYS A 48 -0.94 -10.59 6.57
N TYR A 49 -0.68 -9.51 7.32
CA TYR A 49 -1.55 -9.08 8.42
C TYR A 49 -2.94 -8.66 7.91
N CYS A 50 -2.96 -7.78 6.91
CA CYS A 50 -4.18 -7.18 6.35
C CYS A 50 -5.08 -8.25 5.73
N LYS A 51 -4.57 -9.07 4.78
CA LYS A 51 -5.35 -10.11 4.09
C LYS A 51 -5.96 -11.12 5.07
N GLN A 52 -5.26 -11.44 6.17
CA GLN A 52 -5.79 -12.32 7.23
C GLN A 52 -6.88 -11.62 8.06
N GLU A 53 -6.76 -10.31 8.32
CA GLU A 53 -7.81 -9.47 8.94
C GLU A 53 -9.01 -9.23 7.99
N LEU A 54 -8.82 -9.22 6.67
CA LEU A 54 -9.91 -9.24 5.69
C LEU A 54 -10.59 -10.62 5.64
N ASP A 55 -9.79 -11.67 5.84
CA ASP A 55 -10.14 -13.08 5.65
C ASP A 55 -10.62 -13.39 4.21
N THR A 56 -9.99 -12.76 3.22
CA THR A 56 -10.23 -13.03 1.80
C THR A 56 -9.00 -12.79 0.92
N GLU A 57 -8.78 -13.63 -0.09
CA GLU A 57 -7.73 -13.43 -1.10
C GLU A 57 -8.07 -12.37 -2.17
N THR A 58 -9.24 -11.72 -2.06
CA THR A 58 -9.80 -10.82 -3.07
C THR A 58 -9.29 -9.39 -2.89
N LEU A 59 -8.02 -9.20 -3.28
CA LEU A 59 -7.30 -7.93 -3.29
C LEU A 59 -6.17 -7.92 -4.34
N GLY A 60 -5.83 -6.72 -4.78
CA GLY A 60 -4.67 -6.40 -5.64
C GLY A 60 -4.94 -5.22 -6.57
N THR A 61 -4.40 -4.04 -6.24
CA THR A 61 -4.69 -2.75 -6.85
C THR A 61 -3.45 -2.13 -7.53
N CYS A 62 -3.59 -1.61 -8.75
CA CYS A 62 -2.54 -0.83 -9.42
C CYS A 62 -2.19 0.45 -8.62
N ILE A 63 -0.90 0.79 -8.58
CA ILE A 63 -0.28 1.80 -7.72
C ILE A 63 0.85 2.56 -8.42
N ASP A 64 0.73 3.88 -8.52
CA ASP A 64 1.79 4.78 -8.98
C ASP A 64 2.79 5.06 -7.84
N PHE A 65 3.56 4.05 -7.43
CA PHE A 65 4.36 4.08 -6.21
C PHE A 65 5.66 4.91 -6.34
N GLN A 66 5.77 6.02 -5.59
CA GLN A 66 6.93 6.91 -5.47
C GLN A 66 7.53 6.81 -4.05
N VAL A 67 8.86 6.90 -3.89
CA VAL A 67 9.55 6.60 -2.62
C VAL A 67 10.64 7.62 -2.27
N VAL A 68 10.64 8.13 -1.03
CA VAL A 68 11.72 8.94 -0.44
C VAL A 68 12.21 8.39 0.91
N PRO A 69 13.50 7.97 1.02
CA PRO A 69 14.06 7.43 2.26
C PRO A 69 14.05 8.43 3.43
N GLY A 70 13.81 7.91 4.64
CA GLY A 70 13.74 8.68 5.88
C GLY A 70 12.51 9.59 6.03
N CYS A 71 11.60 9.62 5.04
CA CYS A 71 10.44 10.52 4.99
C CYS A 71 9.12 9.80 4.66
N GLY A 72 9.02 9.05 3.54
CA GLY A 72 7.80 8.30 3.21
C GLY A 72 7.56 7.91 1.75
N ILE A 73 6.31 7.53 1.47
CA ILE A 73 5.76 6.98 0.23
C ILE A 73 4.61 7.88 -0.27
N SER A 74 4.40 7.94 -1.59
CA SER A 74 3.21 8.55 -2.21
C SER A 74 2.76 7.69 -3.40
N CYS A 75 1.45 7.45 -3.55
CA CYS A 75 0.91 6.61 -4.62
C CYS A 75 -0.45 7.07 -5.18
N LYS A 76 -0.81 6.59 -6.39
CA LYS A 76 -2.16 6.73 -6.96
C LYS A 76 -2.71 5.32 -7.03
N VAL A 77 -3.87 5.03 -6.45
CA VAL A 77 -4.41 3.67 -6.30
C VAL A 77 -5.80 3.55 -6.94
N THR A 78 -6.08 2.39 -7.56
CA THR A 78 -7.32 2.13 -8.31
C THR A 78 -7.77 0.68 -8.11
N ASN A 79 -8.86 0.22 -8.72
CA ASN A 79 -9.31 -1.19 -8.68
C ASN A 79 -9.72 -1.70 -7.28
N ILE A 80 -10.10 -0.79 -6.36
CA ILE A 80 -10.48 -1.11 -4.97
C ILE A 80 -11.83 -1.85 -4.90
N GLU A 81 -12.89 -1.27 -5.45
CA GLU A 81 -14.20 -1.92 -5.56
C GLU A 81 -14.19 -3.02 -6.65
N GLY A 82 -13.36 -2.88 -7.69
CA GLY A 82 -13.10 -3.83 -8.77
C GLY A 82 -12.67 -5.27 -8.45
N LEU A 83 -12.65 -5.71 -7.18
CA LEU A 83 -12.41 -7.12 -6.79
C LEU A 83 -13.48 -8.13 -7.29
N LEU A 84 -14.50 -7.63 -7.98
CA LEU A 84 -15.70 -8.32 -8.43
C LEU A 84 -15.50 -9.25 -9.65
N HIS A 85 -16.52 -10.05 -9.95
CA HIS A 85 -16.65 -10.82 -11.19
C HIS A 85 -16.80 -9.80 -12.35
N LYS A 86 -15.75 -9.69 -13.17
CA LYS A 86 -15.51 -8.60 -14.14
C LYS A 86 -16.46 -8.48 -15.33
N ASN A 87 -16.53 -7.25 -15.87
CA ASN A 87 -17.16 -6.90 -17.15
C ASN A 87 -16.36 -7.42 -18.37
N ASN A 88 -15.09 -7.77 -18.19
CA ASN A 88 -14.21 -8.32 -19.23
C ASN A 88 -14.25 -9.87 -19.27
N TRP A 89 -13.28 -10.51 -19.93
CA TRP A 89 -13.23 -11.95 -20.20
C TRP A 89 -12.02 -12.66 -19.54
N ASN A 90 -11.34 -11.98 -18.61
CA ASN A 90 -10.31 -12.58 -17.74
C ASN A 90 -9.10 -13.15 -18.54
N ILE A 91 -8.77 -12.47 -19.65
CA ILE A 91 -7.67 -12.80 -20.58
C ILE A 91 -6.44 -11.98 -20.16
N GLU A 92 -5.56 -12.58 -19.36
CA GLU A 92 -4.42 -11.91 -18.71
C GLU A 92 -3.08 -12.62 -18.95
N ASP A 93 -3.06 -13.67 -19.77
CA ASP A 93 -1.88 -14.47 -20.15
C ASP A 93 -1.62 -14.47 -21.66
N ASN A 94 -2.69 -14.39 -22.47
CA ASN A 94 -2.67 -14.45 -23.94
C ASN A 94 -1.72 -13.42 -24.55
N ASN A 95 -0.74 -13.89 -25.34
CA ASN A 95 0.30 -13.06 -25.97
C ASN A 95 0.87 -13.77 -27.22
N ILE A 96 1.35 -13.01 -28.21
CA ILE A 96 1.82 -13.53 -29.52
C ILE A 96 3.28 -13.11 -29.73
N LYS A 97 4.23 -13.88 -29.18
CA LYS A 97 5.68 -13.55 -29.16
C LYS A 97 6.31 -13.34 -30.55
N ASN A 98 5.82 -14.08 -31.56
CA ASN A 98 6.26 -14.07 -32.94
C ASN A 98 7.80 -14.04 -33.14
N ALA A 99 8.46 -15.12 -32.72
CA ALA A 99 9.91 -15.28 -32.77
C ALA A 99 10.45 -15.49 -34.20
N SER A 100 11.78 -15.38 -34.34
CA SER A 100 12.51 -15.63 -35.58
C SER A 100 13.95 -16.10 -35.32
N LEU A 101 14.51 -16.84 -36.28
CA LEU A 101 15.84 -17.45 -36.32
C LEU A 101 16.14 -18.52 -35.25
N VAL A 102 16.93 -19.52 -35.68
CA VAL A 102 17.52 -20.62 -34.91
C VAL A 102 18.82 -21.01 -35.62
N GLN A 103 19.94 -21.14 -34.91
CA GLN A 103 21.28 -21.32 -35.51
C GLN A 103 22.13 -22.38 -34.77
N ILE A 104 23.08 -23.02 -35.48
CA ILE A 104 24.10 -23.87 -34.83
C ILE A 104 25.28 -23.01 -34.37
N ASP A 105 25.65 -22.00 -35.16
CA ASP A 105 26.73 -21.03 -34.88
C ASP A 105 26.52 -20.17 -33.61
N ALA A 106 25.30 -20.14 -33.05
CA ALA A 106 24.93 -19.39 -31.85
C ALA A 106 24.81 -20.22 -30.55
N SER A 107 24.86 -21.56 -30.67
CA SER A 107 24.95 -22.53 -29.56
C SER A 107 23.88 -22.43 -28.44
N ASN A 108 22.60 -22.23 -28.78
CA ASN A 108 21.45 -22.30 -27.86
C ASN A 108 21.54 -21.33 -26.65
N GLU A 109 20.65 -21.49 -25.67
CA GLU A 109 20.64 -20.76 -24.38
C GLU A 109 20.59 -19.23 -24.52
N GLN A 110 19.65 -18.70 -25.32
CA GLN A 110 19.38 -17.27 -25.49
C GLN A 110 18.13 -16.78 -24.71
N SER A 111 17.95 -15.47 -24.62
CA SER A 111 16.92 -14.80 -23.78
C SER A 111 15.47 -15.13 -24.16
N SER A 112 15.18 -15.44 -25.43
CA SER A 112 13.86 -15.63 -26.03
C SER A 112 12.98 -14.37 -25.99
N THR A 113 12.45 -13.96 -27.14
CA THR A 113 11.71 -12.69 -27.31
C THR A 113 10.36 -12.65 -26.59
N SER A 114 9.82 -11.45 -26.38
CA SER A 114 8.44 -11.23 -25.92
C SER A 114 7.75 -10.11 -26.72
N SER A 115 6.45 -10.26 -26.95
CA SER A 115 5.60 -9.33 -27.70
C SER A 115 4.17 -9.36 -27.12
N SER A 116 3.30 -8.44 -27.55
CA SER A 116 1.99 -8.17 -26.93
C SER A 116 2.09 -7.60 -25.50
N MET A 117 1.01 -6.96 -25.06
CA MET A 117 0.86 -6.35 -23.73
C MET A 117 -0.60 -6.48 -23.28
N ILE A 118 -0.89 -6.34 -21.99
CA ILE A 118 -2.26 -6.42 -21.41
C ILE A 118 -3.09 -5.15 -21.67
N ILE A 119 -3.13 -4.68 -22.92
CA ILE A 119 -3.82 -3.44 -23.34
C ILE A 119 -5.34 -3.62 -23.50
N ASP A 120 -6.08 -2.53 -23.33
CA ASP A 120 -7.55 -2.38 -23.37
C ASP A 120 -8.35 -3.20 -22.33
N ALA A 121 -7.73 -4.18 -21.67
CA ALA A 121 -8.36 -5.19 -20.82
C ALA A 121 -9.15 -4.62 -19.63
N GLN A 122 -8.64 -3.57 -18.98
CA GLN A 122 -9.25 -2.98 -17.79
C GLN A 122 -10.29 -1.89 -18.10
N ILE A 123 -10.33 -1.37 -19.33
CA ILE A 123 -11.09 -0.16 -19.70
C ILE A 123 -12.61 -0.38 -19.65
N SER A 124 -13.08 -1.62 -19.82
CA SER A 124 -14.49 -1.99 -19.62
C SER A 124 -14.88 -2.13 -18.13
N ASN A 125 -13.91 -2.45 -17.27
CA ASN A 125 -14.10 -2.72 -15.84
C ASN A 125 -13.84 -1.53 -14.89
N ALA A 126 -12.85 -0.68 -15.19
CA ALA A 126 -12.32 0.36 -14.29
C ALA A 126 -13.36 1.36 -13.73
N LEU A 127 -14.48 1.54 -14.44
CA LEU A 127 -15.65 2.30 -14.01
C LEU A 127 -16.37 1.74 -12.75
N ASN A 128 -15.96 0.58 -12.22
CA ASN A 128 -16.49 0.00 -10.99
C ASN A 128 -15.82 0.54 -9.70
N ALA A 129 -14.69 1.27 -9.76
CA ALA A 129 -14.02 1.80 -8.56
C ALA A 129 -13.50 3.23 -8.67
N GLN A 130 -13.57 3.93 -7.54
CA GLN A 130 -12.94 5.23 -7.29
C GLN A 130 -11.42 5.12 -7.45
N GLN A 131 -10.77 6.21 -7.85
CA GLN A 131 -9.32 6.34 -7.82
C GLN A 131 -8.89 7.33 -6.72
N TYR A 132 -7.88 6.96 -5.93
CA TYR A 132 -7.42 7.69 -4.74
C TYR A 132 -5.92 8.06 -4.79
N LYS A 133 -5.54 9.20 -4.21
CA LYS A 133 -4.13 9.59 -3.96
C LYS A 133 -3.80 9.38 -2.48
N VAL A 134 -2.82 8.53 -2.18
CA VAL A 134 -2.53 8.04 -0.81
C VAL A 134 -1.05 8.20 -0.45
N LEU A 135 -0.76 8.64 0.78
CA LEU A 135 0.57 9.02 1.25
C LEU A 135 0.84 8.42 2.64
N ILE A 136 2.04 7.84 2.84
CA ILE A 136 2.42 7.18 4.11
C ILE A 136 3.83 7.61 4.54
N GLY A 137 3.97 8.23 5.71
CA GLY A 137 5.26 8.76 6.18
C GLY A 137 5.27 9.20 7.64
N ASN A 138 6.42 9.63 8.16
CA ASN A 138 6.53 10.04 9.57
C ASN A 138 5.83 11.39 9.84
N ARG A 139 5.52 11.67 11.12
CA ARG A 139 4.93 12.94 11.58
C ARG A 139 5.66 14.18 11.01
N GLU A 140 6.98 14.12 10.88
CA GLU A 140 7.80 15.21 10.33
C GLU A 140 7.59 15.45 8.82
N TRP A 141 7.19 14.45 8.04
CA TRP A 141 6.89 14.62 6.61
C TRP A 141 5.41 14.97 6.37
N MET A 142 4.51 14.50 7.24
CA MET A 142 3.09 14.86 7.20
C MET A 142 2.85 16.36 7.41
N ILE A 143 3.50 16.99 8.39
CA ILE A 143 3.36 18.44 8.59
C ILE A 143 3.94 19.26 7.44
N ARG A 144 4.99 18.75 6.77
CA ARG A 144 5.59 19.31 5.55
C ARG A 144 4.70 19.13 4.30
N ASN A 145 3.92 18.04 4.20
CA ASN A 145 2.90 17.87 3.16
C ASN A 145 1.81 18.97 3.16
N GLY A 146 1.61 19.69 4.28
CA GLY A 146 0.51 20.63 4.49
C GLY A 146 -0.64 20.10 5.35
N LEU A 147 -0.44 18.95 6.02
CA LEU A 147 -1.39 18.37 6.99
C LEU A 147 -1.11 18.89 8.41
N VAL A 148 -1.98 18.59 9.37
CA VAL A 148 -1.76 18.88 10.80
C VAL A 148 -2.07 17.67 11.70
N ILE A 149 -1.22 17.44 12.70
CA ILE A 149 -1.34 16.35 13.67
C ILE A 149 -1.99 16.83 14.98
N ASN A 150 -2.60 15.89 15.71
CA ASN A 150 -3.20 16.14 17.03
C ASN A 150 -2.25 15.70 18.17
N ASN A 151 -2.28 16.41 19.30
CA ASN A 151 -1.28 16.28 20.37
C ASN A 151 -1.35 14.95 21.16
N ASP A 152 -2.53 14.33 21.20
CA ASP A 152 -2.78 13.04 21.88
C ASP A 152 -1.99 11.88 21.23
N VAL A 153 -2.12 11.77 19.90
CA VAL A 153 -1.35 10.85 19.04
C VAL A 153 0.12 11.27 18.86
N ASN A 154 0.44 12.57 18.83
CA ASN A 154 1.82 13.05 18.69
C ASN A 154 2.71 12.58 19.86
N ASP A 155 2.16 12.55 21.08
CA ASP A 155 2.85 12.02 22.26
C ASP A 155 3.13 10.52 22.15
N PHE A 156 2.12 9.73 21.75
CA PHE A 156 2.27 8.28 21.56
C PHE A 156 3.32 7.95 20.50
N MET A 157 3.35 8.71 19.39
CA MET A 157 4.34 8.56 18.32
C MET A 157 5.74 8.99 18.77
N THR A 158 5.86 10.10 19.50
CA THR A 158 7.13 10.57 20.09
C THR A 158 7.72 9.50 21.01
N GLU A 159 6.91 8.97 21.92
CA GLU A 159 7.30 7.91 22.85
C GLU A 159 7.72 6.62 22.12
N HIS A 160 7.07 6.29 21.00
CA HIS A 160 7.40 5.09 20.20
C HIS A 160 8.75 5.22 19.48
N GLU A 161 9.03 6.38 18.88
CA GLU A 161 10.33 6.65 18.28
C GLU A 161 11.44 6.78 19.35
N ARG A 162 11.13 7.28 20.56
CA ARG A 162 12.04 7.25 21.73
C ARG A 162 12.36 5.82 22.17
N LYS A 163 11.38 4.91 22.06
CA LYS A 163 11.52 3.44 22.24
C LYS A 163 12.24 2.74 21.07
N GLY A 164 12.78 3.48 20.10
CA GLY A 164 13.66 2.95 19.05
C GLY A 164 12.95 2.11 17.97
N ARG A 165 11.63 2.28 17.81
CA ARG A 165 10.77 1.50 16.90
C ARG A 165 10.11 2.43 15.87
N THR A 166 9.86 1.95 14.65
CA THR A 166 9.47 2.77 13.49
C THR A 166 7.98 3.18 13.51
N ALA A 167 7.68 4.45 13.27
CA ALA A 167 6.32 5.01 13.38
C ALA A 167 5.93 5.94 12.21
N VAL A 168 4.76 5.72 11.60
CA VAL A 168 4.25 6.50 10.44
C VAL A 168 2.74 6.76 10.50
N LEU A 169 2.30 7.83 9.82
CA LEU A 169 0.90 8.19 9.57
C LEU A 169 0.49 7.81 8.15
N VAL A 170 -0.82 7.69 7.94
CA VAL A 170 -1.49 7.49 6.64
C VAL A 170 -2.41 8.68 6.35
N ALA A 171 -2.39 9.18 5.11
CA ALA A 171 -3.24 10.26 4.62
C ALA A 171 -3.75 9.99 3.19
N VAL A 172 -4.92 10.55 2.85
CA VAL A 172 -5.57 10.42 1.54
C VAL A 172 -6.01 11.79 1.03
N ASP A 173 -5.48 12.23 -0.12
CA ASP A 173 -5.88 13.46 -0.85
C ASP A 173 -6.07 14.69 0.07
N ASP A 174 -5.03 15.00 0.84
CA ASP A 174 -4.91 16.05 1.87
C ASP A 174 -5.81 15.91 3.12
N GLU A 175 -6.24 14.70 3.48
CA GLU A 175 -6.88 14.38 4.77
C GLU A 175 -6.10 13.31 5.56
N LEU A 176 -5.95 13.51 6.88
CA LEU A 176 -5.50 12.47 7.83
C LEU A 176 -6.41 11.24 7.69
N CYS A 177 -5.87 10.02 7.85
CA CYS A 177 -6.73 8.83 7.95
C CYS A 177 -6.31 7.73 8.93
N GLY A 178 -5.02 7.58 9.29
CA GLY A 178 -4.59 6.55 10.24
C GLY A 178 -3.15 6.67 10.72
N LEU A 179 -2.73 5.76 11.60
CA LEU A 179 -1.35 5.56 12.03
C LEU A 179 -0.96 4.07 12.12
N ILE A 180 0.34 3.81 11.93
CA ILE A 180 0.97 2.47 11.93
C ILE A 180 2.21 2.51 12.84
N ALA A 181 2.26 1.61 13.82
CA ALA A 181 3.39 1.40 14.72
C ALA A 181 4.03 0.02 14.47
N ILE A 182 5.32 0.01 14.14
CA ILE A 182 6.07 -1.17 13.69
C ILE A 182 7.25 -1.42 14.63
N ALA A 183 7.35 -2.64 15.16
CA ALA A 183 8.36 -3.00 16.13
C ALA A 183 9.67 -3.46 15.46
N ASP A 184 10.71 -2.64 15.58
CA ASP A 184 12.08 -3.02 15.28
C ASP A 184 12.56 -3.95 16.42
N THR A 185 12.96 -5.18 16.08
CA THR A 185 13.31 -6.24 17.04
C THR A 185 14.40 -7.17 16.52
N SER A 1 22.26 -20.53 23.95
CA SER A 1 21.60 -20.96 22.72
C SER A 1 20.40 -20.08 22.40
N PHE A 2 20.01 -20.04 21.12
CA PHE A 2 18.82 -19.38 20.58
C PHE A 2 18.69 -17.91 21.02
N THR A 3 19.71 -17.09 20.74
CA THR A 3 19.74 -15.64 21.00
C THR A 3 18.78 -14.93 20.03
N MET A 4 17.53 -14.78 20.47
CA MET A 4 16.37 -14.37 19.67
C MET A 4 15.47 -13.41 20.49
N HIS A 5 14.99 -12.35 19.85
CA HIS A 5 14.32 -11.21 20.50
C HIS A 5 13.08 -10.70 19.73
N GLY A 6 12.37 -11.60 19.05
CA GLY A 6 11.23 -11.26 18.18
C GLY A 6 11.62 -11.10 16.70
N THR A 7 10.63 -11.15 15.79
CA THR A 7 10.80 -10.87 14.35
C THR A 7 9.86 -9.76 13.86
N PRO A 8 10.32 -8.82 13.02
CA PRO A 8 9.59 -7.58 12.70
C PRO A 8 8.32 -7.77 11.86
N VAL A 9 7.23 -7.18 12.34
CA VAL A 9 5.92 -7.07 11.67
C VAL A 9 5.22 -5.76 12.06
N VAL A 10 4.17 -5.35 11.33
CA VAL A 10 3.32 -4.23 11.73
C VAL A 10 2.54 -4.60 13.00
N ASN A 11 2.81 -3.89 14.10
CA ASN A 11 2.33 -4.26 15.44
C ASN A 11 0.98 -3.60 15.75
N GLN A 12 0.73 -2.37 15.29
CA GLN A 12 -0.58 -1.73 15.35
C GLN A 12 -0.83 -0.76 14.19
N VAL A 13 -2.00 -0.89 13.54
CA VAL A 13 -2.56 0.12 12.64
C VAL A 13 -3.78 0.72 13.34
N LYS A 14 -3.92 2.05 13.38
CA LYS A 14 -5.10 2.70 13.99
C LYS A 14 -5.54 3.94 13.23
N VAL A 15 -6.86 4.12 13.11
CA VAL A 15 -7.47 5.14 12.24
C VAL A 15 -7.69 6.45 13.00
N LEU A 16 -7.43 7.56 12.31
CA LEU A 16 -7.50 8.92 12.87
C LEU A 16 -8.64 9.75 12.25
N THR A 17 -9.07 9.42 11.03
CA THR A 17 -10.31 9.93 10.45
C THR A 17 -11.52 9.17 11.02
N GLU A 18 -12.72 9.64 10.72
CA GLU A 18 -13.98 8.90 10.93
C GLU A 18 -14.67 8.73 9.58
N SER A 19 -15.41 7.64 9.40
CA SER A 19 -15.92 7.16 8.12
C SER A 19 -16.76 8.19 7.36
N ASN A 20 -16.14 8.86 6.39
CA ASN A 20 -16.76 9.72 5.39
C ASN A 20 -16.08 9.51 4.03
N ARG A 21 -14.85 10.05 3.85
CA ARG A 21 -14.06 9.90 2.62
C ARG A 21 -13.56 8.46 2.45
N ILE A 22 -13.11 7.86 3.54
CA ILE A 22 -12.67 6.47 3.63
C ILE A 22 -13.05 5.89 5.01
N SER A 23 -13.56 4.66 5.05
CA SER A 23 -13.99 3.98 6.29
C SER A 23 -12.85 3.21 6.97
N HIS A 24 -12.97 2.95 8.28
CA HIS A 24 -11.86 2.46 9.12
C HIS A 24 -11.24 1.14 8.65
N HIS A 25 -12.04 0.08 8.48
CA HIS A 25 -11.54 -1.22 8.03
C HIS A 25 -11.09 -1.16 6.56
N LYS A 26 -11.70 -0.30 5.73
CA LYS A 26 -11.22 -0.02 4.36
C LYS A 26 -9.87 0.68 4.31
N ILE A 27 -9.51 1.49 5.30
CA ILE A 27 -8.16 2.09 5.43
C ILE A 27 -7.10 1.02 5.72
N LEU A 28 -7.40 0.07 6.61
CA LEU A 28 -6.55 -1.12 6.85
C LEU A 28 -6.34 -1.92 5.55
N ALA A 29 -7.44 -2.14 4.81
CA ALA A 29 -7.41 -2.75 3.48
C ALA A 29 -6.48 -2.01 2.53
N ILE A 30 -6.77 -0.77 2.12
CA ILE A 30 -6.03 -0.09 1.03
C ILE A 30 -4.53 0.04 1.32
N VAL A 31 -4.11 0.21 2.57
CA VAL A 31 -2.69 0.20 2.95
C VAL A 31 -2.04 -1.16 2.66
N GLY A 32 -2.66 -2.27 3.03
CA GLY A 32 -2.17 -3.62 2.69
C GLY A 32 -2.34 -4.00 1.21
N THR A 33 -3.30 -3.41 0.53
CA THR A 33 -3.54 -3.54 -0.92
C THR A 33 -2.54 -2.73 -1.77
N ALA A 34 -1.95 -1.65 -1.23
CA ALA A 34 -0.93 -0.83 -1.90
C ALA A 34 0.48 -1.44 -1.77
N GLU A 35 0.87 -1.89 -0.58
CA GLU A 35 2.09 -2.69 -0.36
C GLU A 35 1.86 -4.18 -0.72
N SER A 36 0.78 -4.49 -1.44
CA SER A 36 0.58 -5.81 -2.05
C SER A 36 1.64 -6.06 -3.11
N ASN A 37 2.07 -5.02 -3.87
CA ASN A 37 3.27 -5.14 -4.71
C ASN A 37 4.50 -5.49 -3.84
N SER A 38 4.57 -4.95 -2.61
CA SER A 38 5.54 -5.30 -1.56
C SER A 38 6.94 -4.75 -1.85
N GLU A 39 7.00 -3.42 -1.89
CA GLU A 39 8.18 -2.60 -2.17
C GLU A 39 9.19 -2.58 -1.03
N HIS A 40 8.80 -3.12 0.13
CA HIS A 40 9.65 -3.35 1.29
C HIS A 40 9.34 -4.72 1.91
N PRO A 41 10.23 -5.35 2.69
CA PRO A 41 9.92 -6.59 3.41
C PRO A 41 8.83 -6.39 4.48
N LEU A 42 8.79 -5.22 5.12
CA LEU A 42 7.67 -4.84 5.99
C LEU A 42 6.37 -4.60 5.20
N GLY A 43 6.45 -4.28 3.91
CA GLY A 43 5.30 -4.26 3.00
C GLY A 43 4.67 -5.65 2.87
N THR A 44 5.50 -6.70 2.67
CA THR A 44 5.06 -8.10 2.71
C THR A 44 4.39 -8.45 4.05
N ALA A 45 4.93 -7.95 5.18
CA ALA A 45 4.35 -8.18 6.50
C ALA A 45 3.00 -7.47 6.70
N ILE A 46 2.83 -6.24 6.16
CA ILE A 46 1.57 -5.50 6.15
C ILE A 46 0.52 -6.23 5.31
N THR A 47 0.83 -6.59 4.05
CA THR A 47 -0.16 -7.22 3.17
C THR A 47 -0.63 -8.58 3.73
N LYS A 48 0.28 -9.37 4.30
CA LYS A 48 -0.03 -10.64 4.99
C LYS A 48 -0.84 -10.47 6.27
N TYR A 49 -0.65 -9.40 7.05
CA TYR A 49 -1.55 -9.07 8.16
C TYR A 49 -2.94 -8.63 7.65
N CYS A 50 -2.98 -7.68 6.70
CA CYS A 50 -4.24 -7.12 6.22
C CYS A 50 -5.12 -8.20 5.58
N LYS A 51 -4.60 -9.06 4.68
CA LYS A 51 -5.42 -10.13 4.05
C LYS A 51 -6.00 -11.10 5.08
N GLN A 52 -5.30 -11.32 6.21
CA GLN A 52 -5.73 -12.19 7.31
C GLN A 52 -6.90 -11.57 8.08
N GLU A 53 -6.86 -10.25 8.35
CA GLU A 53 -7.98 -9.49 8.90
C GLU A 53 -9.14 -9.30 7.91
N LEU A 54 -8.89 -9.24 6.59
CA LEU A 54 -9.93 -9.30 5.55
C LEU A 54 -10.55 -10.70 5.41
N ASP A 55 -9.86 -11.73 5.91
CA ASP A 55 -10.14 -13.14 5.65
C ASP A 55 -10.26 -13.42 4.13
N THR A 56 -9.39 -12.82 3.32
CA THR A 56 -9.34 -13.03 1.86
C THR A 56 -8.13 -13.86 1.41
N GLU A 57 -8.25 -14.58 0.30
CA GLU A 57 -7.13 -15.24 -0.39
C GLU A 57 -6.49 -14.36 -1.50
N THR A 58 -7.06 -13.18 -1.77
CA THR A 58 -6.75 -12.36 -2.96
C THR A 58 -6.88 -10.86 -2.68
N LEU A 59 -5.83 -10.07 -2.98
CA LEU A 59 -5.86 -8.60 -2.91
C LEU A 59 -4.76 -7.96 -3.77
N GLY A 60 -4.90 -6.66 -4.02
CA GLY A 60 -3.91 -5.77 -4.63
C GLY A 60 -4.40 -5.04 -5.88
N THR A 61 -3.86 -3.84 -6.12
CA THR A 61 -4.28 -2.86 -7.11
C THR A 61 -3.06 -2.21 -7.78
N CYS A 62 -3.20 -1.69 -8.99
CA CYS A 62 -2.13 -0.99 -9.70
C CYS A 62 -1.89 0.42 -9.12
N ILE A 63 -0.61 0.81 -8.99
CA ILE A 63 -0.15 2.05 -8.41
C ILE A 63 1.08 2.66 -9.11
N ASP A 64 1.24 3.99 -8.96
CA ASP A 64 2.45 4.75 -9.30
C ASP A 64 3.20 5.09 -7.99
N PHE A 65 4.02 4.15 -7.50
CA PHE A 65 4.72 4.26 -6.20
C PHE A 65 5.96 5.17 -6.31
N GLN A 66 6.11 6.12 -5.39
CA GLN A 66 7.24 7.06 -5.27
C GLN A 66 7.73 7.11 -3.82
N VAL A 67 9.04 7.24 -3.61
CA VAL A 67 9.67 7.23 -2.28
C VAL A 67 10.51 8.49 -2.02
N VAL A 68 10.35 9.09 -0.85
CA VAL A 68 11.12 10.24 -0.34
C VAL A 68 12.09 9.77 0.75
N PRO A 69 13.43 9.81 0.54
CA PRO A 69 14.41 9.22 1.45
C PRO A 69 14.33 9.70 2.90
N GLY A 70 13.84 8.81 3.76
CA GLY A 70 13.73 8.96 5.22
C GLY A 70 12.45 9.64 5.70
N CYS A 71 11.60 10.09 4.77
CA CYS A 71 10.43 10.96 5.04
C CYS A 71 9.07 10.34 4.71
N GLY A 72 8.94 9.54 3.65
CA GLY A 72 7.66 8.90 3.31
C GLY A 72 7.54 8.32 1.90
N ILE A 73 6.33 7.87 1.60
CA ILE A 73 5.87 7.27 0.34
C ILE A 73 4.70 8.10 -0.20
N SER A 74 4.62 8.27 -1.52
CA SER A 74 3.44 8.82 -2.20
C SER A 74 3.05 7.90 -3.37
N CYS A 75 1.76 7.54 -3.47
CA CYS A 75 1.27 6.60 -4.48
C CYS A 75 -0.08 7.01 -5.08
N LYS A 76 -0.45 6.45 -6.24
CA LYS A 76 -1.73 6.72 -6.93
C LYS A 76 -2.41 5.38 -7.08
N VAL A 77 -3.66 5.15 -6.66
CA VAL A 77 -4.25 3.80 -6.68
C VAL A 77 -5.58 3.71 -7.45
N THR A 78 -5.80 2.60 -8.17
CA THR A 78 -7.07 2.34 -8.90
C THR A 78 -7.44 0.85 -8.80
N ASN A 79 -8.05 0.22 -9.81
CA ASN A 79 -8.51 -1.19 -9.81
C ASN A 79 -9.75 -1.47 -8.92
N ILE A 80 -10.44 -0.44 -8.42
CA ILE A 80 -11.66 -0.57 -7.61
C ILE A 80 -12.84 -1.02 -8.47
N GLU A 81 -13.32 -0.15 -9.35
CA GLU A 81 -14.31 -0.50 -10.40
C GLU A 81 -13.55 -1.22 -11.54
N GLY A 82 -12.41 -0.64 -11.96
CA GLY A 82 -11.38 -1.20 -12.87
C GLY A 82 -10.82 -2.63 -12.66
N LEU A 83 -11.35 -3.41 -11.71
CA LEU A 83 -11.11 -4.87 -11.66
C LEU A 83 -11.62 -5.55 -12.95
N LEU A 84 -12.57 -4.90 -13.63
CA LEU A 84 -13.14 -5.20 -14.94
C LEU A 84 -12.07 -5.51 -16.02
N HIS A 85 -12.13 -6.71 -16.58
CA HIS A 85 -11.38 -7.14 -17.76
C HIS A 85 -12.28 -7.06 -19.00
N LYS A 86 -12.04 -6.10 -19.90
CA LYS A 86 -12.87 -5.91 -21.11
C LYS A 86 -12.67 -7.04 -22.12
N ASN A 87 -11.45 -7.19 -22.62
CA ASN A 87 -10.98 -8.24 -23.53
C ASN A 87 -9.46 -8.45 -23.35
N ASN A 88 -9.02 -8.83 -22.14
CA ASN A 88 -7.60 -8.85 -21.74
C ASN A 88 -6.82 -10.03 -22.36
N TRP A 89 -5.78 -9.73 -23.14
CA TRP A 89 -4.95 -10.72 -23.88
C TRP A 89 -3.45 -10.37 -23.98
N ASN A 90 -3.08 -9.09 -23.82
CA ASN A 90 -1.71 -8.60 -24.08
C ASN A 90 -0.95 -8.15 -22.81
N ILE A 91 -1.60 -8.15 -21.64
CA ILE A 91 -1.00 -7.78 -20.37
C ILE A 91 -0.20 -8.98 -19.85
N GLU A 92 1.13 -8.93 -20.02
CA GLU A 92 2.06 -9.99 -19.57
C GLU A 92 2.11 -10.12 -18.04
N ASP A 93 1.91 -9.00 -17.33
CA ASP A 93 2.06 -8.86 -15.87
C ASP A 93 0.74 -9.13 -15.08
N ASN A 94 -0.14 -10.01 -15.59
CA ASN A 94 -1.51 -10.21 -15.09
C ASN A 94 -1.65 -11.18 -13.89
N ASN A 95 -0.60 -11.92 -13.52
CA ASN A 95 -0.52 -12.73 -12.30
C ASN A 95 0.68 -12.30 -11.43
N ILE A 96 0.58 -12.53 -10.12
CA ILE A 96 1.63 -12.24 -9.12
C ILE A 96 2.88 -13.11 -9.31
N LYS A 97 3.98 -12.75 -8.64
CA LYS A 97 5.28 -13.42 -8.73
C LYS A 97 5.78 -13.85 -7.34
N ASN A 98 5.53 -15.12 -6.98
CA ASN A 98 6.12 -15.75 -5.80
C ASN A 98 7.48 -16.34 -6.18
N ALA A 99 8.56 -15.82 -5.57
CA ALA A 99 9.93 -16.14 -5.96
C ALA A 99 10.93 -16.06 -4.79
N SER A 100 12.07 -16.74 -4.93
CA SER A 100 13.17 -16.80 -3.97
C SER A 100 14.07 -15.54 -3.98
N LEU A 101 15.02 -15.46 -3.03
CA LEU A 101 16.05 -14.41 -2.95
C LEU A 101 17.45 -15.04 -3.05
N VAL A 102 18.38 -14.78 -2.12
CA VAL A 102 19.73 -15.41 -2.13
C VAL A 102 19.74 -16.75 -1.34
N GLN A 103 18.54 -17.29 -1.16
CA GLN A 103 18.18 -18.53 -0.46
C GLN A 103 16.77 -18.97 -0.93
N ILE A 104 16.47 -20.27 -0.84
CA ILE A 104 15.18 -20.84 -1.28
C ILE A 104 14.05 -20.56 -0.28
N ASP A 105 14.33 -20.61 1.03
CA ASP A 105 13.36 -20.42 2.12
C ASP A 105 12.72 -19.02 2.15
N ALA A 106 13.32 -18.04 1.48
CA ALA A 106 12.78 -16.70 1.25
C ALA A 106 11.81 -16.62 0.04
N SER A 107 11.21 -17.74 -0.38
CA SER A 107 10.24 -17.80 -1.49
C SER A 107 8.95 -17.05 -1.12
N ASN A 108 8.79 -15.83 -1.65
CA ASN A 108 7.75 -14.88 -1.25
C ASN A 108 7.21 -14.04 -2.44
N GLU A 109 6.07 -13.39 -2.23
CA GLU A 109 5.37 -12.51 -3.16
C GLU A 109 6.08 -11.15 -3.36
N GLN A 110 7.18 -11.13 -4.12
CA GLN A 110 8.06 -9.96 -4.31
C GLN A 110 7.61 -9.00 -5.44
N SER A 111 8.15 -7.79 -5.42
CA SER A 111 7.72 -6.62 -6.21
C SER A 111 8.09 -6.58 -7.68
N SER A 112 7.22 -5.92 -8.44
CA SER A 112 7.43 -5.45 -9.82
C SER A 112 7.81 -3.97 -9.71
N THR A 113 9.06 -3.67 -10.05
CA THR A 113 9.72 -2.37 -9.79
C THR A 113 8.91 -1.17 -10.26
N SER A 114 8.68 -0.22 -9.34
CA SER A 114 8.08 1.07 -9.64
C SER A 114 9.01 1.86 -10.56
N SER A 115 8.53 2.08 -11.79
CA SER A 115 9.30 2.55 -12.95
C SER A 115 8.37 3.17 -14.02
N SER A 116 8.94 3.69 -15.11
CA SER A 116 8.23 4.16 -16.31
C SER A 116 7.66 3.01 -17.17
N MET A 117 6.81 2.17 -16.56
CA MET A 117 6.29 0.90 -17.08
C MET A 117 5.06 1.01 -18.02
N ILE A 118 4.75 2.22 -18.53
CA ILE A 118 3.52 2.59 -19.26
C ILE A 118 2.30 2.55 -18.33
N ILE A 119 2.12 3.62 -17.53
CA ILE A 119 1.00 3.77 -16.61
C ILE A 119 -0.37 3.94 -17.29
N ASP A 120 -0.43 4.23 -18.60
CA ASP A 120 -1.70 4.30 -19.32
C ASP A 120 -2.43 2.93 -19.43
N ALA A 121 -1.78 1.84 -18.99
CA ALA A 121 -2.40 0.52 -18.79
C ALA A 121 -3.34 0.46 -17.57
N GLN A 122 -3.04 1.24 -16.52
CA GLN A 122 -3.92 1.41 -15.35
C GLN A 122 -4.91 2.57 -15.56
N ILE A 123 -4.55 3.61 -16.32
CA ILE A 123 -5.50 4.64 -16.75
C ILE A 123 -6.63 4.04 -17.61
N SER A 124 -6.32 3.00 -18.41
CA SER A 124 -7.34 2.20 -19.14
C SER A 124 -8.40 1.58 -18.22
N ASN A 125 -8.05 1.18 -16.98
CA ASN A 125 -9.04 0.77 -15.96
C ASN A 125 -9.67 1.96 -15.21
N ALA A 126 -8.92 3.05 -15.02
CA ALA A 126 -9.44 4.28 -14.41
C ALA A 126 -10.48 4.99 -15.30
N LEU A 127 -10.56 4.66 -16.60
CA LEU A 127 -11.62 5.04 -17.54
C LEU A 127 -13.02 4.53 -17.12
N ASN A 128 -13.12 3.65 -16.12
CA ASN A 128 -14.37 3.22 -15.48
C ASN A 128 -14.41 3.49 -13.95
N ALA A 129 -13.49 4.33 -13.42
CA ALA A 129 -13.35 4.62 -11.98
C ALA A 129 -12.78 6.03 -11.71
N GLN A 130 -12.35 6.27 -10.47
CA GLN A 130 -11.55 7.44 -10.06
C GLN A 130 -10.38 7.03 -9.14
N GLN A 131 -9.20 7.59 -9.38
CA GLN A 131 -7.97 7.36 -8.63
C GLN A 131 -7.99 8.03 -7.24
N TYR A 132 -7.19 7.48 -6.32
CA TYR A 132 -6.88 8.08 -5.01
C TYR A 132 -5.37 8.36 -4.87
N LYS A 133 -5.01 9.53 -4.33
CA LYS A 133 -3.65 9.84 -3.84
C LYS A 133 -3.53 9.38 -2.39
N VAL A 134 -2.53 8.56 -2.06
CA VAL A 134 -2.30 8.04 -0.70
C VAL A 134 -0.85 8.27 -0.29
N LEU A 135 -0.66 8.89 0.88
CA LEU A 135 0.65 9.29 1.41
C LEU A 135 0.87 8.69 2.81
N ILE A 136 2.08 8.17 3.07
CA ILE A 136 2.47 7.56 4.35
C ILE A 136 3.88 8.03 4.73
N GLY A 137 4.08 8.60 5.92
CA GLY A 137 5.41 9.12 6.29
C GLY A 137 5.52 9.78 7.68
N ASN A 138 6.46 10.72 7.80
CA ASN A 138 6.78 11.36 9.07
C ASN A 138 5.83 12.53 9.41
N ARG A 139 5.80 12.92 10.70
CA ARG A 139 5.10 14.11 11.22
C ARG A 139 5.53 15.42 10.55
N GLU A 140 6.81 15.55 10.20
CA GLU A 140 7.39 16.73 9.52
C GLU A 140 7.02 16.79 8.03
N TRP A 141 7.19 15.68 7.30
CA TRP A 141 6.87 15.57 5.87
C TRP A 141 5.41 15.89 5.49
N MET A 142 4.46 15.75 6.41
CA MET A 142 3.05 16.11 6.17
C MET A 142 2.79 17.63 6.10
N ILE A 143 3.67 18.45 6.69
CA ILE A 143 3.61 19.93 6.61
C ILE A 143 3.75 20.39 5.14
N ARG A 144 4.61 19.71 4.37
CA ARG A 144 4.81 19.83 2.91
C ARG A 144 3.53 19.59 2.07
N ASN A 145 2.53 18.95 2.68
CA ASN A 145 1.21 18.59 2.12
C ASN A 145 0.04 19.29 2.85
N GLY A 146 0.26 20.48 3.44
CA GLY A 146 -0.76 21.25 4.18
C GLY A 146 -1.38 20.55 5.41
N LEU A 147 -0.84 19.42 5.86
CA LEU A 147 -1.42 18.57 6.91
C LEU A 147 -0.63 18.65 8.22
N VAL A 148 -1.30 18.37 9.35
CA VAL A 148 -0.68 18.33 10.69
C VAL A 148 -1.40 17.34 11.62
N ILE A 149 -0.67 16.68 12.52
CA ILE A 149 -1.20 15.63 13.43
C ILE A 149 -1.38 16.10 14.89
N ASN A 150 -2.22 15.41 15.66
CA ASN A 150 -2.56 15.77 17.05
C ASN A 150 -1.46 15.44 18.07
N ASN A 151 -1.38 16.23 19.16
CA ASN A 151 -0.34 16.14 20.19
C ASN A 151 -0.37 14.82 20.98
N ASP A 152 -1.56 14.33 21.33
CA ASP A 152 -1.79 13.11 22.11
C ASP A 152 -1.35 11.85 21.35
N VAL A 153 -1.71 11.76 20.07
CA VAL A 153 -1.25 10.67 19.17
C VAL A 153 0.23 10.82 18.79
N ASN A 154 0.75 12.05 18.71
CA ASN A 154 2.16 12.30 18.42
C ASN A 154 3.05 11.91 19.61
N ASP A 155 2.64 12.19 20.85
CA ASP A 155 3.34 11.75 22.06
C ASP A 155 3.37 10.22 22.18
N PHE A 156 2.31 9.53 21.75
CA PHE A 156 2.27 8.08 21.59
C PHE A 156 3.32 7.57 20.59
N MET A 157 3.37 8.15 19.39
CA MET A 157 4.39 7.80 18.39
C MET A 157 5.80 8.05 18.92
N THR A 158 6.03 9.23 19.49
CA THR A 158 7.33 9.69 20.01
C THR A 158 7.91 8.70 21.04
N GLU A 159 7.10 8.27 22.01
CA GLU A 159 7.52 7.32 23.04
C GLU A 159 7.83 5.92 22.46
N HIS A 160 7.10 5.51 21.41
CA HIS A 160 7.33 4.26 20.68
C HIS A 160 8.60 4.31 19.81
N GLU A 161 8.93 5.47 19.23
CA GLU A 161 10.19 5.70 18.51
C GLU A 161 11.38 5.62 19.48
N ARG A 162 11.29 6.31 20.64
CA ARG A 162 12.30 6.26 21.73
C ARG A 162 12.52 4.84 22.28
N LYS A 163 11.51 3.97 22.20
CA LYS A 163 11.57 2.53 22.54
C LYS A 163 12.64 1.80 21.70
N GLY A 164 12.60 1.97 20.38
CA GLY A 164 13.49 1.30 19.40
C GLY A 164 12.68 0.53 18.36
N ARG A 165 11.60 1.17 17.91
CA ARG A 165 10.54 0.66 17.03
C ARG A 165 10.14 1.82 16.09
N THR A 166 9.44 1.56 14.98
CA THR A 166 9.23 2.57 13.92
C THR A 166 7.77 3.04 13.83
N ALA A 167 7.54 4.35 13.63
CA ALA A 167 6.20 4.96 13.61
C ALA A 167 6.00 5.95 12.44
N VAL A 168 4.86 5.88 11.74
CA VAL A 168 4.50 6.76 10.61
C VAL A 168 2.99 7.09 10.58
N LEU A 169 2.62 8.26 10.05
CA LEU A 169 1.24 8.72 9.84
C LEU A 169 0.76 8.54 8.38
N VAL A 170 -0.56 8.67 8.15
CA VAL A 170 -1.25 8.35 6.88
C VAL A 170 -2.26 9.44 6.49
N ALA A 171 -2.30 9.79 5.20
CA ALA A 171 -3.27 10.72 4.59
C ALA A 171 -3.79 10.23 3.22
N VAL A 172 -4.99 10.65 2.83
CA VAL A 172 -5.64 10.31 1.53
C VAL A 172 -6.27 11.56 0.91
N ASP A 173 -5.91 11.90 -0.34
CA ASP A 173 -6.40 13.07 -1.11
C ASP A 173 -6.51 14.37 -0.28
N ASP A 174 -5.49 14.63 0.54
CA ASP A 174 -5.36 15.76 1.48
C ASP A 174 -6.31 15.75 2.71
N GLU A 175 -6.77 14.58 3.17
CA GLU A 175 -7.45 14.35 4.46
C GLU A 175 -6.52 13.54 5.40
N LEU A 176 -6.34 13.96 6.66
CA LEU A 176 -5.67 13.14 7.70
C LEU A 176 -6.46 11.83 7.89
N CYS A 177 -5.79 10.68 7.91
CA CYS A 177 -6.49 9.38 7.86
C CYS A 177 -6.06 8.35 8.93
N GLY A 178 -4.80 8.26 9.37
CA GLY A 178 -4.37 7.21 10.31
C GLY A 178 -2.93 7.31 10.79
N LEU A 179 -2.52 6.36 11.63
CA LEU A 179 -1.13 6.13 12.04
C LEU A 179 -0.80 4.64 12.25
N ILE A 180 0.48 4.30 12.11
CA ILE A 180 0.99 2.92 12.05
C ILE A 180 2.27 2.77 12.90
N ALA A 181 2.36 1.69 13.67
CA ALA A 181 3.50 1.31 14.50
C ALA A 181 3.99 -0.13 14.18
N ILE A 182 5.31 -0.32 14.09
CA ILE A 182 5.99 -1.54 13.66
C ILE A 182 6.93 -2.03 14.78
N ALA A 183 7.01 -3.36 15.02
CA ALA A 183 7.83 -3.92 16.10
C ALA A 183 8.28 -5.38 15.89
N ASP A 184 9.43 -5.74 16.47
CA ASP A 184 9.90 -7.11 16.61
C ASP A 184 8.95 -7.88 17.57
N THR A 185 8.36 -8.98 17.10
CA THR A 185 7.23 -9.69 17.74
C THR A 185 7.47 -11.18 17.96
N SER A 1 22.89 -14.91 9.61
CA SER A 1 23.47 -15.21 10.93
C SER A 1 22.45 -15.01 12.05
N PHE A 2 22.68 -15.63 13.21
CA PHE A 2 21.82 -15.51 14.40
C PHE A 2 21.66 -14.05 14.88
N THR A 3 22.69 -13.20 14.68
CA THR A 3 22.75 -11.80 15.15
C THR A 3 21.69 -10.87 14.51
N MET A 4 20.91 -11.34 13.53
CA MET A 4 19.73 -10.61 13.02
C MET A 4 18.64 -10.43 14.10
N HIS A 5 18.57 -11.36 15.07
CA HIS A 5 17.59 -11.42 16.16
C HIS A 5 16.12 -11.42 15.67
N GLY A 6 15.16 -10.96 16.49
CA GLY A 6 13.73 -11.01 16.19
C GLY A 6 13.34 -10.14 14.98
N THR A 7 12.65 -10.71 13.99
CA THR A 7 12.19 -9.96 12.81
C THR A 7 11.04 -9.01 13.18
N PRO A 8 11.11 -7.70 12.88
CA PRO A 8 10.03 -6.75 13.20
C PRO A 8 8.73 -7.07 12.45
N VAL A 9 7.58 -6.75 13.07
CA VAL A 9 6.22 -7.02 12.59
C VAL A 9 5.28 -5.86 12.91
N VAL A 10 4.18 -5.75 12.14
CA VAL A 10 3.10 -4.79 12.43
C VAL A 10 2.44 -5.13 13.77
N ASN A 11 2.55 -4.21 14.73
CA ASN A 11 2.19 -4.44 16.12
C ASN A 11 0.82 -3.83 16.45
N GLN A 12 0.56 -2.58 16.04
CA GLN A 12 -0.74 -1.90 16.26
C GLN A 12 -1.01 -0.84 15.17
N VAL A 13 -2.29 -0.70 14.78
CA VAL A 13 -2.77 0.32 13.81
C VAL A 13 -4.03 1.02 14.29
N LYS A 14 -4.19 2.32 13.98
CA LYS A 14 -5.31 3.17 14.42
C LYS A 14 -5.77 4.15 13.33
N VAL A 15 -7.09 4.33 13.14
CA VAL A 15 -7.68 5.28 12.17
C VAL A 15 -7.94 6.67 12.80
N LEU A 16 -7.61 7.72 12.03
CA LEU A 16 -7.54 9.13 12.47
C LEU A 16 -8.57 10.07 11.80
N THR A 17 -9.29 9.58 10.79
CA THR A 17 -10.38 10.29 10.07
C THR A 17 -11.76 9.74 10.48
N GLU A 18 -12.84 10.12 9.79
CA GLU A 18 -14.20 9.58 9.94
C GLU A 18 -14.93 9.41 8.59
N SER A 19 -16.05 8.68 8.60
CA SER A 19 -16.78 8.21 7.41
C SER A 19 -17.26 9.32 6.44
N ASN A 20 -17.24 10.60 6.86
CA ASN A 20 -17.39 11.79 6.00
C ASN A 20 -16.46 11.72 4.79
N ARG A 21 -15.19 11.36 5.03
CA ARG A 21 -14.09 11.43 4.08
C ARG A 21 -13.83 10.04 3.47
N ILE A 22 -13.64 9.03 4.32
CA ILE A 22 -13.33 7.63 3.97
C ILE A 22 -13.78 6.65 5.06
N SER A 23 -14.29 5.48 4.67
CA SER A 23 -14.66 4.38 5.59
C SER A 23 -13.41 3.70 6.19
N HIS A 24 -13.40 3.46 7.50
CA HIS A 24 -12.22 3.02 8.27
C HIS A 24 -11.60 1.69 7.81
N HIS A 25 -12.40 0.64 7.56
CA HIS A 25 -11.85 -0.63 7.04
C HIS A 25 -11.50 -0.56 5.54
N LYS A 26 -12.05 0.40 4.79
CA LYS A 26 -11.63 0.70 3.41
C LYS A 26 -10.21 1.29 3.38
N ILE A 27 -9.84 2.11 4.38
CA ILE A 27 -8.47 2.59 4.60
C ILE A 27 -7.51 1.42 4.87
N LEU A 28 -7.89 0.48 5.73
CA LEU A 28 -7.11 -0.74 6.01
C LEU A 28 -6.87 -1.56 4.72
N ALA A 29 -7.90 -1.73 3.89
CA ALA A 29 -7.79 -2.39 2.59
C ALA A 29 -6.83 -1.64 1.65
N ILE A 30 -7.04 -0.36 1.34
CA ILE A 30 -6.20 0.32 0.34
C ILE A 30 -4.73 0.45 0.76
N VAL A 31 -4.43 0.63 2.05
CA VAL A 31 -3.04 0.55 2.55
C VAL A 31 -2.51 -0.88 2.42
N GLY A 32 -3.23 -1.88 2.95
CA GLY A 32 -2.73 -3.25 3.01
C GLY A 32 -2.55 -3.91 1.64
N THR A 33 -3.40 -3.56 0.66
CA THR A 33 -3.28 -4.00 -0.74
C THR A 33 -2.22 -3.22 -1.54
N ALA A 34 -1.96 -1.94 -1.24
CA ALA A 34 -0.90 -1.15 -1.88
C ALA A 34 0.52 -1.59 -1.45
N GLU A 35 0.66 -2.29 -0.32
CA GLU A 35 1.95 -2.72 0.22
C GLU A 35 2.52 -3.96 -0.48
N SER A 36 1.81 -4.40 -1.52
CA SER A 36 2.14 -5.47 -2.49
C SER A 36 3.36 -5.18 -3.36
N ASN A 37 3.81 -3.92 -3.44
CA ASN A 37 5.00 -3.49 -4.18
C ASN A 37 6.33 -3.99 -3.55
N SER A 38 7.49 -3.59 -4.10
CA SER A 38 8.82 -4.11 -3.72
C SER A 38 9.50 -3.39 -2.53
N GLU A 39 8.82 -2.51 -1.80
CA GLU A 39 9.46 -1.60 -0.83
C GLU A 39 10.18 -2.25 0.38
N HIS A 40 9.54 -3.15 1.14
CA HIS A 40 10.09 -3.69 2.40
C HIS A 40 9.63 -5.13 2.71
N PRO A 41 10.36 -5.89 3.56
CA PRO A 41 9.84 -7.15 4.14
C PRO A 41 8.69 -6.87 5.14
N LEU A 42 8.63 -5.65 5.68
CA LEU A 42 7.48 -5.14 6.45
C LEU A 42 6.22 -5.02 5.57
N GLY A 43 6.37 -4.91 4.25
CA GLY A 43 5.25 -4.80 3.33
C GLY A 43 4.48 -6.11 3.25
N THR A 44 5.16 -7.24 3.10
CA THR A 44 4.52 -8.55 3.23
C THR A 44 3.89 -8.74 4.61
N ALA A 45 4.48 -8.23 5.69
CA ALA A 45 3.87 -8.28 7.03
C ALA A 45 2.54 -7.51 7.12
N ILE A 46 2.43 -6.35 6.45
CA ILE A 46 1.19 -5.58 6.31
C ILE A 46 0.17 -6.31 5.43
N THR A 47 0.55 -6.74 4.22
CA THR A 47 -0.39 -7.45 3.33
C THR A 47 -0.83 -8.80 3.91
N LYS A 48 0.04 -9.54 4.62
CA LYS A 48 -0.32 -10.73 5.42
C LYS A 48 -1.35 -10.43 6.50
N TYR A 49 -1.17 -9.35 7.27
CA TYR A 49 -2.16 -8.90 8.26
C TYR A 49 -3.52 -8.62 7.59
N CYS A 50 -3.51 -7.94 6.44
CA CYS A 50 -4.73 -7.74 5.63
C CYS A 50 -5.35 -9.07 5.18
N LYS A 51 -4.62 -9.93 4.45
CA LYS A 51 -5.20 -11.17 3.88
C LYS A 51 -5.65 -12.16 4.96
N GLN A 52 -4.97 -12.20 6.11
CA GLN A 52 -5.39 -12.97 7.30
C GLN A 52 -6.73 -12.44 7.87
N GLU A 53 -6.98 -11.13 7.83
CA GLU A 53 -8.25 -10.53 8.24
C GLU A 53 -9.38 -10.72 7.20
N LEU A 54 -9.04 -10.91 5.91
CA LEU A 54 -9.99 -11.27 4.84
C LEU A 54 -10.22 -12.79 4.72
N ASP A 55 -9.29 -13.62 5.20
CA ASP A 55 -9.19 -15.06 4.98
C ASP A 55 -9.06 -15.44 3.47
N THR A 56 -8.50 -14.53 2.66
CA THR A 56 -8.34 -14.69 1.20
C THR A 56 -7.01 -15.33 0.77
N GLU A 57 -6.92 -15.65 -0.51
CA GLU A 57 -5.72 -16.06 -1.24
C GLU A 57 -5.38 -15.11 -2.42
N THR A 58 -6.19 -14.06 -2.62
CA THR A 58 -6.14 -13.17 -3.79
C THR A 58 -6.55 -11.73 -3.44
N LEU A 59 -5.65 -10.78 -3.71
CA LEU A 59 -5.82 -9.31 -3.59
C LEU A 59 -4.77 -8.53 -4.40
N GLY A 60 -5.07 -7.28 -4.75
CA GLY A 60 -4.16 -6.34 -5.44
C GLY A 60 -4.79 -5.01 -5.88
N THR A 61 -3.96 -3.97 -6.03
CA THR A 61 -4.27 -2.59 -6.42
C THR A 61 -3.07 -1.98 -7.15
N CYS A 62 -3.30 -1.25 -8.25
CA CYS A 62 -2.26 -0.55 -9.02
C CYS A 62 -2.02 0.86 -8.44
N ILE A 63 -0.77 1.33 -8.40
CA ILE A 63 -0.36 2.53 -7.67
C ILE A 63 0.66 3.43 -8.38
N ASP A 64 0.39 4.74 -8.42
CA ASP A 64 1.26 5.79 -9.01
C ASP A 64 2.46 6.15 -8.09
N PHE A 65 3.25 5.14 -7.74
CA PHE A 65 4.28 5.12 -6.70
C PHE A 65 5.46 6.09 -6.91
N GLN A 66 5.66 6.96 -5.93
CA GLN A 66 6.81 7.86 -5.77
C GLN A 66 7.44 7.66 -4.38
N VAL A 67 8.77 7.62 -4.31
CA VAL A 67 9.54 7.29 -3.08
C VAL A 67 10.52 8.39 -2.68
N VAL A 68 10.59 8.65 -1.36
CA VAL A 68 11.52 9.58 -0.69
C VAL A 68 12.27 8.82 0.41
N PRO A 69 13.60 8.57 0.30
CA PRO A 69 14.35 7.68 1.18
C PRO A 69 14.17 7.90 2.69
N GLY A 70 13.40 7.00 3.31
CA GLY A 70 13.08 6.95 4.75
C GLY A 70 12.00 7.94 5.19
N CYS A 71 11.89 9.08 4.49
CA CYS A 71 10.91 10.13 4.73
C CYS A 71 9.48 9.67 4.40
N GLY A 72 9.25 9.01 3.26
CA GLY A 72 7.92 8.53 2.90
C GLY A 72 7.71 8.16 1.42
N ILE A 73 6.43 7.98 1.09
CA ILE A 73 5.89 7.58 -0.22
C ILE A 73 4.70 8.49 -0.55
N SER A 74 4.50 8.74 -1.85
CA SER A 74 3.30 9.37 -2.42
C SER A 74 2.76 8.44 -3.50
N CYS A 75 1.48 8.07 -3.44
CA CYS A 75 0.87 7.19 -4.44
C CYS A 75 -0.60 7.51 -4.72
N LYS A 76 -1.12 7.02 -5.84
CA LYS A 76 -2.56 7.02 -6.17
C LYS A 76 -2.99 5.56 -6.15
N VAL A 77 -4.24 5.20 -5.85
CA VAL A 77 -4.63 3.77 -5.68
C VAL A 77 -5.92 3.39 -6.38
N THR A 78 -5.94 2.21 -7.02
CA THR A 78 -7.05 1.71 -7.84
C THR A 78 -7.05 0.18 -7.97
N ASN A 79 -8.05 -0.41 -8.66
CA ASN A 79 -8.42 -1.83 -8.72
C ASN A 79 -9.17 -2.31 -7.46
N ILE A 80 -9.76 -1.37 -6.72
CA ILE A 80 -10.34 -1.57 -5.37
C ILE A 80 -11.54 -2.51 -5.41
N GLU A 81 -12.65 -2.15 -6.07
CA GLU A 81 -13.74 -3.10 -6.32
C GLU A 81 -13.34 -4.12 -7.41
N GLY A 82 -12.50 -3.73 -8.38
CA GLY A 82 -11.95 -4.57 -9.46
C GLY A 82 -11.34 -5.95 -9.10
N LEU A 83 -11.13 -6.23 -7.81
CA LEU A 83 -10.79 -7.55 -7.27
C LEU A 83 -11.96 -8.58 -7.42
N LEU A 84 -13.13 -8.11 -7.86
CA LEU A 84 -14.34 -8.86 -8.22
C LEU A 84 -14.13 -9.98 -9.25
N HIS A 85 -15.13 -10.88 -9.34
CA HIS A 85 -15.14 -12.01 -10.25
C HIS A 85 -15.55 -11.60 -11.66
N LYS A 86 -14.92 -12.22 -12.68
CA LYS A 86 -15.10 -11.90 -14.10
C LYS A 86 -16.00 -12.91 -14.82
N ASN A 87 -16.53 -12.51 -15.98
CA ASN A 87 -17.24 -13.38 -16.92
C ASN A 87 -16.40 -13.68 -18.18
N ASN A 88 -15.45 -12.79 -18.54
CA ASN A 88 -14.47 -13.00 -19.63
C ASN A 88 -13.05 -12.75 -19.08
N TRP A 89 -12.08 -13.60 -19.42
CA TRP A 89 -10.75 -13.66 -18.77
C TRP A 89 -9.56 -13.54 -19.73
N ASN A 90 -9.82 -13.10 -20.97
CA ASN A 90 -8.81 -12.68 -21.95
C ASN A 90 -7.88 -13.83 -22.39
N ILE A 91 -8.48 -15.00 -22.61
CA ILE A 91 -7.85 -16.26 -23.04
C ILE A 91 -7.99 -16.34 -24.56
N GLU A 92 -7.65 -15.22 -25.21
CA GLU A 92 -7.90 -14.98 -26.63
C GLU A 92 -6.91 -15.78 -27.49
N ASP A 93 -7.47 -16.61 -28.37
CA ASP A 93 -6.75 -17.41 -29.38
C ASP A 93 -5.62 -18.25 -28.75
N ASN A 94 -5.92 -18.87 -27.60
CA ASN A 94 -4.93 -19.51 -26.72
C ASN A 94 -4.51 -20.91 -27.17
N ASN A 95 -3.27 -21.28 -26.84
CA ASN A 95 -2.66 -22.58 -27.12
C ASN A 95 -1.68 -22.96 -26.00
N ILE A 96 -1.52 -24.25 -25.70
CA ILE A 96 -0.59 -24.75 -24.68
C ILE A 96 0.82 -24.96 -25.25
N LYS A 97 1.86 -24.57 -24.50
CA LYS A 97 3.26 -24.49 -24.96
C LYS A 97 4.22 -24.82 -23.83
N ASN A 98 5.39 -25.38 -24.18
CA ASN A 98 6.52 -25.57 -23.26
C ASN A 98 7.87 -25.28 -23.97
N ALA A 99 8.94 -25.07 -23.19
CA ALA A 99 10.31 -24.92 -23.70
C ALA A 99 10.94 -26.28 -24.07
N SER A 100 10.22 -27.05 -24.89
CA SER A 100 10.46 -28.46 -25.19
C SER A 100 10.47 -28.76 -26.70
N LEU A 101 10.72 -30.02 -27.06
CA LEU A 101 10.57 -30.57 -28.42
C LEU A 101 9.25 -31.40 -28.51
N VAL A 102 9.04 -32.17 -29.58
CA VAL A 102 7.74 -32.81 -29.92
C VAL A 102 7.63 -34.31 -29.62
N GLN A 103 8.58 -34.93 -28.90
CA GLN A 103 8.64 -36.40 -28.78
C GLN A 103 8.84 -36.98 -27.36
N ILE A 104 9.72 -36.42 -26.53
CA ILE A 104 9.88 -36.75 -25.10
C ILE A 104 10.77 -35.72 -24.38
N ASP A 105 10.26 -35.08 -23.33
CA ASP A 105 10.99 -34.16 -22.45
C ASP A 105 10.69 -34.40 -20.96
N ALA A 106 9.46 -34.78 -20.61
CA ALA A 106 8.99 -35.02 -19.24
C ALA A 106 9.18 -33.81 -18.29
N SER A 107 8.99 -32.59 -18.80
CA SER A 107 9.12 -31.33 -18.05
C SER A 107 8.12 -30.27 -18.49
N ASN A 108 7.66 -29.43 -17.55
CA ASN A 108 6.62 -28.42 -17.74
C ASN A 108 7.16 -26.96 -17.71
N GLU A 109 8.45 -26.76 -18.01
CA GLU A 109 9.05 -25.43 -18.16
C GLU A 109 8.57 -24.68 -19.42
N GLN A 110 8.67 -23.35 -19.37
CA GLN A 110 8.36 -22.44 -20.49
C GLN A 110 9.04 -21.07 -20.31
N SER A 111 9.09 -20.30 -21.39
CA SER A 111 9.47 -18.88 -21.42
C SER A 111 8.24 -18.04 -21.82
N SER A 112 8.16 -16.78 -21.37
CA SER A 112 6.99 -15.92 -21.59
C SER A 112 7.24 -14.77 -22.55
N THR A 113 6.21 -14.40 -23.34
CA THR A 113 6.21 -13.23 -24.23
C THR A 113 4.79 -12.65 -24.38
N SER A 114 4.65 -11.43 -24.91
CA SER A 114 3.37 -10.66 -24.90
C SER A 114 2.79 -10.39 -26.30
N SER A 115 1.46 -10.29 -26.37
CA SER A 115 0.67 -10.11 -27.60
C SER A 115 0.15 -8.67 -27.81
N SER A 116 0.59 -7.73 -26.98
CA SER A 116 0.44 -6.24 -27.06
C SER A 116 -0.97 -5.63 -27.11
N MET A 117 -1.97 -6.26 -27.73
CA MET A 117 -3.31 -5.68 -27.92
C MET A 117 -4.31 -6.20 -26.88
N ILE A 118 -4.29 -7.50 -26.58
CA ILE A 118 -5.10 -8.11 -25.51
C ILE A 118 -4.82 -7.50 -24.13
N ILE A 119 -3.57 -7.05 -23.88
CA ILE A 119 -3.16 -6.33 -22.65
C ILE A 119 -3.44 -4.83 -22.66
N ASP A 120 -3.96 -4.26 -23.76
CA ASP A 120 -4.50 -2.90 -23.78
C ASP A 120 -6.00 -2.91 -23.43
N ALA A 121 -6.74 -3.91 -23.93
CA ALA A 121 -8.19 -4.03 -23.75
C ALA A 121 -8.60 -4.33 -22.30
N GLN A 122 -8.10 -5.44 -21.73
CA GLN A 122 -8.53 -6.01 -20.43
C GLN A 122 -8.48 -5.02 -19.25
N ILE A 123 -7.57 -4.05 -19.31
CA ILE A 123 -7.40 -2.91 -18.39
C ILE A 123 -8.72 -2.20 -18.04
N SER A 124 -9.71 -2.18 -18.94
CA SER A 124 -11.02 -1.55 -18.72
C SER A 124 -11.77 -2.00 -17.45
N ASN A 125 -11.43 -3.17 -16.91
CA ASN A 125 -12.00 -3.69 -15.66
C ASN A 125 -11.56 -2.90 -14.41
N ALA A 126 -10.38 -2.27 -14.43
CA ALA A 126 -9.84 -1.47 -13.33
C ALA A 126 -10.63 -0.18 -13.03
N LEU A 127 -11.58 0.23 -13.89
CA LEU A 127 -12.44 1.40 -13.69
C LEU A 127 -13.57 1.18 -12.65
N ASN A 128 -13.71 -0.02 -12.08
CA ASN A 128 -14.57 -0.26 -10.92
C ASN A 128 -14.00 0.45 -9.68
N ALA A 129 -14.87 1.17 -8.96
CA ALA A 129 -14.55 2.15 -7.90
C ALA A 129 -13.81 3.41 -8.38
N GLN A 130 -14.03 4.53 -7.69
CA GLN A 130 -13.27 5.77 -7.87
C GLN A 130 -11.89 5.69 -7.20
N GLN A 131 -10.92 6.46 -7.73
CA GLN A 131 -9.52 6.42 -7.31
C GLN A 131 -9.23 7.34 -6.12
N TYR A 132 -8.28 6.95 -5.26
CA TYR A 132 -7.82 7.78 -4.12
C TYR A 132 -6.40 8.33 -4.28
N LYS A 133 -6.17 9.56 -3.78
CA LYS A 133 -4.85 10.21 -3.64
C LYS A 133 -4.35 10.06 -2.20
N VAL A 134 -3.18 9.44 -2.01
CA VAL A 134 -2.71 9.05 -0.67
C VAL A 134 -1.20 9.29 -0.46
N LEU A 135 -0.80 9.53 0.78
CA LEU A 135 0.59 9.55 1.25
C LEU A 135 0.75 8.59 2.44
N ILE A 136 1.93 7.98 2.57
CA ILE A 136 2.36 7.20 3.74
C ILE A 136 3.79 7.60 4.09
N GLY A 137 4.13 7.81 5.37
CA GLY A 137 5.54 7.98 5.76
C GLY A 137 5.76 8.48 7.19
N ASN A 138 6.87 9.20 7.38
CA ASN A 138 7.25 9.79 8.65
C ASN A 138 6.33 10.97 9.02
N ARG A 139 6.29 11.33 10.31
CA ARG A 139 5.52 12.45 10.87
C ARG A 139 5.84 13.78 10.16
N GLU A 140 7.13 14.02 9.87
CA GLU A 140 7.62 15.23 9.23
C GLU A 140 7.29 15.33 7.72
N TRP A 141 7.05 14.22 7.01
CA TRP A 141 6.71 14.22 5.57
C TRP A 141 5.26 14.67 5.33
N MET A 142 4.37 14.44 6.30
CA MET A 142 3.01 15.02 6.32
C MET A 142 3.05 16.54 6.54
N ILE A 143 3.97 17.03 7.38
CA ILE A 143 4.22 18.47 7.55
C ILE A 143 4.78 19.08 6.26
N ARG A 144 5.57 18.33 5.47
CA ARG A 144 6.01 18.78 4.12
C ARG A 144 4.81 18.99 3.18
N ASN A 145 3.77 18.16 3.25
CA ASN A 145 2.51 18.35 2.51
C ASN A 145 1.68 19.57 3.00
N GLY A 146 1.95 20.10 4.20
CA GLY A 146 1.18 21.18 4.83
C GLY A 146 0.03 20.71 5.73
N LEU A 147 0.01 19.43 6.11
CA LEU A 147 -0.97 18.85 7.04
C LEU A 147 -0.66 19.22 8.50
N VAL A 148 -1.67 19.16 9.38
CA VAL A 148 -1.58 19.44 10.81
C VAL A 148 -1.68 18.15 11.64
N ILE A 149 -0.97 18.06 12.78
CA ILE A 149 -1.03 16.91 13.70
C ILE A 149 -1.66 17.30 15.05
N ASN A 150 -2.29 16.34 15.73
CA ASN A 150 -2.86 16.52 17.07
C ASN A 150 -1.82 16.15 18.15
N ASN A 151 -1.82 16.84 19.30
CA ASN A 151 -0.79 16.68 20.33
C ASN A 151 -0.81 15.28 21.01
N ASP A 152 -2.00 14.72 21.19
CA ASP A 152 -2.25 13.41 21.82
C ASP A 152 -1.47 12.27 21.11
N VAL A 153 -1.65 12.18 19.78
CA VAL A 153 -0.90 11.27 18.89
C VAL A 153 0.56 11.68 18.66
N ASN A 154 0.92 12.98 18.66
CA ASN A 154 2.32 13.41 18.55
C ASN A 154 3.15 12.88 19.73
N ASP A 155 2.62 13.04 20.95
CA ASP A 155 3.24 12.55 22.19
C ASP A 155 3.32 11.01 22.23
N PHE A 156 2.32 10.29 21.70
CA PHE A 156 2.38 8.83 21.58
C PHE A 156 3.45 8.37 20.60
N MET A 157 3.47 8.98 19.40
CA MET A 157 4.31 8.57 18.29
C MET A 157 5.79 8.86 18.56
N THR A 158 6.13 10.07 19.02
CA THR A 158 7.54 10.44 19.24
C THR A 158 8.19 9.59 20.34
N GLU A 159 7.43 9.23 21.39
CA GLU A 159 7.89 8.31 22.44
C GLU A 159 8.01 6.86 21.94
N HIS A 160 7.12 6.39 21.06
CA HIS A 160 7.21 5.05 20.45
C HIS A 160 8.48 4.95 19.58
N GLU A 161 8.77 6.02 18.82
CA GLU A 161 10.01 6.15 18.06
C GLU A 161 11.26 6.42 18.92
N ARG A 162 11.14 6.89 20.18
CA ARG A 162 12.26 6.91 21.15
C ARG A 162 12.61 5.51 21.66
N LYS A 163 11.65 4.57 21.65
CA LYS A 163 11.93 3.14 21.95
C LYS A 163 12.91 2.58 20.92
N GLY A 164 12.49 2.63 19.65
CA GLY A 164 13.17 1.95 18.53
C GLY A 164 12.20 0.98 17.86
N ARG A 165 10.96 1.44 17.70
CA ARG A 165 9.74 0.71 17.29
C ARG A 165 8.97 1.53 16.24
N THR A 166 9.63 1.68 15.09
CA THR A 166 9.27 2.58 13.97
C THR A 166 7.78 2.72 13.69
N ALA A 167 7.37 3.97 13.50
CA ALA A 167 5.98 4.38 13.31
C ALA A 167 5.84 5.23 12.03
N VAL A 168 4.74 5.03 11.30
CA VAL A 168 4.41 5.77 10.08
C VAL A 168 2.94 6.19 10.09
N LEU A 169 2.61 7.29 9.43
CA LEU A 169 1.25 7.84 9.36
C LEU A 169 0.78 8.03 7.90
N VAL A 170 -0.54 8.07 7.75
CA VAL A 170 -1.25 8.02 6.46
C VAL A 170 -2.19 9.22 6.35
N ALA A 171 -2.25 9.80 5.15
CA ALA A 171 -3.18 10.87 4.82
C ALA A 171 -3.81 10.64 3.43
N VAL A 172 -5.13 10.82 3.33
CA VAL A 172 -5.95 10.52 2.13
C VAL A 172 -6.87 11.70 1.85
N ASP A 173 -7.03 12.06 0.57
CA ASP A 173 -7.80 13.23 0.13
C ASP A 173 -7.41 14.54 0.84
N ASP A 174 -6.14 14.67 1.24
CA ASP A 174 -5.60 15.77 2.06
C ASP A 174 -6.18 15.89 3.50
N GLU A 175 -6.53 14.76 4.14
CA GLU A 175 -6.87 14.66 5.58
C GLU A 175 -5.99 13.63 6.30
N LEU A 176 -5.63 13.88 7.58
CA LEU A 176 -5.04 12.88 8.48
C LEU A 176 -5.99 11.68 8.60
N CYS A 177 -5.53 10.46 8.29
CA CYS A 177 -6.43 9.32 8.17
C CYS A 177 -6.02 8.05 8.95
N GLY A 178 -4.74 7.84 9.28
CA GLY A 178 -4.34 6.69 10.10
C GLY A 178 -2.87 6.68 10.54
N LEU A 179 -2.51 5.79 11.47
CA LEU A 179 -1.11 5.50 11.84
C LEU A 179 -0.86 4.01 12.12
N ILE A 180 0.41 3.60 11.97
CA ILE A 180 0.94 2.23 12.10
C ILE A 180 2.22 2.25 12.94
N ALA A 181 2.35 1.33 13.91
CA ALA A 181 3.56 1.12 14.71
C ALA A 181 4.03 -0.35 14.59
N ILE A 182 5.34 -0.52 14.36
CA ILE A 182 6.04 -1.79 14.16
C ILE A 182 6.91 -2.09 15.39
N ALA A 183 6.96 -3.36 15.81
CA ALA A 183 7.84 -3.79 16.91
C ALA A 183 8.50 -5.15 16.65
N ASP A 184 9.68 -5.34 17.24
CA ASP A 184 10.41 -6.61 17.33
C ASP A 184 10.09 -7.40 18.61
N THR A 185 10.38 -8.70 18.59
CA THR A 185 10.41 -9.63 19.75
C THR A 185 9.07 -9.76 20.46
N SER A 1 18.14 -17.10 6.58
CA SER A 1 19.22 -17.16 7.58
C SER A 1 19.64 -18.59 7.86
N PHE A 2 20.75 -18.82 8.59
CA PHE A 2 21.18 -20.16 9.00
C PHE A 2 20.36 -20.73 10.20
N THR A 3 19.96 -19.85 11.12
CA THR A 3 19.03 -20.08 12.25
C THR A 3 18.13 -18.84 12.44
N MET A 4 16.89 -18.98 12.90
CA MET A 4 15.90 -17.89 12.95
C MET A 4 15.77 -17.21 14.32
N HIS A 5 15.56 -15.89 14.34
CA HIS A 5 15.51 -15.09 15.58
C HIS A 5 14.35 -14.08 15.67
N GLY A 6 13.55 -13.91 14.60
CA GLY A 6 12.39 -13.01 14.56
C GLY A 6 12.65 -11.67 13.89
N THR A 7 11.59 -11.05 13.37
CA THR A 7 11.61 -9.86 12.48
C THR A 7 10.60 -8.78 12.92
N PRO A 8 10.64 -7.56 12.35
CA PRO A 8 9.66 -6.50 12.65
C PRO A 8 8.24 -6.86 12.18
N VAL A 9 7.22 -6.54 12.99
CA VAL A 9 5.80 -6.82 12.73
C VAL A 9 4.92 -5.67 13.20
N VAL A 10 3.73 -5.50 12.61
CA VAL A 10 2.77 -4.51 13.13
C VAL A 10 2.24 -4.98 14.49
N ASN A 11 2.28 -4.08 15.48
CA ASN A 11 1.95 -4.39 16.86
C ASN A 11 0.62 -3.72 17.24
N GLN A 12 0.41 -2.45 16.85
CA GLN A 12 -0.83 -1.70 17.07
C GLN A 12 -1.09 -0.68 15.94
N VAL A 13 -2.37 -0.40 15.64
CA VAL A 13 -2.80 0.65 14.70
C VAL A 13 -3.99 1.45 15.26
N LYS A 14 -4.10 2.74 14.91
CA LYS A 14 -5.20 3.65 15.32
C LYS A 14 -5.68 4.50 14.14
N VAL A 15 -7.00 4.70 13.97
CA VAL A 15 -7.61 5.39 12.83
C VAL A 15 -8.16 6.76 13.25
N LEU A 16 -7.47 7.82 12.85
CA LEU A 16 -7.69 9.19 13.33
C LEU A 16 -8.88 9.91 12.63
N THR A 17 -9.43 9.32 11.57
CA THR A 17 -10.59 9.82 10.81
C THR A 17 -11.89 9.02 11.13
N GLU A 18 -13.00 9.29 10.45
CA GLU A 18 -14.30 8.63 10.70
C GLU A 18 -15.02 8.16 9.42
N SER A 19 -15.38 9.06 8.49
CA SER A 19 -16.22 8.69 7.34
C SER A 19 -16.21 9.59 6.10
N ASN A 20 -15.78 10.86 6.20
CA ASN A 20 -15.98 11.86 5.14
C ASN A 20 -15.39 11.47 3.77
N ARG A 21 -14.09 11.18 3.74
CA ARG A 21 -13.30 10.71 2.58
C ARG A 21 -12.98 9.22 2.65
N ILE A 22 -12.69 8.69 3.84
CA ILE A 22 -12.36 7.28 4.12
C ILE A 22 -12.85 6.80 5.50
N SER A 23 -12.92 5.47 5.68
CA SER A 23 -13.19 4.75 6.95
C SER A 23 -12.23 3.54 7.08
N HIS A 24 -12.15 2.91 8.26
CA HIS A 24 -11.11 1.92 8.59
C HIS A 24 -10.93 0.77 7.58
N HIS A 25 -12.01 0.18 7.07
CA HIS A 25 -11.93 -0.99 6.19
C HIS A 25 -11.52 -0.64 4.74
N LYS A 26 -11.79 0.60 4.29
CA LYS A 26 -11.23 1.14 3.03
C LYS A 26 -9.71 1.26 3.15
N ILE A 27 -9.23 1.78 4.28
CA ILE A 27 -7.81 2.01 4.56
C ILE A 27 -7.05 0.68 4.68
N LEU A 28 -7.60 -0.31 5.41
CA LEU A 28 -7.06 -1.66 5.55
C LEU A 28 -6.81 -2.33 4.19
N ALA A 29 -7.75 -2.18 3.25
CA ALA A 29 -7.57 -2.63 1.86
C ALA A 29 -6.44 -1.87 1.16
N ILE A 30 -6.56 -0.55 0.94
CA ILE A 30 -5.60 0.19 0.08
C ILE A 30 -4.17 0.22 0.63
N VAL A 31 -3.98 0.18 1.95
CA VAL A 31 -2.64 0.07 2.57
C VAL A 31 -2.04 -1.32 2.34
N GLY A 32 -2.83 -2.40 2.53
CA GLY A 32 -2.34 -3.76 2.32
C GLY A 32 -2.06 -4.07 0.85
N THR A 33 -3.04 -3.82 -0.01
CA THR A 33 -2.96 -4.21 -1.43
C THR A 33 -1.84 -3.51 -2.20
N ALA A 34 -1.42 -2.32 -1.75
CA ALA A 34 -0.29 -1.61 -2.33
C ALA A 34 1.06 -2.36 -2.23
N GLU A 35 1.23 -3.28 -1.27
CA GLU A 35 2.47 -4.06 -1.15
C GLU A 35 2.47 -5.25 -2.11
N SER A 36 1.31 -5.83 -2.44
CA SER A 36 1.17 -6.85 -3.50
C SER A 36 1.43 -6.33 -4.93
N ASN A 37 1.66 -5.03 -5.11
CA ASN A 37 2.13 -4.44 -6.37
C ASN A 37 3.40 -3.57 -6.15
N SER A 38 4.08 -3.72 -5.01
CA SER A 38 5.34 -3.06 -4.65
C SER A 38 6.02 -3.79 -3.48
N GLU A 39 6.43 -5.06 -3.70
CA GLU A 39 6.88 -5.91 -2.59
C GLU A 39 8.28 -5.58 -2.04
N HIS A 40 8.40 -5.69 -0.71
CA HIS A 40 9.63 -5.41 0.05
C HIS A 40 9.79 -6.36 1.26
N PRO A 41 11.00 -6.50 1.85
CA PRO A 41 11.26 -7.41 2.98
C PRO A 41 10.44 -7.11 4.24
N LEU A 42 10.23 -5.84 4.59
CA LEU A 42 9.32 -5.45 5.69
C LEU A 42 7.86 -5.68 5.31
N GLY A 43 7.54 -5.41 4.03
CA GLY A 43 6.18 -5.35 3.47
C GLY A 43 5.29 -6.57 3.73
N THR A 44 5.87 -7.77 3.90
CA THR A 44 5.14 -8.99 4.26
C THR A 44 4.31 -8.82 5.54
N ALA A 45 4.82 -8.04 6.51
CA ALA A 45 4.13 -7.72 7.75
C ALA A 45 2.76 -7.05 7.51
N ILE A 46 2.69 -6.14 6.52
CA ILE A 46 1.46 -5.43 6.12
C ILE A 46 0.47 -6.41 5.50
N THR A 47 0.90 -7.15 4.47
CA THR A 47 -0.03 -7.98 3.69
C THR A 47 -0.48 -9.22 4.45
N LYS A 48 0.37 -9.82 5.29
CA LYS A 48 -0.01 -10.88 6.24
C LYS A 48 -1.12 -10.40 7.19
N TYR A 49 -0.96 -9.21 7.78
CA TYR A 49 -1.97 -8.60 8.69
C TYR A 49 -3.30 -8.30 7.96
N CYS A 50 -3.21 -7.73 6.75
CA CYS A 50 -4.35 -7.45 5.88
C CYS A 50 -5.11 -8.74 5.51
N LYS A 51 -4.44 -9.73 4.91
CA LYS A 51 -5.03 -10.99 4.43
C LYS A 51 -5.68 -11.80 5.58
N GLN A 52 -5.11 -11.76 6.79
CA GLN A 52 -5.73 -12.30 8.02
C GLN A 52 -7.06 -11.62 8.38
N GLU A 53 -7.20 -10.31 8.17
CA GLU A 53 -8.49 -9.61 8.30
C GLU A 53 -9.45 -9.89 7.14
N LEU A 54 -8.95 -10.14 5.92
CA LEU A 54 -9.76 -10.41 4.72
C LEU A 54 -10.33 -11.85 4.65
N ASP A 55 -9.66 -12.81 5.28
CA ASP A 55 -9.89 -14.26 5.14
C ASP A 55 -9.71 -14.79 3.69
N THR A 56 -9.06 -14.03 2.81
CA THR A 56 -8.87 -14.36 1.40
C THR A 56 -7.62 -13.73 0.79
N GLU A 57 -7.09 -14.36 -0.25
CA GLU A 57 -5.91 -13.94 -1.02
C GLU A 57 -6.24 -13.19 -2.33
N THR A 58 -7.53 -12.90 -2.57
CA THR A 58 -8.08 -12.39 -3.85
C THR A 58 -8.17 -10.86 -3.94
N LEU A 59 -7.03 -10.20 -3.76
CA LEU A 59 -6.86 -8.74 -3.71
C LEU A 59 -5.96 -8.20 -4.87
N GLY A 60 -6.00 -6.89 -5.10
CA GLY A 60 -5.17 -6.16 -6.10
C GLY A 60 -5.63 -4.74 -6.46
N THR A 61 -4.69 -3.82 -6.74
CA THR A 61 -4.92 -2.43 -7.16
C THR A 61 -3.77 -1.91 -8.04
N CYS A 62 -4.07 -1.09 -9.04
CA CYS A 62 -3.05 -0.35 -9.81
C CYS A 62 -2.53 0.85 -8.99
N ILE A 63 -1.22 1.10 -8.96
CA ILE A 63 -0.56 2.10 -8.13
C ILE A 63 0.63 2.76 -8.84
N ASP A 64 0.84 4.05 -8.62
CA ASP A 64 2.03 4.78 -9.11
C ASP A 64 2.94 5.14 -7.93
N PHE A 65 3.80 4.20 -7.53
CA PHE A 65 4.58 4.19 -6.28
C PHE A 65 5.90 4.99 -6.36
N GLN A 66 6.10 5.96 -5.47
CA GLN A 66 7.30 6.80 -5.40
C GLN A 66 7.85 6.95 -3.98
N VAL A 67 9.15 6.68 -3.83
CA VAL A 67 9.85 6.71 -2.53
C VAL A 67 10.59 8.05 -2.38
N VAL A 68 10.41 8.71 -1.23
CA VAL A 68 10.83 10.09 -0.95
C VAL A 68 11.90 10.09 0.16
N PRO A 69 13.20 10.21 -0.17
CA PRO A 69 14.28 10.09 0.82
C PRO A 69 14.24 11.22 1.85
N GLY A 70 13.90 10.87 3.09
CA GLY A 70 13.84 11.78 4.25
C GLY A 70 12.42 12.22 4.65
N CYS A 71 11.39 11.63 4.02
CA CYS A 71 9.98 11.97 4.21
C CYS A 71 9.05 10.73 4.34
N GLY A 72 9.13 9.79 3.40
CA GLY A 72 8.17 8.69 3.29
C GLY A 72 7.98 8.16 1.87
N ILE A 73 6.75 7.76 1.54
CA ILE A 73 6.37 7.14 0.25
C ILE A 73 5.00 7.67 -0.21
N SER A 74 5.00 8.47 -1.27
CA SER A 74 3.78 8.87 -2.00
C SER A 74 3.39 7.85 -3.07
N CYS A 75 2.10 7.55 -3.21
CA CYS A 75 1.60 6.70 -4.30
C CYS A 75 0.23 7.19 -4.85
N LYS A 76 -0.26 6.54 -5.91
CA LYS A 76 -1.65 6.68 -6.39
C LYS A 76 -2.27 5.30 -6.22
N VAL A 77 -3.58 5.16 -5.97
CA VAL A 77 -4.23 3.83 -5.87
C VAL A 77 -5.63 3.81 -6.48
N THR A 78 -5.98 2.73 -7.21
CA THR A 78 -7.28 2.59 -7.89
C THR A 78 -7.62 1.10 -8.10
N ASN A 79 -8.67 0.79 -8.86
CA ASN A 79 -9.23 -0.55 -9.05
C ASN A 79 -9.86 -1.15 -7.77
N ILE A 80 -10.49 -0.30 -6.95
CA ILE A 80 -11.28 -0.74 -5.78
C ILE A 80 -12.52 -1.52 -6.26
N GLU A 81 -13.33 -0.92 -7.14
CA GLU A 81 -14.41 -1.64 -7.85
C GLU A 81 -13.84 -2.58 -8.94
N GLY A 82 -12.89 -2.10 -9.75
CA GLY A 82 -12.20 -2.86 -10.81
C GLY A 82 -11.39 -4.12 -10.43
N LEU A 83 -11.40 -4.56 -9.16
CA LEU A 83 -10.79 -5.82 -8.68
C LEU A 83 -11.27 -7.08 -9.46
N LEU A 84 -12.44 -7.01 -10.10
CA LEU A 84 -13.00 -8.07 -10.94
C LEU A 84 -12.19 -8.37 -12.23
N HIS A 85 -11.24 -7.53 -12.64
CA HIS A 85 -10.47 -7.75 -13.88
C HIS A 85 -9.27 -8.69 -13.68
N LYS A 86 -8.66 -8.70 -12.49
CA LYS A 86 -7.47 -9.48 -12.05
C LYS A 86 -6.15 -9.22 -12.80
N ASN A 87 -6.17 -9.09 -14.13
CA ASN A 87 -5.04 -8.93 -15.06
C ASN A 87 -3.83 -9.85 -14.72
N ASN A 88 -4.12 -11.13 -14.46
CA ASN A 88 -3.23 -12.16 -13.92
C ASN A 88 -2.43 -12.92 -15.00
N TRP A 89 -2.34 -12.36 -16.20
CA TRP A 89 -1.83 -13.02 -17.42
C TRP A 89 -1.23 -11.95 -18.34
N ASN A 90 -0.98 -12.28 -19.62
CA ASN A 90 -0.51 -11.44 -20.74
C ASN A 90 0.79 -10.61 -20.56
N ILE A 91 1.25 -10.40 -19.32
CA ILE A 91 2.50 -9.76 -18.95
C ILE A 91 3.58 -10.82 -19.02
N GLU A 92 4.41 -10.77 -20.06
CA GLU A 92 5.54 -11.69 -20.25
C GLU A 92 6.77 -11.26 -19.46
N ASP A 93 7.00 -9.94 -19.34
CA ASP A 93 8.04 -9.33 -18.51
C ASP A 93 7.65 -9.28 -17.01
N ASN A 94 8.18 -8.35 -16.20
CA ASN A 94 7.90 -8.18 -14.76
C ASN A 94 8.21 -9.41 -13.87
N ASN A 95 8.76 -10.48 -14.43
CA ASN A 95 8.94 -11.79 -13.80
C ASN A 95 10.29 -11.96 -13.08
N ILE A 96 10.47 -13.08 -12.37
CA ILE A 96 11.64 -13.36 -11.53
C ILE A 96 12.98 -13.52 -12.26
N LYS A 97 13.02 -13.50 -13.60
CA LYS A 97 14.27 -13.42 -14.42
C LYS A 97 15.26 -12.41 -13.86
N ASN A 98 14.75 -11.23 -13.53
CA ASN A 98 15.53 -10.08 -13.08
C ASN A 98 15.86 -10.10 -11.58
N ALA A 99 15.46 -11.15 -10.84
CA ALA A 99 15.89 -11.41 -9.47
C ALA A 99 17.11 -12.34 -9.45
N SER A 100 18.00 -12.14 -8.49
CA SER A 100 19.28 -12.83 -8.33
C SER A 100 19.12 -14.26 -7.78
N LEU A 101 20.16 -15.09 -7.95
CA LEU A 101 20.21 -16.47 -7.44
C LEU A 101 21.53 -16.82 -6.74
N VAL A 102 21.48 -17.89 -5.95
CA VAL A 102 22.58 -18.50 -5.18
C VAL A 102 22.35 -20.02 -5.05
N GLN A 103 23.28 -20.76 -4.44
CA GLN A 103 23.13 -22.20 -4.20
C GLN A 103 21.96 -22.50 -3.22
N ILE A 104 21.24 -23.58 -3.50
CA ILE A 104 20.09 -24.14 -2.77
C ILE A 104 18.91 -23.17 -2.55
N ASP A 105 17.85 -23.37 -3.33
CA ASP A 105 16.51 -22.75 -3.25
C ASP A 105 16.43 -21.22 -3.43
N ALA A 106 17.55 -20.51 -3.29
CA ALA A 106 17.68 -19.06 -3.48
C ALA A 106 16.58 -18.23 -2.76
N SER A 107 16.20 -17.10 -3.35
CA SER A 107 15.29 -16.08 -2.78
C SER A 107 14.93 -14.98 -3.80
N ASN A 108 13.92 -14.17 -3.47
CA ASN A 108 13.60 -12.93 -4.21
C ASN A 108 14.44 -11.73 -3.71
N GLU A 109 15.45 -11.33 -4.50
CA GLU A 109 16.28 -10.14 -4.31
C GLU A 109 16.68 -9.58 -5.69
N GLN A 110 16.69 -8.26 -5.92
CA GLN A 110 17.02 -7.66 -7.23
C GLN A 110 17.77 -6.33 -7.16
N SER A 111 18.41 -5.95 -8.26
CA SER A 111 19.23 -4.73 -8.40
C SER A 111 18.61 -3.66 -9.33
N SER A 112 17.59 -4.02 -10.09
CA SER A 112 16.98 -3.21 -11.15
C SER A 112 15.50 -3.53 -11.37
N THR A 113 14.87 -2.72 -12.21
CA THR A 113 13.52 -2.94 -12.78
C THR A 113 13.51 -2.64 -14.28
N SER A 114 12.48 -3.07 -15.01
CA SER A 114 12.37 -2.88 -16.47
C SER A 114 12.01 -1.45 -16.87
N SER A 115 12.49 -1.02 -18.04
CA SER A 115 12.03 0.22 -18.69
C SER A 115 10.52 0.15 -18.97
N SER A 116 9.81 1.28 -18.76
CA SER A 116 8.36 1.43 -18.96
C SER A 116 7.46 0.43 -18.21
N MET A 117 7.97 -0.22 -17.15
CA MET A 117 7.26 -1.17 -16.27
C MET A 117 6.31 -2.13 -17.01
N ILE A 118 4.99 -1.89 -16.97
CA ILE A 118 3.93 -2.63 -17.68
C ILE A 118 2.84 -1.68 -18.22
N ILE A 119 3.24 -0.48 -18.68
CA ILE A 119 2.31 0.64 -19.00
C ILE A 119 1.28 0.36 -20.12
N ASP A 120 1.55 -0.59 -21.03
CA ASP A 120 0.67 -0.94 -22.16
C ASP A 120 -0.25 -2.15 -21.80
N ALA A 121 0.13 -2.96 -20.79
CA ALA A 121 -0.58 -4.16 -20.35
C ALA A 121 -1.86 -3.91 -19.52
N GLN A 122 -2.07 -2.66 -19.09
CA GLN A 122 -3.11 -2.26 -18.12
C GLN A 122 -4.26 -1.44 -18.74
N ILE A 123 -4.02 -0.83 -19.91
CA ILE A 123 -4.93 0.12 -20.57
C ILE A 123 -6.36 -0.43 -20.74
N SER A 124 -6.52 -1.72 -21.08
CA SER A 124 -7.83 -2.34 -21.32
C SER A 124 -8.74 -2.34 -20.08
N ASN A 125 -8.19 -2.62 -18.88
CA ASN A 125 -8.97 -2.65 -17.64
C ASN A 125 -9.03 -1.30 -16.91
N ALA A 126 -8.04 -0.43 -17.13
CA ALA A 126 -7.90 0.87 -16.47
C ALA A 126 -9.08 1.84 -16.67
N LEU A 127 -9.96 1.58 -17.65
CA LEU A 127 -11.26 2.25 -17.91
C LEU A 127 -12.30 2.19 -16.77
N ASN A 128 -11.88 1.96 -15.52
CA ASN A 128 -12.73 1.62 -14.38
C ASN A 128 -12.21 2.23 -13.05
N ALA A 129 -13.06 2.19 -12.01
CA ALA A 129 -12.80 2.65 -10.64
C ALA A 129 -12.50 4.16 -10.48
N GLN A 130 -12.48 4.64 -9.23
CA GLN A 130 -12.01 5.97 -8.82
C GLN A 130 -10.60 5.92 -8.22
N GLN A 131 -9.78 6.94 -8.47
CA GLN A 131 -8.38 6.98 -8.03
C GLN A 131 -8.17 7.91 -6.82
N TYR A 132 -7.39 7.43 -5.85
CA TYR A 132 -6.97 8.15 -4.65
C TYR A 132 -5.48 8.51 -4.68
N LYS A 133 -5.12 9.69 -4.15
CA LYS A 133 -3.74 10.04 -3.79
C LYS A 133 -3.50 9.58 -2.36
N VAL A 134 -2.38 8.93 -2.08
CA VAL A 134 -2.01 8.49 -0.73
C VAL A 134 -0.57 8.87 -0.43
N LEU A 135 -0.33 9.38 0.78
CA LEU A 135 1.01 9.61 1.31
C LEU A 135 1.17 8.78 2.59
N ILE A 136 2.25 8.01 2.66
CA ILE A 136 2.69 7.25 3.84
C ILE A 136 4.02 7.88 4.31
N GLY A 137 4.26 7.97 5.62
CA GLY A 137 5.58 8.36 6.13
C GLY A 137 5.58 8.99 7.51
N ASN A 138 6.47 9.97 7.71
CA ASN A 138 6.66 10.64 9.00
C ASN A 138 5.76 11.89 9.16
N ARG A 139 5.55 12.30 10.41
CA ARG A 139 4.84 13.54 10.78
C ARG A 139 5.43 14.81 10.17
N GLU A 140 6.75 14.84 9.96
CA GLU A 140 7.44 15.97 9.32
C GLU A 140 7.14 16.10 7.81
N TRP A 141 6.55 15.09 7.18
CA TRP A 141 6.20 15.06 5.76
C TRP A 141 4.72 15.35 5.54
N MET A 142 3.85 14.99 6.50
CA MET A 142 2.45 15.43 6.51
C MET A 142 2.33 16.96 6.67
N ILE A 143 3.15 17.58 7.53
CA ILE A 143 3.21 19.06 7.62
C ILE A 143 3.84 19.72 6.38
N ARG A 144 4.66 18.99 5.61
CA ARG A 144 5.19 19.43 4.30
C ARG A 144 4.07 19.59 3.28
N ASN A 145 3.07 18.69 3.31
CA ASN A 145 1.80 18.77 2.57
C ASN A 145 0.78 19.78 3.15
N GLY A 146 1.05 20.40 4.31
CA GLY A 146 0.13 21.33 4.97
C GLY A 146 -0.99 20.66 5.78
N LEU A 147 -0.79 19.42 6.23
CA LEU A 147 -1.72 18.69 7.10
C LEU A 147 -1.43 18.95 8.60
N VAL A 148 -2.33 18.53 9.50
CA VAL A 148 -2.25 18.76 10.96
C VAL A 148 -2.38 17.46 11.76
N ILE A 149 -1.61 17.30 12.85
CA ILE A 149 -1.69 16.12 13.74
C ILE A 149 -2.37 16.44 15.08
N ASN A 150 -2.91 15.43 15.77
CA ASN A 150 -3.38 15.56 17.15
C ASN A 150 -2.18 15.57 18.11
N ASN A 151 -2.21 16.37 19.19
CA ASN A 151 -1.11 16.40 20.17
C ASN A 151 -0.98 15.06 20.94
N ASP A 152 -2.10 14.42 21.30
CA ASP A 152 -2.13 13.14 22.03
C ASP A 152 -1.35 12.04 21.29
N VAL A 153 -1.60 11.88 19.98
CA VAL A 153 -0.86 10.93 19.14
C VAL A 153 0.59 11.35 18.87
N ASN A 154 0.89 12.64 18.83
CA ASN A 154 2.24 13.15 18.57
C ASN A 154 3.17 12.90 19.78
N ASP A 155 2.63 13.09 20.98
CA ASP A 155 3.23 12.75 22.27
C ASP A 155 3.39 11.22 22.47
N PHE A 156 2.52 10.41 21.85
CA PHE A 156 2.68 8.96 21.76
C PHE A 156 3.81 8.56 20.79
N MET A 157 3.93 9.24 19.64
CA MET A 157 4.94 8.95 18.61
C MET A 157 6.37 9.20 19.10
N THR A 158 6.63 10.33 19.76
CA THR A 158 7.95 10.68 20.30
C THR A 158 8.46 9.63 21.30
N GLU A 159 7.59 9.27 22.23
CA GLU A 159 7.83 8.24 23.25
C GLU A 159 8.10 6.87 22.60
N HIS A 160 7.29 6.50 21.60
CA HIS A 160 7.34 5.21 20.91
C HIS A 160 8.61 5.06 20.06
N GLU A 161 8.98 6.10 19.32
CA GLU A 161 10.24 6.21 18.55
C GLU A 161 11.48 6.03 19.45
N ARG A 162 11.40 6.50 20.71
CA ARG A 162 12.43 6.28 21.74
C ARG A 162 12.46 4.85 22.30
N LYS A 163 11.35 4.10 22.25
CA LYS A 163 11.31 2.67 22.68
C LYS A 163 12.10 1.72 21.76
N GLY A 164 12.88 2.25 20.82
CA GLY A 164 13.53 1.48 19.75
C GLY A 164 12.55 0.98 18.68
N ARG A 165 11.31 1.49 18.65
CA ARG A 165 10.26 1.06 17.72
C ARG A 165 10.10 2.05 16.57
N THR A 166 9.52 1.61 15.46
CA THR A 166 9.25 2.48 14.29
C THR A 166 7.77 2.88 14.25
N ALA A 167 7.52 4.18 14.05
CA ALA A 167 6.19 4.77 13.93
C ALA A 167 5.96 5.32 12.50
N VAL A 168 4.75 5.16 11.94
CA VAL A 168 4.41 5.66 10.59
C VAL A 168 2.94 6.11 10.50
N LEU A 169 2.69 7.14 9.69
CA LEU A 169 1.43 7.89 9.54
C LEU A 169 0.97 7.91 8.07
N VAL A 170 -0.34 7.96 7.85
CA VAL A 170 -0.96 7.89 6.51
C VAL A 170 -2.01 8.98 6.31
N ALA A 171 -2.04 9.57 5.11
CA ALA A 171 -3.03 10.54 4.65
C ALA A 171 -3.53 10.21 3.23
N VAL A 172 -4.79 10.57 2.92
CA VAL A 172 -5.53 10.16 1.70
C VAL A 172 -6.34 11.34 1.15
N ASP A 173 -6.13 11.69 -0.12
CA ASP A 173 -6.77 12.84 -0.81
C ASP A 173 -6.80 14.12 0.06
N ASP A 174 -5.64 14.43 0.66
CA ASP A 174 -5.39 15.55 1.58
C ASP A 174 -6.19 15.54 2.90
N GLU A 175 -6.65 14.36 3.36
CA GLU A 175 -7.20 14.13 4.70
C GLU A 175 -6.33 13.19 5.53
N LEU A 176 -6.18 13.50 6.83
CA LEU A 176 -5.62 12.59 7.83
C LEU A 176 -6.41 11.28 7.85
N CYS A 177 -5.75 10.14 8.09
CA CYS A 177 -6.47 8.87 8.21
C CYS A 177 -6.01 7.93 9.33
N GLY A 178 -4.72 7.80 9.68
CA GLY A 178 -4.32 6.85 10.73
C GLY A 178 -2.82 6.76 11.01
N LEU A 179 -2.46 6.06 12.09
CA LEU A 179 -1.08 5.79 12.50
C LEU A 179 -0.85 4.32 12.88
N ILE A 180 0.37 3.84 12.64
CA ILE A 180 0.78 2.44 12.69
C ILE A 180 2.08 2.29 13.51
N ALA A 181 2.09 1.35 14.45
CA ALA A 181 3.20 1.06 15.37
C ALA A 181 3.78 -0.35 15.16
N ILE A 182 5.11 -0.43 14.99
CA ILE A 182 5.84 -1.65 14.58
C ILE A 182 6.86 -2.06 15.67
N ALA A 183 6.87 -3.34 16.04
CA ALA A 183 7.76 -3.92 17.06
C ALA A 183 8.64 -5.05 16.50
N ASP A 184 9.88 -5.15 16.96
CA ASP A 184 10.90 -6.13 16.51
C ASP A 184 11.14 -7.20 17.59
N THR A 185 11.59 -8.38 17.18
CA THR A 185 11.73 -9.61 18.02
C THR A 185 10.39 -10.07 18.61
N SER A 1 21.58 -21.06 3.15
CA SER A 1 21.49 -20.34 4.44
C SER A 1 21.68 -18.84 4.23
N PHE A 2 21.39 -18.05 5.26
CA PHE A 2 21.78 -16.63 5.33
C PHE A 2 22.01 -16.21 6.79
N THR A 3 22.87 -15.22 7.00
CA THR A 3 23.08 -14.61 8.33
C THR A 3 21.85 -13.79 8.73
N MET A 4 21.18 -14.24 9.79
CA MET A 4 19.85 -13.77 10.22
C MET A 4 19.93 -12.91 11.48
N HIS A 5 19.26 -11.74 11.47
CA HIS A 5 19.36 -10.72 12.51
C HIS A 5 18.01 -10.36 13.17
N GLY A 6 16.87 -10.85 12.65
CA GLY A 6 15.56 -10.77 13.30
C GLY A 6 14.37 -10.77 12.34
N THR A 7 13.19 -11.16 12.82
CA THR A 7 11.92 -11.15 12.07
C THR A 7 11.08 -9.89 12.32
N PRO A 8 10.40 -9.33 11.30
CA PRO A 8 9.54 -8.15 11.44
C PRO A 8 8.13 -8.49 11.97
N VAL A 9 7.58 -7.56 12.76
CA VAL A 9 6.21 -7.60 13.29
C VAL A 9 5.59 -6.19 13.26
N VAL A 10 4.45 -6.02 12.58
CA VAL A 10 3.66 -4.78 12.70
C VAL A 10 2.91 -4.84 14.02
N ASN A 11 3.23 -3.92 14.93
CA ASN A 11 2.79 -3.99 16.32
C ASN A 11 1.40 -3.38 16.53
N GLN A 12 1.09 -2.25 15.88
CA GLN A 12 -0.26 -1.67 15.92
C GLN A 12 -0.55 -0.74 14.71
N VAL A 13 -1.79 -0.76 14.23
CA VAL A 13 -2.37 0.16 13.25
C VAL A 13 -3.73 0.69 13.72
N LYS A 14 -4.00 1.99 13.57
CA LYS A 14 -5.27 2.63 14.01
C LYS A 14 -5.80 3.64 12.99
N VAL A 15 -7.12 3.72 12.84
CA VAL A 15 -7.82 4.70 12.00
C VAL A 15 -7.95 6.05 12.72
N LEU A 16 -7.64 7.12 11.99
CA LEU A 16 -7.62 8.52 12.47
C LEU A 16 -8.45 9.47 11.58
N THR A 17 -9.54 8.95 11.04
CA THR A 17 -10.60 9.71 10.33
C THR A 17 -11.98 9.12 10.70
N GLU A 18 -13.00 9.40 9.91
CA GLU A 18 -14.36 8.84 9.98
C GLU A 18 -14.86 8.56 8.55
N SER A 19 -15.87 7.70 8.39
CA SER A 19 -16.37 7.19 7.09
C SER A 19 -16.88 8.25 6.08
N ASN A 20 -16.79 9.54 6.42
CA ASN A 20 -17.07 10.70 5.56
C ASN A 20 -16.42 10.60 4.17
N ARG A 21 -15.09 10.57 4.07
CA ARG A 21 -14.36 10.40 2.80
C ARG A 21 -14.01 8.94 2.54
N ILE A 22 -13.38 8.27 3.53
CA ILE A 22 -12.91 6.88 3.43
C ILE A 22 -13.34 6.08 4.67
N SER A 23 -13.86 4.86 4.48
CA SER A 23 -14.31 3.98 5.57
C SER A 23 -13.16 3.16 6.20
N HIS A 24 -13.29 2.82 7.49
CA HIS A 24 -12.26 2.17 8.30
C HIS A 24 -11.61 0.92 7.65
N HIS A 25 -12.40 -0.04 7.15
CA HIS A 25 -11.86 -1.28 6.55
C HIS A 25 -11.21 -1.05 5.18
N LYS A 26 -11.66 -0.04 4.41
CA LYS A 26 -11.01 0.36 3.17
C LYS A 26 -9.60 0.90 3.43
N ILE A 27 -9.42 1.68 4.50
CA ILE A 27 -8.12 2.24 4.93
C ILE A 27 -7.12 1.12 5.26
N LEU A 28 -7.48 0.16 6.12
CA LEU A 28 -6.54 -0.91 6.50
C LEU A 28 -6.21 -1.84 5.32
N ALA A 29 -7.14 -2.02 4.38
CA ALA A 29 -6.87 -2.75 3.14
C ALA A 29 -5.84 -2.02 2.25
N ILE A 30 -5.99 -0.71 2.03
CA ILE A 30 -5.01 0.06 1.22
C ILE A 30 -3.65 0.27 1.90
N VAL A 31 -3.61 0.28 3.24
CA VAL A 31 -2.34 0.22 4.01
C VAL A 31 -1.56 -1.05 3.64
N GLY A 32 -2.24 -2.19 3.50
CA GLY A 32 -1.64 -3.43 3.00
C GLY A 32 -1.27 -3.38 1.51
N THR A 33 -2.19 -2.96 0.63
CA THR A 33 -1.94 -2.98 -0.83
C THR A 33 -0.79 -2.06 -1.26
N ALA A 34 -0.55 -0.95 -0.55
CA ALA A 34 0.59 -0.06 -0.75
C ALA A 34 1.96 -0.70 -0.46
N GLU A 35 2.00 -1.81 0.30
CA GLU A 35 3.22 -2.54 0.65
C GLU A 35 3.40 -3.85 -0.14
N SER A 36 2.48 -4.15 -1.06
CA SER A 36 2.35 -5.46 -1.74
C SER A 36 3.07 -5.64 -3.10
N ASN A 37 3.76 -4.62 -3.62
CA ASN A 37 4.24 -4.60 -5.01
C ASN A 37 5.71 -5.08 -5.19
N SER A 38 6.71 -4.30 -4.77
CA SER A 38 8.16 -4.61 -4.98
C SER A 38 9.15 -3.79 -4.13
N GLU A 39 8.67 -3.09 -3.10
CA GLU A 39 9.42 -2.03 -2.40
C GLU A 39 10.07 -2.41 -1.06
N HIS A 40 9.38 -3.14 -0.16
CA HIS A 40 9.81 -3.32 1.23
C HIS A 40 9.73 -4.79 1.72
N PRO A 41 10.73 -5.30 2.47
CA PRO A 41 10.74 -6.67 2.99
C PRO A 41 9.75 -6.90 4.14
N LEU A 42 9.28 -5.82 4.78
CA LEU A 42 8.32 -5.79 5.89
C LEU A 42 6.86 -5.96 5.44
N GLY A 43 6.59 -5.63 4.17
CA GLY A 43 5.24 -5.48 3.62
C GLY A 43 4.32 -6.67 3.86
N THR A 44 4.78 -7.90 3.61
CA THR A 44 3.95 -9.11 3.69
C THR A 44 3.28 -9.31 5.06
N ALA A 45 3.89 -8.83 6.14
CA ALA A 45 3.31 -8.93 7.48
C ALA A 45 2.12 -7.97 7.67
N ILE A 46 2.17 -6.77 7.08
CA ILE A 46 1.05 -5.82 7.04
C ILE A 46 -0.07 -6.42 6.19
N THR A 47 0.22 -6.87 4.96
CA THR A 47 -0.82 -7.35 4.05
C THR A 47 -1.56 -8.54 4.66
N LYS A 48 -0.84 -9.51 5.24
CA LYS A 48 -1.44 -10.67 5.92
C LYS A 48 -2.17 -10.32 7.20
N TYR A 49 -1.71 -9.38 8.02
CA TYR A 49 -2.44 -9.00 9.25
C TYR A 49 -3.78 -8.32 8.91
N CYS A 50 -3.79 -7.40 7.93
CA CYS A 50 -5.02 -6.80 7.42
C CYS A 50 -5.94 -7.84 6.77
N LYS A 51 -5.41 -8.73 5.92
CA LYS A 51 -6.18 -9.80 5.27
C LYS A 51 -6.79 -10.78 6.28
N GLN A 52 -6.06 -11.13 7.34
CA GLN A 52 -6.55 -11.97 8.45
C GLN A 52 -7.67 -11.28 9.27
N GLU A 53 -7.70 -9.95 9.36
CA GLU A 53 -8.83 -9.18 9.91
C GLU A 53 -10.06 -9.18 8.98
N LEU A 54 -9.88 -9.11 7.65
CA LEU A 54 -10.99 -9.21 6.67
C LEU A 54 -11.53 -10.65 6.54
N ASP A 55 -10.65 -11.63 6.71
CA ASP A 55 -10.81 -13.06 6.41
C ASP A 55 -11.32 -13.36 4.99
N THR A 56 -10.84 -12.58 4.00
CA THR A 56 -11.05 -12.80 2.56
C THR A 56 -9.72 -12.82 1.81
N GLU A 57 -9.55 -13.75 0.87
CA GLU A 57 -8.28 -13.97 0.17
C GLU A 57 -8.01 -13.02 -1.02
N THR A 58 -8.93 -12.10 -1.29
CA THR A 58 -8.93 -11.22 -2.48
C THR A 58 -8.67 -9.75 -2.11
N LEU A 59 -7.45 -9.29 -2.40
CA LEU A 59 -7.01 -7.90 -2.33
C LEU A 59 -5.78 -7.65 -3.22
N GLY A 60 -5.58 -6.38 -3.56
CA GLY A 60 -4.51 -5.84 -4.41
C GLY A 60 -4.97 -4.63 -5.23
N THR A 61 -4.18 -3.56 -5.29
CA THR A 61 -4.45 -2.33 -6.03
C THR A 61 -3.14 -1.77 -6.60
N CYS A 62 -3.09 -1.38 -7.87
CA CYS A 62 -1.87 -0.84 -8.49
C CYS A 62 -1.57 0.60 -8.06
N ILE A 63 -0.28 0.93 -7.88
CA ILE A 63 0.25 2.15 -7.28
C ILE A 63 1.32 2.81 -8.18
N ASP A 64 1.18 4.11 -8.47
CA ASP A 64 2.23 4.91 -9.13
C ASP A 64 3.31 5.30 -8.10
N PHE A 65 4.22 4.38 -7.79
CA PHE A 65 5.13 4.50 -6.65
C PHE A 65 6.30 5.48 -6.84
N GLN A 66 6.37 6.53 -6.00
CA GLN A 66 7.50 7.46 -5.88
C GLN A 66 7.93 7.60 -4.39
N VAL A 67 9.22 7.90 -4.15
CA VAL A 67 9.83 7.87 -2.80
C VAL A 67 10.70 9.10 -2.55
N VAL A 68 10.50 9.77 -1.41
CA VAL A 68 11.35 10.85 -0.89
C VAL A 68 12.32 10.31 0.19
N PRO A 69 13.65 10.35 -0.02
CA PRO A 69 14.63 9.70 0.86
C PRO A 69 14.61 10.16 2.32
N GLY A 70 14.27 9.24 3.23
CA GLY A 70 14.24 9.43 4.68
C GLY A 70 12.94 10.00 5.26
N CYS A 71 11.99 10.43 4.42
CA CYS A 71 10.74 11.05 4.87
C CYS A 71 9.49 10.20 4.62
N GLY A 72 9.39 9.51 3.47
CA GLY A 72 8.22 8.69 3.15
C GLY A 72 8.00 8.38 1.66
N ILE A 73 6.79 7.89 1.38
CA ILE A 73 6.29 7.43 0.08
C ILE A 73 5.16 8.35 -0.40
N SER A 74 5.07 8.56 -1.71
CA SER A 74 3.95 9.21 -2.39
C SER A 74 3.52 8.32 -3.56
N CYS A 75 2.26 7.88 -3.61
CA CYS A 75 1.77 7.06 -4.72
C CYS A 75 0.31 7.38 -5.10
N LYS A 76 -0.14 6.83 -6.23
CA LYS A 76 -1.51 7.01 -6.74
C LYS A 76 -2.13 5.64 -6.87
N VAL A 77 -3.28 5.38 -6.23
CA VAL A 77 -3.85 4.03 -6.10
C VAL A 77 -5.20 3.89 -6.81
N THR A 78 -5.45 2.72 -7.41
CA THR A 78 -6.66 2.46 -8.23
C THR A 78 -7.07 0.99 -8.15
N ASN A 79 -7.94 0.47 -9.02
CA ASN A 79 -8.41 -0.93 -9.01
C ASN A 79 -9.31 -1.29 -7.81
N ILE A 80 -9.80 -0.30 -7.07
CA ILE A 80 -10.63 -0.46 -5.86
C ILE A 80 -11.99 -1.10 -6.20
N GLU A 81 -12.85 -0.39 -6.95
CA GLU A 81 -14.25 -0.81 -7.15
C GLU A 81 -14.37 -1.96 -8.15
N GLY A 82 -13.65 -1.89 -9.27
CA GLY A 82 -13.65 -2.78 -10.44
C GLY A 82 -13.49 -4.30 -10.26
N LEU A 83 -13.48 -4.84 -9.04
CA LEU A 83 -13.58 -6.29 -8.82
C LEU A 83 -14.88 -6.86 -9.40
N LEU A 84 -15.93 -6.04 -9.49
CA LEU A 84 -17.24 -6.38 -10.08
C LEU A 84 -17.17 -6.83 -11.55
N HIS A 85 -18.16 -7.63 -11.96
CA HIS A 85 -18.43 -8.03 -13.34
C HIS A 85 -17.22 -8.71 -14.05
N LYS A 86 -17.39 -8.98 -15.35
CA LYS A 86 -16.29 -9.36 -16.25
C LYS A 86 -15.24 -8.25 -16.26
N ASN A 87 -13.95 -8.59 -16.27
CA ASN A 87 -12.85 -7.62 -16.31
C ASN A 87 -12.72 -6.95 -17.69
N ASN A 88 -13.10 -7.63 -18.77
CA ASN A 88 -13.23 -7.05 -20.10
C ASN A 88 -14.61 -6.37 -20.31
N TRP A 89 -14.61 -5.29 -21.08
CA TRP A 89 -15.79 -4.50 -21.50
C TRP A 89 -15.78 -4.16 -23.00
N ASN A 90 -14.68 -4.45 -23.71
CA ASN A 90 -14.44 -4.11 -25.11
C ASN A 90 -13.62 -5.24 -25.76
N ILE A 91 -12.45 -4.94 -26.36
CA ILE A 91 -11.47 -5.93 -26.85
C ILE A 91 -12.13 -6.87 -27.87
N GLU A 92 -12.71 -6.26 -28.90
CA GLU A 92 -13.35 -6.90 -30.06
C GLU A 92 -12.33 -7.66 -30.94
N ASP A 93 -11.05 -7.29 -30.90
CA ASP A 93 -9.92 -7.95 -31.56
C ASP A 93 -9.89 -9.48 -31.37
N ASN A 94 -10.34 -9.98 -30.20
CA ASN A 94 -10.45 -11.40 -29.92
C ASN A 94 -11.48 -12.12 -30.81
N ASN A 95 -12.61 -11.50 -31.17
CA ASN A 95 -13.58 -12.08 -32.13
C ASN A 95 -13.29 -11.72 -33.59
N ILE A 96 -12.61 -10.61 -33.86
CA ILE A 96 -12.11 -10.29 -35.22
C ILE A 96 -11.10 -11.35 -35.69
N LYS A 97 -10.16 -11.71 -34.81
CA LYS A 97 -9.16 -12.80 -34.88
C LYS A 97 -8.21 -12.80 -36.10
N ASN A 98 -6.90 -12.88 -35.83
CA ASN A 98 -5.81 -12.90 -36.80
C ASN A 98 -4.86 -14.13 -36.61
N ALA A 99 -5.11 -15.00 -35.62
CA ALA A 99 -4.24 -16.13 -35.27
C ALA A 99 -4.39 -17.39 -36.16
N SER A 100 -5.45 -17.47 -36.98
CA SER A 100 -5.81 -18.59 -37.88
C SER A 100 -5.99 -19.95 -37.18
N LEU A 101 -6.23 -21.00 -37.98
CA LEU A 101 -6.32 -22.40 -37.56
C LEU A 101 -4.94 -22.94 -37.15
N VAL A 102 -4.90 -24.08 -36.43
CA VAL A 102 -3.67 -24.65 -35.85
C VAL A 102 -3.88 -26.13 -35.53
N GLN A 103 -2.87 -26.95 -35.80
CA GLN A 103 -2.89 -28.41 -35.60
C GLN A 103 -1.74 -28.97 -34.74
N ILE A 104 -0.78 -28.11 -34.36
CA ILE A 104 0.23 -28.37 -33.32
C ILE A 104 0.65 -27.02 -32.69
N ASP A 105 0.74 -26.95 -31.36
CA ASP A 105 0.92 -25.68 -30.62
C ASP A 105 2.29 -25.52 -29.97
N ALA A 106 2.97 -26.64 -29.72
CA ALA A 106 4.34 -26.72 -29.22
C ALA A 106 4.62 -25.77 -28.03
N SER A 107 5.84 -25.23 -27.96
CA SER A 107 6.34 -24.42 -26.84
C SER A 107 5.63 -23.05 -26.72
N ASN A 108 5.79 -22.38 -25.58
CA ASN A 108 5.13 -21.11 -25.27
C ASN A 108 5.90 -19.86 -25.78
N GLU A 109 5.36 -18.67 -25.57
CA GLU A 109 5.97 -17.38 -25.91
C GLU A 109 7.21 -17.04 -25.03
N GLN A 110 7.98 -16.03 -25.44
CA GLN A 110 9.25 -15.64 -24.79
C GLN A 110 9.49 -14.12 -24.73
N SER A 111 10.27 -13.73 -23.72
CA SER A 111 10.80 -12.39 -23.42
C SER A 111 9.76 -11.31 -23.07
N SER A 112 10.19 -10.23 -22.41
CA SER A 112 9.37 -9.03 -22.18
C SER A 112 9.01 -8.38 -23.51
N THR A 113 7.73 -8.05 -23.70
CA THR A 113 7.21 -7.42 -24.92
C THR A 113 6.36 -6.21 -24.60
N SER A 114 6.33 -5.24 -25.53
CA SER A 114 5.54 -4.00 -25.40
C SER A 114 4.03 -4.27 -25.34
N SER A 115 3.31 -3.39 -24.63
CA SER A 115 1.85 -3.37 -24.44
C SER A 115 1.19 -2.11 -25.05
N SER A 116 1.79 -1.51 -26.09
CA SER A 116 1.31 -0.27 -26.74
C SER A 116 0.02 -0.41 -27.59
N MET A 117 -0.51 -1.63 -27.75
CA MET A 117 -1.78 -1.95 -28.42
C MET A 117 -2.98 -1.98 -27.46
N ILE A 118 -4.22 -1.84 -27.98
CA ILE A 118 -5.48 -2.03 -27.21
C ILE A 118 -5.66 -1.01 -26.05
N ILE A 119 -4.93 0.11 -26.11
CA ILE A 119 -4.79 1.10 -25.03
C ILE A 119 -5.99 2.02 -24.77
N ASP A 120 -7.03 2.01 -25.62
CA ASP A 120 -8.31 2.70 -25.41
C ASP A 120 -9.42 1.74 -24.91
N ALA A 121 -9.29 0.45 -25.23
CA ALA A 121 -10.26 -0.61 -24.95
C ALA A 121 -10.16 -1.24 -23.54
N GLN A 122 -9.13 -0.92 -22.77
CA GLN A 122 -8.86 -1.43 -21.41
C GLN A 122 -9.15 -0.40 -20.31
N ILE A 123 -9.85 0.68 -20.66
CA ILE A 123 -10.11 1.83 -19.77
C ILE A 123 -11.36 1.61 -18.91
N SER A 124 -12.41 0.97 -19.42
CA SER A 124 -13.72 0.84 -18.76
C SER A 124 -13.67 0.29 -17.32
N ASN A 125 -12.94 -0.81 -17.08
CA ASN A 125 -12.81 -1.39 -15.75
C ASN A 125 -11.99 -0.48 -14.80
N ALA A 126 -10.87 0.06 -15.28
CA ALA A 126 -10.01 0.97 -14.52
C ALA A 126 -10.66 2.35 -14.24
N LEU A 127 -11.61 2.79 -15.06
CA LEU A 127 -12.40 4.02 -14.90
C LEU A 127 -13.59 3.82 -13.95
N ASN A 128 -14.20 2.63 -13.90
CA ASN A 128 -15.24 2.32 -12.90
C ASN A 128 -14.69 2.42 -11.46
N ALA A 129 -13.40 2.09 -11.26
CA ALA A 129 -12.70 2.35 -10.00
C ALA A 129 -12.42 3.85 -9.77
N GLN A 130 -12.61 4.31 -8.53
CA GLN A 130 -12.17 5.64 -8.11
C GLN A 130 -10.66 5.64 -7.79
N GLN A 131 -9.98 6.76 -8.08
CA GLN A 131 -8.54 6.93 -7.99
C GLN A 131 -8.18 7.86 -6.82
N TYR A 132 -7.17 7.50 -6.02
CA TYR A 132 -6.71 8.30 -4.86
C TYR A 132 -5.22 8.64 -4.89
N LYS A 133 -4.86 9.87 -4.49
CA LYS A 133 -3.49 10.32 -4.22
C LYS A 133 -3.19 10.14 -2.72
N VAL A 134 -2.16 9.35 -2.38
CA VAL A 134 -1.88 8.93 -1.00
C VAL A 134 -0.41 9.11 -0.63
N LEU A 135 -0.15 9.46 0.64
CA LEU A 135 1.19 9.67 1.19
C LEU A 135 1.33 8.94 2.54
N ILE A 136 2.53 8.37 2.80
CA ILE A 136 2.83 7.59 4.01
C ILE A 136 4.26 7.89 4.48
N GLY A 137 4.46 8.30 5.74
CA GLY A 137 5.81 8.52 6.27
C GLY A 137 5.88 9.19 7.65
N ASN A 138 7.03 9.82 7.93
CA ASN A 138 7.27 10.60 9.15
C ASN A 138 6.34 11.83 9.26
N ARG A 139 6.16 12.39 10.47
CA ARG A 139 5.20 13.49 10.72
C ARG A 139 5.49 14.79 9.94
N GLU A 140 6.75 15.14 9.71
CA GLU A 140 7.14 16.47 9.21
C GLU A 140 6.71 16.75 7.76
N TRP A 141 7.13 15.95 6.77
CA TRP A 141 6.76 16.23 5.37
C TRP A 141 5.25 16.04 5.09
N MET A 142 4.56 15.26 5.93
CA MET A 142 3.11 15.11 5.93
C MET A 142 2.40 16.39 6.40
N ILE A 143 2.86 17.00 7.51
CA ILE A 143 2.40 18.32 7.95
C ILE A 143 2.67 19.36 6.86
N ARG A 144 3.84 19.32 6.20
CA ARG A 144 4.19 20.20 5.08
C ARG A 144 3.21 20.07 3.89
N ASN A 145 2.66 18.88 3.61
CA ASN A 145 1.62 18.70 2.57
C ASN A 145 0.36 19.58 2.76
N GLY A 146 0.14 20.13 3.97
CA GLY A 146 -1.05 20.91 4.34
C GLY A 146 -1.98 20.18 5.32
N LEU A 147 -1.54 19.05 5.89
CA LEU A 147 -2.29 18.24 6.84
C LEU A 147 -2.26 18.86 8.25
N VAL A 148 -3.26 18.52 9.08
CA VAL A 148 -3.30 18.88 10.51
C VAL A 148 -3.21 17.63 11.38
N ILE A 149 -2.43 17.73 12.46
CA ILE A 149 -2.09 16.62 13.35
C ILE A 149 -2.55 16.88 14.79
N ASN A 150 -2.73 15.77 15.51
CA ASN A 150 -3.39 15.73 16.82
C ASN A 150 -2.38 15.26 17.90
N ASN A 151 -2.46 15.79 19.13
CA ASN A 151 -1.47 15.55 20.19
C ASN A 151 -1.31 14.06 20.57
N ASP A 152 -2.39 13.28 20.44
CA ASP A 152 -2.47 11.87 20.82
C ASP A 152 -1.66 10.93 19.93
N VAL A 153 -1.68 11.18 18.62
CA VAL A 153 -0.95 10.42 17.60
C VAL A 153 0.55 10.72 17.64
N ASN A 154 0.96 11.97 17.89
CA ASN A 154 2.36 12.27 18.13
C ASN A 154 2.87 11.60 19.42
N ASP A 155 2.06 11.64 20.49
CA ASP A 155 2.32 10.96 21.78
C ASP A 155 2.36 9.42 21.67
N PHE A 156 1.60 8.83 20.74
CA PHE A 156 1.68 7.40 20.36
C PHE A 156 2.96 7.07 19.58
N MET A 157 3.31 7.89 18.58
CA MET A 157 4.47 7.62 17.70
C MET A 157 5.80 7.85 18.43
N THR A 158 5.97 8.99 19.10
CA THR A 158 7.25 9.33 19.75
C THR A 158 7.62 8.35 20.88
N GLU A 159 6.62 7.79 21.56
CA GLU A 159 6.84 6.72 22.54
C GLU A 159 7.41 5.44 21.88
N HIS A 160 6.84 5.00 20.74
CA HIS A 160 7.36 3.84 20.02
C HIS A 160 8.75 4.11 19.42
N GLU A 161 9.03 5.33 18.95
CA GLU A 161 10.36 5.76 18.49
C GLU A 161 11.38 5.87 19.64
N ARG A 162 10.96 6.28 20.84
CA ARG A 162 11.79 6.33 22.07
C ARG A 162 12.09 4.94 22.64
N LYS A 163 11.14 4.01 22.51
CA LYS A 163 11.38 2.57 22.78
C LYS A 163 12.43 2.06 21.77
N GLY A 164 12.19 2.32 20.49
CA GLY A 164 13.13 2.04 19.39
C GLY A 164 12.52 1.15 18.31
N ARG A 165 11.28 1.47 17.91
CA ARG A 165 10.52 0.91 16.78
C ARG A 165 10.42 1.95 15.65
N THR A 166 9.87 1.58 14.51
CA THR A 166 9.55 2.52 13.40
C THR A 166 8.09 2.98 13.51
N ALA A 167 7.83 4.29 13.34
CA ALA A 167 6.49 4.88 13.37
C ALA A 167 6.23 5.78 12.16
N VAL A 168 5.12 5.57 11.44
CA VAL A 168 4.70 6.38 10.28
C VAL A 168 3.19 6.63 10.26
N LEU A 169 2.77 7.74 9.64
CA LEU A 169 1.38 8.17 9.54
C LEU A 169 0.87 8.15 8.08
N VAL A 170 -0.45 8.02 7.90
CA VAL A 170 -1.12 7.76 6.60
C VAL A 170 -2.13 8.85 6.26
N ALA A 171 -2.14 9.34 5.02
CA ALA A 171 -3.12 10.32 4.51
C ALA A 171 -3.60 10.05 3.07
N VAL A 172 -4.84 10.43 2.77
CA VAL A 172 -5.52 10.27 1.48
C VAL A 172 -6.11 11.61 1.03
N ASP A 173 -5.68 12.13 -0.11
CA ASP A 173 -6.22 13.33 -0.77
C ASP A 173 -6.53 14.53 0.17
N ASP A 174 -5.52 14.94 0.95
CA ASP A 174 -5.56 16.00 1.99
C ASP A 174 -6.37 15.66 3.27
N GLU A 175 -6.76 14.41 3.50
CA GLU A 175 -7.33 13.93 4.77
C GLU A 175 -6.41 12.94 5.50
N LEU A 176 -6.03 13.26 6.74
CA LEU A 176 -5.40 12.33 7.70
C LEU A 176 -6.32 11.11 7.85
N CYS A 177 -5.77 9.89 7.87
CA CYS A 177 -6.60 8.67 7.89
C CYS A 177 -6.13 7.55 8.82
N GLY A 178 -4.86 7.48 9.22
CA GLY A 178 -4.39 6.50 10.19
C GLY A 178 -2.91 6.61 10.58
N LEU A 179 -2.44 5.67 11.39
CA LEU A 179 -1.02 5.50 11.76
C LEU A 179 -0.59 4.03 11.84
N ILE A 180 0.73 3.79 11.76
CA ILE A 180 1.38 2.48 11.76
C ILE A 180 2.62 2.47 12.67
N ALA A 181 2.78 1.45 13.53
CA ALA A 181 3.99 1.19 14.31
C ALA A 181 4.52 -0.25 14.11
N ILE A 182 5.83 -0.40 13.87
CA ILE A 182 6.47 -1.67 13.46
C ILE A 182 7.75 -1.96 14.27
N ALA A 183 7.82 -3.17 14.86
CA ALA A 183 8.94 -3.68 15.64
C ALA A 183 9.85 -4.63 14.85
N ASP A 184 11.10 -4.73 15.31
CA ASP A 184 12.10 -5.71 14.85
C ASP A 184 12.61 -6.56 16.03
N THR A 185 13.00 -7.81 15.76
CA THR A 185 13.33 -8.83 16.78
C THR A 185 14.75 -9.38 16.66
N SER A 1 17.40 -3.12 2.02
CA SER A 1 18.09 -2.13 2.87
C SER A 1 18.75 -2.81 4.04
N PHE A 2 20.08 -2.70 4.15
CA PHE A 2 20.87 -3.26 5.26
C PHE A 2 20.70 -2.47 6.58
N THR A 3 20.22 -1.23 6.51
CA THR A 3 20.09 -0.32 7.66
C THR A 3 18.95 -0.68 8.62
N MET A 4 18.07 -1.61 8.23
CA MET A 4 16.87 -2.01 9.00
C MET A 4 17.20 -2.80 10.29
N HIS A 5 16.30 -2.73 11.27
CA HIS A 5 16.40 -3.44 12.55
C HIS A 5 15.06 -4.05 13.00
N GLY A 6 15.12 -5.14 13.77
CA GLY A 6 13.96 -5.86 14.32
C GLY A 6 13.22 -6.76 13.34
N THR A 7 12.54 -7.78 13.86
CA THR A 7 11.64 -8.65 13.07
C THR A 7 10.44 -7.84 12.54
N PRO A 8 10.12 -7.89 11.24
CA PRO A 8 9.03 -7.10 10.68
C PRO A 8 7.67 -7.79 10.91
N VAL A 9 6.92 -7.31 11.91
CA VAL A 9 5.53 -7.70 12.21
C VAL A 9 4.74 -6.45 12.61
N VAL A 10 3.58 -6.22 11.98
CA VAL A 10 2.69 -5.11 12.32
C VAL A 10 2.03 -5.38 13.67
N ASN A 11 2.13 -4.44 14.61
CA ASN A 11 1.69 -4.62 15.97
C ASN A 11 0.31 -3.97 16.20
N GLN A 12 0.12 -2.71 15.80
CA GLN A 12 -1.19 -2.02 15.86
C GLN A 12 -1.37 -1.04 14.70
N VAL A 13 -2.62 -0.90 14.24
CA VAL A 13 -3.06 0.15 13.30
C VAL A 13 -4.34 0.81 13.82
N LYS A 14 -4.41 2.14 13.74
CA LYS A 14 -5.56 2.94 14.20
C LYS A 14 -6.03 3.87 13.08
N VAL A 15 -7.34 3.94 12.86
CA VAL A 15 -7.94 4.95 11.96
C VAL A 15 -8.00 6.28 12.71
N LEU A 16 -7.71 7.35 11.97
CA LEU A 16 -7.48 8.72 12.47
C LEU A 16 -8.44 9.76 11.84
N THR A 17 -9.61 9.27 11.40
CA THR A 17 -10.76 10.02 10.90
C THR A 17 -12.08 9.28 11.25
N GLU A 18 -13.24 9.93 11.18
CA GLU A 18 -14.55 9.29 11.35
C GLU A 18 -15.47 9.54 10.14
N SER A 19 -15.27 8.73 9.10
CA SER A 19 -16.15 8.63 7.92
C SER A 19 -16.44 9.98 7.23
N ASN A 20 -15.41 10.81 7.04
CA ASN A 20 -15.51 12.12 6.39
C ASN A 20 -15.39 12.01 4.86
N ARG A 21 -14.16 11.99 4.31
CA ARG A 21 -13.86 11.74 2.90
C ARG A 21 -13.77 10.23 2.61
N ILE A 22 -13.28 9.47 3.59
CA ILE A 22 -13.03 8.01 3.58
C ILE A 22 -13.53 7.35 4.88
N SER A 23 -13.86 6.05 4.80
CA SER A 23 -14.38 5.24 5.93
C SER A 23 -13.42 4.11 6.35
N HIS A 24 -13.56 3.67 7.61
CA HIS A 24 -12.65 2.80 8.35
C HIS A 24 -12.22 1.51 7.60
N HIS A 25 -13.15 0.68 7.12
CA HIS A 25 -12.82 -0.61 6.51
C HIS A 25 -12.17 -0.45 5.12
N LYS A 26 -12.59 0.55 4.34
CA LYS A 26 -11.99 0.87 3.04
C LYS A 26 -10.53 1.32 3.19
N ILE A 27 -10.22 2.10 4.23
CA ILE A 27 -8.85 2.54 4.55
C ILE A 27 -7.93 1.35 4.83
N LEU A 28 -8.36 0.40 5.67
CA LEU A 28 -7.60 -0.84 5.94
C LEU A 28 -7.30 -1.62 4.67
N ALA A 29 -8.30 -1.79 3.79
CA ALA A 29 -8.14 -2.46 2.51
C ALA A 29 -7.11 -1.74 1.61
N ILE A 30 -7.31 -0.44 1.31
CA ILE A 30 -6.46 0.26 0.33
C ILE A 30 -5.00 0.35 0.79
N VAL A 31 -4.72 0.52 2.09
CA VAL A 31 -3.35 0.51 2.61
C VAL A 31 -2.68 -0.85 2.36
N GLY A 32 -3.31 -1.96 2.76
CA GLY A 32 -2.65 -3.27 2.65
C GLY A 32 -2.57 -3.81 1.22
N THR A 33 -3.58 -3.52 0.40
CA THR A 33 -3.64 -3.83 -1.04
C THR A 33 -2.66 -3.00 -1.86
N ALA A 34 -2.45 -1.72 -1.54
CA ALA A 34 -1.41 -0.92 -2.18
C ALA A 34 -0.01 -1.40 -1.75
N GLU A 35 0.25 -1.60 -0.46
CA GLU A 35 1.58 -1.95 0.03
C GLU A 35 2.05 -3.36 -0.40
N SER A 36 1.13 -4.18 -0.93
CA SER A 36 1.40 -5.47 -1.59
C SER A 36 2.29 -5.39 -2.86
N ASN A 37 2.75 -4.20 -3.27
CA ASN A 37 3.72 -3.97 -4.35
C ASN A 37 5.20 -4.09 -3.89
N SER A 38 6.16 -3.84 -4.77
CA SER A 38 7.60 -4.16 -4.56
C SER A 38 8.42 -3.25 -3.64
N GLU A 39 8.20 -3.35 -2.33
CA GLU A 39 9.12 -2.78 -1.32
C GLU A 39 9.70 -3.87 -0.38
N HIS A 40 10.66 -3.44 0.43
CA HIS A 40 11.32 -4.21 1.51
C HIS A 40 10.35 -4.94 2.48
N PRO A 41 10.85 -5.87 3.34
CA PRO A 41 10.03 -6.79 4.14
C PRO A 41 8.92 -6.21 5.04
N LEU A 42 8.90 -4.90 5.32
CA LEU A 42 7.78 -4.25 6.02
C LEU A 42 6.49 -4.29 5.19
N GLY A 43 6.60 -4.18 3.86
CA GLY A 43 5.44 -4.24 2.97
C GLY A 43 4.75 -5.59 3.01
N THR A 44 5.52 -6.67 2.89
CA THR A 44 5.06 -8.07 3.07
C THR A 44 4.40 -8.26 4.44
N ALA A 45 4.97 -7.67 5.50
CA ALA A 45 4.37 -7.72 6.85
C ALA A 45 3.00 -7.01 6.92
N ILE A 46 2.81 -5.88 6.22
CA ILE A 46 1.51 -5.18 6.11
C ILE A 46 0.49 -6.03 5.37
N THR A 47 0.80 -6.49 4.16
CA THR A 47 -0.16 -7.28 3.36
C THR A 47 -0.59 -8.56 4.11
N LYS A 48 0.34 -9.28 4.76
CA LYS A 48 0.01 -10.45 5.62
C LYS A 48 -0.88 -10.09 6.82
N TYR A 49 -0.58 -9.03 7.58
CA TYR A 49 -1.41 -8.57 8.70
C TYR A 49 -2.83 -8.19 8.25
N CYS A 50 -2.93 -7.42 7.16
CA CYS A 50 -4.19 -6.93 6.64
C CYS A 50 -5.05 -8.09 6.13
N LYS A 51 -4.52 -8.96 5.27
CA LYS A 51 -5.33 -10.00 4.63
C LYS A 51 -5.87 -11.05 5.61
N GLN A 52 -5.14 -11.32 6.71
CA GLN A 52 -5.64 -12.14 7.82
C GLN A 52 -6.81 -11.46 8.56
N GLU A 53 -6.75 -10.13 8.75
CA GLU A 53 -7.84 -9.32 9.34
C GLU A 53 -9.07 -9.18 8.42
N LEU A 54 -8.86 -9.15 7.09
CA LEU A 54 -9.91 -9.25 6.06
C LEU A 54 -10.49 -10.67 5.92
N ASP A 55 -9.81 -11.66 6.48
CA ASP A 55 -10.04 -13.09 6.29
C ASP A 55 -9.92 -13.55 4.81
N THR A 56 -9.20 -12.79 3.97
CA THR A 56 -8.96 -13.14 2.55
C THR A 56 -7.68 -13.95 2.33
N GLU A 57 -7.68 -14.77 1.28
CA GLU A 57 -6.48 -15.47 0.75
C GLU A 57 -5.84 -14.75 -0.45
N THR A 58 -6.43 -13.63 -0.88
CA THR A 58 -6.10 -12.93 -2.13
C THR A 58 -6.41 -11.43 -2.06
N LEU A 59 -5.43 -10.59 -2.43
CA LEU A 59 -5.53 -9.13 -2.49
C LEU A 59 -4.32 -8.50 -3.22
N GLY A 60 -4.43 -7.21 -3.57
CA GLY A 60 -3.31 -6.39 -4.05
C GLY A 60 -3.35 -6.02 -5.53
N THR A 61 -3.22 -4.72 -5.81
CA THR A 61 -3.44 -4.03 -7.08
C THR A 61 -2.33 -3.02 -7.42
N CYS A 62 -2.21 -2.61 -8.68
CA CYS A 62 -1.11 -1.79 -9.20
C CYS A 62 -1.16 -0.29 -8.79
N ILE A 63 0.02 0.28 -8.52
CA ILE A 63 0.21 1.61 -7.96
C ILE A 63 1.35 2.42 -8.61
N ASP A 64 1.25 3.74 -8.59
CA ASP A 64 2.28 4.67 -9.09
C ASP A 64 3.24 5.09 -7.95
N PHE A 65 4.16 4.20 -7.55
CA PHE A 65 4.96 4.33 -6.32
C PHE A 65 6.12 5.32 -6.41
N GLN A 66 6.04 6.43 -5.67
CA GLN A 66 7.09 7.42 -5.46
C GLN A 66 7.67 7.29 -4.04
N VAL A 67 9.00 7.38 -3.91
CA VAL A 67 9.73 7.18 -2.64
C VAL A 67 10.59 8.38 -2.29
N VAL A 68 10.40 8.94 -1.09
CA VAL A 68 11.10 10.12 -0.56
C VAL A 68 12.00 9.72 0.62
N PRO A 69 13.30 9.45 0.39
CA PRO A 69 14.20 9.00 1.45
C PRO A 69 14.38 10.07 2.53
N GLY A 70 13.88 9.74 3.72
CA GLY A 70 13.91 10.58 4.93
C GLY A 70 12.57 11.26 5.23
N CYS A 71 11.50 10.91 4.51
CA CYS A 71 10.19 11.55 4.60
C CYS A 71 9.01 10.57 4.46
N GLY A 72 9.01 9.70 3.43
CA GLY A 72 7.89 8.77 3.19
C GLY A 72 7.70 8.30 1.74
N ILE A 73 6.45 8.11 1.35
CA ILE A 73 5.94 7.47 0.14
C ILE A 73 4.74 8.29 -0.41
N SER A 74 4.56 8.31 -1.73
CA SER A 74 3.37 8.86 -2.41
C SER A 74 2.95 7.93 -3.55
N CYS A 75 1.67 7.54 -3.64
CA CYS A 75 1.19 6.63 -4.69
C CYS A 75 -0.24 6.89 -5.19
N LYS A 76 -0.64 6.17 -6.26
CA LYS A 76 -2.02 6.08 -6.75
C LYS A 76 -2.41 4.61 -6.69
N VAL A 77 -3.64 4.22 -6.33
CA VAL A 77 -4.07 2.81 -6.35
C VAL A 77 -5.28 2.60 -7.24
N THR A 78 -5.29 1.54 -8.06
CA THR A 78 -6.43 1.18 -8.92
C THR A 78 -6.86 -0.27 -8.71
N ASN A 79 -7.76 -0.80 -9.56
CA ASN A 79 -8.22 -2.20 -9.58
C ASN A 79 -8.97 -2.66 -8.31
N ILE A 80 -9.44 -1.73 -7.47
CA ILE A 80 -10.07 -2.05 -6.17
C ILE A 80 -11.37 -2.85 -6.34
N GLU A 81 -12.28 -2.44 -7.24
CA GLU A 81 -13.42 -3.29 -7.66
C GLU A 81 -12.97 -4.36 -8.68
N GLY A 82 -12.03 -4.01 -9.57
CA GLY A 82 -11.31 -4.83 -10.56
C GLY A 82 -10.70 -6.20 -10.18
N LEU A 83 -10.95 -6.76 -9.00
CA LEU A 83 -10.55 -8.12 -8.56
C LEU A 83 -11.25 -9.30 -9.31
N LEU A 84 -11.82 -9.03 -10.49
CA LEU A 84 -12.49 -10.00 -11.37
C LEU A 84 -11.51 -10.85 -12.20
N HIS A 85 -11.95 -12.05 -12.62
CA HIS A 85 -11.12 -13.09 -13.28
C HIS A 85 -11.37 -13.23 -14.80
N LYS A 86 -11.96 -12.19 -15.40
CA LYS A 86 -12.54 -12.23 -16.76
C LYS A 86 -11.52 -12.14 -17.91
N ASN A 87 -10.23 -11.92 -17.64
CA ASN A 87 -9.10 -11.73 -18.57
C ASN A 87 -9.27 -10.57 -19.59
N ASN A 88 -10.30 -10.60 -20.44
CA ASN A 88 -10.60 -9.58 -21.44
C ASN A 88 -12.12 -9.44 -21.65
N TRP A 89 -12.62 -8.21 -21.52
CA TRP A 89 -14.06 -7.87 -21.62
C TRP A 89 -14.42 -7.00 -22.85
N ASN A 90 -13.46 -6.53 -23.65
CA ASN A 90 -13.72 -5.63 -24.81
C ASN A 90 -12.52 -5.39 -25.76
N ILE A 91 -11.31 -5.83 -25.42
CA ILE A 91 -10.07 -5.47 -26.11
C ILE A 91 -9.86 -6.24 -27.42
N GLU A 92 -9.51 -5.48 -28.45
CA GLU A 92 -9.26 -5.93 -29.83
C GLU A 92 -7.77 -6.18 -30.13
N ASP A 93 -6.88 -5.43 -29.48
CA ASP A 93 -5.42 -5.55 -29.55
C ASP A 93 -4.85 -5.63 -28.11
N ASN A 94 -4.57 -6.86 -27.66
CA ASN A 94 -4.13 -7.18 -26.29
C ASN A 94 -2.72 -6.67 -25.95
N ASN A 95 -2.50 -6.30 -24.68
CA ASN A 95 -1.32 -5.58 -24.17
C ASN A 95 -1.04 -4.24 -24.90
N ILE A 96 -2.08 -3.65 -25.50
CA ILE A 96 -2.11 -2.40 -26.28
C ILE A 96 -0.97 -2.29 -27.32
N LYS A 97 -0.72 -1.09 -27.84
CA LYS A 97 0.33 -0.79 -28.81
C LYS A 97 1.00 0.53 -28.42
N ASN A 98 2.34 0.56 -28.40
CA ASN A 98 3.13 1.71 -27.97
C ASN A 98 4.07 2.21 -29.08
N ALA A 99 4.41 3.50 -29.05
CA ALA A 99 5.27 4.19 -30.03
C ALA A 99 6.30 5.17 -29.39
N SER A 100 6.38 5.21 -28.05
CA SER A 100 7.44 5.89 -27.26
C SER A 100 7.73 7.34 -27.70
N LEU A 101 6.71 8.22 -27.66
CA LEU A 101 6.76 9.59 -28.20
C LEU A 101 6.33 10.67 -27.19
N VAL A 102 6.77 11.92 -27.40
CA VAL A 102 6.64 13.05 -26.47
C VAL A 102 7.26 12.73 -25.10
N GLN A 103 8.41 12.04 -25.09
CA GLN A 103 9.13 11.58 -23.90
C GLN A 103 10.64 11.87 -23.97
N ILE A 104 11.41 11.52 -22.93
CA ILE A 104 12.81 11.93 -22.76
C ILE A 104 13.78 10.73 -22.67
N ASP A 105 14.94 10.84 -23.34
CA ASP A 105 15.97 9.79 -23.47
C ASP A 105 17.41 10.33 -23.33
N ALA A 106 17.63 11.65 -23.41
CA ALA A 106 18.92 12.33 -23.38
C ALA A 106 19.51 12.43 -21.96
N SER A 107 19.64 11.29 -21.28
CA SER A 107 20.14 11.15 -19.89
C SER A 107 21.62 11.56 -19.75
N ASN A 108 22.03 11.86 -18.51
CA ASN A 108 23.44 12.15 -18.18
C ASN A 108 24.32 10.88 -18.17
N GLU A 109 23.71 9.72 -17.93
CA GLU A 109 24.37 8.41 -17.88
C GLU A 109 23.64 7.36 -18.73
N GLN A 110 24.37 6.29 -19.07
CA GLN A 110 23.83 5.18 -19.87
C GLN A 110 22.67 4.42 -19.20
N SER A 111 21.95 3.66 -20.02
CA SER A 111 20.76 2.88 -19.69
C SER A 111 20.74 1.53 -20.45
N SER A 112 19.85 0.62 -20.03
CA SER A 112 19.64 -0.67 -20.69
C SER A 112 18.90 -0.54 -22.04
N THR A 113 17.93 0.37 -22.14
CA THR A 113 17.16 0.75 -23.35
C THR A 113 16.26 -0.34 -23.97
N SER A 114 15.29 0.07 -24.79
CA SER A 114 14.29 -0.79 -25.46
C SER A 114 13.54 -1.79 -24.54
N SER A 115 13.10 -1.32 -23.37
CA SER A 115 12.39 -2.13 -22.35
C SER A 115 11.36 -1.29 -21.58
N SER A 116 10.25 -1.90 -21.14
CA SER A 116 9.11 -1.16 -20.55
C SER A 116 8.22 -1.93 -19.55
N MET A 117 8.20 -3.26 -19.57
CA MET A 117 7.22 -4.10 -18.84
C MET A 117 5.74 -3.74 -19.12
N ILE A 118 5.46 -3.04 -20.23
CA ILE A 118 4.14 -2.63 -20.74
C ILE A 118 3.21 -2.06 -19.65
N ILE A 119 3.58 -0.92 -19.05
CA ILE A 119 2.83 -0.29 -17.95
C ILE A 119 1.48 0.35 -18.34
N ASP A 120 1.08 0.28 -19.62
CA ASP A 120 -0.27 0.66 -20.08
C ASP A 120 -1.24 -0.54 -20.19
N ALA A 121 -0.78 -1.80 -20.05
CA ALA A 121 -1.65 -2.98 -20.19
C ALA A 121 -2.72 -3.07 -19.07
N GLN A 122 -2.32 -2.83 -17.83
CA GLN A 122 -3.19 -2.79 -16.64
C GLN A 122 -4.39 -1.84 -16.75
N ILE A 123 -4.27 -0.76 -17.54
CA ILE A 123 -5.30 0.26 -17.77
C ILE A 123 -6.63 -0.35 -18.28
N SER A 124 -6.57 -1.46 -19.03
CA SER A 124 -7.80 -2.12 -19.50
C SER A 124 -8.58 -2.87 -18.41
N ASN A 125 -7.93 -3.39 -17.36
CA ASN A 125 -8.63 -3.89 -16.16
C ASN A 125 -9.13 -2.72 -15.29
N ALA A 126 -8.37 -1.62 -15.21
CA ALA A 126 -8.76 -0.40 -14.48
C ALA A 126 -10.04 0.28 -15.04
N LEU A 127 -10.47 -0.08 -16.26
CA LEU A 127 -11.76 0.29 -16.84
C LEU A 127 -12.94 -0.16 -15.94
N ASN A 128 -12.76 -1.25 -15.17
CA ASN A 128 -13.68 -1.80 -14.19
C ASN A 128 -13.30 -1.42 -12.73
N ALA A 129 -12.65 -0.27 -12.50
CA ALA A 129 -12.29 0.19 -11.15
C ALA A 129 -12.23 1.72 -10.98
N GLN A 130 -12.34 2.17 -9.74
CA GLN A 130 -12.10 3.53 -9.28
C GLN A 130 -10.73 3.64 -8.59
N GLN A 131 -10.22 4.87 -8.41
CA GLN A 131 -8.85 5.11 -7.91
C GLN A 131 -8.78 5.98 -6.65
N TYR A 132 -7.69 5.83 -5.88
CA TYR A 132 -7.31 6.73 -4.77
C TYR A 132 -5.87 7.25 -4.86
N LYS A 133 -5.65 8.53 -4.51
CA LYS A 133 -4.32 9.12 -4.29
C LYS A 133 -3.97 9.02 -2.81
N VAL A 134 -2.82 8.42 -2.49
CA VAL A 134 -2.39 8.13 -1.11
C VAL A 134 -0.98 8.67 -0.85
N LEU A 135 -0.71 9.00 0.41
CA LEU A 135 0.61 9.40 0.93
C LEU A 135 0.83 8.73 2.30
N ILE A 136 2.01 8.16 2.53
CA ILE A 136 2.34 7.51 3.80
C ILE A 136 3.74 7.94 4.24
N GLY A 137 3.92 8.38 5.49
CA GLY A 137 5.24 8.82 5.95
C GLY A 137 5.29 9.34 7.38
N ASN A 138 6.40 10.00 7.70
CA ASN A 138 6.75 10.37 9.07
C ASN A 138 5.93 11.58 9.56
N ARG A 139 5.85 11.75 10.89
CA ARG A 139 5.10 12.85 11.53
C ARG A 139 5.62 14.24 11.14
N GLU A 140 6.92 14.36 10.86
CA GLU A 140 7.53 15.61 10.40
C GLU A 140 7.07 15.97 8.97
N TRP A 141 7.10 15.04 8.02
CA TRP A 141 6.71 15.29 6.62
C TRP A 141 5.20 15.52 6.47
N MET A 142 4.38 14.97 7.39
CA MET A 142 2.94 15.21 7.48
C MET A 142 2.60 16.67 7.77
N ILE A 143 3.17 17.27 8.82
CA ILE A 143 2.91 18.69 9.13
C ILE A 143 3.54 19.62 8.08
N ARG A 144 4.65 19.18 7.46
CA ARG A 144 5.27 19.85 6.30
C ARG A 144 4.37 19.85 5.06
N ASN A 145 3.51 18.83 4.86
CA ASN A 145 2.50 18.80 3.80
C ASN A 145 1.34 19.80 3.99
N GLY A 146 1.32 20.57 5.08
CA GLY A 146 0.25 21.53 5.40
C GLY A 146 -0.97 20.91 6.11
N LEU A 147 -0.79 19.71 6.69
CA LEU A 147 -1.79 18.99 7.49
C LEU A 147 -1.76 19.45 8.97
N VAL A 148 -2.26 18.63 9.90
CA VAL A 148 -2.10 18.80 11.36
C VAL A 148 -2.07 17.44 12.07
N ILE A 149 -1.35 17.33 13.19
CA ILE A 149 -1.33 16.13 14.04
C ILE A 149 -1.93 16.38 15.43
N ASN A 150 -2.52 15.32 15.99
CA ASN A 150 -3.10 15.29 17.34
C ASN A 150 -2.07 14.92 18.42
N ASN A 151 -2.19 15.48 19.62
CA ASN A 151 -1.20 15.33 20.70
C ASN A 151 -1.07 13.89 21.22
N ASP A 152 -2.16 13.12 21.22
CA ASP A 152 -2.15 11.72 21.69
C ASP A 152 -1.25 10.82 20.82
N VAL A 153 -1.42 10.92 19.50
CA VAL A 153 -0.58 10.24 18.51
C VAL A 153 0.83 10.85 18.42
N ASN A 154 1.01 12.17 18.62
CA ASN A 154 2.34 12.79 18.61
C ASN A 154 3.23 12.25 19.75
N ASP A 155 2.67 12.16 20.97
CA ASP A 155 3.34 11.64 22.16
C ASP A 155 3.55 10.11 22.09
N PHE A 156 2.63 9.38 21.45
CA PHE A 156 2.78 7.96 21.11
C PHE A 156 3.99 7.72 20.20
N MET A 157 4.13 8.53 19.15
CA MET A 157 5.17 8.37 18.13
C MET A 157 6.57 8.77 18.58
N THR A 158 6.78 9.94 19.18
CA THR A 158 8.15 10.36 19.59
C THR A 158 8.79 9.34 20.55
N GLU A 159 7.97 8.72 21.40
CA GLU A 159 8.35 7.58 22.24
C GLU A 159 8.67 6.34 21.39
N HIS A 160 7.75 5.85 20.57
CA HIS A 160 7.92 4.61 19.79
C HIS A 160 9.14 4.68 18.83
N GLU A 161 9.43 5.86 18.28
CA GLU A 161 10.62 6.13 17.48
C GLU A 161 11.93 6.02 18.30
N ARG A 162 11.97 6.59 19.52
CA ARG A 162 13.12 6.38 20.46
C ARG A 162 13.16 4.98 21.11
N LYS A 163 12.05 4.24 21.09
CA LYS A 163 11.98 2.79 21.44
C LYS A 163 12.56 1.89 20.34
N GLY A 164 12.97 2.48 19.22
CA GLY A 164 13.63 1.82 18.08
C GLY A 164 12.69 0.96 17.23
N ARG A 165 11.41 1.30 17.10
CA ARG A 165 10.39 0.59 16.30
C ARG A 165 9.71 1.56 15.32
N THR A 166 9.10 1.10 14.22
CA THR A 166 8.63 2.00 13.13
C THR A 166 7.24 2.60 13.35
N ALA A 167 7.12 3.93 13.24
CA ALA A 167 5.90 4.71 13.47
C ALA A 167 5.61 5.72 12.33
N VAL A 168 4.48 5.55 11.60
CA VAL A 168 4.11 6.38 10.41
C VAL A 168 2.60 6.68 10.30
N LEU A 169 2.26 7.76 9.60
CA LEU A 169 0.88 8.22 9.33
C LEU A 169 0.47 7.93 7.87
N VAL A 170 -0.85 7.85 7.63
CA VAL A 170 -1.49 7.67 6.32
C VAL A 170 -2.42 8.85 6.02
N ALA A 171 -2.27 9.45 4.83
CA ALA A 171 -3.10 10.52 4.30
C ALA A 171 -3.65 10.18 2.89
N VAL A 172 -4.83 10.70 2.55
CA VAL A 172 -5.56 10.41 1.30
C VAL A 172 -5.99 11.71 0.63
N ASP A 173 -5.52 11.95 -0.60
CA ASP A 173 -5.79 13.19 -1.36
C ASP A 173 -5.59 14.47 -0.52
N ASP A 174 -4.44 14.54 0.17
CA ASP A 174 -4.03 15.56 1.14
C ASP A 174 -5.00 15.76 2.34
N GLU A 175 -5.57 14.67 2.88
CA GLU A 175 -6.41 14.66 4.09
C GLU A 175 -6.00 13.54 5.09
N LEU A 176 -6.08 13.80 6.41
CA LEU A 176 -5.74 12.83 7.47
C LEU A 176 -6.63 11.59 7.43
N CYS A 177 -6.05 10.39 7.65
CA CYS A 177 -6.86 9.17 7.69
C CYS A 177 -6.39 8.03 8.63
N GLY A 178 -5.10 7.86 8.97
CA GLY A 178 -4.69 6.72 9.82
C GLY A 178 -3.25 6.75 10.34
N LEU A 179 -2.89 5.79 11.19
CA LEU A 179 -1.52 5.55 11.67
C LEU A 179 -1.16 4.05 11.83
N ILE A 180 0.13 3.73 11.70
CA ILE A 180 0.68 2.36 11.70
C ILE A 180 1.86 2.25 12.68
N ALA A 181 1.84 1.23 13.55
CA ALA A 181 2.90 0.87 14.50
C ALA A 181 3.40 -0.57 14.26
N ILE A 182 4.70 -0.73 14.01
CA ILE A 182 5.34 -2.00 13.60
C ILE A 182 6.49 -2.34 14.58
N ALA A 183 6.55 -3.59 15.06
CA ALA A 183 7.47 -3.96 16.15
C ALA A 183 7.85 -5.46 16.21
N ASP A 184 9.09 -5.73 16.61
CA ASP A 184 9.59 -7.06 16.99
C ASP A 184 8.97 -7.55 18.30
N THR A 185 8.54 -8.81 18.35
CA THR A 185 8.01 -9.56 19.53
C THR A 185 6.76 -8.95 20.19
N SER A 1 24.04 -5.14 5.40
CA SER A 1 24.36 -6.48 5.92
C SER A 1 23.10 -7.26 6.23
N PHE A 2 22.61 -8.06 5.26
CA PHE A 2 21.31 -8.73 5.36
C PHE A 2 21.24 -9.84 6.42
N THR A 3 22.38 -10.41 6.85
CA THR A 3 22.39 -11.46 7.88
C THR A 3 22.12 -10.95 9.30
N MET A 4 22.17 -9.64 9.52
CA MET A 4 21.83 -9.03 10.80
C MET A 4 20.40 -9.37 11.21
N HIS A 5 20.18 -9.59 12.50
CA HIS A 5 18.91 -10.05 13.05
C HIS A 5 17.89 -8.91 13.16
N GLY A 6 16.61 -9.22 12.98
CA GLY A 6 15.50 -8.26 13.10
C GLY A 6 14.60 -8.21 11.87
N THR A 7 13.31 -8.44 12.07
CA THR A 7 12.25 -8.45 11.05
C THR A 7 10.98 -7.81 11.63
N PRO A 8 10.72 -6.52 11.35
CA PRO A 8 9.56 -5.79 11.86
C PRO A 8 8.21 -6.41 11.46
N VAL A 9 7.24 -6.37 12.36
CA VAL A 9 5.86 -6.83 12.15
C VAL A 9 4.86 -5.78 12.63
N VAL A 10 3.69 -5.70 11.99
CA VAL A 10 2.67 -4.69 12.35
C VAL A 10 2.06 -5.07 13.70
N ASN A 11 2.12 -4.15 14.65
CA ASN A 11 1.72 -4.40 16.03
C ASN A 11 0.37 -3.75 16.36
N GLN A 12 0.13 -2.49 15.93
CA GLN A 12 -1.10 -1.73 16.19
C GLN A 12 -1.40 -0.72 15.07
N VAL A 13 -2.68 -0.51 14.73
CA VAL A 13 -3.12 0.58 13.83
C VAL A 13 -4.28 1.37 14.44
N LYS A 14 -4.30 2.69 14.26
CA LYS A 14 -5.37 3.59 14.71
C LYS A 14 -5.90 4.47 13.59
N VAL A 15 -7.22 4.63 13.52
CA VAL A 15 -7.88 5.53 12.54
C VAL A 15 -7.75 6.99 12.99
N LEU A 16 -7.61 7.92 12.04
CA LEU A 16 -7.52 9.37 12.24
C LEU A 16 -8.60 10.13 11.44
N THR A 17 -9.67 9.45 11.06
CA THR A 17 -10.85 9.97 10.33
C THR A 17 -12.11 9.21 10.73
N GLU A 18 -13.26 9.70 10.26
CA GLU A 18 -14.54 8.99 10.26
C GLU A 18 -15.00 8.75 8.81
N SER A 19 -16.02 7.90 8.63
CA SER A 19 -16.50 7.44 7.32
C SER A 19 -16.93 8.54 6.35
N ASN A 20 -17.18 9.77 6.82
CA ASN A 20 -17.55 10.94 6.01
C ASN A 20 -16.71 11.05 4.72
N ARG A 21 -15.38 10.98 4.84
CA ARG A 21 -14.46 11.08 3.70
C ARG A 21 -13.91 9.74 3.21
N ILE A 22 -13.51 8.85 4.12
CA ILE A 22 -13.16 7.44 3.84
C ILE A 22 -13.33 6.57 5.09
N SER A 23 -13.82 5.34 4.94
CA SER A 23 -14.02 4.38 6.02
C SER A 23 -12.77 3.55 6.36
N HIS A 24 -12.64 3.10 7.62
CA HIS A 24 -11.42 2.51 8.17
C HIS A 24 -10.92 1.18 7.56
N HIS A 25 -11.81 0.23 7.27
CA HIS A 25 -11.43 -1.02 6.60
C HIS A 25 -11.03 -0.78 5.13
N LYS A 26 -11.62 0.23 4.47
CA LYS A 26 -11.21 0.67 3.13
C LYS A 26 -9.80 1.23 3.13
N ILE A 27 -9.43 2.01 4.14
CA ILE A 27 -8.09 2.57 4.32
C ILE A 27 -7.05 1.45 4.54
N LEU A 28 -7.32 0.49 5.44
CA LEU A 28 -6.35 -0.61 5.68
C LEU A 28 -6.23 -1.55 4.47
N ALA A 29 -7.32 -1.77 3.71
CA ALA A 29 -7.26 -2.46 2.41
C ALA A 29 -6.37 -1.71 1.41
N ILE A 30 -6.66 -0.46 1.08
CA ILE A 30 -5.91 0.25 0.03
C ILE A 30 -4.44 0.50 0.41
N VAL A 31 -4.13 0.79 1.68
CA VAL A 31 -2.73 0.86 2.14
C VAL A 31 -2.07 -0.52 2.08
N GLY A 32 -2.72 -1.55 2.64
CA GLY A 32 -2.11 -2.88 2.76
C GLY A 32 -1.89 -3.57 1.42
N THR A 33 -2.81 -3.37 0.47
CA THR A 33 -2.69 -3.86 -0.91
C THR A 33 -1.73 -3.01 -1.76
N ALA A 34 -1.61 -1.70 -1.51
CA ALA A 34 -0.55 -0.88 -2.13
C ALA A 34 0.86 -1.27 -1.64
N GLU A 35 0.99 -1.74 -0.39
CA GLU A 35 2.27 -2.10 0.24
C GLU A 35 2.74 -3.52 -0.17
N SER A 36 2.08 -4.10 -1.16
CA SER A 36 2.47 -5.34 -1.86
C SER A 36 3.67 -5.16 -2.81
N ASN A 37 4.19 -3.93 -2.91
CA ASN A 37 5.37 -3.52 -3.67
C ASN A 37 6.67 -3.78 -2.89
N SER A 38 7.79 -4.02 -3.57
CA SER A 38 9.10 -4.29 -2.95
C SER A 38 9.82 -3.01 -2.48
N GLU A 39 9.50 -2.56 -1.27
CA GLU A 39 9.97 -1.30 -0.69
C GLU A 39 10.88 -1.51 0.54
N HIS A 40 10.34 -1.63 1.74
CA HIS A 40 11.10 -1.81 3.00
C HIS A 40 10.71 -3.14 3.69
N PRO A 41 11.49 -3.61 4.69
CA PRO A 41 11.19 -4.84 5.44
C PRO A 41 9.84 -4.84 6.18
N LEU A 42 9.17 -3.68 6.25
CA LEU A 42 7.86 -3.48 6.88
C LEU A 42 6.70 -3.87 5.94
N GLY A 43 6.91 -3.85 4.62
CA GLY A 43 5.83 -3.99 3.63
C GLY A 43 5.18 -5.38 3.60
N THR A 44 5.98 -6.45 3.60
CA THR A 44 5.50 -7.84 3.71
C THR A 44 4.64 -8.04 4.96
N ALA A 45 5.04 -7.43 6.08
CA ALA A 45 4.29 -7.44 7.34
C ALA A 45 2.96 -6.67 7.26
N ILE A 46 2.93 -5.51 6.61
CA ILE A 46 1.69 -4.75 6.35
C ILE A 46 0.73 -5.54 5.47
N THR A 47 1.20 -6.04 4.32
CA THR A 47 0.30 -6.69 3.36
C THR A 47 -0.32 -7.97 3.95
N LYS A 48 0.46 -8.78 4.70
CA LYS A 48 -0.06 -9.90 5.49
C LYS A 48 -1.04 -9.46 6.59
N TYR A 49 -0.77 -8.36 7.29
CA TYR A 49 -1.68 -7.83 8.31
C TYR A 49 -3.07 -7.54 7.73
N CYS A 50 -3.13 -6.84 6.59
CA CYS A 50 -4.39 -6.50 5.92
C CYS A 50 -5.08 -7.68 5.22
N LYS A 51 -4.34 -8.56 4.51
CA LYS A 51 -4.93 -9.76 3.87
C LYS A 51 -5.57 -10.70 4.90
N GLN A 52 -4.96 -10.85 6.07
CA GLN A 52 -5.53 -11.61 7.18
C GLN A 52 -6.73 -10.91 7.81
N GLU A 53 -6.77 -9.57 7.86
CA GLU A 53 -7.93 -8.80 8.34
C GLU A 53 -9.21 -9.08 7.53
N LEU A 54 -9.08 -9.38 6.22
CA LEU A 54 -10.18 -9.84 5.35
C LEU A 54 -10.41 -11.36 5.40
N ASP A 55 -9.45 -12.10 5.97
CA ASP A 55 -9.30 -13.55 5.90
C ASP A 55 -9.35 -14.08 4.46
N THR A 56 -8.81 -13.30 3.53
CA THR A 56 -8.81 -13.60 2.09
C THR A 56 -7.55 -14.34 1.64
N GLU A 57 -7.62 -14.97 0.47
CA GLU A 57 -6.45 -15.44 -0.29
C GLU A 57 -6.35 -14.73 -1.65
N THR A 58 -7.15 -13.68 -1.86
CA THR A 58 -7.31 -12.96 -3.12
C THR A 58 -7.55 -11.45 -2.90
N LEU A 59 -6.64 -10.63 -3.40
CA LEU A 59 -6.71 -9.15 -3.32
C LEU A 59 -5.85 -8.49 -4.40
N GLY A 60 -6.03 -7.18 -4.61
CA GLY A 60 -5.20 -6.39 -5.50
C GLY A 60 -5.66 -4.96 -5.75
N THR A 61 -4.70 -4.08 -6.00
CA THR A 61 -4.86 -2.65 -6.29
C THR A 61 -3.73 -2.18 -7.21
N CYS A 62 -4.06 -1.54 -8.33
CA CYS A 62 -3.08 -0.91 -9.21
C CYS A 62 -2.60 0.42 -8.59
N ILE A 63 -1.31 0.75 -8.70
CA ILE A 63 -0.64 1.81 -7.95
C ILE A 63 0.39 2.59 -8.77
N ASP A 64 0.33 3.93 -8.76
CA ASP A 64 1.42 4.80 -9.25
C ASP A 64 2.39 4.99 -8.07
N PHE A 65 3.10 3.93 -7.69
CA PHE A 65 3.87 3.85 -6.45
C PHE A 65 5.21 4.61 -6.52
N GLN A 66 5.48 5.46 -5.53
CA GLN A 66 6.72 6.22 -5.38
C GLN A 66 7.25 6.09 -3.94
N VAL A 67 8.56 5.88 -3.76
CA VAL A 67 9.21 5.65 -2.46
C VAL A 67 10.29 6.70 -2.18
N VAL A 68 10.25 7.31 -1.00
CA VAL A 68 11.32 8.16 -0.45
C VAL A 68 11.88 7.47 0.79
N PRO A 69 13.12 6.95 0.77
CA PRO A 69 13.68 6.15 1.87
C PRO A 69 13.90 7.01 3.12
N GLY A 70 13.04 6.81 4.11
CA GLY A 70 13.07 7.52 5.40
C GLY A 70 12.21 8.78 5.46
N CYS A 71 11.36 9.04 4.46
CA CYS A 71 10.34 10.10 4.52
C CYS A 71 8.91 9.55 4.36
N GLY A 72 8.70 8.67 3.36
CA GLY A 72 7.41 8.01 3.13
C GLY A 72 7.21 7.55 1.68
N ILE A 73 6.04 6.98 1.42
CA ILE A 73 5.54 6.57 0.10
C ILE A 73 4.40 7.50 -0.32
N SER A 74 4.25 7.68 -1.64
CA SER A 74 3.10 8.38 -2.25
C SER A 74 2.62 7.55 -3.44
N CYS A 75 1.34 7.18 -3.48
CA CYS A 75 0.77 6.39 -4.58
C CYS A 75 -0.65 6.82 -4.99
N LYS A 76 -1.09 6.39 -6.18
CA LYS A 76 -2.46 6.60 -6.64
C LYS A 76 -3.04 5.20 -6.73
N VAL A 77 -4.14 4.88 -6.03
CA VAL A 77 -4.60 3.50 -5.83
C VAL A 77 -6.04 3.26 -6.33
N THR A 78 -6.29 2.09 -6.92
CA THR A 78 -7.58 1.74 -7.55
C THR A 78 -7.89 0.24 -7.41
N ASN A 79 -8.93 -0.25 -8.12
CA ASN A 79 -9.45 -1.63 -8.10
C ASN A 79 -10.35 -1.95 -6.89
N ILE A 80 -10.90 -0.91 -6.24
CA ILE A 80 -11.68 -1.02 -5.00
C ILE A 80 -12.89 -1.95 -5.17
N GLU A 81 -13.77 -1.73 -6.15
CA GLU A 81 -14.86 -2.66 -6.49
C GLU A 81 -14.41 -3.85 -7.36
N GLY A 82 -13.29 -3.74 -8.09
CA GLY A 82 -12.69 -4.76 -8.96
C GLY A 82 -12.36 -6.14 -8.37
N LEU A 83 -12.72 -6.44 -7.12
CA LEU A 83 -12.64 -7.78 -6.52
C LEU A 83 -13.79 -8.72 -6.91
N LEU A 84 -14.48 -8.40 -8.03
CA LEU A 84 -15.43 -9.27 -8.73
C LEU A 84 -14.70 -10.40 -9.49
N HIS A 85 -15.42 -11.31 -10.15
CA HIS A 85 -14.77 -12.24 -11.08
C HIS A 85 -14.21 -11.44 -12.28
N LYS A 86 -12.97 -11.76 -12.69
CA LYS A 86 -12.17 -10.98 -13.65
C LYS A 86 -12.94 -10.47 -14.85
N ASN A 87 -12.78 -9.18 -15.18
CA ASN A 87 -13.30 -8.63 -16.43
C ASN A 87 -12.71 -9.39 -17.63
N ASN A 88 -13.58 -10.05 -18.40
CA ASN A 88 -13.20 -10.90 -19.53
C ASN A 88 -13.89 -10.47 -20.83
N TRP A 89 -13.18 -10.68 -21.93
CA TRP A 89 -13.47 -10.16 -23.27
C TRP A 89 -13.34 -8.63 -23.30
N ASN A 90 -13.92 -7.95 -24.29
CA ASN A 90 -13.92 -6.48 -24.48
C ASN A 90 -12.55 -5.85 -24.84
N ILE A 91 -11.46 -6.51 -24.42
CA ILE A 91 -10.05 -6.21 -24.72
C ILE A 91 -9.66 -6.69 -26.13
N GLU A 92 -10.47 -7.52 -26.80
CA GLU A 92 -10.17 -8.27 -28.04
C GLU A 92 -9.03 -9.30 -27.90
N ASP A 93 -7.92 -8.95 -27.23
CA ASP A 93 -6.80 -9.84 -26.92
C ASP A 93 -6.72 -10.14 -25.41
N ASN A 94 -7.70 -10.93 -24.96
CA ASN A 94 -7.93 -11.33 -23.57
C ASN A 94 -7.10 -12.58 -23.18
N ASN A 95 -5.91 -12.79 -23.77
CA ASN A 95 -5.06 -13.97 -23.54
C ASN A 95 -3.55 -13.68 -23.59
N ILE A 96 -2.76 -14.56 -22.95
CA ILE A 96 -1.30 -14.61 -23.05
C ILE A 96 -0.82 -15.19 -24.39
N LYS A 97 0.45 -14.94 -24.75
CA LYS A 97 1.13 -15.53 -25.91
C LYS A 97 2.43 -16.24 -25.50
N ASN A 98 2.72 -17.35 -26.18
CA ASN A 98 3.98 -18.10 -26.14
C ASN A 98 4.94 -17.59 -27.24
N ALA A 99 6.24 -17.56 -26.96
CA ALA A 99 7.31 -17.14 -27.88
C ALA A 99 8.54 -18.05 -27.81
N SER A 100 9.57 -17.75 -28.62
CA SER A 100 10.80 -18.54 -28.76
C SER A 100 12.06 -17.67 -28.84
N LEU A 101 13.23 -18.32 -28.89
CA LEU A 101 14.52 -17.72 -29.24
C LEU A 101 14.95 -18.23 -30.63
N VAL A 102 15.70 -17.39 -31.34
CA VAL A 102 16.16 -17.67 -32.71
C VAL A 102 17.66 -17.36 -32.87
N GLN A 103 18.17 -16.36 -32.15
CA GLN A 103 19.59 -15.98 -32.10
C GLN A 103 20.42 -16.94 -31.20
N ILE A 104 20.35 -18.23 -31.54
CA ILE A 104 20.93 -19.38 -30.83
C ILE A 104 22.20 -19.84 -31.56
N ASP A 105 23.27 -20.10 -30.81
CA ASP A 105 24.62 -20.37 -31.34
C ASP A 105 25.25 -21.66 -30.76
N ALA A 106 24.90 -22.04 -29.52
CA ALA A 106 25.57 -23.13 -28.79
C ALA A 106 24.60 -24.10 -28.08
N SER A 107 23.80 -23.63 -27.11
CA SER A 107 22.86 -24.47 -26.34
C SER A 107 21.58 -23.76 -25.85
N ASN A 108 21.46 -22.46 -26.15
CA ASN A 108 20.47 -21.51 -25.68
C ASN A 108 20.39 -21.28 -24.15
N GLU A 109 20.18 -20.01 -23.78
CA GLU A 109 19.84 -19.58 -22.42
C GLU A 109 19.04 -18.27 -22.46
N GLN A 110 18.23 -18.00 -21.43
CA GLN A 110 17.56 -16.70 -21.23
C GLN A 110 17.37 -16.38 -19.75
N SER A 111 16.95 -15.15 -19.46
CA SER A 111 16.66 -14.65 -18.12
C SER A 111 15.29 -13.97 -18.11
N SER A 112 14.24 -14.71 -17.76
CA SER A 112 12.84 -14.25 -17.68
C SER A 112 12.34 -13.42 -18.88
N THR A 113 12.39 -13.95 -20.10
CA THR A 113 11.74 -13.33 -21.27
C THR A 113 10.24 -13.69 -21.37
N SER A 114 9.41 -12.77 -21.87
CA SER A 114 7.96 -12.95 -22.04
C SER A 114 7.39 -12.16 -23.23
N SER A 115 6.30 -12.67 -23.81
CA SER A 115 5.51 -11.93 -24.80
C SER A 115 4.82 -10.71 -24.20
N SER A 116 4.38 -10.77 -22.94
CA SER A 116 3.71 -9.68 -22.22
C SER A 116 2.52 -9.08 -23.01
N MET A 117 1.76 -9.93 -23.72
CA MET A 117 0.73 -9.53 -24.68
C MET A 117 -0.59 -9.08 -24.02
N ILE A 118 -0.82 -9.48 -22.77
CA ILE A 118 -1.93 -9.01 -21.94
C ILE A 118 -1.37 -8.40 -20.64
N ILE A 119 -1.42 -7.07 -20.57
CA ILE A 119 -0.97 -6.25 -19.44
C ILE A 119 -1.92 -5.10 -19.09
N ASP A 120 -2.96 -4.86 -19.90
CA ASP A 120 -4.01 -3.86 -19.65
C ASP A 120 -5.18 -4.41 -18.81
N ALA A 121 -5.23 -5.72 -18.57
CA ALA A 121 -6.35 -6.38 -17.90
C ALA A 121 -6.50 -5.88 -16.45
N GLN A 122 -5.40 -5.70 -15.72
CA GLN A 122 -5.42 -5.16 -14.35
C GLN A 122 -6.09 -3.77 -14.25
N ILE A 123 -5.82 -2.91 -15.24
CA ILE A 123 -6.38 -1.55 -15.35
C ILE A 123 -7.84 -1.60 -15.83
N SER A 124 -8.13 -2.49 -16.78
CA SER A 124 -9.45 -2.70 -17.38
C SER A 124 -10.44 -3.42 -16.44
N ASN A 125 -9.94 -4.17 -15.46
CA ASN A 125 -10.70 -4.74 -14.36
C ASN A 125 -10.97 -3.68 -13.28
N ALA A 126 -9.95 -2.90 -12.92
CA ALA A 126 -10.05 -1.81 -11.95
C ALA A 126 -10.97 -0.65 -12.40
N LEU A 127 -11.23 -0.54 -13.70
CA LEU A 127 -12.09 0.46 -14.34
C LEU A 127 -13.48 0.60 -13.71
N ASN A 128 -14.02 -0.46 -13.08
CA ASN A 128 -15.32 -0.41 -12.36
C ASN A 128 -15.32 0.44 -11.09
N ALA A 129 -14.15 0.94 -10.65
CA ALA A 129 -13.97 1.73 -9.44
C ALA A 129 -13.45 3.15 -9.73
N GLN A 130 -13.53 4.00 -8.72
CA GLN A 130 -12.88 5.31 -8.67
C GLN A 130 -11.40 5.16 -8.27
N GLN A 131 -10.64 6.26 -8.33
CA GLN A 131 -9.24 6.29 -7.87
C GLN A 131 -9.12 7.05 -6.54
N TYR A 132 -8.14 6.67 -5.70
CA TYR A 132 -7.74 7.40 -4.50
C TYR A 132 -6.29 7.87 -4.58
N LYS A 133 -6.05 9.16 -4.33
CA LYS A 133 -4.69 9.70 -4.16
C LYS A 133 -4.28 9.55 -2.69
N VAL A 134 -3.17 8.84 -2.40
CA VAL A 134 -2.80 8.49 -1.02
C VAL A 134 -1.30 8.66 -0.73
N LEU A 135 -0.97 8.89 0.55
CA LEU A 135 0.40 9.06 1.06
C LEU A 135 0.52 8.37 2.42
N ILE A 136 1.62 7.62 2.64
CA ILE A 136 1.91 6.96 3.91
C ILE A 136 3.37 7.19 4.32
N GLY A 137 3.63 7.82 5.46
CA GLY A 137 5.00 8.19 5.85
C GLY A 137 5.15 8.74 7.26
N ASN A 138 6.39 9.07 7.61
CA ASN A 138 6.74 9.56 8.94
C ASN A 138 6.17 10.97 9.24
N ARG A 139 6.11 11.32 10.52
CA ARG A 139 5.49 12.56 11.01
C ARG A 139 6.15 13.84 10.51
N GLU A 140 7.47 13.84 10.28
CA GLU A 140 8.19 15.05 9.80
C GLU A 140 7.83 15.40 8.35
N TRP A 141 7.60 14.40 7.50
CA TRP A 141 7.12 14.58 6.13
C TRP A 141 5.60 14.82 6.10
N MET A 142 4.87 14.27 7.07
CA MET A 142 3.44 14.58 7.27
C MET A 142 3.21 16.06 7.61
N ILE A 143 4.07 16.69 8.42
CA ILE A 143 3.99 18.15 8.61
C ILE A 143 4.56 18.94 7.42
N ARG A 144 5.49 18.40 6.63
CA ARG A 144 5.93 18.99 5.35
C ARG A 144 4.76 19.16 4.37
N ASN A 145 3.84 18.19 4.34
CA ASN A 145 2.58 18.27 3.59
C ASN A 145 1.61 19.39 4.05
N GLY A 146 1.86 20.08 5.17
CA GLY A 146 0.93 21.10 5.70
C GLY A 146 -0.32 20.52 6.39
N LEU A 147 -0.30 19.22 6.74
CA LEU A 147 -1.41 18.49 7.35
C LEU A 147 -1.53 18.71 8.88
N VAL A 148 -0.49 19.26 9.52
CA VAL A 148 -0.26 19.35 10.97
C VAL A 148 -0.42 17.99 11.68
N ILE A 149 -0.39 17.96 13.01
CA ILE A 149 -0.64 16.75 13.81
C ILE A 149 -1.38 17.09 15.11
N ASN A 150 -2.12 16.14 15.66
CA ASN A 150 -2.71 16.23 17.00
C ASN A 150 -1.72 15.75 18.08
N ASN A 151 -1.81 16.33 19.28
CA ASN A 151 -0.83 16.15 20.35
C ASN A 151 -0.80 14.72 20.92
N ASP A 152 -1.96 14.07 21.05
CA ASP A 152 -2.12 12.72 21.63
C ASP A 152 -1.47 11.61 20.79
N VAL A 153 -1.62 11.71 19.47
CA VAL A 153 -0.99 10.83 18.48
C VAL A 153 0.50 11.13 18.36
N ASN A 154 0.91 12.40 18.33
CA ASN A 154 2.33 12.75 18.26
C ASN A 154 3.11 12.29 19.51
N ASP A 155 2.50 12.41 20.69
CA ASP A 155 3.05 11.96 21.98
C ASP A 155 3.24 10.42 22.02
N PHE A 156 2.30 9.68 21.43
CA PHE A 156 2.38 8.22 21.27
C PHE A 156 3.46 7.80 20.25
N MET A 157 3.56 8.52 19.12
CA MET A 157 4.59 8.29 18.10
C MET A 157 6.00 8.46 18.63
N THR A 158 6.24 9.55 19.37
CA THR A 158 7.52 9.84 20.02
C THR A 158 8.03 8.64 20.82
N GLU A 159 7.17 8.02 21.61
CA GLU A 159 7.52 6.91 22.50
C GLU A 159 7.91 5.64 21.73
N HIS A 160 7.18 5.31 20.66
CA HIS A 160 7.50 4.12 19.87
C HIS A 160 8.79 4.30 19.07
N GLU A 161 8.99 5.47 18.48
CA GLU A 161 10.23 5.87 17.82
C GLU A 161 11.43 5.84 18.81
N ARG A 162 11.21 6.22 20.08
CA ARG A 162 12.20 6.15 21.16
C ARG A 162 12.54 4.72 21.59
N LYS A 163 11.58 3.79 21.50
CA LYS A 163 11.76 2.34 21.72
C LYS A 163 12.40 1.62 20.51
N GLY A 164 12.79 2.36 19.47
CA GLY A 164 13.43 1.83 18.27
C GLY A 164 12.47 1.20 17.25
N ARG A 165 11.16 1.33 17.46
CA ARG A 165 10.09 0.88 16.55
C ARG A 165 9.89 1.91 15.43
N THR A 166 9.14 1.57 14.39
CA THR A 166 8.76 2.53 13.32
C THR A 166 7.30 2.93 13.43
N ALA A 167 7.01 4.22 13.35
CA ALA A 167 5.67 4.80 13.42
C ALA A 167 5.40 5.73 12.22
N VAL A 168 4.31 5.50 11.49
CA VAL A 168 3.93 6.25 10.26
C VAL A 168 2.45 6.63 10.23
N LEU A 169 2.12 7.74 9.58
CA LEU A 169 0.76 8.24 9.35
C LEU A 169 0.28 7.95 7.91
N VAL A 170 -1.04 8.01 7.72
CA VAL A 170 -1.75 7.80 6.45
C VAL A 170 -2.62 9.02 6.16
N ALA A 171 -2.62 9.50 4.90
CA ALA A 171 -3.52 10.54 4.40
C ALA A 171 -4.08 10.22 3.00
N VAL A 172 -5.32 10.65 2.74
CA VAL A 172 -6.09 10.38 1.51
C VAL A 172 -6.66 11.67 0.94
N ASP A 173 -6.26 12.01 -0.29
CA ASP A 173 -6.59 13.26 -0.98
C ASP A 173 -6.36 14.51 -0.10
N ASP A 174 -5.25 14.49 0.65
CA ASP A 174 -4.78 15.50 1.61
C ASP A 174 -5.59 15.59 2.92
N GLU A 175 -6.42 14.58 3.22
CA GLU A 175 -7.12 14.40 4.49
C GLU A 175 -6.41 13.41 5.42
N LEU A 176 -6.26 13.74 6.71
CA LEU A 176 -5.81 12.81 7.76
C LEU A 176 -6.69 11.56 7.76
N CYS A 177 -6.09 10.37 7.87
CA CYS A 177 -6.90 9.16 8.00
C CYS A 177 -6.37 8.01 8.87
N GLY A 178 -5.07 7.93 9.22
CA GLY A 178 -4.65 6.85 10.13
C GLY A 178 -3.19 6.90 10.56
N LEU A 179 -2.80 5.96 11.42
CA LEU A 179 -1.40 5.66 11.77
C LEU A 179 -1.17 4.16 11.97
N ILE A 180 0.08 3.73 11.74
CA ILE A 180 0.55 2.34 11.82
C ILE A 180 1.80 2.30 12.70
N ALA A 181 1.82 1.41 13.70
CA ALA A 181 2.96 1.14 14.57
C ALA A 181 3.49 -0.29 14.31
N ILE A 182 4.79 -0.39 14.07
CA ILE A 182 5.47 -1.60 13.58
C ILE A 182 6.71 -1.88 14.45
N ALA A 183 6.94 -3.14 14.84
CA ALA A 183 7.97 -3.52 15.81
C ALA A 183 8.67 -4.84 15.44
N ASP A 184 9.98 -4.95 15.65
CA ASP A 184 10.66 -6.24 15.54
C ASP A 184 10.21 -7.21 16.64
N THR A 185 10.09 -8.50 16.30
CA THR A 185 9.65 -9.61 17.16
C THR A 185 10.44 -10.87 16.83
N SER A 1 19.71 -19.07 -2.81
CA SER A 1 19.21 -19.60 -1.53
C SER A 1 20.03 -19.07 -0.36
N PHE A 2 19.53 -17.98 0.25
CA PHE A 2 20.07 -17.40 1.49
C PHE A 2 18.92 -17.02 2.42
N THR A 3 19.22 -16.59 3.65
CA THR A 3 18.21 -16.16 4.64
C THR A 3 18.63 -14.86 5.32
N MET A 4 17.68 -13.97 5.52
CA MET A 4 17.85 -12.69 6.22
C MET A 4 17.41 -12.82 7.68
N HIS A 5 18.30 -12.51 8.62
CA HIS A 5 18.01 -12.46 10.05
C HIS A 5 18.14 -11.02 10.58
N GLY A 6 17.46 -10.69 11.67
CA GLY A 6 17.37 -9.31 12.17
C GLY A 6 16.51 -8.43 11.26
N THR A 7 15.31 -8.89 10.96
CA THR A 7 14.39 -8.33 9.97
C THR A 7 13.26 -7.48 10.59
N PRO A 8 12.70 -6.48 9.89
CA PRO A 8 11.58 -5.67 10.40
C PRO A 8 10.28 -6.45 10.62
N VAL A 9 9.39 -5.93 11.49
CA VAL A 9 8.06 -6.48 11.82
C VAL A 9 7.06 -5.37 12.14
N VAL A 10 5.75 -5.65 12.05
CA VAL A 10 4.68 -4.69 12.42
C VAL A 10 4.10 -5.01 13.80
N ASN A 11 4.00 -3.99 14.67
CA ASN A 11 3.59 -4.13 16.07
C ASN A 11 2.13 -3.71 16.31
N GLN A 12 1.71 -2.54 15.81
CA GLN A 12 0.35 -1.98 15.95
C GLN A 12 -0.07 -1.17 14.72
N VAL A 13 -1.34 -1.28 14.31
CA VAL A 13 -1.98 -0.40 13.31
C VAL A 13 -3.30 0.15 13.85
N LYS A 14 -3.57 1.44 13.64
CA LYS A 14 -4.76 2.13 14.18
C LYS A 14 -5.36 3.16 13.22
N VAL A 15 -6.68 3.32 13.24
CA VAL A 15 -7.41 4.37 12.50
C VAL A 15 -7.34 5.74 13.23
N LEU A 16 -7.48 6.82 12.47
CA LEU A 16 -7.36 8.22 12.91
C LEU A 16 -8.45 9.15 12.32
N THR A 17 -9.50 8.61 11.70
CA THR A 17 -10.68 9.39 11.27
C THR A 17 -11.98 8.58 11.40
N GLU A 18 -13.08 9.24 11.77
CA GLU A 18 -14.38 8.59 11.97
C GLU A 18 -15.34 8.75 10.79
N SER A 19 -15.45 9.96 10.22
CA SER A 19 -16.52 10.30 9.26
C SER A 19 -16.10 11.17 8.05
N ASN A 20 -14.81 11.24 7.73
CA ASN A 20 -14.32 12.08 6.62
C ASN A 20 -14.34 11.29 5.28
N ARG A 21 -13.35 11.46 4.39
CA ARG A 21 -13.33 10.82 3.06
C ARG A 21 -13.43 9.29 3.07
N ILE A 22 -12.87 8.66 4.11
CA ILE A 22 -12.64 7.22 4.24
C ILE A 22 -13.10 6.68 5.60
N SER A 23 -13.41 5.38 5.65
CA SER A 23 -13.78 4.61 6.86
C SER A 23 -12.78 3.49 7.18
N HIS A 24 -12.78 2.96 8.41
CA HIS A 24 -11.81 1.99 8.94
C HIS A 24 -11.46 0.80 8.01
N HIS A 25 -12.44 0.05 7.49
CA HIS A 25 -12.18 -1.09 6.61
C HIS A 25 -11.60 -0.65 5.27
N LYS A 26 -12.10 0.46 4.73
CA LYS A 26 -11.68 1.04 3.44
C LYS A 26 -10.27 1.63 3.49
N ILE A 27 -9.81 2.10 4.66
CA ILE A 27 -8.43 2.51 4.95
C ILE A 27 -7.50 1.29 5.05
N LEU A 28 -7.93 0.25 5.80
CA LEU A 28 -7.15 -0.97 5.99
C LEU A 28 -6.92 -1.70 4.66
N ALA A 29 -7.94 -1.73 3.80
CA ALA A 29 -7.83 -2.21 2.41
C ALA A 29 -6.78 -1.44 1.60
N ILE A 30 -6.92 -0.12 1.41
CA ILE A 30 -5.98 0.62 0.54
C ILE A 30 -4.53 0.57 1.05
N VAL A 31 -4.30 0.64 2.36
CA VAL A 31 -2.97 0.43 2.96
C VAL A 31 -2.43 -0.97 2.65
N GLY A 32 -3.20 -2.01 3.00
CA GLY A 32 -2.73 -3.39 2.87
C GLY A 32 -2.56 -3.87 1.43
N THR A 33 -3.40 -3.38 0.52
CA THR A 33 -3.33 -3.69 -0.92
C THR A 33 -2.21 -2.94 -1.63
N ALA A 34 -1.91 -1.68 -1.25
CA ALA A 34 -0.72 -0.98 -1.76
C ALA A 34 0.58 -1.66 -1.29
N GLU A 35 0.63 -2.10 -0.02
CA GLU A 35 1.73 -2.89 0.55
C GLU A 35 1.76 -4.36 0.05
N SER A 36 0.82 -4.77 -0.79
CA SER A 36 0.83 -6.04 -1.52
C SER A 36 1.80 -6.04 -2.72
N ASN A 37 2.48 -4.91 -2.97
CA ASN A 37 3.59 -4.79 -3.91
C ASN A 37 4.79 -5.68 -3.51
N SER A 38 5.74 -5.90 -4.41
CA SER A 38 6.89 -6.75 -4.11
C SER A 38 7.98 -5.94 -3.43
N GLU A 39 8.10 -6.09 -2.11
CA GLU A 39 9.14 -5.48 -1.31
C GLU A 39 9.61 -6.37 -0.14
N HIS A 40 10.55 -5.83 0.61
CA HIS A 40 11.17 -6.37 1.83
C HIS A 40 10.13 -6.64 2.97
N PRO A 41 10.53 -7.26 4.11
CA PRO A 41 9.61 -7.79 5.13
C PRO A 41 8.55 -6.89 5.81
N LEU A 42 8.38 -5.62 5.44
CA LEU A 42 7.24 -4.81 5.89
C LEU A 42 5.99 -5.06 5.01
N GLY A 43 6.10 -4.89 3.70
CA GLY A 43 4.96 -4.99 2.78
C GLY A 43 4.29 -6.36 2.82
N THR A 44 5.08 -7.43 2.64
CA THR A 44 4.58 -8.82 2.71
C THR A 44 3.89 -9.15 4.04
N ALA A 45 4.45 -8.65 5.15
CA ALA A 45 3.86 -8.82 6.47
C ALA A 45 2.54 -8.04 6.63
N ILE A 46 2.45 -6.81 6.09
CA ILE A 46 1.23 -6.00 6.07
C ILE A 46 0.14 -6.68 5.23
N THR A 47 0.41 -7.04 3.98
CA THR A 47 -0.63 -7.67 3.12
C THR A 47 -1.14 -8.97 3.75
N LYS A 48 -0.27 -9.86 4.24
CA LYS A 48 -0.69 -11.11 4.88
C LYS A 48 -1.47 -10.90 6.18
N TYR A 49 -1.18 -9.87 6.98
CA TYR A 49 -1.99 -9.48 8.14
C TYR A 49 -3.35 -8.91 7.69
N CYS A 50 -3.35 -7.94 6.77
CA CYS A 50 -4.57 -7.27 6.30
C CYS A 50 -5.53 -8.26 5.61
N LYS A 51 -5.01 -9.16 4.76
CA LYS A 51 -5.77 -10.25 4.12
C LYS A 51 -6.47 -11.15 5.14
N GLN A 52 -5.77 -11.49 6.23
CA GLN A 52 -6.32 -12.27 7.34
C GLN A 52 -7.43 -11.45 8.06
N GLU A 53 -7.23 -10.17 8.31
CA GLU A 53 -8.24 -9.25 8.86
C GLU A 53 -9.44 -9.00 7.93
N LEU A 54 -9.30 -9.16 6.61
CA LEU A 54 -10.42 -9.17 5.65
C LEU A 54 -11.09 -10.55 5.58
N ASP A 55 -10.42 -11.60 6.05
CA ASP A 55 -10.76 -13.02 5.89
C ASP A 55 -10.76 -13.50 4.42
N THR A 56 -10.09 -12.75 3.55
CA THR A 56 -10.10 -12.87 2.07
C THR A 56 -8.95 -13.74 1.53
N GLU A 57 -8.90 -13.88 0.20
CA GLU A 57 -7.83 -14.56 -0.56
C GLU A 57 -7.55 -13.86 -1.91
N THR A 58 -8.01 -12.61 -2.08
CA THR A 58 -7.96 -11.89 -3.36
C THR A 58 -8.04 -10.38 -3.15
N LEU A 59 -7.01 -9.65 -3.61
CA LEU A 59 -6.89 -8.18 -3.54
C LEU A 59 -5.87 -7.61 -4.55
N GLY A 60 -6.04 -6.34 -4.91
CA GLY A 60 -5.06 -5.59 -5.72
C GLY A 60 -5.51 -4.21 -6.22
N THR A 61 -4.50 -3.37 -6.52
CA THR A 61 -4.56 -2.01 -7.01
C THR A 61 -3.34 -1.72 -7.89
N CYS A 62 -3.46 -0.81 -8.83
CA CYS A 62 -2.35 -0.27 -9.61
C CYS A 62 -1.87 1.01 -8.88
N ILE A 63 -0.55 1.22 -8.79
CA ILE A 63 0.08 2.23 -7.93
C ILE A 63 1.30 2.86 -8.61
N ASP A 64 1.49 4.17 -8.43
CA ASP A 64 2.71 4.91 -8.78
C ASP A 64 3.60 5.00 -7.52
N PHE A 65 4.24 3.90 -7.13
CA PHE A 65 4.89 3.77 -5.82
C PHE A 65 6.22 4.54 -5.72
N GLN A 66 6.24 5.69 -5.03
CA GLN A 66 7.42 6.56 -4.88
C GLN A 66 8.01 6.41 -3.47
N VAL A 67 9.02 5.55 -3.31
CA VAL A 67 9.55 5.15 -2.00
C VAL A 67 10.80 5.96 -1.64
N VAL A 68 10.78 6.67 -0.50
CA VAL A 68 11.96 7.37 0.05
C VAL A 68 12.07 7.21 1.58
N PRO A 69 12.95 6.30 2.07
CA PRO A 69 13.24 6.14 3.50
C PRO A 69 13.74 7.44 4.15
N GLY A 70 13.40 7.62 5.43
CA GLY A 70 13.62 8.87 6.17
C GLY A 70 12.55 9.96 5.93
N CYS A 71 11.63 9.74 4.99
CA CYS A 71 10.50 10.64 4.69
C CYS A 71 9.16 9.88 4.58
N GLY A 72 8.98 9.05 3.55
CA GLY A 72 7.70 8.38 3.29
C GLY A 72 7.49 7.88 1.85
N ILE A 73 6.26 7.44 1.59
CA ILE A 73 5.83 6.76 0.36
C ILE A 73 4.51 7.34 -0.15
N SER A 74 4.60 8.24 -1.13
CA SER A 74 3.45 8.72 -1.91
C SER A 74 3.16 7.78 -3.08
N CYS A 75 1.88 7.49 -3.35
CA CYS A 75 1.47 6.79 -4.57
C CYS A 75 0.15 7.30 -5.16
N LYS A 76 -0.14 6.91 -6.42
CA LYS A 76 -1.43 7.20 -7.07
C LYS A 76 -2.11 5.85 -7.24
N VAL A 77 -3.28 5.64 -6.65
CA VAL A 77 -3.90 4.30 -6.52
C VAL A 77 -5.19 4.18 -7.33
N THR A 78 -5.43 2.99 -7.89
CA THR A 78 -6.57 2.72 -8.78
C THR A 78 -6.84 1.22 -8.92
N ASN A 79 -8.02 0.85 -9.42
CA ASN A 79 -8.37 -0.48 -9.90
C ASN A 79 -9.69 -0.46 -10.71
N ILE A 80 -10.53 0.58 -10.56
CA ILE A 80 -11.70 0.88 -11.41
C ILE A 80 -11.36 0.99 -12.91
N GLU A 81 -11.01 2.17 -13.42
CA GLU A 81 -10.55 2.35 -14.81
C GLU A 81 -9.10 1.85 -15.00
N GLY A 82 -8.33 1.76 -13.91
CA GLY A 82 -6.89 1.49 -13.88
C GLY A 82 -6.41 0.09 -14.27
N LEU A 83 -7.30 -0.86 -14.54
CA LEU A 83 -6.98 -2.29 -14.75
C LEU A 83 -6.15 -2.57 -16.02
N LEU A 84 -5.91 -1.57 -16.88
CA LEU A 84 -5.11 -1.68 -18.10
C LEU A 84 -3.62 -2.01 -17.89
N HIS A 85 -3.10 -1.85 -16.67
CA HIS A 85 -1.74 -2.20 -16.28
C HIS A 85 -1.66 -2.43 -14.76
N LYS A 86 -0.96 -3.48 -14.32
CA LYS A 86 -0.80 -3.87 -12.90
C LYS A 86 0.67 -3.95 -12.50
N ASN A 87 0.97 -3.64 -11.23
CA ASN A 87 2.31 -3.66 -10.63
C ASN A 87 2.86 -5.08 -10.45
N ASN A 88 1.99 -6.06 -10.19
CA ASN A 88 2.33 -7.48 -10.07
C ASN A 88 2.79 -8.05 -11.42
N TRP A 89 4.09 -8.16 -11.64
CA TRP A 89 4.69 -8.74 -12.83
C TRP A 89 6.08 -9.22 -12.44
N ASN A 90 6.52 -10.29 -13.08
CA ASN A 90 7.64 -11.11 -12.63
C ASN A 90 9.00 -10.61 -13.14
N ILE A 91 9.23 -9.34 -12.80
CA ILE A 91 10.47 -8.59 -13.01
C ILE A 91 11.53 -9.08 -12.01
N GLU A 92 12.48 -9.86 -12.51
CA GLU A 92 13.55 -10.49 -11.73
C GLU A 92 14.51 -9.48 -11.05
N ASP A 93 14.46 -8.21 -11.44
CA ASP A 93 15.24 -7.14 -10.80
C ASP A 93 14.64 -6.66 -9.48
N ASN A 94 13.37 -6.96 -9.18
CA ASN A 94 12.71 -6.57 -7.94
C ASN A 94 12.18 -7.80 -7.18
N ASN A 95 12.70 -8.04 -5.97
CA ASN A 95 12.51 -9.27 -5.20
C ASN A 95 12.16 -9.01 -3.73
N ILE A 96 11.39 -9.91 -3.11
CA ILE A 96 10.98 -9.77 -1.69
C ILE A 96 12.11 -10.12 -0.71
N LYS A 97 12.94 -11.12 -1.01
CA LYS A 97 14.16 -11.43 -0.23
C LYS A 97 15.36 -10.70 -0.83
N ASN A 98 15.60 -9.49 -0.33
CA ASN A 98 16.60 -8.56 -0.85
C ASN A 98 17.05 -7.59 0.26
N ALA A 99 18.31 -7.16 0.27
CA ALA A 99 18.83 -6.18 1.23
C ALA A 99 18.62 -4.73 0.74
N SER A 100 17.96 -3.88 1.55
CA SER A 100 17.81 -2.44 1.28
C SER A 100 17.55 -1.65 2.57
N LEU A 101 17.79 -0.33 2.54
CA LEU A 101 17.73 0.54 3.70
C LEU A 101 16.32 0.75 4.28
N VAL A 102 16.25 0.88 5.61
CA VAL A 102 15.02 1.25 6.36
C VAL A 102 15.30 2.28 7.45
N GLN A 103 16.51 2.27 8.03
CA GLN A 103 17.06 3.27 8.94
C GLN A 103 18.09 4.17 8.22
N ILE A 104 18.51 5.28 8.86
CA ILE A 104 19.48 6.23 8.29
C ILE A 104 20.89 5.62 8.24
N ASP A 105 21.18 4.65 9.11
CA ASP A 105 22.39 3.80 9.11
C ASP A 105 22.56 3.00 7.79
N ALA A 106 21.45 2.69 7.12
CA ALA A 106 21.30 2.15 5.77
C ALA A 106 21.97 0.82 5.38
N SER A 107 22.77 0.18 6.25
CA SER A 107 23.35 -1.18 6.06
C SER A 107 24.03 -1.47 4.70
N ASN A 108 24.69 -0.46 4.10
CA ASN A 108 25.41 -0.47 2.81
C ASN A 108 24.61 -0.81 1.53
N GLU A 109 23.62 -1.70 1.55
CA GLU A 109 22.85 -2.15 0.38
C GLU A 109 21.61 -1.30 0.12
N GLN A 110 21.24 -1.12 -1.16
CA GLN A 110 19.97 -0.51 -1.56
C GLN A 110 19.43 -1.11 -2.86
N SER A 111 18.20 -0.76 -3.22
CA SER A 111 17.53 -1.18 -4.45
C SER A 111 16.48 -0.16 -4.87
N SER A 112 16.21 -0.07 -6.18
CA SER A 112 15.11 0.69 -6.77
C SER A 112 13.98 -0.23 -7.24
N THR A 113 12.76 -0.01 -6.74
CA THR A 113 11.55 -0.72 -7.18
C THR A 113 11.08 -0.27 -8.57
N SER A 114 11.33 0.99 -8.94
CA SER A 114 11.16 1.53 -10.29
C SER A 114 12.37 1.20 -11.18
N SER A 115 12.11 0.92 -12.45
CA SER A 115 13.11 0.55 -13.47
C SER A 115 12.63 0.87 -14.89
N SER A 116 13.55 1.11 -15.83
CA SER A 116 13.26 1.31 -17.25
C SER A 116 12.75 0.06 -18.00
N MET A 117 12.49 -1.04 -17.28
CA MET A 117 11.75 -2.21 -17.78
C MET A 117 10.36 -1.80 -18.30
N ILE A 118 9.77 -0.74 -17.73
CA ILE A 118 8.60 -0.02 -18.24
C ILE A 118 8.85 1.50 -18.19
N ILE A 119 8.63 2.20 -19.30
CA ILE A 119 8.91 3.65 -19.46
C ILE A 119 7.68 4.52 -19.79
N ASP A 120 6.52 3.91 -20.03
CA ASP A 120 5.23 4.55 -20.30
C ASP A 120 4.08 3.90 -19.50
N ALA A 121 4.19 2.62 -19.12
CA ALA A 121 3.06 1.88 -18.55
C ALA A 121 2.55 2.44 -17.22
N GLN A 122 3.45 2.94 -16.35
CA GLN A 122 3.08 3.59 -15.08
C GLN A 122 2.68 5.07 -15.24
N ILE A 123 3.07 5.71 -16.35
CA ILE A 123 2.79 7.12 -16.65
C ILE A 123 1.40 7.21 -17.29
N SER A 124 1.16 6.46 -18.37
CA SER A 124 -0.13 6.35 -19.05
C SER A 124 -1.27 5.94 -18.11
N ASN A 125 -1.02 5.09 -17.10
CA ASN A 125 -2.04 4.73 -16.11
C ASN A 125 -2.25 5.82 -15.02
N ALA A 126 -1.26 6.64 -14.70
CA ALA A 126 -1.43 7.83 -13.84
C ALA A 126 -2.22 8.96 -14.56
N LEU A 127 -2.17 8.98 -15.90
CA LEU A 127 -2.96 9.87 -16.77
C LEU A 127 -4.39 9.33 -17.04
N ASN A 128 -4.77 8.16 -16.49
CA ASN A 128 -6.00 7.44 -16.82
C ASN A 128 -7.29 8.20 -16.48
N ALA A 129 -7.76 8.11 -15.23
CA ALA A 129 -9.08 8.60 -14.81
C ALA A 129 -9.15 8.97 -13.32
N GLN A 130 -9.35 10.25 -13.01
CA GLN A 130 -9.67 10.80 -11.67
C GLN A 130 -8.92 10.04 -10.55
N GLN A 131 -7.60 9.85 -10.71
CA GLN A 131 -6.86 8.90 -9.88
C GLN A 131 -6.74 9.36 -8.42
N TYR A 132 -6.61 8.42 -7.48
CA TYR A 132 -6.74 8.67 -6.04
C TYR A 132 -5.37 8.78 -5.36
N LYS A 133 -5.16 9.80 -4.51
CA LYS A 133 -3.87 10.03 -3.84
C LYS A 133 -3.83 9.45 -2.43
N VAL A 134 -2.84 8.59 -2.15
CA VAL A 134 -2.58 8.08 -0.79
C VAL A 134 -1.09 8.15 -0.44
N LEU A 135 -0.78 8.52 0.81
CA LEU A 135 0.58 8.64 1.34
C LEU A 135 0.72 7.85 2.66
N ILE A 136 1.89 7.23 2.88
CA ILE A 136 2.31 6.65 4.17
C ILE A 136 3.71 7.19 4.49
N GLY A 137 3.91 7.92 5.59
CA GLY A 137 5.22 8.50 5.91
C GLY A 137 5.34 9.04 7.34
N ASN A 138 6.50 9.58 7.72
CA ASN A 138 6.66 10.10 9.08
C ASN A 138 5.90 11.42 9.27
N ARG A 139 5.63 11.79 10.52
CA ARG A 139 4.78 12.93 10.89
C ARG A 139 5.43 14.26 10.50
N GLU A 140 6.75 14.39 10.57
CA GLU A 140 7.49 15.60 10.16
C GLU A 140 7.39 15.84 8.64
N TRP A 141 7.39 14.78 7.81
CA TRP A 141 7.16 14.85 6.37
C TRP A 141 5.69 15.10 6.02
N MET A 142 4.75 14.57 6.81
CA MET A 142 3.31 14.79 6.63
C MET A 142 2.87 16.22 6.94
N ILE A 143 3.44 16.87 7.96
CA ILE A 143 3.20 18.31 8.18
C ILE A 143 3.91 19.18 7.12
N ARG A 144 4.95 18.66 6.44
CA ARG A 144 5.55 19.29 5.25
C ARG A 144 4.60 19.19 4.06
N ASN A 145 3.89 18.07 3.90
CA ASN A 145 2.79 17.93 2.93
C ASN A 145 1.62 18.90 3.20
N GLY A 146 1.55 19.47 4.41
CA GLY A 146 0.60 20.49 4.82
C GLY A 146 -0.43 20.03 5.88
N LEU A 147 -0.30 18.82 6.42
CA LEU A 147 -1.24 18.28 7.41
C LEU A 147 -1.08 18.86 8.82
N VAL A 148 -2.02 18.52 9.71
CA VAL A 148 -2.04 18.83 11.15
C VAL A 148 -2.20 17.54 11.96
N ILE A 149 -1.86 17.56 13.25
CA ILE A 149 -1.98 16.41 14.15
C ILE A 149 -2.97 16.66 15.31
N ASN A 150 -3.57 15.58 15.82
CA ASN A 150 -4.37 15.58 17.05
C ASN A 150 -3.44 15.37 18.26
N ASN A 151 -3.63 16.12 19.35
CA ASN A 151 -2.80 16.02 20.56
C ASN A 151 -2.78 14.60 21.17
N ASP A 152 -3.91 13.90 21.05
CA ASP A 152 -4.08 12.49 21.44
C ASP A 152 -3.12 11.54 20.70
N VAL A 153 -3.14 11.56 19.36
CA VAL A 153 -2.26 10.69 18.55
C VAL A 153 -0.80 11.15 18.56
N ASN A 154 -0.55 12.47 18.65
CA ASN A 154 0.79 13.06 18.69
C ASN A 154 1.61 12.51 19.87
N ASP A 155 1.02 12.52 21.07
CA ASP A 155 1.71 12.05 22.26
C ASP A 155 1.84 10.51 22.33
N PHE A 156 0.96 9.76 21.65
CA PHE A 156 1.11 8.31 21.46
C PHE A 156 2.29 7.99 20.53
N MET A 157 2.40 8.69 19.40
CA MET A 157 3.51 8.56 18.44
C MET A 157 4.85 8.95 19.08
N THR A 158 4.89 10.09 19.77
CA THR A 158 6.13 10.70 20.29
C THR A 158 6.95 9.73 21.15
N GLU A 159 6.31 8.96 22.04
CA GLU A 159 6.93 7.93 22.87
C GLU A 159 7.55 6.77 22.07
N HIS A 160 6.88 6.33 20.99
CA HIS A 160 7.41 5.28 20.12
C HIS A 160 8.63 5.78 19.35
N GLU A 161 8.53 6.98 18.78
CA GLU A 161 9.61 7.63 18.04
C GLU A 161 10.82 7.93 18.95
N ARG A 162 10.60 8.25 20.23
CA ARG A 162 11.70 8.49 21.19
C ARG A 162 12.54 7.23 21.39
N LYS A 163 11.91 6.10 21.74
CA LYS A 163 12.57 4.77 21.77
C LYS A 163 13.10 4.26 20.41
N GLY A 164 12.99 5.03 19.33
CA GLY A 164 13.48 4.67 17.99
C GLY A 164 12.68 3.54 17.34
N ARG A 165 11.42 3.32 17.76
CA ARG A 165 10.46 2.47 17.05
C ARG A 165 9.90 3.30 15.91
N THR A 166 9.75 2.77 14.71
CA THR A 166 9.30 3.58 13.57
C THR A 166 7.79 3.74 13.63
N ALA A 167 7.32 4.99 13.66
CA ALA A 167 5.92 5.35 13.55
C ALA A 167 5.71 6.11 12.24
N VAL A 168 4.69 5.72 11.46
CA VAL A 168 4.30 6.41 10.23
C VAL A 168 2.79 6.63 10.19
N LEU A 169 2.39 7.76 9.61
CA LEU A 169 1.05 8.31 9.48
C LEU A 169 0.56 8.15 8.04
N VAL A 170 -0.73 7.87 7.89
CA VAL A 170 -1.41 7.61 6.63
C VAL A 170 -2.39 8.75 6.33
N ALA A 171 -2.33 9.27 5.10
CA ALA A 171 -3.17 10.37 4.61
C ALA A 171 -3.74 10.03 3.22
N VAL A 172 -4.98 10.45 2.95
CA VAL A 172 -5.72 10.13 1.71
C VAL A 172 -6.37 11.41 1.20
N ASP A 173 -6.08 11.83 -0.04
CA ASP A 173 -6.67 13.06 -0.62
C ASP A 173 -6.53 14.31 0.30
N ASP A 174 -5.34 14.49 0.89
CA ASP A 174 -5.00 15.50 1.92
C ASP A 174 -5.81 15.41 3.25
N GLU A 175 -6.42 14.25 3.55
CA GLU A 175 -7.21 13.98 4.76
C GLU A 175 -6.53 12.93 5.67
N LEU A 176 -6.41 13.23 6.97
CA LEU A 176 -5.93 12.31 8.02
C LEU A 176 -6.74 11.01 8.02
N CYS A 177 -6.07 9.85 8.18
CA CYS A 177 -6.80 8.58 8.22
C CYS A 177 -6.24 7.45 9.11
N GLY A 178 -4.93 7.35 9.40
CA GLY A 178 -4.43 6.23 10.24
C GLY A 178 -2.96 6.31 10.62
N LEU A 179 -2.48 5.37 11.43
CA LEU A 179 -1.06 5.20 11.79
C LEU A 179 -0.62 3.73 11.89
N ILE A 180 0.67 3.50 11.67
CA ILE A 180 1.36 2.20 11.67
C ILE A 180 2.62 2.32 12.53
N ALA A 181 2.81 1.38 13.47
CA ALA A 181 3.99 1.27 14.33
C ALA A 181 4.75 -0.04 14.04
N ILE A 182 6.02 0.08 13.63
CA ILE A 182 6.89 -1.01 13.16
C ILE A 182 8.23 -1.05 13.92
N ALA A 183 8.69 -2.27 14.15
CA ALA A 183 9.81 -2.65 15.01
C ALA A 183 10.94 -3.36 14.26
N ASP A 184 12.12 -3.37 14.86
CA ASP A 184 13.29 -4.16 14.43
C ASP A 184 13.42 -5.49 15.20
N THR A 185 14.12 -6.48 14.63
CA THR A 185 14.53 -7.73 15.33
C THR A 185 16.03 -8.02 15.21
N SER A 1 23.75 -18.64 20.52
CA SER A 1 23.53 -19.98 19.97
C SER A 1 22.04 -20.29 19.83
N PHE A 2 21.69 -20.95 18.72
CA PHE A 2 20.38 -21.52 18.34
C PHE A 2 19.17 -20.57 18.23
N THR A 3 19.34 -19.26 18.43
CA THR A 3 18.31 -18.23 18.17
C THR A 3 18.00 -18.08 16.67
N MET A 4 16.89 -17.42 16.34
CA MET A 4 16.49 -17.07 14.98
C MET A 4 16.73 -15.59 14.67
N HIS A 5 16.98 -15.27 13.40
CA HIS A 5 17.06 -13.89 12.91
C HIS A 5 15.69 -13.18 12.93
N GLY A 6 15.73 -11.86 12.77
CA GLY A 6 14.59 -10.96 12.95
C GLY A 6 13.41 -11.23 12.01
N THR A 7 12.22 -10.89 12.51
CA THR A 7 10.93 -10.90 11.80
C THR A 7 10.10 -9.68 12.25
N PRO A 8 9.43 -8.95 11.35
CA PRO A 8 8.58 -7.82 11.69
C PRO A 8 7.14 -8.25 12.05
N VAL A 9 6.42 -7.40 12.80
CA VAL A 9 4.98 -7.55 13.13
C VAL A 9 4.33 -6.19 13.34
N VAL A 10 3.13 -5.94 12.79
CA VAL A 10 2.37 -4.72 13.11
C VAL A 10 1.76 -4.87 14.51
N ASN A 11 2.15 -3.99 15.42
CA ASN A 11 1.87 -4.12 16.84
C ASN A 11 0.52 -3.45 17.22
N GLN A 12 0.29 -2.21 16.76
CA GLN A 12 -1.02 -1.52 16.85
C GLN A 12 -1.26 -0.52 15.71
N VAL A 13 -2.53 -0.24 15.39
CA VAL A 13 -2.97 0.82 14.46
C VAL A 13 -4.12 1.67 15.01
N LYS A 14 -4.10 2.97 14.71
CA LYS A 14 -5.13 3.96 15.08
C LYS A 14 -5.66 4.70 13.84
N VAL A 15 -6.91 5.17 13.86
CA VAL A 15 -7.62 5.72 12.70
C VAL A 15 -8.03 7.16 13.00
N LEU A 16 -7.62 8.11 12.16
CA LEU A 16 -7.77 9.55 12.40
C LEU A 16 -9.00 10.17 11.72
N THR A 17 -9.59 9.51 10.71
CA THR A 17 -10.81 9.99 10.01
C THR A 17 -12.11 9.43 10.63
N GLU A 18 -12.06 8.24 11.26
CA GLU A 18 -13.18 7.40 11.72
C GLU A 18 -14.18 6.98 10.64
N SER A 19 -14.95 7.95 10.12
CA SER A 19 -15.88 7.84 8.98
C SER A 19 -16.13 9.24 8.35
N ASN A 20 -15.26 10.22 8.61
CA ASN A 20 -15.39 11.60 8.12
C ASN A 20 -15.32 11.62 6.59
N ARG A 21 -14.23 11.08 6.02
CA ARG A 21 -14.06 10.78 4.59
C ARG A 21 -14.05 9.28 4.27
N ILE A 22 -13.19 8.53 4.97
CA ILE A 22 -12.86 7.10 4.72
C ILE A 22 -13.15 6.26 5.98
N SER A 23 -13.24 4.95 5.85
CA SER A 23 -13.47 3.98 6.94
C SER A 23 -12.32 2.96 7.10
N HIS A 24 -12.19 2.38 8.29
CA HIS A 24 -11.05 1.59 8.76
C HIS A 24 -10.66 0.39 7.86
N HIS A 25 -11.63 -0.40 7.36
CA HIS A 25 -11.33 -1.61 6.61
C HIS A 25 -10.90 -1.30 5.16
N LYS A 26 -11.41 -0.20 4.58
CA LYS A 26 -10.93 0.34 3.30
C LYS A 26 -9.48 0.86 3.41
N ILE A 27 -9.14 1.58 4.47
CA ILE A 27 -7.76 2.04 4.74
C ILE A 27 -6.81 0.84 4.89
N LEU A 28 -7.21 -0.17 5.67
CA LEU A 28 -6.46 -1.41 5.89
C LEU A 28 -6.18 -2.17 4.59
N ALA A 29 -7.18 -2.25 3.70
CA ALA A 29 -7.03 -2.81 2.36
C ALA A 29 -5.99 -2.02 1.55
N ILE A 30 -6.23 -0.74 1.25
CA ILE A 30 -5.37 0.01 0.30
C ILE A 30 -3.89 0.09 0.75
N VAL A 31 -3.62 0.22 2.06
CA VAL A 31 -2.25 0.22 2.60
C VAL A 31 -1.56 -1.15 2.41
N GLY A 32 -2.26 -2.26 2.67
CA GLY A 32 -1.70 -3.61 2.46
C GLY A 32 -1.57 -3.99 0.98
N THR A 33 -2.56 -3.64 0.16
CA THR A 33 -2.55 -3.93 -1.29
C THR A 33 -1.49 -3.11 -2.04
N ALA A 34 -1.12 -1.92 -1.52
CA ALA A 34 0.04 -1.14 -1.99
C ALA A 34 1.38 -1.80 -1.61
N GLU A 35 1.50 -2.39 -0.42
CA GLU A 35 2.72 -3.07 0.05
C GLU A 35 2.86 -4.46 -0.61
N SER A 36 1.81 -4.87 -1.32
CA SER A 36 1.77 -6.02 -2.21
C SER A 36 2.24 -5.67 -3.64
N ASN A 37 2.54 -4.40 -3.96
CA ASN A 37 3.19 -3.96 -5.20
C ASN A 37 4.68 -3.61 -4.97
N SER A 38 4.95 -2.64 -4.09
CA SER A 38 6.30 -2.18 -3.72
C SER A 38 6.37 -2.01 -2.21
N GLU A 39 7.42 -2.51 -1.58
CA GLU A 39 7.46 -2.68 -0.11
C GLU A 39 8.77 -2.32 0.59
N HIS A 40 8.66 -2.03 1.88
CA HIS A 40 9.77 -1.89 2.83
C HIS A 40 10.21 -3.28 3.35
N PRO A 41 11.37 -3.41 4.03
CA PRO A 41 11.73 -4.65 4.74
C PRO A 41 10.66 -5.12 5.76
N LEU A 42 9.84 -4.19 6.26
CA LEU A 42 8.68 -4.42 7.14
C LEU A 42 7.43 -4.95 6.43
N GLY A 43 7.32 -4.80 5.11
CA GLY A 43 6.11 -5.05 4.33
C GLY A 43 5.45 -6.43 4.49
N THR A 44 6.24 -7.48 4.75
CA THR A 44 5.73 -8.82 5.12
C THR A 44 4.79 -8.80 6.33
N ALA A 45 5.01 -7.90 7.30
CA ALA A 45 4.13 -7.72 8.46
C ALA A 45 2.78 -7.08 8.10
N ILE A 46 2.79 -6.04 7.24
CA ILE A 46 1.57 -5.34 6.81
C ILE A 46 0.74 -6.27 5.93
N THR A 47 1.33 -6.80 4.86
CA THR A 47 0.58 -7.56 3.85
C THR A 47 -0.06 -8.81 4.47
N LYS A 48 0.66 -9.57 5.30
CA LYS A 48 0.08 -10.71 6.06
C LYS A 48 -1.03 -10.29 7.00
N TYR A 49 -0.84 -9.26 7.83
CA TYR A 49 -1.85 -8.82 8.80
C TYR A 49 -3.15 -8.40 8.09
N CYS A 50 -3.03 -7.56 7.04
CA CYS A 50 -4.16 -7.12 6.26
C CYS A 50 -4.88 -8.30 5.61
N LYS A 51 -4.18 -9.15 4.84
CA LYS A 51 -4.81 -10.27 4.11
C LYS A 51 -5.47 -11.29 5.07
N GLN A 52 -4.88 -11.51 6.25
CA GLN A 52 -5.42 -12.35 7.32
C GLN A 52 -6.65 -11.69 8.00
N GLU A 53 -6.72 -10.36 8.11
CA GLU A 53 -7.91 -9.62 8.57
C GLU A 53 -9.03 -9.60 7.51
N LEU A 54 -8.69 -9.70 6.21
CA LEU A 54 -9.65 -9.94 5.11
C LEU A 54 -10.08 -11.42 5.01
N ASP A 55 -9.32 -12.34 5.62
CA ASP A 55 -9.42 -13.80 5.43
C ASP A 55 -9.35 -14.21 3.93
N THR A 56 -8.66 -13.43 3.09
CA THR A 56 -8.61 -13.65 1.63
C THR A 56 -7.34 -14.39 1.18
N GLU A 57 -7.37 -14.89 -0.05
CA GLU A 57 -6.21 -15.43 -0.80
C GLU A 57 -5.98 -14.67 -2.11
N THR A 58 -6.65 -13.53 -2.32
CA THR A 58 -6.59 -12.75 -3.57
C THR A 58 -6.79 -11.25 -3.34
N LEU A 59 -5.85 -10.43 -3.81
CA LEU A 59 -5.87 -8.95 -3.74
C LEU A 59 -4.86 -8.29 -4.69
N GLY A 60 -5.16 -7.07 -5.11
CA GLY A 60 -4.29 -6.20 -5.92
C GLY A 60 -4.95 -4.94 -6.47
N THR A 61 -4.15 -3.92 -6.79
CA THR A 61 -4.56 -2.60 -7.30
C THR A 61 -3.52 -1.98 -8.23
N CYS A 62 -3.96 -1.24 -9.25
CA CYS A 62 -3.09 -0.34 -10.03
C CYS A 62 -2.66 0.82 -9.12
N ILE A 63 -1.40 1.27 -9.22
CA ILE A 63 -0.78 2.20 -8.28
C ILE A 63 0.29 3.08 -8.96
N ASP A 64 0.09 4.40 -9.03
CA ASP A 64 1.10 5.36 -9.54
C ASP A 64 2.13 5.68 -8.44
N PHE A 65 3.00 4.72 -8.13
CA PHE A 65 3.88 4.73 -6.97
C PHE A 65 5.10 5.65 -7.15
N GLN A 66 5.28 6.61 -6.24
CA GLN A 66 6.36 7.60 -6.21
C GLN A 66 7.01 7.60 -4.82
N VAL A 67 8.35 7.69 -4.73
CA VAL A 67 9.11 7.49 -3.49
C VAL A 67 10.00 8.69 -3.15
N VAL A 68 9.96 9.13 -1.89
CA VAL A 68 10.82 10.19 -1.31
C VAL A 68 11.91 9.55 -0.46
N PRO A 69 13.19 9.52 -0.90
CA PRO A 69 14.27 8.79 -0.25
C PRO A 69 14.44 9.12 1.24
N GLY A 70 14.01 8.17 2.08
CA GLY A 70 14.20 8.18 3.53
C GLY A 70 13.12 8.92 4.33
N CYS A 71 12.02 9.34 3.68
CA CYS A 71 11.00 10.22 4.28
C CYS A 71 9.54 9.78 4.06
N GLY A 72 9.20 9.20 2.90
CA GLY A 72 7.81 8.84 2.57
C GLY A 72 7.58 8.37 1.13
N ILE A 73 6.30 8.15 0.79
CA ILE A 73 5.78 7.61 -0.48
C ILE A 73 4.48 8.37 -0.84
N SER A 74 4.23 8.56 -2.15
CA SER A 74 2.98 9.10 -2.67
C SER A 74 2.45 8.21 -3.81
N CYS A 75 1.14 7.92 -3.84
CA CYS A 75 0.55 6.99 -4.81
C CYS A 75 -0.87 7.37 -5.29
N LYS A 76 -1.31 6.80 -6.43
CA LYS A 76 -2.69 6.93 -6.94
C LYS A 76 -3.23 5.52 -7.15
N VAL A 77 -4.33 5.11 -6.52
CA VAL A 77 -4.77 3.71 -6.43
C VAL A 77 -6.13 3.42 -7.07
N THR A 78 -6.27 2.21 -7.66
CA THR A 78 -7.57 1.69 -8.12
C THR A 78 -7.60 0.17 -8.32
N ASN A 79 -8.79 -0.41 -8.35
CA ASN A 79 -9.09 -1.77 -8.83
C ASN A 79 -10.55 -1.79 -9.35
N ILE A 80 -10.83 -0.80 -10.19
CA ILE A 80 -12.14 -0.46 -10.76
C ILE A 80 -12.09 -0.60 -12.30
N GLU A 81 -10.88 -0.54 -12.89
CA GLU A 81 -10.61 -0.86 -14.29
C GLU A 81 -10.57 -2.37 -14.58
N GLY A 82 -10.31 -3.22 -13.58
CA GLY A 82 -10.32 -4.69 -13.70
C GLY A 82 -11.71 -5.31 -13.88
N LEU A 83 -12.74 -4.46 -14.03
CA LEU A 83 -14.10 -4.83 -14.46
C LEU A 83 -14.08 -5.54 -15.82
N LEU A 84 -13.04 -5.30 -16.62
CA LEU A 84 -12.68 -6.01 -17.84
C LEU A 84 -11.24 -6.57 -17.76
N HIS A 85 -10.93 -7.58 -18.58
CA HIS A 85 -9.54 -8.03 -18.77
C HIS A 85 -8.81 -7.04 -19.69
N LYS A 86 -7.76 -6.37 -19.17
CA LYS A 86 -6.94 -5.40 -19.92
C LYS A 86 -6.45 -6.00 -21.25
N ASN A 87 -6.90 -5.41 -22.37
CA ASN A 87 -6.40 -5.78 -23.69
C ASN A 87 -4.92 -5.40 -23.84
N ASN A 88 -4.19 -6.17 -24.63
CA ASN A 88 -2.73 -6.08 -24.80
C ASN A 88 -2.35 -4.83 -25.63
N TRP A 89 -1.07 -4.71 -26.02
CA TRP A 89 -0.50 -3.47 -26.59
C TRP A 89 0.22 -3.67 -27.92
N ASN A 90 -0.06 -4.81 -28.58
CA ASN A 90 0.31 -5.11 -29.98
C ASN A 90 1.82 -5.14 -30.25
N ILE A 91 2.61 -5.24 -29.17
CA ILE A 91 4.06 -5.23 -29.18
C ILE A 91 4.59 -6.49 -29.87
N GLU A 92 5.28 -6.33 -30.99
CA GLU A 92 5.82 -7.46 -31.76
C GLU A 92 6.96 -8.19 -31.02
N ASP A 93 7.82 -7.48 -30.29
CA ASP A 93 8.91 -8.06 -29.49
C ASP A 93 9.16 -7.23 -28.21
N ASN A 94 9.13 -7.88 -27.05
CA ASN A 94 9.41 -7.31 -25.73
C ASN A 94 10.48 -8.12 -24.96
N ASN A 95 11.44 -8.73 -25.67
CA ASN A 95 12.63 -9.34 -25.09
C ASN A 95 13.70 -8.28 -24.74
N ILE A 96 14.57 -8.58 -23.77
CA ILE A 96 15.67 -7.70 -23.33
C ILE A 96 17.06 -8.14 -23.82
N LYS A 97 17.30 -9.45 -23.93
CA LYS A 97 18.61 -10.09 -24.16
C LYS A 97 19.69 -9.53 -23.24
N ASN A 98 19.72 -10.03 -22.00
CA ASN A 98 20.78 -9.79 -21.01
C ASN A 98 21.51 -11.13 -20.76
N ALA A 99 22.83 -11.16 -20.92
CA ALA A 99 23.65 -12.36 -20.83
C ALA A 99 23.69 -12.93 -19.40
N SER A 100 23.55 -14.25 -19.26
CA SER A 100 23.79 -14.98 -18.00
C SER A 100 24.40 -16.36 -18.27
N LEU A 101 24.42 -17.25 -17.28
CA LEU A 101 24.98 -18.61 -17.43
C LEU A 101 24.01 -19.54 -18.18
N VAL A 102 22.73 -19.51 -17.81
CA VAL A 102 21.67 -20.38 -18.34
C VAL A 102 21.18 -19.95 -19.73
N GLN A 103 20.77 -20.91 -20.57
CA GLN A 103 20.21 -20.65 -21.91
C GLN A 103 18.93 -19.78 -21.86
N ILE A 104 18.59 -19.21 -23.02
CA ILE A 104 17.57 -18.17 -23.24
C ILE A 104 17.94 -16.83 -22.58
N ASP A 105 18.94 -16.14 -23.13
CA ASP A 105 19.29 -14.77 -22.70
C ASP A 105 18.18 -13.75 -23.03
N ALA A 106 17.39 -13.98 -24.10
CA ALA A 106 16.40 -13.04 -24.62
C ALA A 106 15.35 -12.59 -23.59
N SER A 107 14.71 -13.55 -22.91
CA SER A 107 13.61 -13.34 -21.95
C SER A 107 12.46 -12.48 -22.49
N ASN A 108 11.52 -13.11 -23.22
CA ASN A 108 10.26 -12.53 -23.70
C ASN A 108 9.23 -12.33 -22.57
N GLU A 109 9.67 -12.16 -21.33
CA GLU A 109 8.83 -12.17 -20.13
C GLU A 109 8.47 -10.78 -19.62
N GLN A 110 7.51 -10.69 -18.71
CA GLN A 110 7.16 -9.43 -18.04
C GLN A 110 8.19 -9.11 -16.95
N SER A 111 8.43 -7.81 -16.71
CA SER A 111 9.49 -7.31 -15.81
C SER A 111 10.95 -7.68 -16.20
N SER A 112 11.19 -8.08 -17.46
CA SER A 112 12.56 -8.24 -18.02
C SER A 112 13.05 -6.92 -18.62
N THR A 113 12.38 -6.39 -19.65
CA THR A 113 12.58 -5.02 -20.16
C THR A 113 12.10 -3.97 -19.15
N SER A 114 12.57 -2.73 -19.28
CA SER A 114 12.31 -1.66 -18.32
C SER A 114 10.81 -1.36 -18.11
N SER A 115 10.45 -1.09 -16.85
CA SER A 115 9.15 -0.58 -16.43
C SER A 115 8.86 0.84 -16.93
N SER A 116 9.90 1.58 -17.33
CA SER A 116 9.80 2.95 -17.87
C SER A 116 9.51 3.00 -19.37
N MET A 117 9.71 1.89 -20.10
CA MET A 117 9.67 1.85 -21.56
C MET A 117 8.24 1.76 -22.13
N ILE A 118 7.43 0.86 -21.57
CA ILE A 118 6.05 0.54 -22.00
C ILE A 118 5.07 0.97 -20.90
N ILE A 119 4.51 2.18 -21.05
CA ILE A 119 3.51 2.77 -20.15
C ILE A 119 2.48 3.67 -20.86
N ASP A 120 2.80 4.26 -22.02
CA ASP A 120 1.95 5.26 -22.69
C ASP A 120 0.56 4.70 -23.11
N ALA A 121 0.51 3.45 -23.59
CA ALA A 121 -0.74 2.75 -23.91
C ALA A 121 -1.40 2.10 -22.67
N GLN A 122 -0.59 1.82 -21.65
CA GLN A 122 -0.95 1.02 -20.48
C GLN A 122 -1.65 1.85 -19.39
N ILE A 123 -1.27 3.13 -19.23
CA ILE A 123 -1.95 4.11 -18.37
C ILE A 123 -3.36 4.45 -18.90
N SER A 124 -3.57 4.40 -20.22
CA SER A 124 -4.85 4.78 -20.85
C SER A 124 -6.04 3.92 -20.41
N ASN A 125 -5.81 2.67 -19.97
CA ASN A 125 -6.85 1.80 -19.40
C ASN A 125 -7.00 1.93 -17.87
N ALA A 126 -6.10 2.60 -17.16
CA ALA A 126 -6.30 2.98 -15.75
C ALA A 126 -7.09 4.30 -15.64
N LEU A 127 -6.84 5.22 -16.58
CA LEU A 127 -7.64 6.44 -16.79
C LEU A 127 -9.10 6.14 -17.21
N ASN A 128 -9.37 4.91 -17.66
CA ASN A 128 -10.70 4.35 -17.95
C ASN A 128 -11.53 4.01 -16.67
N ALA A 129 -11.01 4.34 -15.47
CA ALA A 129 -11.69 4.23 -14.17
C ALA A 129 -11.38 5.39 -13.22
N GLN A 130 -12.06 5.40 -12.08
CA GLN A 130 -11.78 6.24 -10.92
C GLN A 130 -10.44 5.88 -10.24
N GLN A 131 -9.51 6.83 -10.17
CA GLN A 131 -8.24 6.73 -9.45
C GLN A 131 -8.17 7.70 -8.25
N TYR A 132 -7.66 7.23 -7.10
CA TYR A 132 -7.74 7.91 -5.79
C TYR A 132 -6.35 8.16 -5.15
N LYS A 133 -6.05 9.34 -4.57
CA LYS A 133 -4.66 9.71 -4.17
C LYS A 133 -4.36 9.56 -2.66
N VAL A 134 -3.28 8.85 -2.32
CA VAL A 134 -2.86 8.50 -0.94
C VAL A 134 -1.37 8.80 -0.71
N LEU A 135 -1.00 9.23 0.51
CA LEU A 135 0.39 9.45 0.95
C LEU A 135 0.67 8.70 2.26
N ILE A 136 1.87 8.12 2.39
CA ILE A 136 2.34 7.31 3.54
C ILE A 136 3.76 7.74 3.89
N GLY A 137 4.09 7.98 5.17
CA GLY A 137 5.50 8.19 5.54
C GLY A 137 5.73 8.67 6.96
N ASN A 138 6.75 9.52 7.14
CA ASN A 138 7.12 9.98 8.48
C ASN A 138 6.45 11.33 8.84
N ARG A 139 6.37 11.60 10.15
CA ARG A 139 5.76 12.83 10.70
C ARG A 139 6.51 14.11 10.36
N GLU A 140 7.81 14.04 10.05
CA GLU A 140 8.60 15.17 9.55
C GLU A 140 8.24 15.58 8.11
N TRP A 141 7.71 14.66 7.29
CA TRP A 141 7.43 14.85 5.87
C TRP A 141 5.96 15.17 5.56
N MET A 142 5.01 14.59 6.30
CA MET A 142 3.58 14.81 6.00
C MET A 142 3.13 16.27 6.21
N ILE A 143 3.75 16.99 7.15
CA ILE A 143 3.45 18.42 7.40
C ILE A 143 3.81 19.34 6.22
N ARG A 144 4.69 18.88 5.31
CA ARG A 144 5.06 19.58 4.06
C ARG A 144 3.85 19.76 3.14
N ASN A 145 2.95 18.77 3.08
CA ASN A 145 1.70 18.79 2.31
C ASN A 145 0.63 19.79 2.82
N GLY A 146 0.93 20.62 3.83
CA GLY A 146 -0.05 21.55 4.45
C GLY A 146 -1.01 20.86 5.43
N LEU A 147 -0.84 19.56 5.66
CA LEU A 147 -1.49 18.80 6.73
C LEU A 147 -0.86 19.19 8.08
N VAL A 148 -1.58 19.04 9.18
CA VAL A 148 -1.02 19.17 10.54
C VAL A 148 -1.13 17.86 11.31
N ILE A 149 -0.11 17.52 12.10
CA ILE A 149 -0.18 16.40 13.06
C ILE A 149 -0.73 16.90 14.40
N ASN A 150 -1.51 16.06 15.09
CA ASN A 150 -2.14 16.45 16.35
C ASN A 150 -1.24 16.04 17.53
N ASN A 151 -1.22 16.84 18.61
CA ASN A 151 -0.31 16.63 19.74
C ASN A 151 -0.63 15.37 20.57
N ASP A 152 -1.85 14.84 20.48
CA ASP A 152 -2.25 13.54 21.03
C ASP A 152 -1.41 12.42 20.37
N VAL A 153 -1.53 12.23 19.05
CA VAL A 153 -0.74 11.24 18.28
C VAL A 153 0.76 11.52 18.33
N ASN A 154 1.21 12.78 18.37
CA ASN A 154 2.64 13.09 18.30
C ASN A 154 3.39 12.64 19.58
N ASP A 155 2.78 12.83 20.75
CA ASP A 155 3.30 12.32 22.02
C ASP A 155 3.23 10.78 22.11
N PHE A 156 2.17 10.17 21.55
CA PHE A 156 2.01 8.72 21.43
C PHE A 156 3.12 8.10 20.55
N MET A 157 3.42 8.73 19.40
CA MET A 157 4.46 8.31 18.46
C MET A 157 5.85 8.34 19.10
N THR A 158 6.19 9.41 19.81
CA THR A 158 7.47 9.51 20.50
C THR A 158 7.63 8.45 21.59
N GLU A 159 6.60 8.19 22.39
CA GLU A 159 6.67 7.15 23.43
C GLU A 159 6.82 5.75 22.80
N HIS A 160 6.15 5.49 21.67
CA HIS A 160 6.28 4.23 20.92
C HIS A 160 7.66 4.05 20.26
N GLU A 161 8.24 5.12 19.73
CA GLU A 161 9.59 5.16 19.17
C GLU A 161 10.67 4.97 20.26
N ARG A 162 10.45 5.50 21.47
CA ARG A 162 11.28 5.21 22.66
C ARG A 162 11.14 3.75 23.10
N LYS A 163 9.93 3.19 23.05
CA LYS A 163 9.61 1.75 23.22
C LYS A 163 10.13 0.88 22.05
N GLY A 164 10.87 1.45 21.10
CA GLY A 164 11.61 0.72 20.07
C GLY A 164 10.79 0.29 18.84
N ARG A 165 9.58 0.82 18.66
CA ARG A 165 8.75 0.57 17.46
C ARG A 165 9.16 1.50 16.29
N THR A 166 8.73 1.17 15.08
CA THR A 166 8.78 2.05 13.89
C THR A 166 7.41 2.72 13.78
N ALA A 167 7.36 4.05 13.64
CA ALA A 167 6.09 4.80 13.58
C ALA A 167 5.93 5.57 12.25
N VAL A 168 4.79 5.39 11.56
CA VAL A 168 4.44 6.09 10.31
C VAL A 168 2.97 6.52 10.28
N LEU A 169 2.68 7.57 9.49
CA LEU A 169 1.33 8.14 9.31
C LEU A 169 0.86 8.21 7.85
N VAL A 170 -0.46 8.23 7.67
CA VAL A 170 -1.15 8.07 6.37
C VAL A 170 -2.24 9.14 6.17
N ALA A 171 -2.35 9.67 4.96
CA ALA A 171 -3.35 10.65 4.55
C ALA A 171 -3.87 10.39 3.12
N VAL A 172 -5.10 10.86 2.85
CA VAL A 172 -5.81 10.71 1.56
C VAL A 172 -6.20 12.10 1.08
N ASP A 173 -5.64 12.55 -0.06
CA ASP A 173 -5.99 13.80 -0.76
C ASP A 173 -6.26 15.02 0.17
N ASP A 174 -5.26 15.40 0.98
CA ASP A 174 -5.34 16.48 1.98
C ASP A 174 -6.29 16.21 3.18
N GLU A 175 -6.43 14.96 3.61
CA GLU A 175 -7.05 14.59 4.89
C GLU A 175 -6.27 13.49 5.64
N LEU A 176 -6.00 13.70 6.94
CA LEU A 176 -5.46 12.70 7.87
C LEU A 176 -6.36 11.47 7.92
N CYS A 177 -5.81 10.25 7.87
CA CYS A 177 -6.60 9.03 7.96
C CYS A 177 -6.15 8.00 9.00
N GLY A 178 -4.87 7.95 9.40
CA GLY A 178 -4.42 7.06 10.50
C GLY A 178 -2.90 7.04 10.75
N LEU A 179 -2.49 6.23 11.73
CA LEU A 179 -1.09 5.92 12.03
C LEU A 179 -0.87 4.45 12.42
N ILE A 180 0.35 3.97 12.18
CA ILE A 180 0.74 2.55 12.27
C ILE A 180 2.03 2.41 13.11
N ALA A 181 2.04 1.48 14.07
CA ALA A 181 3.20 1.13 14.88
C ALA A 181 3.62 -0.34 14.67
N ILE A 182 4.91 -0.55 14.34
CA ILE A 182 5.47 -1.84 13.91
C ILE A 182 6.66 -2.24 14.81
N ALA A 183 6.68 -3.48 15.27
CA ALA A 183 7.74 -4.07 16.07
C ALA A 183 8.57 -5.08 15.25
N ASP A 184 9.82 -5.34 15.66
CA ASP A 184 10.69 -6.37 15.09
C ASP A 184 11.33 -7.20 16.22
N THR A 185 11.45 -8.52 15.99
CA THR A 185 12.01 -9.54 16.90
C THR A 185 11.28 -9.62 18.25
N SER A 1 16.21 3.46 8.91
CA SER A 1 16.41 2.39 7.91
C SER A 1 16.97 1.14 8.53
N PHE A 2 16.59 -0.03 8.00
CA PHE A 2 16.85 -1.39 8.51
C PHE A 2 16.33 -1.68 9.93
N THR A 3 15.60 -2.80 10.10
CA THR A 3 15.11 -3.27 11.41
C THR A 3 16.20 -4.05 12.16
N MET A 4 17.15 -3.32 12.74
CA MET A 4 18.27 -3.80 13.55
C MET A 4 17.87 -4.67 14.75
N HIS A 5 16.74 -4.36 15.40
CA HIS A 5 16.32 -5.02 16.66
C HIS A 5 15.88 -6.48 16.47
N GLY A 6 15.32 -6.88 15.32
CA GLY A 6 14.86 -8.26 15.09
C GLY A 6 13.97 -8.43 13.87
N THR A 7 13.37 -9.62 13.73
CA THR A 7 12.39 -9.91 12.66
C THR A 7 11.08 -9.14 12.92
N PRO A 8 10.57 -8.34 11.96
CA PRO A 8 9.46 -7.39 12.17
C PRO A 8 8.05 -7.99 12.04
N VAL A 9 7.08 -7.32 12.67
CA VAL A 9 5.61 -7.52 12.55
C VAL A 9 4.89 -6.17 12.63
N VAL A 10 3.78 -5.99 11.92
CA VAL A 10 2.91 -4.80 12.10
C VAL A 10 2.11 -4.98 13.39
N ASN A 11 2.27 -4.05 14.34
CA ASN A 11 1.82 -4.24 15.72
C ASN A 11 0.57 -3.43 16.12
N GLN A 12 0.36 -2.23 15.58
CA GLN A 12 -0.88 -1.45 15.81
C GLN A 12 -1.25 -0.56 14.62
N VAL A 13 -2.53 -0.58 14.21
CA VAL A 13 -3.11 0.38 13.24
C VAL A 13 -4.38 1.03 13.78
N LYS A 14 -4.48 2.37 13.71
CA LYS A 14 -5.66 3.15 14.14
C LYS A 14 -6.14 4.07 13.02
N VAL A 15 -7.47 4.18 12.83
CA VAL A 15 -8.08 5.15 11.91
C VAL A 15 -8.28 6.49 12.63
N LEU A 16 -7.63 7.53 12.10
CA LEU A 16 -7.46 8.88 12.68
C LEU A 16 -8.53 9.88 12.19
N THR A 17 -9.68 9.36 11.76
CA THR A 17 -10.88 10.03 11.24
C THR A 17 -12.11 9.17 11.62
N GLU A 18 -13.34 9.52 11.22
CA GLU A 18 -14.50 8.61 11.36
C GLU A 18 -15.51 8.78 10.20
N SER A 19 -15.15 8.18 9.06
CA SER A 19 -15.99 8.09 7.84
C SER A 19 -16.33 9.43 7.16
N ASN A 20 -15.67 10.53 7.55
CA ASN A 20 -15.84 11.88 7.00
C ASN A 20 -15.66 11.90 5.47
N ARG A 21 -14.45 11.57 5.00
CA ARG A 21 -14.05 11.42 3.60
C ARG A 21 -13.95 9.94 3.20
N ILE A 22 -13.28 9.13 4.02
CA ILE A 22 -13.00 7.70 3.79
C ILE A 22 -13.43 6.85 5.01
N SER A 23 -13.99 5.66 4.78
CA SER A 23 -14.47 4.75 5.83
C SER A 23 -13.43 3.68 6.23
N HIS A 24 -13.58 3.13 7.45
CA HIS A 24 -12.59 2.28 8.15
C HIS A 24 -12.08 1.07 7.35
N HIS A 25 -12.97 0.20 6.86
CA HIS A 25 -12.60 -1.04 6.18
C HIS A 25 -11.97 -0.78 4.79
N LYS A 26 -12.35 0.32 4.12
CA LYS A 26 -11.78 0.76 2.85
C LYS A 26 -10.37 1.36 3.00
N ILE A 27 -10.11 2.08 4.11
CA ILE A 27 -8.75 2.52 4.49
C ILE A 27 -7.82 1.30 4.69
N LEU A 28 -8.27 0.27 5.41
CA LEU A 28 -7.50 -0.95 5.64
C LEU A 28 -7.16 -1.66 4.31
N ALA A 29 -8.15 -1.76 3.41
CA ALA A 29 -7.96 -2.33 2.08
C ALA A 29 -6.88 -1.59 1.27
N ILE A 30 -7.01 -0.27 1.06
CA ILE A 30 -6.08 0.47 0.18
C ILE A 30 -4.64 0.46 0.70
N VAL A 31 -4.41 0.55 2.01
CA VAL A 31 -3.07 0.46 2.60
C VAL A 31 -2.46 -0.94 2.38
N GLY A 32 -3.20 -2.00 2.69
CA GLY A 32 -2.68 -3.38 2.56
C GLY A 32 -2.38 -3.78 1.12
N THR A 33 -3.31 -3.47 0.22
CA THR A 33 -3.22 -3.76 -1.24
C THR A 33 -2.11 -2.98 -1.95
N ALA A 34 -1.70 -1.80 -1.44
CA ALA A 34 -0.56 -1.06 -1.98
C ALA A 34 0.80 -1.68 -1.57
N GLU A 35 1.02 -1.95 -0.27
CA GLU A 35 2.28 -2.52 0.23
C GLU A 35 2.45 -4.02 -0.09
N SER A 36 1.39 -4.70 -0.53
CA SER A 36 1.41 -6.08 -1.08
C SER A 36 2.23 -6.23 -2.39
N ASN A 37 2.83 -5.14 -2.89
CA ASN A 37 3.70 -5.15 -4.08
C ASN A 37 5.14 -5.61 -3.73
N SER A 38 6.18 -4.85 -4.11
CA SER A 38 7.59 -5.29 -4.06
C SER A 38 8.55 -4.20 -3.53
N GLU A 39 8.08 -3.33 -2.63
CA GLU A 39 8.80 -2.10 -2.26
C GLU A 39 9.50 -2.16 -0.90
N HIS A 40 8.97 -2.92 0.06
CA HIS A 40 9.51 -3.03 1.43
C HIS A 40 9.47 -4.47 1.95
N PRO A 41 10.44 -4.91 2.80
CA PRO A 41 10.33 -6.19 3.52
C PRO A 41 9.16 -6.19 4.51
N LEU A 42 8.76 -5.00 5.00
CA LEU A 42 7.57 -4.77 5.81
C LEU A 42 6.27 -4.95 5.00
N GLY A 43 6.31 -4.85 3.66
CA GLY A 43 5.16 -5.06 2.79
C GLY A 43 4.57 -6.46 2.90
N THR A 44 5.43 -7.50 2.92
CA THR A 44 5.03 -8.88 3.22
C THR A 44 4.33 -9.01 4.57
N ALA A 45 4.82 -8.30 5.60
CA ALA A 45 4.23 -8.33 6.93
C ALA A 45 2.82 -7.68 6.95
N ILE A 46 2.67 -6.53 6.26
CA ILE A 46 1.39 -5.84 6.09
C ILE A 46 0.39 -6.73 5.36
N THR A 47 0.74 -7.26 4.18
CA THR A 47 -0.23 -8.02 3.37
C THR A 47 -0.69 -9.31 4.05
N LYS A 48 0.23 -10.05 4.71
CA LYS A 48 -0.14 -11.24 5.49
C LYS A 48 -1.07 -10.94 6.67
N TYR A 49 -0.89 -9.80 7.36
CA TYR A 49 -1.81 -9.34 8.41
C TYR A 49 -3.16 -8.87 7.83
N CYS A 50 -3.14 -8.14 6.71
CA CYS A 50 -4.34 -7.64 6.04
C CYS A 50 -5.22 -8.76 5.50
N LYS A 51 -4.70 -9.72 4.72
CA LYS A 51 -5.54 -10.83 4.20
C LYS A 51 -6.20 -11.62 5.33
N GLN A 52 -5.46 -11.80 6.43
CA GLN A 52 -5.92 -12.51 7.61
C GLN A 52 -7.05 -11.74 8.31
N GLU A 53 -7.03 -10.40 8.28
CA GLU A 53 -8.13 -9.56 8.74
C GLU A 53 -9.34 -9.51 7.77
N LEU A 54 -9.12 -9.74 6.47
CA LEU A 54 -10.18 -9.94 5.46
C LEU A 54 -10.79 -11.35 5.48
N ASP A 55 -10.07 -12.34 6.01
CA ASP A 55 -10.38 -13.78 5.88
C ASP A 55 -10.50 -14.22 4.40
N THR A 56 -9.72 -13.58 3.52
CA THR A 56 -9.69 -13.83 2.05
C THR A 56 -8.38 -14.46 1.61
N GLU A 57 -8.30 -14.92 0.36
CA GLU A 57 -7.04 -15.35 -0.27
C GLU A 57 -6.87 -14.77 -1.69
N THR A 58 -6.79 -13.45 -1.75
CA THR A 58 -6.66 -12.62 -2.96
C THR A 58 -6.68 -11.12 -2.62
N LEU A 59 -5.65 -10.38 -3.02
CA LEU A 59 -5.59 -8.91 -2.99
C LEU A 59 -4.46 -8.34 -3.88
N GLY A 60 -4.32 -7.01 -3.92
CA GLY A 60 -3.20 -6.31 -4.53
C GLY A 60 -3.42 -5.93 -6.01
N THR A 61 -3.25 -4.63 -6.29
CA THR A 61 -3.51 -3.90 -7.52
C THR A 61 -2.39 -2.89 -7.84
N CYS A 62 -2.31 -2.42 -9.07
CA CYS A 62 -1.25 -1.53 -9.56
C CYS A 62 -1.30 -0.12 -8.94
N ILE A 63 -0.12 0.44 -8.66
CA ILE A 63 0.12 1.69 -7.96
C ILE A 63 1.31 2.48 -8.54
N ASP A 64 1.23 3.81 -8.53
CA ASP A 64 2.35 4.71 -8.85
C ASP A 64 3.17 5.00 -7.58
N PHE A 65 3.97 4.04 -7.12
CA PHE A 65 4.73 4.16 -5.87
C PHE A 65 5.92 5.13 -6.02
N GLN A 66 6.10 6.04 -5.06
CA GLN A 66 7.21 7.00 -4.97
C GLN A 66 7.87 6.93 -3.59
N VAL A 67 9.18 6.69 -3.52
CA VAL A 67 9.94 6.47 -2.26
C VAL A 67 10.86 7.66 -1.94
N VAL A 68 10.51 8.45 -0.92
CA VAL A 68 11.27 9.64 -0.48
C VAL A 68 12.07 9.32 0.80
N PRO A 69 13.42 9.22 0.73
CA PRO A 69 14.25 8.74 1.83
C PRO A 69 14.02 9.45 3.17
N GLY A 70 13.36 8.74 4.10
CA GLY A 70 13.14 9.16 5.49
C GLY A 70 11.99 10.16 5.68
N CYS A 71 11.50 10.78 4.60
CA CYS A 71 10.31 11.63 4.63
C CYS A 71 9.03 10.80 4.62
N GLY A 72 8.90 9.87 3.67
CA GLY A 72 7.72 9.03 3.48
C GLY A 72 7.54 8.49 2.05
N ILE A 73 6.33 8.02 1.76
CA ILE A 73 5.88 7.43 0.50
C ILE A 73 4.69 8.22 -0.04
N SER A 74 4.51 8.26 -1.35
CA SER A 74 3.29 8.75 -2.03
C SER A 74 2.91 7.76 -3.13
N CYS A 75 1.63 7.40 -3.25
CA CYS A 75 1.14 6.45 -4.26
C CYS A 75 -0.25 6.78 -4.82
N LYS A 76 -0.57 6.17 -5.97
CA LYS A 76 -1.91 6.16 -6.57
C LYS A 76 -2.37 4.70 -6.64
N VAL A 77 -3.67 4.38 -6.58
CA VAL A 77 -4.13 2.97 -6.63
C VAL A 77 -5.39 2.76 -7.48
N THR A 78 -5.43 1.68 -8.28
CA THR A 78 -6.59 1.29 -9.13
C THR A 78 -7.01 -0.18 -8.91
N ASN A 79 -7.90 -0.74 -9.72
CA ASN A 79 -8.40 -2.14 -9.74
C ASN A 79 -9.18 -2.63 -8.50
N ILE A 80 -9.19 -1.82 -7.43
CA ILE A 80 -10.05 -2.02 -6.25
C ILE A 80 -11.49 -1.53 -6.49
N GLU A 81 -11.68 -0.46 -7.27
CA GLU A 81 -12.98 -0.03 -7.78
C GLU A 81 -13.43 -0.81 -9.03
N GLY A 82 -12.50 -1.39 -9.79
CA GLY A 82 -12.77 -1.97 -11.12
C GLY A 82 -13.41 -3.35 -11.12
N LEU A 83 -13.56 -4.02 -9.98
CA LEU A 83 -14.11 -5.37 -9.83
C LEU A 83 -15.57 -5.51 -10.34
N LEU A 84 -16.26 -4.39 -10.60
CA LEU A 84 -17.55 -4.30 -11.30
C LEU A 84 -17.50 -4.72 -12.79
N HIS A 85 -16.30 -4.99 -13.32
CA HIS A 85 -16.05 -5.41 -14.70
C HIS A 85 -15.05 -6.58 -14.75
N LYS A 86 -15.05 -7.35 -15.85
CA LYS A 86 -14.13 -8.45 -16.12
C LYS A 86 -13.36 -8.23 -17.43
N ASN A 87 -12.03 -8.16 -17.35
CA ASN A 87 -11.13 -8.17 -18.50
C ASN A 87 -10.54 -9.58 -18.70
N ASN A 88 -10.21 -9.97 -19.94
CA ASN A 88 -9.45 -11.18 -20.24
C ASN A 88 -8.11 -10.83 -20.93
N TRP A 89 -7.02 -11.47 -20.49
CA TRP A 89 -5.62 -11.18 -20.82
C TRP A 89 -5.18 -9.84 -20.23
N ASN A 90 -3.96 -9.36 -20.52
CA ASN A 90 -3.45 -8.04 -20.10
C ASN A 90 -3.35 -7.84 -18.57
N ILE A 91 -3.43 -8.94 -17.79
CA ILE A 91 -3.32 -9.02 -16.32
C ILE A 91 -2.52 -10.28 -15.95
N GLU A 92 -1.35 -10.43 -16.58
CA GLU A 92 -0.55 -11.68 -16.55
C GLU A 92 0.03 -12.05 -15.16
N ASP A 93 0.32 -11.07 -14.31
CA ASP A 93 1.08 -11.23 -13.06
C ASP A 93 0.22 -11.34 -11.77
N ASN A 94 -1.09 -11.53 -11.88
CA ASN A 94 -2.04 -11.45 -10.77
C ASN A 94 -2.56 -12.84 -10.32
N ASN A 95 -2.65 -13.08 -9.01
CA ASN A 95 -3.09 -14.32 -8.34
C ASN A 95 -2.43 -15.66 -8.79
N ILE A 96 -1.23 -15.62 -9.40
CA ILE A 96 -0.53 -16.81 -9.94
C ILE A 96 0.77 -17.17 -9.21
N LYS A 97 1.17 -18.45 -9.29
CA LYS A 97 2.38 -19.06 -8.74
C LYS A 97 3.45 -19.20 -9.81
N ASN A 98 4.68 -18.87 -9.44
CA ASN A 98 5.91 -19.10 -10.17
C ASN A 98 6.87 -20.07 -9.44
N ALA A 99 6.82 -20.12 -8.11
CA ALA A 99 7.70 -20.90 -7.24
C ALA A 99 6.97 -21.33 -5.94
N SER A 100 7.58 -22.25 -5.19
CA SER A 100 7.04 -22.77 -3.92
C SER A 100 8.04 -22.64 -2.78
N LEU A 101 7.52 -22.48 -1.55
CA LEU A 101 8.34 -22.33 -0.34
C LEU A 101 8.68 -23.66 0.32
N VAL A 102 9.74 -23.64 1.12
CA VAL A 102 10.21 -24.80 1.90
C VAL A 102 9.45 -25.01 3.22
N GLN A 103 8.67 -24.02 3.65
CA GLN A 103 7.72 -24.04 4.76
C GLN A 103 6.60 -23.01 4.50
N ILE A 104 5.35 -23.35 4.83
CA ILE A 104 4.13 -22.50 4.75
C ILE A 104 4.05 -21.70 3.44
N ASP A 105 3.72 -22.38 2.35
CA ASP A 105 3.61 -21.77 1.01
C ASP A 105 2.45 -20.77 0.90
N ALA A 106 1.30 -21.11 1.49
CA ALA A 106 0.08 -20.30 1.54
C ALA A 106 -0.26 -19.62 0.20
N SER A 107 -0.51 -18.31 0.21
CA SER A 107 -0.89 -17.55 -0.98
C SER A 107 0.31 -17.20 -1.87
N ASN A 108 0.09 -17.09 -3.18
CA ASN A 108 1.12 -16.81 -4.19
C ASN A 108 0.69 -15.68 -5.15
N GLU A 109 1.52 -14.64 -5.28
CA GLU A 109 1.43 -13.56 -6.28
C GLU A 109 2.81 -12.88 -6.51
N GLN A 110 2.95 -12.10 -7.59
CA GLN A 110 4.17 -11.35 -7.95
C GLN A 110 3.88 -9.90 -8.39
N SER A 111 4.91 -9.17 -8.86
CA SER A 111 4.86 -7.76 -9.27
C SER A 111 5.60 -7.49 -10.59
N SER A 112 5.31 -6.38 -11.26
CA SER A 112 6.04 -5.86 -12.45
C SER A 112 5.87 -4.34 -12.60
N THR A 113 6.80 -3.65 -13.28
CA THR A 113 6.76 -2.19 -13.53
C THR A 113 6.77 -1.83 -15.02
N SER A 114 6.27 -2.74 -15.85
CA SER A 114 6.36 -2.73 -17.32
C SER A 114 5.57 -1.59 -17.98
N SER A 115 5.99 -1.19 -19.18
CA SER A 115 5.28 -0.25 -20.06
C SER A 115 4.21 -0.96 -20.89
N SER A 116 3.08 -0.29 -21.18
CA SER A 116 1.87 -0.90 -21.75
C SER A 116 1.33 -2.07 -20.89
N MET A 117 1.45 -1.99 -19.57
CA MET A 117 1.01 -3.01 -18.61
C MET A 117 -0.46 -2.83 -18.17
N ILE A 118 -0.90 -1.57 -18.07
CA ILE A 118 -2.26 -1.17 -17.66
C ILE A 118 -2.75 0.00 -18.53
N ILE A 119 -3.03 -0.31 -19.79
CA ILE A 119 -3.43 0.64 -20.86
C ILE A 119 -4.84 0.36 -21.39
N ASP A 120 -5.36 1.22 -22.27
CA ASP A 120 -6.70 1.16 -22.90
C ASP A 120 -7.86 0.87 -21.93
N ALA A 121 -8.10 -0.41 -21.61
CA ALA A 121 -9.12 -0.88 -20.67
C ALA A 121 -9.05 -0.17 -19.29
N GLN A 122 -7.85 0.20 -18.84
CA GLN A 122 -7.64 0.96 -17.60
C GLN A 122 -8.16 2.41 -17.69
N ILE A 123 -8.06 3.06 -18.86
CA ILE A 123 -8.62 4.39 -19.12
C ILE A 123 -10.13 4.29 -19.34
N SER A 124 -10.59 3.24 -20.04
CA SER A 124 -12.01 2.93 -20.25
C SER A 124 -12.76 2.64 -18.95
N ASN A 125 -12.10 2.06 -17.93
CA ASN A 125 -12.69 1.82 -16.60
C ASN A 125 -12.61 3.03 -15.65
N ALA A 126 -11.60 3.89 -15.78
CA ALA A 126 -11.37 5.03 -14.89
C ALA A 126 -12.59 5.97 -14.71
N LEU A 127 -13.50 6.05 -15.69
CA LEU A 127 -14.76 6.79 -15.61
C LEU A 127 -15.68 6.34 -14.45
N ASN A 128 -15.65 5.04 -14.10
CA ASN A 128 -16.42 4.43 -13.00
C ASN A 128 -15.53 3.85 -11.89
N ALA A 129 -14.22 4.11 -11.97
CA ALA A 129 -13.22 3.75 -10.98
C ALA A 129 -12.37 4.96 -10.60
N GLN A 130 -12.79 5.68 -9.56
CA GLN A 130 -11.93 6.69 -8.97
C GLN A 130 -10.69 6.02 -8.35
N GLN A 131 -9.50 6.52 -8.66
CA GLN A 131 -8.27 6.10 -8.00
C GLN A 131 -8.15 6.81 -6.64
N TYR A 132 -7.42 6.23 -5.71
CA TYR A 132 -7.06 6.91 -4.44
C TYR A 132 -5.61 7.41 -4.48
N LYS A 133 -5.34 8.59 -3.90
CA LYS A 133 -4.02 9.21 -3.72
C LYS A 133 -3.67 9.14 -2.24
N VAL A 134 -2.70 8.29 -1.89
CA VAL A 134 -2.37 7.94 -0.49
C VAL A 134 -0.91 8.25 -0.19
N LEU A 135 -0.67 8.93 0.94
CA LEU A 135 0.64 9.39 1.39
C LEU A 135 0.90 8.83 2.80
N ILE A 136 2.06 8.18 3.00
CA ILE A 136 2.38 7.51 4.28
C ILE A 136 3.82 7.83 4.70
N GLY A 137 4.01 8.48 5.85
CA GLY A 137 5.34 8.99 6.23
C GLY A 137 5.44 9.53 7.66
N ASN A 138 6.57 10.21 7.92
CA ASN A 138 6.86 10.79 9.23
C ASN A 138 6.08 12.10 9.50
N ARG A 139 5.98 12.49 10.77
CA ARG A 139 5.18 13.65 11.20
C ARG A 139 5.62 14.98 10.56
N GLU A 140 6.91 15.19 10.28
CA GLU A 140 7.37 16.44 9.68
C GLU A 140 6.93 16.59 8.23
N TRP A 141 6.98 15.52 7.41
CA TRP A 141 6.56 15.61 6.01
C TRP A 141 5.04 15.78 5.87
N MET A 142 4.26 15.33 6.85
CA MET A 142 2.83 15.62 6.99
C MET A 142 2.60 17.13 7.21
N ILE A 143 3.40 17.78 8.07
CA ILE A 143 3.33 19.23 8.30
C ILE A 143 3.78 20.01 7.05
N ARG A 144 4.77 19.53 6.29
CA ARG A 144 5.11 20.08 4.96
C ARG A 144 3.94 19.92 3.98
N ASN A 145 3.20 18.82 4.03
CA ASN A 145 2.00 18.60 3.23
C ASN A 145 0.80 19.52 3.58
N GLY A 146 0.90 20.32 4.65
CA GLY A 146 -0.16 21.22 5.12
C GLY A 146 -1.15 20.57 6.08
N LEU A 147 -0.78 19.41 6.66
CA LEU A 147 -1.55 18.68 7.65
C LEU A 147 -1.12 19.08 9.08
N VAL A 148 -1.70 18.42 10.08
CA VAL A 148 -1.33 18.55 11.51
C VAL A 148 -1.07 17.19 12.14
N ILE A 149 -0.33 17.22 13.24
CA ILE A 149 -0.29 16.10 14.19
C ILE A 149 -0.81 16.63 15.53
N ASN A 150 -1.69 15.84 16.13
CA ASN A 150 -2.36 16.19 17.39
C ASN A 150 -1.49 15.77 18.60
N ASN A 151 -1.67 16.38 19.76
CA ASN A 151 -0.76 16.20 20.90
C ASN A 151 -0.80 14.78 21.51
N ASP A 152 -1.99 14.16 21.55
CA ASP A 152 -2.24 12.86 22.17
C ASP A 152 -1.55 11.70 21.42
N VAL A 153 -1.59 11.77 20.09
CA VAL A 153 -0.86 10.90 19.15
C VAL A 153 0.63 11.26 19.00
N ASN A 154 1.02 12.53 19.04
CA ASN A 154 2.44 12.93 18.91
C ASN A 154 3.30 12.36 20.04
N ASP A 155 2.80 12.29 21.28
CA ASP A 155 3.53 11.64 22.38
C ASP A 155 3.67 10.12 22.19
N PHE A 156 2.62 9.44 21.71
CA PHE A 156 2.69 7.99 21.40
C PHE A 156 3.75 7.71 20.33
N MET A 157 3.73 8.47 19.23
CA MET A 157 4.68 8.34 18.11
C MET A 157 6.12 8.72 18.52
N THR A 158 6.28 9.77 19.33
CA THR A 158 7.58 10.21 19.87
C THR A 158 8.18 9.13 20.76
N GLU A 159 7.39 8.56 21.67
CA GLU A 159 7.85 7.46 22.52
C GLU A 159 8.20 6.20 21.71
N HIS A 160 7.50 5.94 20.59
CA HIS A 160 7.77 4.78 19.73
C HIS A 160 9.09 4.93 18.95
N GLU A 161 9.32 6.11 18.37
CA GLU A 161 10.59 6.45 17.70
C GLU A 161 11.75 6.57 18.71
N ARG A 162 11.50 7.02 19.95
CA ARG A 162 12.49 6.99 21.05
C ARG A 162 12.86 5.55 21.46
N LYS A 163 11.94 4.59 21.31
CA LYS A 163 12.22 3.15 21.44
C LYS A 163 12.75 2.54 20.14
N GLY A 164 12.95 3.34 19.09
CA GLY A 164 13.55 2.95 17.81
C GLY A 164 12.68 2.07 16.91
N ARG A 165 11.35 2.00 17.14
CA ARG A 165 10.41 1.20 16.33
C ARG A 165 9.62 2.10 15.37
N THR A 166 9.39 1.64 14.15
CA THR A 166 8.84 2.46 13.04
C THR A 166 7.40 2.88 13.29
N ALA A 167 7.13 4.19 13.20
CA ALA A 167 5.84 4.82 13.46
C ALA A 167 5.55 5.89 12.38
N VAL A 168 4.43 5.77 11.65
CA VAL A 168 4.09 6.64 10.50
C VAL A 168 2.61 7.02 10.46
N LEU A 169 2.29 8.18 9.87
CA LEU A 169 0.93 8.66 9.62
C LEU A 169 0.46 8.25 8.21
N VAL A 170 -0.85 8.16 8.03
CA VAL A 170 -1.54 7.89 6.75
C VAL A 170 -2.46 9.08 6.43
N ALA A 171 -2.35 9.59 5.21
CA ALA A 171 -3.17 10.68 4.68
C ALA A 171 -3.70 10.34 3.28
N VAL A 172 -4.87 10.89 2.92
CA VAL A 172 -5.57 10.67 1.64
C VAL A 172 -5.98 12.01 1.04
N ASP A 173 -5.51 12.32 -0.17
CA ASP A 173 -5.84 13.55 -0.92
C ASP A 173 -5.86 14.85 -0.07
N ASP A 174 -4.76 15.15 0.62
CA ASP A 174 -4.58 16.29 1.53
C ASP A 174 -5.41 16.24 2.84
N GLU A 175 -5.81 15.06 3.32
CA GLU A 175 -6.58 14.88 4.58
C GLU A 175 -6.02 13.76 5.49
N LEU A 176 -6.10 13.94 6.82
CA LEU A 176 -5.80 12.93 7.85
C LEU A 176 -6.68 11.67 7.69
N CYS A 177 -6.09 10.47 7.80
CA CYS A 177 -6.88 9.24 7.88
C CYS A 177 -6.35 8.13 8.83
N GLY A 178 -5.07 8.09 9.23
CA GLY A 178 -4.60 7.02 10.11
C GLY A 178 -3.17 7.12 10.64
N LEU A 179 -2.79 6.14 11.45
CA LEU A 179 -1.40 5.88 11.86
C LEU A 179 -1.10 4.37 11.94
N ILE A 180 0.18 4.02 11.75
CA ILE A 180 0.70 2.63 11.71
C ILE A 180 1.95 2.54 12.59
N ALA A 181 2.03 1.51 13.44
CA ALA A 181 3.20 1.13 14.23
C ALA A 181 3.69 -0.29 13.82
N ILE A 182 5.00 -0.41 13.57
CA ILE A 182 5.66 -1.67 13.16
C ILE A 182 6.90 -1.91 14.02
N ALA A 183 6.96 -3.10 14.64
CA ALA A 183 7.91 -3.44 15.70
C ALA A 183 8.54 -4.83 15.49
N ASP A 184 9.72 -5.05 16.06
CA ASP A 184 10.35 -6.38 16.12
C ASP A 184 9.57 -7.34 17.05
N THR A 185 9.73 -8.64 16.81
CA THR A 185 9.01 -9.74 17.49
C THR A 185 9.35 -9.92 18.97
N SER A 1 27.78 -16.23 16.35
CA SER A 1 26.64 -17.05 15.88
C SER A 1 25.43 -16.16 15.62
N PHE A 2 24.57 -16.53 14.67
CA PHE A 2 23.46 -15.68 14.20
C PHE A 2 22.11 -16.02 14.85
N THR A 3 21.39 -14.98 15.31
CA THR A 3 20.15 -15.11 16.07
C THR A 3 18.86 -15.07 15.24
N MET A 4 18.91 -14.63 13.97
CA MET A 4 17.74 -14.49 13.07
C MET A 4 16.56 -13.62 13.59
N HIS A 5 16.74 -12.89 14.69
CA HIS A 5 15.73 -12.05 15.34
C HIS A 5 15.79 -10.57 14.87
N GLY A 6 14.98 -9.69 15.47
CA GLY A 6 14.90 -8.26 15.14
C GLY A 6 14.01 -7.96 13.93
N THR A 7 13.13 -8.89 13.56
CA THR A 7 12.31 -8.88 12.34
C THR A 7 11.05 -8.01 12.49
N PRO A 8 10.44 -7.49 11.39
CA PRO A 8 9.28 -6.61 11.49
C PRO A 8 7.94 -7.34 11.75
N VAL A 9 7.11 -6.75 12.62
CA VAL A 9 5.70 -7.15 12.85
C VAL A 9 4.83 -5.93 13.19
N VAL A 10 3.67 -5.79 12.53
CA VAL A 10 2.70 -4.71 12.80
C VAL A 10 2.01 -4.97 14.14
N ASN A 11 2.16 -4.07 15.11
CA ASN A 11 1.75 -4.28 16.50
C ASN A 11 0.45 -3.54 16.89
N GLN A 12 0.18 -2.36 16.34
CA GLN A 12 -1.09 -1.64 16.58
C GLN A 12 -1.43 -0.67 15.43
N VAL A 13 -2.72 -0.57 15.06
CA VAL A 13 -3.23 0.43 14.10
C VAL A 13 -4.41 1.22 14.67
N LYS A 14 -4.41 2.55 14.48
CA LYS A 14 -5.38 3.48 15.08
C LYS A 14 -6.00 4.43 14.05
N VAL A 15 -7.31 4.65 14.12
CA VAL A 15 -8.05 5.47 13.15
C VAL A 15 -8.10 6.94 13.56
N LEU A 16 -7.94 7.85 12.59
CA LEU A 16 -8.02 9.31 12.77
C LEU A 16 -9.30 9.89 12.12
N THR A 17 -9.72 9.38 10.96
CA THR A 17 -10.85 9.89 10.17
C THR A 17 -12.24 9.41 10.67
N GLU A 18 -12.41 9.12 11.96
CA GLU A 18 -13.65 8.47 12.45
C GLU A 18 -14.89 9.35 12.28
N SER A 19 -15.99 8.75 11.80
CA SER A 19 -17.22 9.42 11.32
C SER A 19 -17.02 10.50 10.23
N ASN A 20 -15.82 10.60 9.65
CA ASN A 20 -15.40 11.66 8.72
C ASN A 20 -15.20 11.11 7.29
N ARG A 21 -14.22 11.64 6.53
CA ARG A 21 -14.05 11.46 5.06
C ARG A 21 -13.96 10.02 4.56
N ILE A 22 -13.25 9.12 5.23
CA ILE A 22 -13.18 7.68 4.88
C ILE A 22 -13.31 6.78 6.13
N SER A 23 -13.39 5.46 5.93
CA SER A 23 -13.51 4.45 7.00
C SER A 23 -12.37 3.43 7.02
N HIS A 24 -12.14 2.86 8.20
CA HIS A 24 -10.97 2.03 8.55
C HIS A 24 -10.68 0.83 7.63
N HIS A 25 -11.69 0.09 7.17
CA HIS A 25 -11.47 -1.15 6.41
C HIS A 25 -11.09 -0.86 4.95
N LYS A 26 -11.73 0.13 4.31
CA LYS A 26 -11.33 0.62 2.97
C LYS A 26 -9.89 1.16 2.99
N ILE A 27 -9.51 1.89 4.04
CA ILE A 27 -8.13 2.37 4.24
C ILE A 27 -7.16 1.20 4.36
N LEU A 28 -7.47 0.20 5.19
CA LEU A 28 -6.63 -0.98 5.38
C LEU A 28 -6.45 -1.79 4.08
N ALA A 29 -7.50 -1.90 3.26
CA ALA A 29 -7.42 -2.51 1.94
C ALA A 29 -6.49 -1.71 1.00
N ILE A 30 -6.71 -0.41 0.80
CA ILE A 30 -5.92 0.35 -0.19
C ILE A 30 -4.45 0.57 0.23
N VAL A 31 -4.19 0.79 1.53
CA VAL A 31 -2.81 0.83 2.05
C VAL A 31 -2.17 -0.56 1.96
N GLY A 32 -2.85 -1.59 2.45
CA GLY A 32 -2.27 -2.93 2.53
C GLY A 32 -2.02 -3.57 1.17
N THR A 33 -2.88 -3.32 0.19
CA THR A 33 -2.73 -3.79 -1.20
C THR A 33 -1.75 -2.95 -2.04
N ALA A 34 -1.47 -1.69 -1.68
CA ALA A 34 -0.39 -0.90 -2.31
C ALA A 34 1.02 -1.47 -2.01
N GLU A 35 1.21 -2.22 -0.92
CA GLU A 35 2.49 -2.83 -0.55
C GLU A 35 2.70 -4.21 -1.23
N SER A 36 1.82 -4.61 -2.16
CA SER A 36 1.76 -5.93 -2.82
C SER A 36 2.46 -6.05 -4.20
N ASN A 37 3.06 -4.99 -4.77
CA ASN A 37 3.67 -5.00 -6.10
C ASN A 37 5.21 -5.18 -6.08
N SER A 38 6.00 -4.11 -6.01
CA SER A 38 7.46 -4.16 -5.88
C SER A 38 8.00 -3.05 -4.98
N GLU A 39 8.54 -3.44 -3.84
CA GLU A 39 8.91 -2.53 -2.75
C GLU A 39 9.92 -3.14 -1.75
N HIS A 40 10.45 -2.32 -0.84
CA HIS A 40 11.35 -2.75 0.25
C HIS A 40 10.66 -3.67 1.28
N PRO A 41 11.40 -4.50 2.05
CA PRO A 41 10.84 -5.60 2.87
C PRO A 41 9.76 -5.29 3.90
N LEU A 42 9.59 -4.04 4.38
CA LEU A 42 8.49 -3.70 5.28
C LEU A 42 7.10 -3.93 4.64
N GLY A 43 7.01 -3.86 3.31
CA GLY A 43 5.78 -4.14 2.56
C GLY A 43 5.20 -5.51 2.88
N THR A 44 6.02 -6.58 2.85
CA THR A 44 5.57 -7.94 3.19
C THR A 44 4.94 -8.08 4.58
N ALA A 45 5.33 -7.25 5.55
CA ALA A 45 4.77 -7.27 6.91
C ALA A 45 3.39 -6.61 6.97
N ILE A 46 3.17 -5.55 6.18
CA ILE A 46 1.86 -4.91 5.98
C ILE A 46 0.94 -5.84 5.20
N THR A 47 1.35 -6.36 4.03
CA THR A 47 0.49 -7.23 3.20
C THR A 47 0.05 -8.47 3.99
N LYS A 48 0.99 -9.14 4.68
CA LYS A 48 0.73 -10.28 5.58
C LYS A 48 -0.36 -9.97 6.61
N TYR A 49 -0.27 -8.85 7.32
CA TYR A 49 -1.27 -8.48 8.34
C TYR A 49 -2.61 -8.10 7.71
N CYS A 50 -2.60 -7.33 6.62
CA CYS A 50 -3.83 -6.82 5.98
C CYS A 50 -4.60 -7.94 5.26
N LYS A 51 -3.92 -8.80 4.48
CA LYS A 51 -4.55 -9.94 3.81
C LYS A 51 -5.17 -10.93 4.81
N GLN A 52 -4.56 -11.05 5.99
CA GLN A 52 -5.06 -11.84 7.12
C GLN A 52 -6.22 -11.12 7.85
N GLU A 53 -6.25 -9.78 7.89
CA GLU A 53 -7.36 -9.01 8.47
C GLU A 53 -8.66 -9.15 7.64
N LEU A 54 -8.58 -9.20 6.31
CA LEU A 54 -9.70 -9.54 5.42
C LEU A 54 -9.75 -11.02 4.98
N ASP A 55 -8.92 -11.87 5.61
CA ASP A 55 -8.90 -13.34 5.54
C ASP A 55 -8.96 -13.94 4.11
N THR A 56 -8.21 -13.35 3.17
CA THR A 56 -8.22 -13.73 1.74
C THR A 56 -6.91 -14.37 1.28
N GLU A 57 -6.93 -14.97 0.09
CA GLU A 57 -5.76 -15.47 -0.65
C GLU A 57 -5.60 -14.81 -2.03
N THR A 58 -6.27 -13.68 -2.25
CA THR A 58 -6.23 -12.86 -3.48
C THR A 58 -6.34 -11.36 -3.16
N LEU A 59 -5.50 -10.53 -3.78
CA LEU A 59 -5.50 -9.07 -3.58
C LEU A 59 -4.87 -8.31 -4.76
N GLY A 60 -5.39 -7.11 -4.99
CA GLY A 60 -4.84 -6.16 -5.97
C GLY A 60 -5.54 -4.80 -6.05
N THR A 61 -4.75 -3.79 -6.37
CA THR A 61 -5.12 -2.38 -6.64
C THR A 61 -4.06 -1.83 -7.59
N CYS A 62 -4.45 -1.14 -8.66
CA CYS A 62 -3.49 -0.51 -9.57
C CYS A 62 -2.95 0.77 -8.94
N ILE A 63 -1.62 0.99 -8.97
CA ILE A 63 -0.93 2.01 -8.21
C ILE A 63 0.19 2.67 -9.00
N ASP A 64 0.44 3.95 -8.75
CA ASP A 64 1.63 4.68 -9.22
C ASP A 64 2.57 4.95 -8.04
N PHE A 65 3.28 3.91 -7.60
CA PHE A 65 4.05 3.88 -6.34
C PHE A 65 5.42 4.57 -6.48
N GLN A 66 5.68 5.57 -5.63
CA GLN A 66 6.92 6.35 -5.52
C GLN A 66 7.48 6.26 -4.09
N VAL A 67 8.79 6.13 -3.93
CA VAL A 67 9.43 5.85 -2.62
C VAL A 67 10.61 6.80 -2.35
N VAL A 68 10.68 7.30 -1.12
CA VAL A 68 11.81 8.06 -0.56
C VAL A 68 12.18 7.51 0.83
N PRO A 69 13.15 6.57 0.94
CA PRO A 69 13.43 5.83 2.17
C PRO A 69 13.79 6.73 3.37
N GLY A 70 13.29 6.37 4.55
CA GLY A 70 13.39 7.18 5.77
C GLY A 70 12.38 8.32 5.87
N CYS A 71 11.80 8.79 4.75
CA CYS A 71 10.81 9.87 4.71
C CYS A 71 9.38 9.32 4.51
N GLY A 72 9.17 8.48 3.49
CA GLY A 72 7.86 7.89 3.20
C GLY A 72 7.69 7.31 1.80
N ILE A 73 6.43 7.13 1.43
CA ILE A 73 5.91 6.60 0.16
C ILE A 73 4.74 7.48 -0.31
N SER A 74 4.60 7.66 -1.62
CA SER A 74 3.46 8.35 -2.25
C SER A 74 2.93 7.51 -3.40
N CYS A 75 1.62 7.33 -3.51
CA CYS A 75 1.03 6.58 -4.61
C CYS A 75 -0.36 7.08 -5.07
N LYS A 76 -0.81 6.54 -6.21
CA LYS A 76 -2.20 6.65 -6.67
C LYS A 76 -2.77 5.25 -6.44
N VAL A 77 -4.04 5.10 -6.10
CA VAL A 77 -4.63 3.77 -5.81
C VAL A 77 -6.08 3.66 -6.29
N THR A 78 -6.42 2.54 -6.92
CA THR A 78 -7.73 2.26 -7.52
C THR A 78 -7.98 0.74 -7.66
N ASN A 79 -9.02 0.33 -8.38
CA ASN A 79 -9.44 -1.07 -8.59
C ASN A 79 -10.04 -1.77 -7.34
N ILE A 80 -10.54 -0.99 -6.37
CA ILE A 80 -10.97 -1.48 -5.04
C ILE A 80 -12.04 -2.58 -5.14
N GLU A 81 -13.22 -2.28 -5.72
CA GLU A 81 -14.21 -3.31 -6.04
C GLU A 81 -13.73 -4.30 -7.12
N GLY A 82 -13.00 -3.81 -8.15
CA GLY A 82 -12.60 -4.55 -9.35
C GLY A 82 -11.78 -5.85 -9.23
N LEU A 83 -11.50 -6.34 -8.03
CA LEU A 83 -11.00 -7.71 -7.83
C LEU A 83 -12.15 -8.73 -8.06
N LEU A 84 -13.38 -8.29 -7.80
CA LEU A 84 -14.67 -8.95 -8.05
C LEU A 84 -14.92 -10.24 -7.24
N HIS A 85 -16.19 -10.66 -7.25
CA HIS A 85 -16.72 -11.87 -6.61
C HIS A 85 -17.18 -12.90 -7.66
N LYS A 86 -17.44 -14.13 -7.20
CA LYS A 86 -17.67 -15.36 -8.00
C LYS A 86 -16.44 -15.77 -8.82
N ASN A 87 -16.45 -16.99 -9.34
CA ASN A 87 -15.42 -17.49 -10.25
C ASN A 87 -15.51 -16.79 -11.62
N ASN A 88 -14.36 -16.43 -12.18
CA ASN A 88 -14.27 -15.65 -13.42
C ASN A 88 -14.40 -16.50 -14.70
N TRP A 89 -14.26 -15.89 -15.89
CA TRP A 89 -14.57 -16.49 -17.19
C TRP A 89 -13.50 -16.07 -18.19
N ASN A 90 -13.40 -16.76 -19.33
CA ASN A 90 -12.29 -16.60 -20.27
C ASN A 90 -10.96 -16.90 -19.53
N ILE A 91 -9.83 -16.30 -19.91
CA ILE A 91 -8.52 -16.40 -19.21
C ILE A 91 -7.88 -17.82 -19.17
N GLU A 92 -8.63 -18.89 -19.44
CA GLU A 92 -8.17 -20.28 -19.44
C GLU A 92 -7.05 -20.55 -20.47
N ASP A 93 -7.11 -19.85 -21.62
CA ASP A 93 -6.08 -19.88 -22.67
C ASP A 93 -5.06 -18.72 -22.56
N ASN A 94 -5.21 -17.81 -21.58
CA ASN A 94 -4.38 -16.62 -21.47
C ASN A 94 -2.95 -16.97 -21.01
N ASN A 95 -2.01 -17.03 -21.95
CA ASN A 95 -0.64 -17.54 -21.76
C ASN A 95 0.40 -16.90 -22.70
N ILE A 96 1.67 -16.98 -22.31
CA ILE A 96 2.86 -16.61 -23.09
C ILE A 96 3.90 -17.72 -22.99
N LYS A 97 4.39 -18.24 -24.12
CA LYS A 97 5.42 -19.31 -24.19
C LYS A 97 6.13 -19.34 -25.55
N ASN A 98 7.40 -19.73 -25.58
CA ASN A 98 8.18 -20.04 -26.78
C ASN A 98 8.93 -21.38 -26.59
N ALA A 99 9.13 -22.15 -27.67
CA ALA A 99 9.73 -23.49 -27.62
C ALA A 99 10.26 -23.95 -28.99
N SER A 100 11.53 -24.35 -29.08
CA SER A 100 12.10 -24.96 -30.31
C SER A 100 11.77 -26.45 -30.38
N LEU A 101 10.70 -26.83 -31.07
CA LEU A 101 10.28 -28.24 -31.19
C LEU A 101 11.38 -29.13 -31.79
N VAL A 102 11.44 -30.38 -31.34
CA VAL A 102 12.51 -31.39 -31.54
C VAL A 102 13.92 -30.96 -31.08
N GLN A 103 14.08 -29.75 -30.55
CA GLN A 103 15.31 -29.21 -29.96
C GLN A 103 15.11 -28.83 -28.48
N ILE A 104 14.15 -29.45 -27.80
CA ILE A 104 13.74 -29.08 -26.43
C ILE A 104 14.83 -29.45 -25.42
N ASP A 105 15.28 -30.71 -25.42
CA ASP A 105 16.40 -31.17 -24.59
C ASP A 105 17.78 -30.76 -25.16
N ALA A 106 17.83 -30.22 -26.39
CA ALA A 106 19.04 -29.67 -27.01
C ALA A 106 19.27 -28.17 -26.72
N SER A 107 18.20 -27.37 -26.63
CA SER A 107 18.27 -25.92 -26.35
C SER A 107 18.19 -25.60 -24.86
N ASN A 108 17.30 -26.29 -24.13
CA ASN A 108 17.07 -26.17 -22.69
C ASN A 108 16.66 -24.76 -22.20
N GLU A 109 16.24 -23.86 -23.09
CA GLU A 109 15.81 -22.50 -22.75
C GLU A 109 14.63 -22.02 -23.62
N GLN A 110 13.77 -21.15 -23.07
CA GLN A 110 12.52 -20.74 -23.72
C GLN A 110 12.64 -19.47 -24.58
N SER A 111 13.34 -18.44 -24.06
CA SER A 111 13.38 -17.06 -24.58
C SER A 111 12.04 -16.30 -24.50
N SER A 112 12.11 -14.97 -24.50
CA SER A 112 10.95 -14.06 -24.51
C SER A 112 10.44 -13.75 -25.93
N THR A 113 9.26 -13.12 -26.03
CA THR A 113 8.52 -12.92 -27.29
C THR A 113 8.02 -11.50 -27.53
N SER A 114 8.00 -10.64 -26.49
CA SER A 114 7.36 -9.32 -26.47
C SER A 114 5.85 -9.31 -26.75
N SER A 115 5.21 -10.50 -26.82
CA SER A 115 3.83 -10.67 -27.25
C SER A 115 2.79 -10.30 -26.19
N SER A 116 1.59 -9.96 -26.68
CA SER A 116 0.41 -9.57 -25.88
C SER A 116 0.64 -8.46 -24.86
N MET A 117 1.53 -7.49 -25.14
CA MET A 117 1.84 -6.38 -24.24
C MET A 117 0.76 -5.28 -24.23
N ILE A 118 0.04 -5.07 -25.34
CA ILE A 118 -0.93 -3.97 -25.54
C ILE A 118 -2.36 -4.45 -25.85
N ILE A 119 -2.72 -5.64 -25.35
CA ILE A 119 -4.06 -6.25 -25.54
C ILE A 119 -5.20 -5.56 -24.74
N ASP A 120 -4.88 -4.64 -23.83
CA ASP A 120 -5.81 -3.70 -23.15
C ASP A 120 -6.76 -4.27 -22.07
N ALA A 121 -6.72 -5.57 -21.79
CA ALA A 121 -7.65 -6.26 -20.89
C ALA A 121 -7.54 -5.84 -19.41
N GLN A 122 -6.35 -6.00 -18.80
CA GLN A 122 -6.10 -5.57 -17.40
C GLN A 122 -6.23 -4.06 -17.20
N ILE A 123 -5.88 -3.27 -18.22
CA ILE A 123 -6.04 -1.81 -18.21
C ILE A 123 -7.52 -1.45 -18.16
N SER A 124 -8.35 -2.08 -18.99
CA SER A 124 -9.81 -1.90 -18.98
C SER A 124 -10.48 -2.30 -17.64
N ASN A 125 -9.89 -3.22 -16.87
CA ASN A 125 -10.34 -3.53 -15.51
C ASN A 125 -9.93 -2.44 -14.49
N ALA A 126 -8.77 -1.79 -14.61
CA ALA A 126 -8.33 -0.73 -13.69
C ALA A 126 -9.28 0.49 -13.62
N LEU A 127 -10.21 0.64 -14.58
CA LEU A 127 -11.29 1.64 -14.56
C LEU A 127 -12.45 1.33 -13.56
N ASN A 128 -12.40 0.24 -12.79
CA ASN A 128 -13.34 -0.02 -11.68
C ASN A 128 -13.04 0.86 -10.45
N ALA A 129 -14.04 1.02 -9.58
CA ALA A 129 -13.95 1.66 -8.25
C ALA A 129 -13.61 3.17 -8.23
N GLN A 130 -13.54 3.72 -7.01
CA GLN A 130 -13.01 5.04 -6.68
C GLN A 130 -11.48 5.06 -6.79
N GLN A 131 -10.91 6.20 -7.23
CA GLN A 131 -9.47 6.44 -7.23
C GLN A 131 -9.06 7.43 -6.14
N TYR A 132 -7.96 7.12 -5.44
CA TYR A 132 -7.39 7.92 -4.35
C TYR A 132 -5.91 8.28 -4.55
N LYS A 133 -5.46 9.38 -3.95
CA LYS A 133 -4.03 9.75 -3.85
C LYS A 133 -3.61 9.64 -2.38
N VAL A 134 -2.74 8.69 -2.05
CA VAL A 134 -2.43 8.31 -0.67
C VAL A 134 -0.93 8.22 -0.39
N LEU A 135 -0.52 8.62 0.82
CA LEU A 135 0.86 8.60 1.30
C LEU A 135 0.95 7.83 2.62
N ILE A 136 2.09 7.17 2.86
CA ILE A 136 2.45 6.56 4.15
C ILE A 136 3.89 6.94 4.51
N GLY A 137 4.13 7.60 5.64
CA GLY A 137 5.47 8.07 6.00
C GLY A 137 5.60 8.65 7.40
N ASN A 138 6.63 9.48 7.60
CA ASN A 138 6.94 10.10 8.89
C ASN A 138 5.98 11.26 9.23
N ARG A 139 5.90 11.59 10.54
CA ARG A 139 5.06 12.67 11.09
C ARG A 139 5.37 14.05 10.53
N GLU A 140 6.66 14.39 10.41
CA GLU A 140 7.09 15.67 9.83
C GLU A 140 6.88 15.73 8.31
N TRP A 141 6.89 14.60 7.58
CA TRP A 141 6.82 14.59 6.12
C TRP A 141 5.38 14.85 5.64
N MET A 142 4.37 14.51 6.45
CA MET A 142 2.97 14.90 6.22
C MET A 142 2.74 16.40 6.45
N ILE A 143 3.44 17.03 7.41
CA ILE A 143 3.42 18.49 7.57
C ILE A 143 4.04 19.17 6.33
N ARG A 144 5.09 18.57 5.73
CA ARG A 144 5.69 19.00 4.47
C ARG A 144 4.77 18.76 3.26
N ASN A 145 3.92 17.73 3.32
CA ASN A 145 2.82 17.50 2.36
C ASN A 145 1.67 18.53 2.43
N GLY A 146 1.70 19.44 3.41
CA GLY A 146 0.67 20.49 3.59
C GLY A 146 -0.56 20.04 4.38
N LEU A 147 -0.42 18.97 5.17
CA LEU A 147 -1.41 18.48 6.15
C LEU A 147 -1.10 19.05 7.56
N VAL A 148 -1.93 18.78 8.56
CA VAL A 148 -1.65 19.12 9.98
C VAL A 148 -1.85 17.93 10.93
N ILE A 149 -0.94 17.74 11.89
CA ILE A 149 -0.98 16.67 12.90
C ILE A 149 -1.42 17.22 14.27
N ASN A 150 -2.05 16.38 15.08
CA ASN A 150 -2.55 16.75 16.41
C ASN A 150 -1.50 16.36 17.50
N ASN A 151 -1.35 17.16 18.55
CA ASN A 151 -0.33 16.93 19.59
C ASN A 151 -0.46 15.55 20.27
N ASP A 152 -1.69 15.14 20.59
CA ASP A 152 -1.98 13.90 21.32
C ASP A 152 -1.41 12.65 20.60
N VAL A 153 -1.68 12.57 19.30
CA VAL A 153 -1.18 11.50 18.40
C VAL A 153 0.31 11.63 18.07
N ASN A 154 0.86 12.84 17.91
CA ASN A 154 2.31 13.03 17.72
C ASN A 154 3.10 12.59 18.96
N ASP A 155 2.56 12.86 20.15
CA ASP A 155 3.12 12.47 21.44
C ASP A 155 3.05 10.95 21.66
N PHE A 156 1.90 10.33 21.36
CA PHE A 156 1.74 8.87 21.40
C PHE A 156 2.75 8.14 20.51
N MET A 157 3.02 8.68 19.31
CA MET A 157 4.03 8.14 18.39
C MET A 157 5.45 8.36 18.90
N THR A 158 5.76 9.57 19.36
CA THR A 158 7.08 9.91 19.92
C THR A 158 7.41 9.02 21.12
N GLU A 159 6.46 8.81 22.03
CA GLU A 159 6.63 7.95 23.21
C GLU A 159 6.92 6.49 22.80
N HIS A 160 6.24 5.98 21.77
CA HIS A 160 6.44 4.63 21.22
C HIS A 160 7.81 4.49 20.53
N GLU A 161 8.26 5.55 19.86
CA GLU A 161 9.60 5.65 19.26
C GLU A 161 10.70 5.79 20.33
N ARG A 162 10.39 6.39 21.50
CA ARG A 162 11.24 6.40 22.71
C ARG A 162 11.37 5.03 23.38
N LYS A 163 10.40 4.12 23.19
CA LYS A 163 10.55 2.70 23.56
C LYS A 163 11.60 2.06 22.65
N GLY A 164 11.45 2.32 21.35
CA GLY A 164 12.35 1.92 20.26
C GLY A 164 11.64 1.10 19.17
N ARG A 165 10.37 1.43 18.91
CA ARG A 165 9.48 0.79 17.92
C ARG A 165 9.00 1.83 16.90
N THR A 166 8.82 1.44 15.64
CA THR A 166 8.58 2.38 14.52
C THR A 166 7.13 2.88 14.46
N ALA A 167 6.92 4.15 14.11
CA ALA A 167 5.60 4.77 13.99
C ALA A 167 5.46 5.57 12.67
N VAL A 168 4.51 5.18 11.82
CA VAL A 168 4.21 5.83 10.52
C VAL A 168 2.72 6.11 10.35
N LEU A 169 2.38 7.13 9.55
CA LEU A 169 1.00 7.64 9.43
C LEU A 169 0.56 7.88 7.98
N VAL A 170 -0.77 7.90 7.79
CA VAL A 170 -1.45 7.84 6.48
C VAL A 170 -2.37 9.05 6.24
N ALA A 171 -2.38 9.52 4.99
CA ALA A 171 -3.28 10.58 4.51
C ALA A 171 -3.84 10.27 3.10
N VAL A 172 -5.00 10.85 2.79
CA VAL A 172 -5.82 10.57 1.59
C VAL A 172 -6.38 11.86 0.99
N ASP A 173 -6.01 12.18 -0.26
CA ASP A 173 -6.48 13.36 -1.01
C ASP A 173 -6.50 14.68 -0.18
N ASP A 174 -5.38 15.00 0.47
CA ASP A 174 -5.17 16.15 1.37
C ASP A 174 -5.95 16.11 2.72
N GLU A 175 -6.25 14.92 3.24
CA GLU A 175 -6.82 14.70 4.58
C GLU A 175 -6.10 13.61 5.41
N LEU A 176 -5.94 13.82 6.73
CA LEU A 176 -5.50 12.80 7.70
C LEU A 176 -6.44 11.59 7.72
N CYS A 177 -5.93 10.37 7.89
CA CYS A 177 -6.82 9.20 8.05
C CYS A 177 -6.44 8.17 9.14
N GLY A 178 -5.15 7.90 9.44
CA GLY A 178 -4.79 6.86 10.41
C GLY A 178 -3.28 6.75 10.69
N LEU A 179 -2.91 5.88 11.63
CA LEU A 179 -1.51 5.56 11.95
C LEU A 179 -1.25 4.08 12.27
N ILE A 180 -0.01 3.66 12.06
CA ILE A 180 0.49 2.28 12.14
C ILE A 180 1.76 2.25 13.03
N ALA A 181 1.75 1.41 14.06
CA ALA A 181 2.88 1.15 14.94
C ALA A 181 3.42 -0.28 14.74
N ILE A 182 4.75 -0.40 14.60
CA ILE A 182 5.46 -1.61 14.19
C ILE A 182 6.58 -1.94 15.18
N ALA A 183 6.68 -3.21 15.57
CA ALA A 183 7.62 -3.74 16.55
C ALA A 183 8.72 -4.60 15.90
N ASP A 184 9.85 -4.73 16.60
CA ASP A 184 10.92 -5.67 16.28
C ASP A 184 10.76 -6.98 17.09
N THR A 185 10.91 -8.14 16.44
CA THR A 185 10.88 -9.48 17.08
C THR A 185 12.02 -10.37 16.62
N SER A 1 17.09 -20.84 11.05
CA SER A 1 16.19 -20.86 9.88
C SER A 1 14.78 -21.26 10.30
N PHE A 2 13.80 -21.25 9.40
CA PHE A 2 12.36 -21.47 9.68
C PHE A 2 11.73 -20.44 10.65
N THR A 3 10.44 -20.61 10.98
CA THR A 3 9.63 -19.71 11.84
C THR A 3 9.86 -19.88 13.36
N MET A 4 11.07 -20.31 13.78
CA MET A 4 11.46 -20.45 15.18
C MET A 4 12.25 -19.25 15.74
N HIS A 5 12.16 -18.08 15.09
CA HIS A 5 12.92 -16.86 15.41
C HIS A 5 12.04 -15.60 15.47
N GLY A 6 12.49 -14.60 16.23
CA GLY A 6 11.86 -13.28 16.33
C GLY A 6 12.23 -12.35 15.17
N THR A 7 11.23 -11.62 14.64
CA THR A 7 11.33 -10.84 13.40
C THR A 7 10.53 -9.53 13.48
N PRO A 8 10.80 -8.55 12.58
CA PRO A 8 9.99 -7.33 12.44
C PRO A 8 8.59 -7.60 11.89
N VAL A 9 7.58 -6.96 12.49
CA VAL A 9 6.16 -7.10 12.17
C VAL A 9 5.39 -5.78 12.39
N VAL A 10 4.21 -5.66 11.78
CA VAL A 10 3.28 -4.56 12.12
C VAL A 10 2.73 -4.85 13.52
N ASN A 11 3.04 -3.98 14.48
CA ASN A 11 2.83 -4.22 15.90
C ASN A 11 1.52 -3.56 16.40
N GLN A 12 1.22 -2.33 15.98
CA GLN A 12 -0.07 -1.70 16.29
C GLN A 12 -0.52 -0.75 15.17
N VAL A 13 -1.82 -0.71 14.89
CA VAL A 13 -2.45 0.29 14.01
C VAL A 13 -3.61 0.99 14.72
N LYS A 14 -3.79 2.29 14.48
CA LYS A 14 -4.91 3.10 15.03
C LYS A 14 -5.49 4.01 13.95
N VAL A 15 -6.82 4.07 13.84
CA VAL A 15 -7.53 4.87 12.82
C VAL A 15 -7.78 6.31 13.29
N LEU A 16 -7.88 7.26 12.36
CA LEU A 16 -7.91 8.71 12.62
C LEU A 16 -8.79 9.51 11.62
N THR A 17 -9.97 8.99 11.26
CA THR A 17 -10.92 9.66 10.35
C THR A 17 -12.31 9.87 10.98
N GLU A 18 -13.09 8.80 11.17
CA GLU A 18 -14.54 8.83 11.51
C GLU A 18 -15.32 9.90 10.72
N SER A 19 -14.94 10.10 9.44
CA SER A 19 -15.36 11.20 8.57
C SER A 19 -15.74 10.72 7.15
N ASN A 20 -16.34 11.60 6.35
CA ASN A 20 -16.96 11.26 5.07
C ASN A 20 -16.02 10.74 3.95
N ARG A 21 -14.75 11.19 3.90
CA ARG A 21 -13.85 10.85 2.79
C ARG A 21 -13.39 9.39 2.78
N ILE A 22 -13.08 8.81 3.94
CA ILE A 22 -12.55 7.44 4.10
C ILE A 22 -13.01 6.74 5.40
N SER A 23 -13.11 5.40 5.36
CA SER A 23 -13.56 4.54 6.47
C SER A 23 -12.58 3.39 6.81
N HIS A 24 -12.56 2.96 8.07
CA HIS A 24 -11.55 2.06 8.67
C HIS A 24 -11.16 0.79 7.89
N HIS A 25 -12.10 -0.10 7.54
CA HIS A 25 -11.79 -1.38 6.89
C HIS A 25 -11.30 -1.20 5.45
N LYS A 26 -11.80 -0.14 4.79
CA LYS A 26 -11.46 0.22 3.41
C LYS A 26 -10.06 0.86 3.33
N ILE A 27 -9.63 1.60 4.36
CA ILE A 27 -8.25 2.08 4.53
C ILE A 27 -7.28 0.89 4.67
N LEU A 28 -7.63 -0.11 5.50
CA LEU A 28 -6.81 -1.29 5.75
C LEU A 28 -6.48 -2.05 4.46
N ALA A 29 -7.46 -2.21 3.57
CA ALA A 29 -7.24 -2.76 2.22
C ALA A 29 -6.24 -1.92 1.40
N ILE A 30 -6.47 -0.61 1.21
CA ILE A 30 -5.59 0.19 0.32
C ILE A 30 -4.16 0.32 0.85
N VAL A 31 -3.94 0.33 2.17
CA VAL A 31 -2.58 0.26 2.73
C VAL A 31 -1.93 -1.09 2.39
N GLY A 32 -2.59 -2.21 2.70
CA GLY A 32 -1.98 -3.53 2.54
C GLY A 32 -1.69 -3.91 1.09
N THR A 33 -2.66 -3.66 0.20
CA THR A 33 -2.57 -4.02 -1.21
C THR A 33 -1.64 -3.08 -2.00
N ALA A 34 -1.43 -1.83 -1.57
CA ALA A 34 -0.42 -0.95 -2.15
C ALA A 34 1.03 -1.24 -1.69
N GLU A 35 1.24 -1.63 -0.42
CA GLU A 35 2.59 -1.85 0.14
C GLU A 35 3.19 -3.21 -0.25
N SER A 36 2.34 -4.13 -0.70
CA SER A 36 2.61 -5.56 -0.93
C SER A 36 3.92 -5.94 -1.64
N ASN A 37 4.38 -5.20 -2.67
CA ASN A 37 5.68 -5.43 -3.33
C ASN A 37 6.20 -4.18 -4.09
N SER A 38 6.50 -3.10 -3.37
CA SER A 38 7.04 -1.85 -3.95
C SER A 38 8.11 -1.13 -3.12
N GLU A 39 8.45 -1.61 -1.90
CA GLU A 39 9.51 -1.04 -1.05
C GLU A 39 10.49 -2.09 -0.47
N HIS A 40 10.14 -2.71 0.65
CA HIS A 40 10.98 -3.57 1.50
C HIS A 40 10.14 -4.73 2.09
N PRO A 41 10.76 -5.78 2.68
CA PRO A 41 10.06 -6.96 3.21
C PRO A 41 8.90 -6.70 4.20
N LEU A 42 8.87 -5.54 4.85
CA LEU A 42 7.75 -5.11 5.72
C LEU A 42 6.41 -5.07 4.96
N GLY A 43 6.41 -4.84 3.64
CA GLY A 43 5.21 -4.94 2.81
C GLY A 43 4.58 -6.34 2.88
N THR A 44 5.38 -7.41 2.75
CA THR A 44 4.92 -8.80 2.95
C THR A 44 4.29 -9.00 4.33
N ALA A 45 4.91 -8.49 5.40
CA ALA A 45 4.43 -8.61 6.77
C ALA A 45 3.11 -7.83 7.01
N ILE A 46 2.92 -6.70 6.33
CA ILE A 46 1.68 -5.93 6.30
C ILE A 46 0.58 -6.69 5.56
N THR A 47 0.79 -7.16 4.32
CA THR A 47 -0.28 -7.87 3.61
C THR A 47 -0.67 -9.19 4.32
N LYS A 48 0.30 -9.91 4.90
CA LYS A 48 0.04 -11.11 5.72
C LYS A 48 -0.80 -10.82 6.97
N TYR A 49 -0.71 -9.61 7.54
CA TYR A 49 -1.65 -9.13 8.58
C TYR A 49 -3.01 -8.79 7.93
N CYS A 50 -3.02 -7.97 6.87
CA CYS A 50 -4.22 -7.40 6.25
C CYS A 50 -5.15 -8.45 5.64
N LYS A 51 -4.65 -9.36 4.77
CA LYS A 51 -5.52 -10.34 4.08
C LYS A 51 -6.17 -11.34 5.05
N GLN A 52 -5.54 -11.56 6.21
CA GLN A 52 -6.08 -12.35 7.33
C GLN A 52 -7.17 -11.57 8.09
N GLU A 53 -7.05 -10.23 8.21
CA GLU A 53 -8.15 -9.39 8.72
C GLU A 53 -9.34 -9.35 7.75
N LEU A 54 -9.11 -9.39 6.43
CA LEU A 54 -10.17 -9.50 5.41
C LEU A 54 -10.75 -10.93 5.29
N ASP A 55 -10.08 -11.93 5.85
CA ASP A 55 -10.32 -13.36 5.64
C ASP A 55 -10.37 -13.76 4.14
N THR A 56 -9.71 -13.00 3.26
CA THR A 56 -9.86 -13.16 1.80
C THR A 56 -8.81 -14.06 1.16
N GLU A 57 -9.21 -14.80 0.12
CA GLU A 57 -8.32 -15.56 -0.77
C GLU A 57 -7.98 -14.80 -2.07
N THR A 58 -8.45 -13.55 -2.21
CA THR A 58 -8.37 -12.77 -3.46
C THR A 58 -8.41 -11.26 -3.21
N LEU A 59 -7.42 -10.51 -3.69
CA LEU A 59 -7.34 -9.04 -3.64
C LEU A 59 -6.35 -8.46 -4.69
N GLY A 60 -6.43 -7.15 -4.93
CA GLY A 60 -5.53 -6.37 -5.79
C GLY A 60 -5.94 -4.90 -6.04
N THR A 61 -4.95 -4.04 -6.29
CA THR A 61 -5.06 -2.60 -6.55
C THR A 61 -3.92 -2.13 -7.47
N CYS A 62 -4.21 -1.45 -8.58
CA CYS A 62 -3.20 -0.77 -9.38
C CYS A 62 -2.72 0.54 -8.70
N ILE A 63 -1.43 0.85 -8.75
CA ILE A 63 -0.76 1.91 -7.99
C ILE A 63 0.35 2.60 -8.78
N ASP A 64 0.55 3.90 -8.59
CA ASP A 64 1.70 4.65 -9.11
C ASP A 64 2.59 5.15 -7.95
N PHE A 65 3.40 4.22 -7.43
CA PHE A 65 4.20 4.30 -6.21
C PHE A 65 5.51 5.07 -6.40
N GLN A 66 5.78 6.08 -5.57
CA GLN A 66 6.96 6.95 -5.61
C GLN A 66 7.65 7.04 -4.25
N VAL A 67 8.96 6.78 -4.21
CA VAL A 67 9.77 6.75 -2.98
C VAL A 67 10.52 8.08 -2.81
N VAL A 68 10.44 8.68 -1.62
CA VAL A 68 11.23 9.86 -1.23
C VAL A 68 12.16 9.54 -0.03
N PRO A 69 13.49 9.45 -0.24
CA PRO A 69 14.45 8.94 0.75
C PRO A 69 14.41 9.64 2.12
N GLY A 70 14.22 8.83 3.17
CA GLY A 70 14.22 9.25 4.56
C GLY A 70 12.93 9.94 5.03
N CYS A 71 11.85 9.91 4.23
CA CYS A 71 10.62 10.70 4.47
C CYS A 71 9.32 9.88 4.41
N GLY A 72 9.16 9.05 3.37
CA GLY A 72 7.88 8.37 3.08
C GLY A 72 7.70 7.95 1.62
N ILE A 73 6.46 7.65 1.24
CA ILE A 73 6.03 7.26 -0.11
C ILE A 73 4.71 7.95 -0.49
N SER A 74 4.74 8.66 -1.62
CA SER A 74 3.58 9.19 -2.33
C SER A 74 3.13 8.15 -3.39
N CYS A 75 1.86 7.78 -3.45
CA CYS A 75 1.36 6.82 -4.43
C CYS A 75 -0.06 7.15 -4.94
N LYS A 76 -0.52 6.43 -5.98
CA LYS A 76 -1.94 6.45 -6.35
C LYS A 76 -2.47 5.05 -6.10
N VAL A 77 -3.77 4.89 -5.82
CA VAL A 77 -4.42 3.58 -5.65
C VAL A 77 -5.80 3.55 -6.31
N THR A 78 -6.20 2.40 -6.86
CA THR A 78 -7.53 2.19 -7.46
C THR A 78 -7.96 0.73 -7.30
N ASN A 79 -9.10 0.34 -7.91
CA ASN A 79 -9.72 -0.98 -7.83
C ASN A 79 -10.47 -1.27 -6.51
N ILE A 80 -10.79 -0.23 -5.71
CA ILE A 80 -11.56 -0.40 -4.47
C ILE A 80 -13.02 -0.78 -4.73
N GLU A 81 -13.70 -0.11 -5.67
CA GLU A 81 -15.10 -0.41 -6.00
C GLU A 81 -15.26 -1.83 -6.61
N GLY A 82 -14.22 -2.36 -7.27
CA GLY A 82 -14.06 -3.73 -7.80
C GLY A 82 -14.38 -4.94 -6.90
N LEU A 83 -14.85 -4.71 -5.68
CA LEU A 83 -15.45 -5.74 -4.82
C LEU A 83 -16.80 -6.22 -5.42
N LEU A 84 -17.62 -5.25 -5.88
CA LEU A 84 -18.87 -5.42 -6.61
C LEU A 84 -19.92 -6.32 -5.90
N HIS A 85 -20.97 -6.66 -6.65
CA HIS A 85 -21.99 -7.67 -6.34
C HIS A 85 -22.29 -8.47 -7.62
N LYS A 86 -23.01 -9.61 -7.49
CA LYS A 86 -23.28 -10.58 -8.57
C LYS A 86 -22.00 -11.19 -9.17
N ASN A 87 -22.18 -12.01 -10.20
CA ASN A 87 -21.10 -12.49 -11.07
C ASN A 87 -20.65 -11.33 -11.99
N ASN A 88 -19.34 -11.01 -11.97
CA ASN A 88 -18.79 -9.78 -12.56
C ASN A 88 -17.75 -9.97 -13.70
N TRP A 89 -18.06 -10.78 -14.74
CA TRP A 89 -17.07 -11.17 -15.76
C TRP A 89 -17.62 -11.15 -17.20
N ASN A 90 -18.93 -11.32 -17.38
CA ASN A 90 -19.61 -11.29 -18.67
C ASN A 90 -20.70 -10.18 -18.69
N ILE A 91 -21.40 -10.01 -17.56
CA ILE A 91 -22.31 -8.90 -17.17
C ILE A 91 -23.34 -8.51 -18.24
N GLU A 92 -24.60 -8.93 -18.05
CA GLU A 92 -25.71 -8.81 -19.03
C GLU A 92 -26.06 -7.37 -19.44
N ASP A 93 -25.84 -6.39 -18.57
CA ASP A 93 -26.22 -4.97 -18.74
C ASP A 93 -25.03 -4.01 -18.92
N ASN A 94 -23.82 -4.52 -19.14
CA ASN A 94 -22.59 -3.72 -19.20
C ASN A 94 -22.55 -2.74 -20.39
N ASN A 95 -22.16 -1.49 -20.16
CA ASN A 95 -21.90 -0.50 -21.21
C ASN A 95 -20.40 -0.23 -21.34
N ILE A 96 -19.83 -0.49 -22.53
CA ILE A 96 -18.37 -0.49 -22.78
C ILE A 96 -18.04 0.52 -23.89
N LYS A 97 -18.21 1.82 -23.58
CA LYS A 97 -17.80 2.95 -24.44
C LYS A 97 -16.41 3.49 -24.08
N ASN A 98 -15.92 3.19 -22.87
CA ASN A 98 -14.61 3.61 -22.33
C ASN A 98 -14.32 5.11 -22.45
N ALA A 99 -14.69 5.88 -21.44
CA ALA A 99 -14.54 7.35 -21.36
C ALA A 99 -13.20 7.85 -20.77
N SER A 100 -12.39 6.97 -20.17
CA SER A 100 -11.20 7.26 -19.34
C SER A 100 -11.49 8.04 -18.06
N LEU A 101 -10.54 8.03 -17.11
CA LEU A 101 -10.61 8.77 -15.83
C LEU A 101 -9.23 9.22 -15.31
N VAL A 102 -9.21 10.38 -14.65
CA VAL A 102 -8.06 10.92 -13.91
C VAL A 102 -8.59 11.87 -12.81
N GLN A 103 -8.10 11.72 -11.57
CA GLN A 103 -8.69 12.35 -10.36
C GLN A 103 -10.12 11.84 -10.07
N ILE A 104 -10.79 12.40 -9.05
CA ILE A 104 -12.18 12.08 -8.69
C ILE A 104 -13.17 12.95 -9.48
N ASP A 105 -12.79 14.18 -9.86
CA ASP A 105 -13.61 15.05 -10.73
C ASP A 105 -13.66 14.62 -12.20
N ALA A 106 -12.64 13.91 -12.67
CA ALA A 106 -12.48 13.55 -14.07
C ALA A 106 -12.66 14.76 -15.02
N SER A 107 -13.15 14.48 -16.23
CA SER A 107 -13.22 15.36 -17.39
C SER A 107 -14.36 14.91 -18.34
N ASN A 108 -14.53 15.59 -19.47
CA ASN A 108 -15.40 15.13 -20.57
C ASN A 108 -14.80 13.92 -21.30
N GLU A 109 -15.62 13.00 -21.82
CA GLU A 109 -15.17 11.72 -22.40
C GLU A 109 -14.38 11.85 -23.72
N GLN A 110 -13.60 10.81 -24.03
CA GLN A 110 -12.93 10.57 -25.32
C GLN A 110 -12.92 9.06 -25.63
N SER A 111 -12.40 8.66 -26.80
CA SER A 111 -12.43 7.27 -27.29
C SER A 111 -11.05 6.70 -27.65
N SER A 112 -10.03 7.02 -26.85
CA SER A 112 -8.62 6.64 -27.08
C SER A 112 -8.28 5.14 -26.95
N THR A 113 -9.24 4.26 -26.71
CA THR A 113 -9.03 2.80 -26.55
C THR A 113 -8.68 2.09 -27.87
N SER A 114 -8.43 0.77 -27.82
CA SER A 114 -8.09 -0.06 -28.98
C SER A 114 -9.32 -0.37 -29.84
N SER A 115 -10.26 -1.20 -29.36
CA SER A 115 -11.55 -1.51 -30.01
C SER A 115 -12.62 -1.84 -28.95
N SER A 116 -13.10 -0.80 -28.26
CA SER A 116 -14.03 -0.89 -27.10
C SER A 116 -15.34 -1.65 -27.38
N MET A 117 -15.71 -1.79 -28.66
CA MET A 117 -16.85 -2.57 -29.13
C MET A 117 -16.85 -4.03 -28.67
N ILE A 118 -15.68 -4.67 -28.50
CA ILE A 118 -15.55 -6.11 -28.13
C ILE A 118 -14.34 -6.47 -27.25
N ILE A 119 -13.28 -5.66 -27.26
CA ILE A 119 -12.10 -5.79 -26.36
C ILE A 119 -11.93 -4.52 -25.51
N ASP A 120 -10.85 -4.38 -24.73
CA ASP A 120 -10.67 -3.34 -23.70
C ASP A 120 -11.83 -3.28 -22.66
N ALA A 121 -12.54 -4.40 -22.46
CA ALA A 121 -13.61 -4.54 -21.47
C ALA A 121 -13.13 -4.33 -20.02
N GLN A 122 -11.90 -4.73 -19.66
CA GLN A 122 -11.38 -4.54 -18.30
C GLN A 122 -11.06 -3.06 -17.98
N ILE A 123 -10.89 -2.22 -19.01
CA ILE A 123 -10.73 -0.77 -18.86
C ILE A 123 -12.02 -0.17 -18.26
N SER A 124 -13.20 -0.56 -18.75
CA SER A 124 -14.50 -0.18 -18.19
C SER A 124 -14.81 -0.79 -16.82
N ASN A 125 -14.17 -1.92 -16.46
CA ASN A 125 -14.25 -2.46 -15.10
C ASN A 125 -13.46 -1.55 -14.12
N ALA A 126 -12.22 -1.22 -14.47
CA ALA A 126 -11.33 -0.38 -13.68
C ALA A 126 -11.84 1.07 -13.56
N LEU A 127 -12.58 1.56 -14.56
CA LEU A 127 -13.18 2.91 -14.58
C LEU A 127 -14.33 3.08 -13.56
N ASN A 128 -14.94 1.98 -13.08
CA ASN A 128 -15.94 2.01 -12.01
C ASN A 128 -15.31 2.32 -10.63
N ALA A 129 -13.99 2.16 -10.48
CA ALA A 129 -13.26 2.52 -9.26
C ALA A 129 -12.78 3.98 -9.29
N GLN A 130 -12.65 4.57 -8.10
CA GLN A 130 -12.28 5.98 -7.90
C GLN A 130 -10.78 6.09 -7.59
N GLN A 131 -10.07 7.00 -8.27
CA GLN A 131 -8.61 7.04 -8.22
C GLN A 131 -8.07 7.97 -7.12
N TYR A 132 -7.58 7.38 -6.03
CA TYR A 132 -7.10 8.09 -4.84
C TYR A 132 -5.59 8.38 -4.86
N LYS A 133 -5.21 9.60 -4.46
CA LYS A 133 -3.81 10.02 -4.19
C LYS A 133 -3.51 9.80 -2.70
N VAL A 134 -2.46 9.06 -2.36
CA VAL A 134 -2.18 8.60 -0.98
C VAL A 134 -0.72 8.88 -0.58
N LEU A 135 -0.50 9.23 0.68
CA LEU A 135 0.84 9.32 1.29
C LEU A 135 0.93 8.41 2.52
N ILE A 136 2.06 7.71 2.67
CA ILE A 136 2.43 6.95 3.87
C ILE A 136 3.85 7.37 4.27
N GLY A 137 4.07 7.91 5.48
CA GLY A 137 5.41 8.38 5.87
C GLY A 137 5.52 8.91 7.29
N ASN A 138 6.62 9.63 7.56
CA ASN A 138 6.88 10.13 8.91
C ASN A 138 6.01 11.36 9.26
N ARG A 139 5.90 11.64 10.56
CA ARG A 139 4.95 12.63 11.12
C ARG A 139 5.20 14.06 10.63
N GLU A 140 6.46 14.49 10.57
CA GLU A 140 6.85 15.83 10.12
C GLU A 140 6.70 16.00 8.59
N TRP A 141 6.72 14.92 7.78
CA TRP A 141 6.52 15.02 6.33
C TRP A 141 5.06 15.38 5.97
N MET A 142 4.10 15.08 6.83
CA MET A 142 2.71 15.55 6.71
C MET A 142 2.58 17.03 7.06
N ILE A 143 3.35 17.54 8.02
CA ILE A 143 3.42 18.99 8.31
C ILE A 143 3.99 19.73 7.11
N ARG A 144 4.98 19.15 6.41
CA ARG A 144 5.47 19.65 5.11
C ARG A 144 4.39 19.62 4.01
N ASN A 145 3.51 18.61 3.95
CA ASN A 145 2.33 18.61 3.08
C ASN A 145 1.26 19.66 3.46
N GLY A 146 1.32 20.26 4.66
CA GLY A 146 0.23 21.10 5.19
C GLY A 146 -0.95 20.28 5.71
N LEU A 147 -0.68 19.15 6.37
CA LEU A 147 -1.67 18.25 6.99
C LEU A 147 -1.43 18.20 8.51
N VAL A 148 -2.47 18.45 9.30
CA VAL A 148 -2.34 18.60 10.76
C VAL A 148 -2.33 17.28 11.52
N ILE A 149 -1.23 17.02 12.23
CA ILE A 149 -1.14 15.96 13.24
C ILE A 149 -1.69 16.51 14.57
N ASN A 150 -2.22 15.61 15.39
CA ASN A 150 -2.86 15.94 16.67
C ASN A 150 -1.96 15.59 17.87
N ASN A 151 -2.18 16.23 19.02
CA ASN A 151 -1.27 16.13 20.18
C ASN A 151 -1.28 14.75 20.90
N ASP A 152 -2.38 14.00 20.85
CA ASP A 152 -2.43 12.62 21.37
C ASP A 152 -1.52 11.69 20.56
N VAL A 153 -1.75 11.61 19.24
CA VAL A 153 -0.92 10.83 18.30
C VAL A 153 0.54 11.30 18.26
N ASN A 154 0.84 12.61 18.33
CA ASN A 154 2.23 13.08 18.30
C ASN A 154 3.04 12.59 19.52
N ASP A 155 2.50 12.72 20.74
CA ASP A 155 3.17 12.24 21.97
C ASP A 155 3.20 10.69 22.06
N PHE A 156 2.27 9.97 21.44
CA PHE A 156 2.32 8.50 21.27
C PHE A 156 3.36 8.04 20.24
N MET A 157 3.39 8.63 19.05
CA MET A 157 4.37 8.32 18.01
C MET A 157 5.78 8.67 18.47
N THR A 158 5.93 9.78 19.19
CA THR A 158 7.18 10.16 19.83
C THR A 158 7.61 9.10 20.84
N GLU A 159 6.72 8.66 21.73
CA GLU A 159 7.00 7.61 22.72
C GLU A 159 7.40 6.28 22.07
N HIS A 160 6.79 5.90 20.94
CA HIS A 160 7.11 4.66 20.23
C HIS A 160 8.51 4.70 19.58
N GLU A 161 8.84 5.85 19.01
CA GLU A 161 10.16 6.17 18.45
C GLU A 161 11.24 6.25 19.53
N ARG A 162 10.91 6.84 20.69
CA ARG A 162 11.76 6.93 21.90
C ARG A 162 11.93 5.59 22.65
N LYS A 163 11.02 4.64 22.46
CA LYS A 163 11.19 3.23 22.88
C LYS A 163 12.39 2.65 22.13
N GLY A 164 12.41 2.93 20.82
CA GLY A 164 13.54 2.70 19.91
C GLY A 164 13.18 1.84 18.69
N ARG A 165 11.91 1.95 18.25
CA ARG A 165 11.29 1.22 17.12
C ARG A 165 10.69 2.25 16.13
N THR A 166 9.85 1.84 15.18
CA THR A 166 9.40 2.69 14.05
C THR A 166 7.92 3.08 14.13
N ALA A 167 7.58 4.34 13.78
CA ALA A 167 6.20 4.83 13.71
C ALA A 167 5.96 5.78 12.51
N VAL A 168 4.87 5.57 11.77
CA VAL A 168 4.48 6.30 10.54
C VAL A 168 2.96 6.55 10.46
N LEU A 169 2.53 7.50 9.63
CA LEU A 169 1.12 7.85 9.42
C LEU A 169 0.69 7.94 7.94
N VAL A 170 -0.64 7.95 7.73
CA VAL A 170 -1.28 7.81 6.42
C VAL A 170 -2.27 8.95 6.15
N ALA A 171 -2.25 9.47 4.91
CA ALA A 171 -3.21 10.45 4.40
C ALA A 171 -3.72 10.11 2.99
N VAL A 172 -4.96 10.49 2.67
CA VAL A 172 -5.69 10.14 1.44
C VAL A 172 -6.38 11.38 0.87
N ASP A 173 -6.20 11.68 -0.41
CA ASP A 173 -6.73 12.87 -1.09
C ASP A 173 -6.41 14.20 -0.35
N ASP A 174 -5.27 14.25 0.35
CA ASP A 174 -4.89 15.31 1.31
C ASP A 174 -5.84 15.42 2.54
N GLU A 175 -6.27 14.30 3.11
CA GLU A 175 -6.98 14.15 4.40
C GLU A 175 -6.24 13.16 5.34
N LEU A 176 -6.09 13.47 6.63
CA LEU A 176 -5.62 12.52 7.66
C LEU A 176 -6.52 11.27 7.72
N CYS A 177 -5.96 10.08 7.99
CA CYS A 177 -6.79 8.88 8.13
C CYS A 177 -6.31 7.79 9.13
N GLY A 178 -5.02 7.69 9.47
CA GLY A 178 -4.55 6.67 10.43
C GLY A 178 -3.04 6.67 10.71
N LEU A 179 -2.61 5.82 11.64
CA LEU A 179 -1.20 5.61 12.03
C LEU A 179 -0.82 4.13 12.24
N ILE A 180 0.45 3.81 12.00
CA ILE A 180 1.02 2.45 12.00
C ILE A 180 2.34 2.45 12.78
N ALA A 181 2.48 1.51 13.72
CA ALA A 181 3.66 1.32 14.55
C ALA A 181 4.27 -0.08 14.30
N ILE A 182 5.55 -0.12 13.93
CA ILE A 182 6.32 -1.32 13.55
C ILE A 182 7.36 -1.62 14.64
N ALA A 183 7.42 -2.87 15.09
CA ALA A 183 8.38 -3.32 16.10
C ALA A 183 8.67 -4.82 15.95
N ASP A 184 9.91 -5.24 16.21
CA ASP A 184 10.29 -6.65 16.33
C ASP A 184 9.59 -7.37 17.50
N THR A 185 9.34 -8.67 17.37
CA THR A 185 8.60 -9.47 18.37
C THR A 185 9.27 -9.47 19.75
N SER A 1 13.55 -13.73 6.30
CA SER A 1 14.30 -14.82 6.95
C SER A 1 15.07 -14.27 8.14
N PHE A 2 15.36 -15.11 9.13
CA PHE A 2 16.09 -14.72 10.34
C PHE A 2 17.47 -14.16 10.00
N THR A 3 17.83 -13.00 10.57
CA THR A 3 19.17 -12.43 10.53
C THR A 3 19.51 -11.81 11.89
N MET A 4 20.81 -11.64 12.20
CA MET A 4 21.32 -11.06 13.44
C MET A 4 20.88 -11.85 14.70
N HIS A 5 19.75 -11.47 15.30
CA HIS A 5 19.17 -12.01 16.54
C HIS A 5 17.63 -12.14 16.50
N GLY A 6 17.01 -11.87 15.35
CA GLY A 6 15.56 -11.76 15.19
C GLY A 6 15.16 -10.61 14.28
N THR A 7 13.93 -10.64 13.75
CA THR A 7 13.43 -9.73 12.72
C THR A 7 12.14 -8.99 13.13
N PRO A 8 11.71 -7.93 12.41
CA PRO A 8 10.61 -7.08 12.87
C PRO A 8 9.20 -7.70 12.77
N VAL A 9 8.25 -7.02 13.42
CA VAL A 9 6.82 -7.32 13.46
C VAL A 9 5.98 -6.05 13.33
N VAL A 10 4.83 -6.12 12.64
CA VAL A 10 3.84 -5.03 12.65
C VAL A 10 3.13 -5.05 14.01
N ASN A 11 3.50 -4.13 14.89
CA ASN A 11 3.10 -4.13 16.30
C ASN A 11 1.68 -3.56 16.48
N GLN A 12 1.34 -2.48 15.79
CA GLN A 12 -0.02 -1.93 15.79
C GLN A 12 -0.34 -1.13 14.52
N VAL A 13 -1.56 -1.28 14.01
CA VAL A 13 -2.17 -0.41 12.98
C VAL A 13 -3.54 0.06 13.47
N LYS A 14 -3.81 1.37 13.35
CA LYS A 14 -4.97 2.05 13.93
C LYS A 14 -5.47 3.18 13.02
N VAL A 15 -6.79 3.37 12.97
CA VAL A 15 -7.48 4.44 12.21
C VAL A 15 -7.46 5.79 12.97
N LEU A 16 -7.40 6.88 12.21
CA LEU A 16 -7.23 8.28 12.67
C LEU A 16 -8.23 9.26 12.04
N THR A 17 -9.39 8.77 11.58
CA THR A 17 -10.47 9.60 11.02
C THR A 17 -11.82 8.88 11.12
N GLU A 18 -12.91 9.63 10.98
CA GLU A 18 -14.27 9.14 10.78
C GLU A 18 -14.95 9.86 9.58
N SER A 19 -14.15 10.47 8.69
CA SER A 19 -14.63 11.36 7.63
C SER A 19 -15.24 10.66 6.41
N ASN A 20 -16.06 11.40 5.66
CA ASN A 20 -16.75 10.96 4.44
C ASN A 20 -15.77 10.50 3.33
N ARG A 21 -14.52 10.99 3.35
CA ARG A 21 -13.47 10.66 2.38
C ARG A 21 -13.02 9.18 2.39
N ILE A 22 -13.07 8.50 3.54
CA ILE A 22 -12.62 7.09 3.69
C ILE A 22 -13.31 6.32 4.84
N SER A 23 -13.57 5.03 4.61
CA SER A 23 -14.18 4.10 5.58
C SER A 23 -13.15 3.17 6.26
N HIS A 24 -13.34 2.88 7.55
CA HIS A 24 -12.36 2.20 8.42
C HIS A 24 -11.75 0.87 7.91
N HIS A 25 -12.55 -0.09 7.42
CA HIS A 25 -12.05 -1.37 6.90
C HIS A 25 -11.53 -1.26 5.45
N LYS A 26 -11.89 -0.20 4.72
CA LYS A 26 -11.28 0.12 3.42
C LYS A 26 -9.88 0.71 3.58
N ILE A 27 -9.65 1.53 4.61
CA ILE A 27 -8.31 2.03 5.01
C ILE A 27 -7.39 0.85 5.33
N LEU A 28 -7.84 -0.12 6.13
CA LEU A 28 -7.08 -1.33 6.45
C LEU A 28 -6.63 -2.09 5.19
N ALA A 29 -7.53 -2.24 4.21
CA ALA A 29 -7.24 -2.87 2.93
C ALA A 29 -6.18 -2.10 2.12
N ILE A 30 -6.40 -0.82 1.80
CA ILE A 30 -5.49 -0.06 0.91
C ILE A 30 -4.07 0.09 1.46
N VAL A 31 -3.92 0.19 2.79
CA VAL A 31 -2.59 0.14 3.45
C VAL A 31 -1.92 -1.21 3.17
N GLY A 32 -2.63 -2.32 3.37
CA GLY A 32 -2.09 -3.65 3.06
C GLY A 32 -1.82 -3.90 1.57
N THR A 33 -2.58 -3.29 0.66
CA THR A 33 -2.35 -3.45 -0.80
C THR A 33 -1.15 -2.64 -1.30
N ALA A 34 -0.91 -1.44 -0.75
CA ALA A 34 0.20 -0.58 -1.15
C ALA A 34 1.59 -1.13 -0.76
N GLU A 35 1.69 -1.84 0.36
CA GLU A 35 2.93 -2.54 0.76
C GLU A 35 3.08 -3.93 0.09
N SER A 36 2.12 -4.34 -0.75
CA SER A 36 2.16 -5.60 -1.53
C SER A 36 2.76 -5.46 -2.94
N ASN A 37 3.14 -4.24 -3.38
CA ASN A 37 3.67 -3.99 -4.73
C ASN A 37 4.91 -4.88 -4.99
N SER A 38 6.01 -4.65 -4.28
CA SER A 38 7.17 -5.55 -4.22
C SER A 38 7.72 -5.49 -2.79
N GLU A 39 8.33 -4.35 -2.47
CA GLU A 39 8.71 -3.90 -1.12
C GLU A 39 9.63 -4.85 -0.33
N HIS A 40 9.68 -4.66 0.98
CA HIS A 40 10.36 -5.54 1.94
C HIS A 40 9.47 -6.73 2.37
N PRO A 41 10.04 -7.80 2.95
CA PRO A 41 9.28 -8.86 3.62
C PRO A 41 8.33 -8.33 4.71
N LEU A 42 8.69 -7.23 5.40
CA LEU A 42 7.81 -6.48 6.31
C LEU A 42 6.65 -5.76 5.62
N GLY A 43 6.76 -5.44 4.32
CA GLY A 43 5.63 -4.96 3.52
C GLY A 43 4.63 -6.08 3.26
N THR A 44 5.12 -7.24 2.82
CA THR A 44 4.30 -8.47 2.70
C THR A 44 3.66 -8.89 4.04
N ALA A 45 4.34 -8.65 5.16
CA ALA A 45 3.80 -8.91 6.50
C ALA A 45 2.54 -8.06 6.83
N ILE A 46 2.46 -6.82 6.33
CA ILE A 46 1.25 -5.98 6.43
C ILE A 46 0.13 -6.57 5.56
N THR A 47 0.39 -6.91 4.29
CA THR A 47 -0.67 -7.43 3.41
C THR A 47 -1.30 -8.71 3.99
N LYS A 48 -0.48 -9.62 4.54
CA LYS A 48 -0.93 -10.83 5.24
C LYS A 48 -1.71 -10.55 6.54
N TYR A 49 -1.26 -9.62 7.38
CA TYR A 49 -1.97 -9.18 8.59
C TYR A 49 -3.35 -8.61 8.27
N CYS A 50 -3.42 -7.69 7.29
CA CYS A 50 -4.65 -7.09 6.80
C CYS A 50 -5.58 -8.17 6.23
N LYS A 51 -5.13 -8.97 5.25
CA LYS A 51 -5.95 -10.05 4.66
C LYS A 51 -6.53 -10.95 5.75
N GLN A 52 -5.76 -11.33 6.76
CA GLN A 52 -6.25 -12.21 7.81
C GLN A 52 -7.46 -11.62 8.57
N GLU A 53 -7.46 -10.30 8.82
CA GLU A 53 -8.59 -9.56 9.41
C GLU A 53 -9.70 -9.15 8.40
N LEU A 54 -9.40 -9.11 7.10
CA LEU A 54 -10.35 -8.86 6.00
C LEU A 54 -11.10 -10.12 5.55
N ASP A 55 -10.44 -11.28 5.64
CA ASP A 55 -10.77 -12.59 5.06
C ASP A 55 -10.71 -12.68 3.52
N THR A 56 -10.50 -11.57 2.80
CA THR A 56 -10.59 -11.49 1.32
C THR A 56 -9.29 -11.86 0.61
N GLU A 57 -9.26 -12.91 -0.22
CA GLU A 57 -8.11 -13.20 -1.11
C GLU A 57 -8.07 -12.39 -2.42
N THR A 58 -9.06 -11.52 -2.62
CA THR A 58 -9.34 -10.79 -3.88
C THR A 58 -8.95 -9.32 -3.87
N LEU A 59 -8.20 -8.90 -2.85
CA LEU A 59 -7.56 -7.60 -2.82
C LEU A 59 -6.56 -7.43 -3.99
N GLY A 60 -6.23 -6.18 -4.28
CA GLY A 60 -5.22 -5.78 -5.27
C GLY A 60 -5.41 -4.35 -5.80
N THR A 61 -4.32 -3.66 -6.15
CA THR A 61 -4.31 -2.27 -6.62
C THR A 61 -3.15 -1.95 -7.59
N CYS A 62 -3.42 -1.15 -8.63
CA CYS A 62 -2.38 -0.53 -9.47
C CYS A 62 -1.81 0.70 -8.72
N ILE A 63 -0.50 0.98 -8.83
CA ILE A 63 0.22 1.91 -7.95
C ILE A 63 1.37 2.72 -8.61
N ASP A 64 1.19 4.05 -8.72
CA ASP A 64 2.20 5.02 -9.22
C ASP A 64 3.19 5.43 -8.11
N PHE A 65 4.06 4.51 -7.72
CA PHE A 65 4.95 4.60 -6.55
C PHE A 65 6.13 5.59 -6.67
N GLN A 66 6.27 6.49 -5.70
CA GLN A 66 7.37 7.44 -5.51
C GLN A 66 8.00 7.26 -4.11
N VAL A 67 9.33 7.14 -4.03
CA VAL A 67 10.10 7.11 -2.78
C VAL A 67 10.70 8.49 -2.48
N VAL A 68 10.34 9.09 -1.34
CA VAL A 68 10.87 10.37 -0.83
C VAL A 68 11.77 10.11 0.40
N PRO A 69 13.11 10.05 0.25
CA PRO A 69 13.99 9.62 1.32
C PRO A 69 13.89 10.50 2.56
N GLY A 70 13.38 9.90 3.63
CA GLY A 70 13.24 10.53 4.96
C GLY A 70 11.92 11.28 5.17
N CYS A 71 11.01 11.26 4.20
CA CYS A 71 9.67 11.84 4.29
C CYS A 71 8.56 10.80 4.12
N GLY A 72 8.64 9.92 3.13
CA GLY A 72 7.69 8.82 2.95
C GLY A 72 7.46 8.38 1.50
N ILE A 73 6.38 7.63 1.29
CA ILE A 73 5.98 7.04 0.01
C ILE A 73 4.70 7.68 -0.51
N SER A 74 4.80 8.52 -1.54
CA SER A 74 3.63 8.99 -2.30
C SER A 74 3.28 7.98 -3.40
N CYS A 75 2.02 7.59 -3.53
CA CYS A 75 1.58 6.75 -4.65
C CYS A 75 0.14 7.08 -5.11
N LYS A 76 -0.31 6.58 -6.28
CA LYS A 76 -1.73 6.65 -6.68
C LYS A 76 -2.26 5.24 -6.75
N VAL A 77 -3.34 4.93 -6.02
CA VAL A 77 -3.92 3.59 -5.91
C VAL A 77 -5.30 3.54 -6.55
N THR A 78 -5.58 2.45 -7.27
CA THR A 78 -6.89 2.21 -7.89
C THR A 78 -7.20 0.70 -7.91
N ASN A 79 -8.32 0.27 -8.51
CA ASN A 79 -8.82 -1.11 -8.57
C ASN A 79 -9.63 -1.59 -7.34
N ILE A 80 -10.31 -0.67 -6.63
CA ILE A 80 -11.23 -0.99 -5.52
C ILE A 80 -12.59 -1.46 -6.09
N GLU A 81 -13.24 -0.57 -6.84
CA GLU A 81 -14.54 -0.74 -7.52
C GLU A 81 -14.48 -1.62 -8.79
N GLY A 82 -13.26 -1.97 -9.22
CA GLY A 82 -12.94 -2.70 -10.46
C GLY A 82 -13.56 -4.11 -10.61
N LEU A 83 -14.41 -4.56 -9.67
CA LEU A 83 -15.20 -5.80 -9.72
C LEU A 83 -16.34 -5.83 -10.77
N LEU A 84 -16.23 -4.96 -11.78
CA LEU A 84 -17.03 -4.90 -13.00
C LEU A 84 -16.74 -6.10 -13.95
N HIS A 85 -17.32 -6.11 -15.15
CA HIS A 85 -17.28 -7.29 -16.02
C HIS A 85 -15.88 -7.62 -16.57
N LYS A 86 -15.19 -6.66 -17.21
CA LYS A 86 -13.85 -6.89 -17.79
C LYS A 86 -12.90 -5.69 -17.63
N ASN A 87 -11.64 -5.98 -17.27
CA ASN A 87 -10.51 -5.05 -17.28
C ASN A 87 -9.16 -5.75 -17.58
N ASN A 88 -9.17 -6.79 -18.42
CA ASN A 88 -7.99 -7.44 -18.99
C ASN A 88 -8.27 -7.94 -20.43
N TRP A 89 -7.21 -8.13 -21.23
CA TRP A 89 -7.25 -8.77 -22.55
C TRP A 89 -6.00 -9.60 -22.92
N ASN A 90 -4.86 -9.37 -22.26
CA ASN A 90 -3.55 -9.96 -22.62
C ASN A 90 -2.45 -9.81 -21.54
N ILE A 91 -2.76 -9.28 -20.35
CA ILE A 91 -1.76 -8.95 -19.32
C ILE A 91 -1.17 -10.24 -18.74
N GLU A 92 0.14 -10.41 -18.88
CA GLU A 92 0.90 -11.61 -18.44
C GLU A 92 0.88 -11.81 -16.92
N ASP A 93 0.52 -10.76 -16.16
CA ASP A 93 0.60 -10.66 -14.70
C ASP A 93 -0.77 -10.56 -13.99
N ASN A 94 -1.89 -10.81 -14.69
CA ASN A 94 -3.25 -10.70 -14.11
C ASN A 94 -3.67 -11.87 -13.21
N ASN A 95 -2.75 -12.81 -12.93
CA ASN A 95 -2.89 -13.88 -11.95
C ASN A 95 -2.95 -13.37 -10.49
N ILE A 96 -3.44 -14.23 -9.59
CA ILE A 96 -3.50 -14.03 -8.13
C ILE A 96 -3.12 -15.31 -7.37
N LYS A 97 -2.69 -15.16 -6.11
CA LYS A 97 -2.19 -16.25 -5.25
C LYS A 97 -2.48 -15.99 -3.78
N ASN A 98 -3.00 -16.99 -3.07
CA ASN A 98 -3.32 -16.92 -1.63
C ASN A 98 -2.84 -18.14 -0.83
N ALA A 99 -2.74 -19.29 -1.49
CA ALA A 99 -2.27 -20.53 -0.90
C ALA A 99 -0.76 -20.52 -0.62
N SER A 100 -0.36 -21.24 0.44
CA SER A 100 1.03 -21.39 0.86
C SER A 100 1.85 -22.25 -0.12
N LEU A 101 3.18 -22.06 -0.11
CA LEU A 101 4.12 -22.63 -1.09
C LEU A 101 5.34 -23.33 -0.45
N VAL A 102 6.17 -23.95 -1.28
CA VAL A 102 7.40 -24.69 -0.90
C VAL A 102 8.45 -23.85 -0.16
N GLN A 103 9.35 -24.52 0.56
CA GLN A 103 10.54 -23.88 1.14
C GLN A 103 11.54 -23.50 0.03
N ILE A 104 12.12 -22.30 0.12
CA ILE A 104 13.09 -21.72 -0.84
C ILE A 104 12.55 -21.73 -2.30
N ASP A 105 11.40 -21.09 -2.52
CA ASP A 105 10.71 -21.08 -3.82
C ASP A 105 11.57 -20.51 -4.98
N ALA A 106 12.25 -19.37 -4.77
CA ALA A 106 13.12 -18.76 -5.80
C ALA A 106 14.14 -17.70 -5.30
N SER A 107 13.79 -16.91 -4.28
CA SER A 107 14.64 -15.88 -3.64
C SER A 107 15.21 -14.78 -4.57
N ASN A 108 14.41 -14.29 -5.52
CA ASN A 108 14.79 -13.20 -6.44
C ASN A 108 13.70 -12.13 -6.55
N GLU A 109 14.12 -10.87 -6.67
CA GLU A 109 13.24 -9.71 -6.93
C GLU A 109 12.43 -9.93 -8.22
N GLN A 110 11.17 -9.51 -8.25
CA GLN A 110 10.35 -9.53 -9.46
C GLN A 110 10.70 -8.38 -10.43
N SER A 111 10.45 -8.60 -11.73
CA SER A 111 10.58 -7.57 -12.77
C SER A 111 9.26 -6.82 -13.01
N SER A 112 8.12 -7.42 -12.64
CA SER A 112 6.72 -6.96 -12.77
C SER A 112 6.54 -5.45 -13.01
N THR A 113 6.38 -5.06 -14.27
CA THR A 113 6.19 -3.68 -14.74
C THR A 113 5.19 -3.61 -15.89
N SER A 114 4.68 -2.41 -16.21
CA SER A 114 3.78 -2.20 -17.36
C SER A 114 4.51 -2.18 -18.70
N SER A 115 3.74 -2.37 -19.78
CA SER A 115 4.22 -2.52 -21.16
C SER A 115 3.32 -1.71 -22.12
N SER A 116 3.79 -1.39 -23.32
CA SER A 116 3.13 -0.42 -24.21
C SER A 116 1.70 -0.78 -24.65
N MET A 117 1.35 -2.07 -24.69
CA MET A 117 -0.02 -2.55 -25.02
C MET A 117 -1.02 -2.43 -23.84
N ILE A 118 -0.52 -2.20 -22.62
CA ILE A 118 -1.30 -2.30 -21.36
C ILE A 118 -1.17 -1.11 -20.41
N ILE A 119 -0.22 -0.19 -20.60
CA ILE A 119 0.06 0.92 -19.67
C ILE A 119 -1.12 1.90 -19.55
N ASP A 120 -1.86 2.14 -20.63
CA ASP A 120 -3.05 3.00 -20.68
C ASP A 120 -4.31 2.35 -20.08
N ALA A 121 -4.29 1.02 -19.88
CA ALA A 121 -5.47 0.27 -19.46
C ALA A 121 -5.87 0.55 -18.00
N GLN A 122 -4.92 0.52 -17.06
CA GLN A 122 -5.18 0.90 -15.65
C GLN A 122 -5.62 2.37 -15.49
N ILE A 123 -5.19 3.26 -16.40
CA ILE A 123 -5.57 4.69 -16.42
C ILE A 123 -7.03 4.85 -16.89
N SER A 124 -7.43 4.03 -17.86
CA SER A 124 -8.81 3.96 -18.38
C SER A 124 -9.76 3.29 -17.38
N ASN A 125 -9.30 2.24 -16.68
CA ASN A 125 -10.00 1.56 -15.59
C ASN A 125 -10.20 2.48 -14.37
N ALA A 126 -9.20 3.28 -13.99
CA ALA A 126 -9.25 4.21 -12.85
C ALA A 126 -10.38 5.26 -12.89
N LEU A 127 -10.98 5.50 -14.06
CA LEU A 127 -12.15 6.36 -14.22
C LEU A 127 -13.38 5.78 -13.48
N ASN A 128 -13.56 4.45 -13.51
CA ASN A 128 -14.68 3.71 -12.89
C ASN A 128 -14.28 2.88 -11.66
N ALA A 129 -12.98 2.61 -11.47
CA ALA A 129 -12.44 1.73 -10.43
C ALA A 129 -12.19 2.38 -9.06
N GLN A 130 -12.52 3.66 -8.91
CA GLN A 130 -12.10 4.55 -7.81
C GLN A 130 -10.58 4.76 -7.82
N GLN A 131 -10.13 6.00 -8.05
CA GLN A 131 -8.74 6.43 -7.94
C GLN A 131 -8.51 7.24 -6.65
N TYR A 132 -7.41 6.97 -5.94
CA TYR A 132 -6.90 7.76 -4.82
C TYR A 132 -5.41 8.11 -4.93
N LYS A 133 -4.99 9.26 -4.41
CA LYS A 133 -3.57 9.61 -4.14
C LYS A 133 -3.34 9.46 -2.65
N VAL A 134 -2.35 8.66 -2.24
CA VAL A 134 -2.11 8.32 -0.83
C VAL A 134 -0.63 8.45 -0.46
N LEU A 135 -0.36 8.85 0.79
CA LEU A 135 0.98 8.98 1.35
C LEU A 135 1.13 8.11 2.61
N ILE A 136 2.27 7.44 2.76
CA ILE A 136 2.67 6.80 4.02
C ILE A 136 4.04 7.35 4.41
N GLY A 137 4.14 8.08 5.53
CA GLY A 137 5.36 8.83 5.83
C GLY A 137 5.51 9.30 7.28
N ASN A 138 6.50 10.16 7.52
CA ASN A 138 6.79 10.67 8.85
C ASN A 138 5.88 11.87 9.19
N ARG A 139 5.73 12.15 10.48
CA ARG A 139 4.81 13.21 10.97
C ARG A 139 5.25 14.64 10.62
N GLU A 140 6.51 14.88 10.27
CA GLU A 140 6.98 16.16 9.71
C GLU A 140 6.46 16.41 8.27
N TRP A 141 6.46 15.40 7.40
CA TRP A 141 6.04 15.59 6.00
C TRP A 141 4.54 15.84 5.86
N MET A 142 3.72 15.34 6.79
CA MET A 142 2.28 15.65 6.82
C MET A 142 2.03 17.13 7.15
N ILE A 143 2.71 17.72 8.15
CA ILE A 143 2.55 19.17 8.44
C ILE A 143 3.11 20.05 7.31
N ARG A 144 4.08 19.54 6.52
CA ARG A 144 4.56 20.17 5.27
C ARG A 144 3.48 20.14 4.19
N ASN A 145 2.88 18.99 3.89
CA ASN A 145 1.76 18.85 2.93
C ASN A 145 0.57 19.79 3.24
N GLY A 146 0.18 19.86 4.52
CA GLY A 146 -0.97 20.65 5.01
C GLY A 146 -1.86 19.90 6.01
N LEU A 147 -1.39 18.75 6.50
CA LEU A 147 -2.10 17.82 7.36
C LEU A 147 -1.63 18.00 8.82
N VAL A 148 -2.35 18.80 9.63
CA VAL A 148 -1.87 19.21 10.97
C VAL A 148 -2.12 18.14 12.04
N ILE A 149 -1.06 17.79 12.78
CA ILE A 149 -1.06 16.66 13.73
C ILE A 149 -1.67 17.02 15.11
N ASN A 150 -2.26 16.02 15.76
CA ASN A 150 -2.87 16.10 17.10
C ASN A 150 -1.97 15.50 18.20
N ASN A 151 -2.06 15.98 19.45
CA ASN A 151 -1.16 15.56 20.54
C ASN A 151 -1.33 14.08 20.94
N ASP A 152 -2.56 13.54 20.91
CA ASP A 152 -2.86 12.18 21.38
C ASP A 152 -2.09 11.10 20.59
N VAL A 153 -2.10 11.26 19.26
CA VAL A 153 -1.33 10.49 18.28
C VAL A 153 0.16 10.87 18.24
N ASN A 154 0.50 12.17 18.28
CA ASN A 154 1.88 12.62 18.16
C ASN A 154 2.76 12.15 19.35
N ASP A 155 2.22 12.18 20.56
CA ASP A 155 2.86 11.65 21.77
C ASP A 155 3.01 10.12 21.72
N PHE A 156 2.04 9.39 21.16
CA PHE A 156 2.13 7.93 20.94
C PHE A 156 3.25 7.57 19.95
N MET A 157 3.35 8.29 18.82
CA MET A 157 4.39 8.12 17.81
C MET A 157 5.79 8.49 18.36
N THR A 158 5.88 9.64 19.03
CA THR A 158 7.14 10.16 19.60
C THR A 158 7.72 9.20 20.63
N GLU A 159 6.87 8.69 21.54
CA GLU A 159 7.17 7.64 22.51
C GLU A 159 7.62 6.33 21.84
N HIS A 160 7.07 5.96 20.68
CA HIS A 160 7.45 4.76 19.95
C HIS A 160 8.87 4.88 19.36
N GLU A 161 9.17 6.06 18.80
CA GLU A 161 10.52 6.44 18.38
C GLU A 161 11.48 6.54 19.59
N ARG A 162 10.96 6.90 20.77
CA ARG A 162 11.68 6.89 22.07
C ARG A 162 11.94 5.49 22.66
N LYS A 163 11.21 4.45 22.22
CA LYS A 163 11.57 3.05 22.52
C LYS A 163 12.86 2.73 21.78
N GLY A 164 12.85 3.11 20.50
CA GLY A 164 13.91 2.92 19.51
C GLY A 164 13.40 2.18 18.27
N ARG A 165 12.11 2.40 17.96
CA ARG A 165 11.29 1.68 16.97
C ARG A 165 10.74 2.67 15.92
N THR A 166 9.97 2.20 14.94
CA THR A 166 9.55 3.02 13.79
C THR A 166 8.05 3.31 13.84
N ALA A 167 7.64 4.55 13.53
CA ALA A 167 6.26 5.02 13.54
C ALA A 167 5.94 5.93 12.34
N VAL A 168 4.96 5.55 11.52
CA VAL A 168 4.55 6.26 10.29
C VAL A 168 3.04 6.48 10.20
N LEU A 169 2.66 7.52 9.47
CA LEU A 169 1.30 8.09 9.37
C LEU A 169 0.81 8.05 7.92
N VAL A 170 -0.47 7.76 7.75
CA VAL A 170 -1.15 7.52 6.48
C VAL A 170 -2.14 8.64 6.16
N ALA A 171 -2.07 9.15 4.94
CA ALA A 171 -2.94 10.18 4.38
C ALA A 171 -3.59 9.72 3.07
N VAL A 172 -4.81 10.16 2.78
CA VAL A 172 -5.59 9.78 1.58
C VAL A 172 -6.31 11.00 1.04
N ASP A 173 -6.10 11.34 -0.23
CA ASP A 173 -6.70 12.50 -0.92
C ASP A 173 -6.67 13.79 -0.06
N ASP A 174 -5.48 14.10 0.45
CA ASP A 174 -5.18 15.24 1.33
C ASP A 174 -5.83 15.21 2.73
N GLU A 175 -6.33 14.06 3.21
CA GLU A 175 -6.91 13.87 4.54
C GLU A 175 -6.16 12.87 5.43
N LEU A 176 -6.09 13.17 6.74
CA LEU A 176 -5.64 12.26 7.82
C LEU A 176 -6.48 10.97 7.79
N CYS A 177 -5.87 9.79 7.98
CA CYS A 177 -6.64 8.54 8.03
C CYS A 177 -6.13 7.40 8.94
N GLY A 178 -4.84 7.28 9.28
CA GLY A 178 -4.36 6.19 10.15
C GLY A 178 -2.86 6.22 10.43
N LEU A 179 -2.37 5.26 11.24
CA LEU A 179 -0.94 5.10 11.56
C LEU A 179 -0.51 3.62 11.68
N ILE A 180 0.81 3.40 11.56
CA ILE A 180 1.49 2.10 11.60
C ILE A 180 2.70 2.21 12.54
N ALA A 181 2.79 1.32 13.53
CA ALA A 181 3.90 1.20 14.48
C ALA A 181 4.57 -0.18 14.36
N ILE A 182 5.88 -0.21 14.10
CA ILE A 182 6.65 -1.43 13.76
C ILE A 182 7.80 -1.62 14.76
N ALA A 183 7.92 -2.82 15.34
CA ALA A 183 8.89 -3.17 16.39
C ALA A 183 9.84 -4.28 15.94
N ASP A 184 11.07 -4.31 16.45
CA ASP A 184 12.08 -5.34 16.16
C ASP A 184 12.13 -6.44 17.23
N THR A 185 12.56 -7.64 16.83
CA THR A 185 12.77 -8.82 17.72
C THR A 185 14.26 -9.06 17.96
N SER A 1 21.76 -20.25 12.58
CA SER A 1 21.10 -21.32 11.82
C SER A 1 20.06 -22.02 12.68
N PHE A 2 18.96 -22.49 12.06
CA PHE A 2 17.93 -23.36 12.66
C PHE A 2 17.42 -22.94 14.06
N THR A 3 17.38 -21.62 14.33
CA THR A 3 17.14 -21.04 15.67
C THR A 3 16.30 -19.76 15.55
N MET A 4 15.26 -19.63 16.39
CA MET A 4 14.29 -18.53 16.35
C MET A 4 14.56 -17.47 17.42
N HIS A 5 14.81 -16.23 16.98
CA HIS A 5 14.86 -15.03 17.83
C HIS A 5 13.77 -14.01 17.45
N GLY A 6 13.44 -13.93 16.15
CA GLY A 6 12.36 -13.12 15.57
C GLY A 6 12.79 -12.37 14.30
N THR A 7 11.81 -11.88 13.54
CA THR A 7 11.99 -10.99 12.38
C THR A 7 11.10 -9.74 12.51
N PRO A 8 11.33 -8.65 11.73
CA PRO A 8 10.52 -7.44 11.81
C PRO A 8 9.04 -7.65 11.42
N VAL A 9 8.12 -7.13 12.23
CA VAL A 9 6.66 -7.34 12.10
C VAL A 9 5.85 -6.12 12.56
N VAL A 10 4.64 -5.95 12.01
CA VAL A 10 3.70 -4.90 12.45
C VAL A 10 3.11 -5.23 13.82
N ASN A 11 3.10 -4.27 14.75
CA ASN A 11 2.73 -4.51 16.15
C ASN A 11 1.38 -3.86 16.53
N GLN A 12 1.05 -2.66 16.03
CA GLN A 12 -0.27 -2.04 16.24
C GLN A 12 -0.65 -1.04 15.13
N VAL A 13 -1.95 -1.00 14.78
CA VAL A 13 -2.54 0.04 13.90
C VAL A 13 -3.86 0.57 14.48
N LYS A 14 -4.10 1.88 14.36
CA LYS A 14 -5.38 2.51 14.78
C LYS A 14 -5.82 3.65 13.86
N VAL A 15 -7.13 3.76 13.62
CA VAL A 15 -7.75 4.67 12.64
C VAL A 15 -8.10 6.01 13.29
N LEU A 16 -7.69 7.10 12.62
CA LEU A 16 -7.76 8.48 13.11
C LEU A 16 -8.87 9.32 12.45
N THR A 17 -9.27 8.99 11.21
CA THR A 17 -10.46 9.60 10.58
C THR A 17 -11.76 8.92 11.07
N GLU A 18 -12.93 9.32 10.57
CA GLU A 18 -14.23 8.67 10.87
C GLU A 18 -14.95 8.17 9.59
N SER A 19 -15.46 9.07 8.73
CA SER A 19 -16.35 8.71 7.59
C SER A 19 -16.34 9.64 6.35
N ASN A 20 -15.77 10.85 6.41
CA ASN A 20 -15.94 11.86 5.36
C ASN A 20 -15.33 11.50 3.99
N ARG A 21 -14.06 11.06 3.97
CA ARG A 21 -13.35 10.57 2.76
C ARG A 21 -13.33 9.04 2.72
N ILE A 22 -13.03 8.42 3.87
CA ILE A 22 -12.86 6.98 4.07
C ILE A 22 -13.22 6.53 5.50
N SER A 23 -13.46 5.24 5.66
CA SER A 23 -13.61 4.55 6.96
C SER A 23 -12.63 3.36 7.07
N HIS A 24 -12.61 2.68 8.23
CA HIS A 24 -11.66 1.62 8.58
C HIS A 24 -11.39 0.57 7.47
N HIS A 25 -12.44 0.00 6.85
CA HIS A 25 -12.30 -1.12 5.89
C HIS A 25 -11.45 -0.76 4.66
N LYS A 26 -11.79 0.31 3.94
CA LYS A 26 -11.06 0.70 2.73
C LYS A 26 -9.65 1.19 3.04
N ILE A 27 -9.41 1.79 4.22
CA ILE A 27 -8.07 2.18 4.69
C ILE A 27 -7.18 0.93 4.87
N LEU A 28 -7.69 -0.10 5.54
CA LEU A 28 -6.93 -1.32 5.82
C LEU A 28 -6.46 -2.01 4.52
N ALA A 29 -7.34 -2.07 3.51
CA ALA A 29 -7.05 -2.60 2.18
C ALA A 29 -5.96 -1.80 1.44
N ILE A 30 -6.07 -0.48 1.34
CA ILE A 30 -5.05 0.32 0.62
C ILE A 30 -3.69 0.35 1.32
N VAL A 31 -3.66 0.40 2.66
CA VAL A 31 -2.41 0.40 3.45
C VAL A 31 -1.62 -0.91 3.29
N GLY A 32 -2.29 -2.06 3.30
CA GLY A 32 -1.65 -3.35 3.05
C GLY A 32 -1.27 -3.58 1.59
N THR A 33 -2.19 -3.31 0.67
CA THR A 33 -2.01 -3.65 -0.75
C THR A 33 -1.06 -2.70 -1.50
N ALA A 34 -0.89 -1.45 -1.05
CA ALA A 34 0.11 -0.53 -1.60
C ALA A 34 1.57 -0.92 -1.28
N GLU A 35 1.81 -1.72 -0.22
CA GLU A 35 3.13 -2.30 0.11
C GLU A 35 3.25 -3.80 -0.23
N SER A 36 2.35 -4.32 -1.07
CA SER A 36 2.34 -5.71 -1.52
C SER A 36 3.18 -5.94 -2.80
N ASN A 37 3.79 -4.91 -3.40
CA ASN A 37 4.43 -4.97 -4.72
C ASN A 37 5.95 -5.16 -4.70
N SER A 38 6.75 -4.08 -4.72
CA SER A 38 8.23 -4.12 -4.82
C SER A 38 8.92 -2.91 -4.19
N GLU A 39 8.68 -2.71 -2.89
CA GLU A 39 9.15 -1.56 -2.09
C GLU A 39 9.80 -1.95 -0.77
N HIS A 40 9.16 -2.77 0.08
CA HIS A 40 9.68 -3.16 1.40
C HIS A 40 9.28 -4.59 1.76
N PRO A 41 10.19 -5.45 2.27
CA PRO A 41 9.86 -6.80 2.73
C PRO A 41 8.95 -6.82 3.98
N LEU A 42 8.86 -5.69 4.70
CA LEU A 42 7.95 -5.46 5.83
C LEU A 42 6.46 -5.55 5.40
N GLY A 43 6.15 -5.13 4.17
CA GLY A 43 4.79 -5.05 3.66
C GLY A 43 4.03 -6.38 3.73
N THR A 44 4.71 -7.52 3.56
CA THR A 44 4.16 -8.88 3.72
C THR A 44 3.50 -9.11 5.08
N ALA A 45 4.04 -8.51 6.15
CA ALA A 45 3.43 -8.57 7.48
C ALA A 45 2.12 -7.75 7.56
N ILE A 46 2.07 -6.60 6.87
CA ILE A 46 0.90 -5.70 6.78
C ILE A 46 -0.22 -6.31 5.93
N THR A 47 0.08 -6.82 4.72
CA THR A 47 -0.95 -7.47 3.88
C THR A 47 -1.54 -8.69 4.57
N LYS A 48 -0.74 -9.55 5.22
CA LYS A 48 -1.26 -10.67 6.02
C LYS A 48 -2.14 -10.21 7.20
N TYR A 49 -1.72 -9.18 7.93
CA TYR A 49 -2.52 -8.57 9.01
C TYR A 49 -3.89 -8.08 8.48
N CYS A 50 -3.91 -7.40 7.34
CA CYS A 50 -5.13 -6.95 6.67
C CYS A 50 -5.99 -8.13 6.20
N LYS A 51 -5.46 -9.01 5.33
CA LYS A 51 -6.27 -10.05 4.68
C LYS A 51 -6.81 -11.09 5.66
N GLN A 52 -6.13 -11.34 6.78
CA GLN A 52 -6.65 -12.15 7.89
C GLN A 52 -7.78 -11.44 8.65
N GLU A 53 -7.72 -10.12 8.84
CA GLU A 53 -8.80 -9.30 9.41
C GLU A 53 -10.03 -9.18 8.48
N LEU A 54 -9.83 -9.25 7.16
CA LEU A 54 -10.93 -9.36 6.17
C LEU A 54 -11.46 -10.81 6.01
N ASP A 55 -10.70 -11.79 6.49
CA ASP A 55 -10.83 -13.23 6.20
C ASP A 55 -10.82 -13.52 4.68
N THR A 56 -10.11 -12.70 3.90
CA THR A 56 -9.97 -12.82 2.44
C THR A 56 -8.72 -13.59 2.00
N GLU A 57 -8.70 -13.94 0.72
CA GLU A 57 -7.57 -14.50 -0.02
C GLU A 57 -7.14 -13.61 -1.21
N THR A 58 -7.79 -12.47 -1.42
CA THR A 58 -7.64 -11.67 -2.66
C THR A 58 -7.70 -10.15 -2.45
N LEU A 59 -6.70 -9.45 -2.99
CA LEU A 59 -6.59 -7.97 -3.04
C LEU A 59 -5.44 -7.51 -3.98
N GLY A 60 -5.60 -6.36 -4.64
CA GLY A 60 -4.56 -5.77 -5.50
C GLY A 60 -4.92 -4.41 -6.12
N THR A 61 -3.91 -3.63 -6.52
CA THR A 61 -4.03 -2.27 -7.08
C THR A 61 -2.96 -1.97 -8.14
N CYS A 62 -3.31 -1.10 -9.10
CA CYS A 62 -2.33 -0.44 -9.99
C CYS A 62 -1.97 0.90 -9.33
N ILE A 63 -0.68 1.22 -9.21
CA ILE A 63 -0.16 2.25 -8.32
C ILE A 63 1.10 2.93 -8.87
N ASP A 64 1.17 4.25 -8.72
CA ASP A 64 2.31 5.08 -9.13
C ASP A 64 3.10 5.54 -7.89
N PHE A 65 4.09 4.74 -7.46
CA PHE A 65 4.79 4.82 -6.18
C PHE A 65 6.03 5.74 -6.20
N GLN A 66 6.01 6.86 -5.47
CA GLN A 66 7.11 7.83 -5.37
C GLN A 66 7.83 7.71 -4.01
N VAL A 67 9.16 7.88 -3.98
CA VAL A 67 9.99 7.57 -2.79
C VAL A 67 10.87 8.74 -2.37
N VAL A 68 10.50 9.45 -1.31
CA VAL A 68 11.34 10.51 -0.69
C VAL A 68 12.14 9.90 0.47
N PRO A 69 13.49 9.83 0.42
CA PRO A 69 14.31 9.09 1.37
C PRO A 69 14.10 9.42 2.85
N GLY A 70 13.36 8.56 3.54
CA GLY A 70 13.03 8.65 4.97
C GLY A 70 11.88 9.61 5.32
N CYS A 71 11.47 10.49 4.41
CA CYS A 71 10.41 11.47 4.65
C CYS A 71 9.00 10.89 4.43
N GLY A 72 8.78 10.21 3.30
CA GLY A 72 7.48 9.59 3.01
C GLY A 72 7.33 9.07 1.57
N ILE A 73 6.21 8.37 1.37
CA ILE A 73 5.81 7.71 0.12
C ILE A 73 4.48 8.29 -0.37
N SER A 74 4.52 9.13 -1.41
CA SER A 74 3.32 9.54 -2.16
C SER A 74 3.02 8.50 -3.25
N CYS A 75 1.77 8.05 -3.37
CA CYS A 75 1.37 7.09 -4.40
C CYS A 75 -0.04 7.35 -4.96
N LYS A 76 -0.40 6.69 -6.09
CA LYS A 76 -1.79 6.67 -6.61
C LYS A 76 -2.28 5.24 -6.45
N VAL A 77 -3.55 4.99 -6.14
CA VAL A 77 -4.13 3.62 -6.17
C VAL A 77 -5.42 3.57 -6.98
N THR A 78 -5.62 2.46 -7.71
CA THR A 78 -6.90 2.12 -8.36
C THR A 78 -7.12 0.61 -8.28
N ASN A 79 -8.20 0.10 -8.87
CA ASN A 79 -8.70 -1.29 -8.77
C ASN A 79 -9.51 -1.54 -7.48
N ILE A 80 -9.94 -0.50 -6.75
CA ILE A 80 -10.65 -0.67 -5.47
C ILE A 80 -12.11 -1.13 -5.66
N GLU A 81 -12.74 -0.77 -6.77
CA GLU A 81 -14.04 -1.34 -7.18
C GLU A 81 -13.86 -2.71 -7.86
N GLY A 82 -12.71 -2.91 -8.53
CA GLY A 82 -12.25 -4.10 -9.27
C GLY A 82 -12.26 -5.48 -8.61
N LEU A 83 -12.80 -5.62 -7.39
CA LEU A 83 -13.10 -6.92 -6.77
C LEU A 83 -14.34 -7.57 -7.43
N LEU A 84 -15.13 -6.79 -8.17
CA LEU A 84 -16.27 -7.22 -8.99
C LEU A 84 -15.88 -8.21 -10.10
N HIS A 85 -16.83 -9.04 -10.54
CA HIS A 85 -16.65 -9.98 -11.65
C HIS A 85 -16.52 -9.25 -13.01
N LYS A 86 -15.53 -9.65 -13.81
CA LYS A 86 -15.23 -9.08 -15.13
C LYS A 86 -16.20 -9.55 -16.21
N ASN A 87 -16.49 -8.68 -17.17
CA ASN A 87 -17.28 -8.91 -18.39
C ASN A 87 -16.47 -8.58 -19.66
N ASN A 88 -16.97 -8.97 -20.83
CA ASN A 88 -16.35 -8.71 -22.14
C ASN A 88 -16.49 -7.23 -22.57
N TRP A 89 -15.45 -6.70 -23.22
CA TRP A 89 -15.45 -5.39 -23.88
C TRP A 89 -14.62 -5.39 -25.19
N ASN A 90 -14.37 -6.58 -25.76
CA ASN A 90 -13.62 -6.79 -27.02
C ASN A 90 -12.14 -6.37 -26.98
N ILE A 91 -11.52 -6.43 -25.79
CA ILE A 91 -10.08 -6.18 -25.58
C ILE A 91 -9.21 -7.32 -26.14
N GLU A 92 -9.80 -8.49 -26.42
CA GLU A 92 -9.14 -9.63 -27.06
C GLU A 92 -7.92 -10.16 -26.27
N ASP A 93 -8.05 -10.25 -24.95
CA ASP A 93 -7.06 -10.82 -24.03
C ASP A 93 -5.69 -10.10 -24.04
N ASN A 94 -5.69 -8.78 -24.29
CA ASN A 94 -4.49 -7.96 -24.42
C ASN A 94 -4.02 -7.32 -23.10
N ASN A 95 -2.72 -6.98 -23.03
CA ASN A 95 -2.01 -6.26 -21.97
C ASN A 95 -1.99 -6.89 -20.56
N ILE A 96 -2.75 -7.95 -20.30
CA ILE A 96 -2.67 -8.73 -19.06
C ILE A 96 -1.44 -9.67 -19.03
N LYS A 97 -0.94 -9.99 -17.83
CA LYS A 97 0.20 -10.88 -17.57
C LYS A 97 0.24 -11.40 -16.13
N ASN A 98 0.98 -12.47 -15.85
CA ASN A 98 1.23 -12.99 -14.51
C ASN A 98 2.69 -12.77 -14.06
N ALA A 99 2.93 -12.61 -12.75
CA ALA A 99 4.26 -12.60 -12.11
C ALA A 99 4.18 -13.17 -10.69
N SER A 100 5.14 -14.02 -10.28
CA SER A 100 5.19 -14.62 -8.92
C SER A 100 6.59 -15.09 -8.52
N LEU A 101 7.03 -14.74 -7.31
CA LEU A 101 8.32 -15.11 -6.72
C LEU A 101 8.18 -16.20 -5.64
N VAL A 102 9.30 -16.82 -5.24
CA VAL A 102 9.32 -18.04 -4.39
C VAL A 102 8.75 -17.86 -2.97
N GLN A 103 8.58 -16.61 -2.52
CA GLN A 103 7.98 -16.22 -1.25
C GLN A 103 6.44 -16.34 -1.23
N ILE A 104 5.79 -16.35 -2.41
CA ILE A 104 4.33 -16.43 -2.55
C ILE A 104 3.87 -17.56 -3.50
N ASP A 105 4.70 -17.95 -4.48
CA ASP A 105 4.52 -19.09 -5.41
C ASP A 105 3.30 -19.00 -6.37
N ALA A 106 2.28 -18.20 -6.04
CA ALA A 106 1.15 -17.82 -6.90
C ALA A 106 0.57 -16.46 -6.45
N SER A 107 0.42 -15.52 -7.39
CA SER A 107 -0.15 -14.18 -7.18
C SER A 107 -0.87 -13.71 -8.45
N ASN A 108 -2.02 -13.03 -8.29
CA ASN A 108 -2.73 -12.31 -9.36
C ASN A 108 -2.42 -10.80 -9.35
N GLU A 109 -1.29 -10.41 -8.73
CA GLU A 109 -0.76 -9.06 -8.67
C GLU A 109 0.62 -8.94 -9.32
N GLN A 110 0.99 -7.73 -9.74
CA GLN A 110 2.27 -7.38 -10.36
C GLN A 110 2.80 -6.03 -9.84
N SER A 111 4.07 -5.73 -10.14
CA SER A 111 4.83 -4.60 -9.58
C SER A 111 5.42 -3.68 -10.68
N SER A 112 5.94 -2.51 -10.27
CA SER A 112 6.50 -1.46 -11.15
C SER A 112 5.54 -0.94 -12.22
N THR A 113 4.55 -0.15 -11.79
CA THR A 113 3.51 0.45 -12.65
C THR A 113 3.65 1.96 -12.83
N SER A 114 2.93 2.51 -13.81
CA SER A 114 2.81 3.94 -14.10
C SER A 114 1.36 4.30 -14.43
N SER A 115 0.94 5.55 -14.19
CA SER A 115 -0.38 6.04 -14.60
C SER A 115 -0.56 6.08 -16.14
N SER A 116 0.55 6.07 -16.87
CA SER A 116 0.63 6.17 -18.35
C SER A 116 0.62 4.85 -19.12
N MET A 117 0.57 3.68 -18.45
CA MET A 117 0.61 2.37 -19.10
C MET A 117 -0.76 1.68 -19.19
N ILE A 118 -0.91 0.75 -20.13
CA ILE A 118 -2.16 0.04 -20.50
C ILE A 118 -3.21 1.03 -21.05
N ILE A 119 -2.76 2.07 -21.76
CA ILE A 119 -3.62 3.13 -22.33
C ILE A 119 -4.59 2.58 -23.40
N ASP A 120 -5.76 3.22 -23.53
CA ASP A 120 -6.96 2.79 -24.27
C ASP A 120 -7.61 1.49 -23.76
N ALA A 121 -6.81 0.49 -23.39
CA ALA A 121 -7.23 -0.82 -22.89
C ALA A 121 -7.83 -0.79 -21.47
N GLN A 122 -7.55 0.26 -20.68
CA GLN A 122 -8.09 0.46 -19.32
C GLN A 122 -9.40 1.26 -19.27
N ILE A 123 -9.88 1.83 -20.39
CA ILE A 123 -11.03 2.75 -20.38
C ILE A 123 -12.33 2.01 -20.01
N SER A 124 -12.43 0.75 -20.42
CA SER A 124 -13.47 -0.21 -20.02
C SER A 124 -13.69 -0.31 -18.50
N ASN A 125 -12.64 -0.17 -17.66
CA ASN A 125 -12.78 -0.02 -16.21
C ASN A 125 -12.77 1.45 -15.72
N ALA A 126 -12.03 2.35 -16.37
CA ALA A 126 -11.92 3.75 -15.95
C ALA A 126 -13.27 4.52 -16.01
N LEU A 127 -14.23 4.01 -16.80
CA LEU A 127 -15.61 4.50 -16.83
C LEU A 127 -16.43 4.14 -15.56
N ASN A 128 -15.88 3.29 -14.68
CA ASN A 128 -16.46 2.84 -13.41
C ASN A 128 -15.53 3.00 -12.18
N ALA A 129 -14.21 3.09 -12.37
CA ALA A 129 -13.23 3.18 -11.28
C ALA A 129 -12.88 4.62 -10.86
N GLN A 130 -12.61 4.80 -9.57
CA GLN A 130 -12.15 6.05 -8.95
C GLN A 130 -10.67 5.90 -8.52
N GLN A 131 -9.78 6.78 -8.96
CA GLN A 131 -8.36 6.77 -8.58
C GLN A 131 -8.13 7.62 -7.32
N TYR A 132 -7.40 7.08 -6.34
CA TYR A 132 -7.12 7.70 -5.04
C TYR A 132 -5.65 8.09 -4.87
N LYS A 133 -5.38 9.18 -4.13
CA LYS A 133 -4.03 9.59 -3.69
C LYS A 133 -3.79 9.15 -2.25
N VAL A 134 -2.64 8.52 -1.96
CA VAL A 134 -2.30 8.02 -0.61
C VAL A 134 -0.87 8.40 -0.23
N LEU A 135 -0.68 8.82 1.01
CA LEU A 135 0.60 9.26 1.60
C LEU A 135 0.92 8.43 2.85
N ILE A 136 2.15 7.90 2.98
CA ILE A 136 2.63 7.20 4.19
C ILE A 136 4.06 7.62 4.55
N GLY A 137 4.30 8.16 5.76
CA GLY A 137 5.65 8.59 6.15
C GLY A 137 5.80 9.16 7.56
N ASN A 138 6.84 9.99 7.74
CA ASN A 138 7.14 10.70 8.97
C ASN A 138 6.26 11.95 9.16
N ARG A 139 6.17 12.46 10.39
CA ARG A 139 5.18 13.48 10.76
C ARG A 139 5.50 14.91 10.30
N GLU A 140 6.77 15.27 10.12
CA GLU A 140 7.15 16.61 9.63
C GLU A 140 6.85 16.82 8.13
N TRP A 141 6.96 15.80 7.26
CA TRP A 141 6.69 15.91 5.82
C TRP A 141 5.20 16.09 5.48
N MET A 142 4.29 15.74 6.40
CA MET A 142 2.86 16.07 6.26
C MET A 142 2.62 17.58 6.31
N ILE A 143 3.48 18.36 6.98
CA ILE A 143 3.46 19.84 6.94
C ILE A 143 3.82 20.35 5.52
N ARG A 144 4.67 19.62 4.79
CA ARG A 144 5.01 19.90 3.38
C ARG A 144 3.83 19.57 2.45
N ASN A 145 3.16 18.43 2.65
CA ASN A 145 1.93 18.09 1.92
C ASN A 145 0.80 19.14 2.10
N GLY A 146 0.66 19.68 3.32
CA GLY A 146 -0.46 20.57 3.69
C GLY A 146 -1.51 19.89 4.58
N LEU A 147 -1.04 19.13 5.58
CA LEU A 147 -1.84 18.32 6.50
C LEU A 147 -1.43 18.58 7.96
N VAL A 148 -2.30 18.22 8.90
CA VAL A 148 -2.06 18.34 10.36
C VAL A 148 -2.46 17.06 11.11
N ILE A 149 -1.62 16.66 12.07
CA ILE A 149 -1.79 15.48 12.95
C ILE A 149 -2.45 15.86 14.30
N ASN A 150 -3.05 14.88 14.99
CA ASN A 150 -3.52 15.03 16.36
C ASN A 150 -2.36 14.97 17.39
N ASN A 151 -2.43 15.81 18.43
CA ASN A 151 -1.40 15.98 19.47
C ASN A 151 -1.17 14.70 20.31
N ASP A 152 -2.26 14.04 20.72
CA ASP A 152 -2.27 12.83 21.56
C ASP A 152 -1.52 11.66 20.90
N VAL A 153 -1.84 11.38 19.63
CA VAL A 153 -1.18 10.33 18.83
C VAL A 153 0.26 10.65 18.47
N ASN A 154 0.64 11.92 18.31
CA ASN A 154 2.03 12.28 18.02
C ASN A 154 2.94 12.05 19.25
N ASP A 155 2.42 12.27 20.46
CA ASP A 155 3.08 11.94 21.73
C ASP A 155 3.22 10.41 21.94
N PHE A 156 2.25 9.62 21.47
CA PHE A 156 2.32 8.15 21.42
C PHE A 156 3.42 7.65 20.44
N MET A 157 3.49 8.23 19.24
CA MET A 157 4.49 7.87 18.22
C MET A 157 5.91 8.26 18.62
N THR A 158 6.07 9.45 19.20
CA THR A 158 7.36 9.98 19.66
C THR A 158 7.99 9.07 20.73
N GLU A 159 7.16 8.61 21.67
CA GLU A 159 7.57 7.63 22.69
C GLU A 159 7.84 6.24 22.08
N HIS A 160 7.17 5.86 21.00
CA HIS A 160 7.39 4.58 20.32
C HIS A 160 8.75 4.52 19.61
N GLU A 161 9.14 5.62 18.95
CA GLU A 161 10.49 5.80 18.39
C GLU A 161 11.56 5.71 19.49
N ARG A 162 11.28 6.27 20.68
CA ARG A 162 12.15 6.17 21.87
C ARG A 162 12.22 4.78 22.50
N LYS A 163 11.13 3.99 22.46
CA LYS A 163 11.07 2.60 22.97
C LYS A 163 11.76 1.56 22.08
N GLY A 164 12.60 2.02 21.13
CA GLY A 164 13.38 1.17 20.23
C GLY A 164 12.60 0.56 19.07
N ARG A 165 11.44 1.13 18.71
CA ARG A 165 10.57 0.67 17.62
C ARG A 165 10.31 1.80 16.61
N THR A 166 9.50 1.55 15.57
CA THR A 166 9.27 2.48 14.45
C THR A 166 7.81 2.90 14.38
N ALA A 167 7.55 4.15 14.03
CA ALA A 167 6.22 4.77 14.01
C ALA A 167 6.06 5.75 12.83
N VAL A 168 5.00 5.56 12.02
CA VAL A 168 4.68 6.36 10.82
C VAL A 168 3.18 6.58 10.67
N LEU A 169 2.79 7.66 9.98
CA LEU A 169 1.38 8.09 9.80
C LEU A 169 0.90 8.05 8.33
N VAL A 170 -0.43 7.99 8.16
CA VAL A 170 -1.13 7.72 6.88
C VAL A 170 -2.19 8.81 6.58
N ALA A 171 -2.21 9.29 5.33
CA ALA A 171 -3.22 10.20 4.81
C ALA A 171 -3.73 9.79 3.41
N VAL A 172 -4.95 10.17 3.06
CA VAL A 172 -5.67 9.79 1.84
C VAL A 172 -6.41 11.00 1.26
N ASP A 173 -6.12 11.34 -0.01
CA ASP A 173 -6.78 12.39 -0.78
C ASP A 173 -7.04 13.69 0.03
N ASP A 174 -5.95 14.22 0.58
CA ASP A 174 -5.85 15.40 1.44
C ASP A 174 -6.53 15.29 2.83
N GLU A 175 -6.76 14.09 3.38
CA GLU A 175 -7.24 13.88 4.76
C GLU A 175 -6.37 12.90 5.55
N LEU A 176 -6.03 13.22 6.81
CA LEU A 176 -5.42 12.27 7.75
C LEU A 176 -6.36 11.08 7.97
N CYS A 177 -5.82 9.86 8.10
CA CYS A 177 -6.65 8.68 8.30
C CYS A 177 -6.15 7.61 9.30
N GLY A 178 -4.86 7.51 9.62
CA GLY A 178 -4.37 6.52 10.60
C GLY A 178 -2.88 6.63 10.91
N LEU A 179 -2.39 5.73 11.77
CA LEU A 179 -0.96 5.53 12.03
C LEU A 179 -0.61 4.04 12.28
N ILE A 180 0.68 3.72 12.12
CA ILE A 180 1.23 2.35 12.11
C ILE A 180 2.46 2.28 13.04
N ALA A 181 2.46 1.30 13.94
CA ALA A 181 3.56 0.95 14.83
C ALA A 181 4.18 -0.41 14.44
N ILE A 182 5.51 -0.44 14.25
CA ILE A 182 6.26 -1.60 13.72
C ILE A 182 7.44 -1.96 14.64
N ALA A 183 7.61 -3.25 14.90
CA ALA A 183 8.57 -3.80 15.87
C ALA A 183 9.56 -4.80 15.24
N ASP A 184 10.85 -4.46 15.25
CA ASP A 184 11.93 -5.40 14.90
C ASP A 184 11.98 -6.54 15.93
N THR A 185 12.13 -7.78 15.43
CA THR A 185 12.41 -9.00 16.22
C THR A 185 11.46 -9.20 17.39
N SER A 1 11.23 -10.37 -1.68
CA SER A 1 12.20 -10.44 -0.57
C SER A 1 11.83 -11.53 0.42
N PHE A 2 12.78 -12.38 0.81
CA PHE A 2 12.59 -13.47 1.78
C PHE A 2 13.24 -13.22 3.15
N THR A 3 14.23 -12.32 3.23
CA THR A 3 15.06 -11.96 4.41
C THR A 3 15.91 -13.10 5.01
N MET A 4 17.06 -12.73 5.59
CA MET A 4 17.99 -13.62 6.30
C MET A 4 18.42 -13.10 7.69
N HIS A 5 18.03 -11.88 8.05
CA HIS A 5 18.11 -11.27 9.39
C HIS A 5 16.69 -10.91 9.89
N GLY A 6 16.59 -10.39 11.11
CA GLY A 6 15.31 -10.01 11.74
C GLY A 6 14.61 -8.84 11.06
N THR A 7 13.30 -8.71 11.29
CA THR A 7 12.46 -7.59 10.81
C THR A 7 11.35 -7.23 11.81
N PRO A 8 10.82 -5.99 11.76
CA PRO A 8 9.66 -5.60 12.56
C PRO A 8 8.33 -6.25 12.11
N VAL A 9 7.33 -6.20 13.00
CA VAL A 9 5.92 -6.55 12.78
C VAL A 9 5.02 -5.51 13.48
N VAL A 10 3.72 -5.47 13.16
CA VAL A 10 2.77 -4.51 13.74
C VAL A 10 2.49 -4.79 15.22
N ASN A 11 2.40 -3.74 16.06
CA ASN A 11 2.10 -3.83 17.47
C ASN A 11 0.76 -3.15 17.80
N GLN A 12 0.53 -1.92 17.30
CA GLN A 12 -0.74 -1.19 17.46
C GLN A 12 -1.01 -0.24 16.27
N VAL A 13 -2.28 -0.05 15.93
CA VAL A 13 -2.74 0.93 14.91
C VAL A 13 -3.91 1.78 15.42
N LYS A 14 -4.03 3.03 14.97
CA LYS A 14 -5.23 3.87 15.21
C LYS A 14 -5.72 4.55 13.93
N VAL A 15 -7.04 4.65 13.80
CA VAL A 15 -7.70 5.44 12.74
C VAL A 15 -7.71 6.92 13.13
N LEU A 16 -7.50 7.82 12.15
CA LEU A 16 -7.54 9.29 12.32
C LEU A 16 -8.72 9.96 11.57
N THR A 17 -9.66 9.15 11.09
CA THR A 17 -10.97 9.52 10.53
C THR A 17 -12.06 8.65 11.22
N GLU A 18 -13.35 8.93 11.06
CA GLU A 18 -14.45 8.16 11.66
C GLU A 18 -15.41 7.58 10.59
N SER A 19 -16.55 8.23 10.36
CA SER A 19 -17.55 7.89 9.32
C SER A 19 -17.69 9.06 8.34
N ASN A 20 -16.53 9.63 7.96
CA ASN A 20 -16.42 10.89 7.24
C ASN A 20 -15.95 10.67 5.80
N ARG A 21 -14.80 11.25 5.40
CA ARG A 21 -14.19 11.07 4.07
C ARG A 21 -13.89 9.61 3.71
N ILE A 22 -13.36 8.83 4.65
CA ILE A 22 -13.10 7.38 4.55
C ILE A 22 -13.28 6.72 5.92
N SER A 23 -13.52 5.41 5.92
CA SER A 23 -13.59 4.56 7.12
C SER A 23 -12.55 3.41 7.09
N HIS A 24 -12.28 2.84 8.26
CA HIS A 24 -11.14 1.95 8.53
C HIS A 24 -10.99 0.71 7.63
N HIS A 25 -12.06 -0.08 7.39
CA HIS A 25 -11.91 -1.36 6.69
C HIS A 25 -11.55 -1.17 5.20
N LYS A 26 -12.01 -0.07 4.58
CA LYS A 26 -11.60 0.37 3.24
C LYS A 26 -10.17 0.93 3.23
N ILE A 27 -9.75 1.66 4.27
CA ILE A 27 -8.38 2.17 4.43
C ILE A 27 -7.36 1.02 4.53
N LEU A 28 -7.61 0.03 5.41
CA LEU A 28 -6.67 -1.09 5.57
C LEU A 28 -6.60 -1.96 4.31
N ALA A 29 -7.68 -2.05 3.52
CA ALA A 29 -7.63 -2.64 2.19
C ALA A 29 -6.70 -1.83 1.26
N ILE A 30 -6.96 -0.55 0.99
CA ILE A 30 -6.19 0.21 -0.02
C ILE A 30 -4.71 0.40 0.35
N VAL A 31 -4.39 0.64 1.64
CA VAL A 31 -3.00 0.71 2.11
C VAL A 31 -2.34 -0.67 2.05
N GLY A 32 -2.99 -1.71 2.59
CA GLY A 32 -2.40 -3.04 2.66
C GLY A 32 -2.22 -3.73 1.31
N THR A 33 -3.10 -3.44 0.36
CA THR A 33 -2.99 -3.90 -1.03
C THR A 33 -1.97 -3.11 -1.85
N ALA A 34 -1.78 -1.81 -1.59
CA ALA A 34 -0.69 -1.04 -2.22
C ALA A 34 0.68 -1.65 -1.88
N GLU A 35 0.89 -2.05 -0.62
CA GLU A 35 2.12 -2.69 -0.10
C GLU A 35 2.34 -4.14 -0.58
N SER A 36 1.52 -4.65 -1.52
CA SER A 36 1.63 -5.97 -2.17
C SER A 36 2.55 -5.98 -3.40
N ASN A 37 3.17 -4.85 -3.76
CA ASN A 37 3.91 -4.64 -5.02
C ASN A 37 5.28 -5.38 -5.08
N SER A 38 6.41 -4.73 -4.79
CA SER A 38 7.80 -5.26 -4.90
C SER A 38 8.83 -4.27 -4.33
N GLU A 39 8.88 -4.13 -3.01
CA GLU A 39 9.61 -3.06 -2.32
C GLU A 39 10.32 -3.46 -1.01
N HIS A 40 9.59 -3.86 0.03
CA HIS A 40 10.11 -4.02 1.39
C HIS A 40 9.46 -5.21 2.13
N PRO A 41 10.20 -5.90 3.03
CA PRO A 41 9.61 -6.88 3.96
C PRO A 41 8.57 -6.26 4.91
N LEU A 42 8.69 -4.95 5.15
CA LEU A 42 7.73 -4.14 5.90
C LEU A 42 6.41 -3.93 5.14
N GLY A 43 6.46 -3.94 3.80
CA GLY A 43 5.25 -3.96 2.96
C GLY A 43 4.54 -5.30 3.11
N THR A 44 5.30 -6.40 3.02
CA THR A 44 4.82 -7.76 3.27
C THR A 44 4.24 -7.92 4.69
N ALA A 45 4.83 -7.28 5.71
CA ALA A 45 4.31 -7.28 7.08
C ALA A 45 2.93 -6.63 7.20
N ILE A 46 2.71 -5.48 6.53
CA ILE A 46 1.39 -4.84 6.43
C ILE A 46 0.43 -5.73 5.66
N THR A 47 0.81 -6.20 4.46
CA THR A 47 -0.10 -6.96 3.60
C THR A 47 -0.55 -8.27 4.28
N LYS A 48 0.34 -8.99 4.99
CA LYS A 48 -0.02 -10.18 5.79
C LYS A 48 -1.05 -9.90 6.87
N TYR A 49 -0.89 -8.81 7.62
CA TYR A 49 -1.86 -8.37 8.62
C TYR A 49 -3.23 -8.02 7.98
N CYS A 50 -3.21 -7.25 6.89
CA CYS A 50 -4.41 -6.79 6.19
C CYS A 50 -5.16 -7.95 5.53
N LYS A 51 -4.47 -8.85 4.82
CA LYS A 51 -5.00 -10.08 4.21
C LYS A 51 -5.78 -10.91 5.23
N GLN A 52 -5.22 -11.08 6.43
CA GLN A 52 -5.87 -11.80 7.52
C GLN A 52 -7.11 -11.06 8.08
N GLU A 53 -7.20 -9.74 7.92
CA GLU A 53 -8.42 -8.93 8.18
C GLU A 53 -9.41 -8.89 6.99
N LEU A 54 -8.98 -9.23 5.77
CA LEU A 54 -9.85 -9.43 4.60
C LEU A 54 -10.44 -10.84 4.52
N ASP A 55 -9.72 -11.84 5.02
CA ASP A 55 -9.98 -13.27 4.85
C ASP A 55 -9.97 -13.72 3.37
N THR A 56 -9.14 -13.08 2.53
CA THR A 56 -8.88 -13.48 1.13
C THR A 56 -7.46 -13.14 0.66
N GLU A 57 -6.85 -14.02 -0.14
CA GLU A 57 -5.59 -13.74 -0.86
C GLU A 57 -5.81 -13.09 -2.25
N THR A 58 -7.06 -12.83 -2.65
CA THR A 58 -7.40 -12.32 -3.99
C THR A 58 -7.35 -10.80 -4.16
N LEU A 59 -6.77 -10.11 -3.17
CA LEU A 59 -6.48 -8.69 -3.20
C LEU A 59 -5.44 -8.31 -4.26
N GLY A 60 -5.54 -7.06 -4.73
CA GLY A 60 -4.59 -6.41 -5.65
C GLY A 60 -5.17 -5.17 -6.34
N THR A 61 -4.32 -4.18 -6.63
CA THR A 61 -4.70 -2.88 -7.20
C THR A 61 -3.56 -2.30 -8.05
N CYS A 62 -3.85 -1.65 -9.17
CA CYS A 62 -2.82 -0.89 -9.91
C CYS A 62 -2.43 0.39 -9.16
N ILE A 63 -1.15 0.74 -9.11
CA ILE A 63 -0.57 1.84 -8.33
C ILE A 63 0.59 2.54 -9.04
N ASP A 64 0.75 3.84 -8.80
CA ASP A 64 1.83 4.68 -9.36
C ASP A 64 2.80 5.14 -8.25
N PHE A 65 3.70 4.24 -7.84
CA PHE A 65 4.54 4.31 -6.62
C PHE A 65 5.80 5.20 -6.73
N GLN A 66 5.85 6.30 -5.96
CA GLN A 66 6.96 7.26 -5.88
C GLN A 66 7.51 7.33 -4.43
N VAL A 67 8.83 7.34 -4.27
CA VAL A 67 9.51 7.16 -2.97
C VAL A 67 10.51 8.29 -2.67
N VAL A 68 10.61 8.67 -1.39
CA VAL A 68 11.65 9.54 -0.81
C VAL A 68 12.24 8.83 0.42
N PRO A 69 13.49 8.32 0.37
CA PRO A 69 14.07 7.45 1.40
C PRO A 69 13.98 7.98 2.83
N GLY A 70 13.04 7.43 3.59
CA GLY A 70 12.83 7.72 5.01
C GLY A 70 12.00 8.97 5.30
N CYS A 71 11.52 9.67 4.27
CA CYS A 71 10.55 10.76 4.39
C CYS A 71 9.13 10.25 4.09
N GLY A 72 8.95 9.48 3.01
CA GLY A 72 7.68 8.81 2.71
C GLY A 72 7.52 8.34 1.27
N ILE A 73 6.31 7.91 0.94
CA ILE A 73 5.91 7.24 -0.31
C ILE A 73 4.52 7.70 -0.76
N SER A 74 4.45 8.48 -1.85
CA SER A 74 3.21 8.85 -2.55
C SER A 74 2.84 7.84 -3.65
N CYS A 75 1.55 7.48 -3.74
CA CYS A 75 1.04 6.58 -4.77
C CYS A 75 -0.38 6.93 -5.25
N LYS A 76 -0.79 6.39 -6.41
CA LYS A 76 -2.19 6.41 -6.87
C LYS A 76 -2.70 4.98 -6.72
N VAL A 77 -4.00 4.77 -6.53
CA VAL A 77 -4.59 3.42 -6.40
C VAL A 77 -5.96 3.31 -7.09
N THR A 78 -6.24 2.16 -7.69
CA THR A 78 -7.49 1.87 -8.41
C THR A 78 -7.84 0.38 -8.31
N ASN A 79 -8.83 -0.14 -9.05
CA ASN A 79 -9.34 -1.52 -8.98
C ASN A 79 -10.15 -1.83 -7.69
N ILE A 80 -10.56 -0.83 -6.92
CA ILE A 80 -11.26 -1.03 -5.63
C ILE A 80 -12.70 -1.52 -5.88
N GLU A 81 -13.41 -0.89 -6.81
CA GLU A 81 -14.70 -1.34 -7.39
C GLU A 81 -14.53 -2.47 -8.42
N GLY A 82 -13.28 -2.76 -8.83
CA GLY A 82 -12.86 -3.62 -9.96
C GLY A 82 -13.31 -5.09 -9.96
N LEU A 83 -14.20 -5.51 -9.06
CA LEU A 83 -14.70 -6.89 -8.89
C LEU A 83 -15.28 -7.52 -10.17
N LEU A 84 -15.53 -6.72 -11.22
CA LEU A 84 -15.87 -7.18 -12.57
C LEU A 84 -14.79 -8.10 -13.21
N HIS A 85 -13.55 -8.08 -12.70
CA HIS A 85 -12.49 -9.03 -13.05
C HIS A 85 -11.43 -9.11 -11.94
N LYS A 86 -11.00 -10.32 -11.56
CA LYS A 86 -9.89 -10.54 -10.61
C LYS A 86 -8.86 -11.61 -11.01
N ASN A 87 -9.11 -12.37 -12.09
CA ASN A 87 -8.31 -13.54 -12.47
C ASN A 87 -6.81 -13.21 -12.43
N ASN A 88 -6.06 -13.95 -11.59
CA ASN A 88 -4.64 -13.68 -11.36
C ASN A 88 -3.82 -14.33 -12.49
N TRP A 89 -3.94 -13.78 -13.70
CA TRP A 89 -3.31 -14.25 -14.93
C TRP A 89 -3.15 -13.04 -15.88
N ASN A 90 -2.46 -13.23 -17.01
CA ASN A 90 -2.04 -12.11 -17.87
C ASN A 90 -1.17 -11.17 -17.02
N ILE A 91 -1.42 -9.85 -17.00
CA ILE A 91 -0.70 -8.81 -16.22
C ILE A 91 0.77 -8.61 -16.66
N GLU A 92 1.45 -9.64 -17.14
CA GLU A 92 2.84 -9.67 -17.57
C GLU A 92 3.82 -9.17 -16.50
N ASP A 93 3.89 -9.90 -15.38
CA ASP A 93 4.92 -9.76 -14.34
C ASP A 93 5.07 -8.30 -13.81
N ASN A 94 3.94 -7.62 -13.60
CA ASN A 94 3.87 -6.18 -13.32
C ASN A 94 4.41 -5.79 -11.92
N ASN A 95 5.38 -4.87 -11.89
CA ASN A 95 5.95 -4.24 -10.68
C ASN A 95 6.46 -2.79 -10.95
N ILE A 96 6.57 -1.96 -9.91
CA ILE A 96 7.09 -0.58 -9.99
C ILE A 96 7.82 -0.12 -8.72
N LYS A 97 8.94 0.59 -8.87
CA LYS A 97 9.65 1.32 -7.80
C LYS A 97 10.48 2.49 -8.34
N ASN A 98 10.25 3.69 -7.84
CA ASN A 98 11.03 4.89 -8.15
C ASN A 98 11.35 5.70 -6.88
N ALA A 99 12.63 5.89 -6.54
CA ALA A 99 13.08 6.60 -5.34
C ALA A 99 14.04 7.77 -5.65
N SER A 100 13.74 8.95 -5.13
CA SER A 100 14.53 10.19 -5.30
C SER A 100 15.17 10.65 -3.99
N LEU A 101 16.38 11.23 -4.06
CA LEU A 101 17.00 11.90 -2.90
C LEU A 101 16.18 13.12 -2.44
N VAL A 102 16.27 13.44 -1.14
CA VAL A 102 15.58 14.58 -0.52
C VAL A 102 16.23 15.91 -0.93
N GLN A 103 15.51 16.66 -1.77
CA GLN A 103 16.00 17.85 -2.49
C GLN A 103 14.88 18.90 -2.57
N ILE A 104 15.25 20.15 -2.86
CA ILE A 104 14.37 21.32 -3.07
C ILE A 104 13.52 21.66 -1.83
N ASP A 105 13.88 22.75 -1.14
CA ASP A 105 13.03 23.34 -0.09
C ASP A 105 12.13 24.47 -0.61
N ALA A 106 12.49 25.08 -1.74
CA ALA A 106 11.84 26.27 -2.31
C ALA A 106 10.30 26.18 -2.30
N SER A 107 9.64 27.12 -1.63
CA SER A 107 8.20 27.03 -1.32
C SER A 107 7.25 27.45 -2.45
N ASN A 108 7.78 27.89 -3.60
CA ASN A 108 6.97 28.43 -4.69
C ASN A 108 6.22 27.36 -5.50
N GLU A 109 6.83 26.19 -5.71
CA GLU A 109 6.16 25.00 -6.28
C GLU A 109 6.84 23.71 -5.79
N GLN A 110 6.08 22.61 -5.80
CA GLN A 110 6.47 21.26 -5.34
C GLN A 110 7.75 20.73 -6.03
N SER A 111 8.38 19.71 -5.42
CA SER A 111 9.61 19.08 -5.95
C SER A 111 9.48 18.61 -7.40
N SER A 112 10.36 19.09 -8.27
CA SER A 112 10.33 18.86 -9.73
C SER A 112 10.89 17.47 -10.14
N THR A 113 10.37 16.40 -9.54
CA THR A 113 10.65 15.03 -9.99
C THR A 113 9.47 14.09 -9.75
N SER A 114 9.20 13.23 -10.72
CA SER A 114 8.23 12.13 -10.72
C SER A 114 8.48 11.28 -11.96
N SER A 115 8.46 9.95 -11.84
CA SER A 115 8.67 9.02 -12.97
C SER A 115 7.42 8.23 -13.33
N SER A 116 7.48 7.47 -14.42
CA SER A 116 6.40 6.62 -14.91
C SER A 116 6.94 5.33 -15.50
N MET A 117 6.37 4.20 -15.09
CA MET A 117 6.77 2.85 -15.51
C MET A 117 5.57 1.98 -15.93
N ILE A 118 4.40 2.22 -15.34
CA ILE A 118 3.11 1.59 -15.70
C ILE A 118 1.96 2.52 -15.32
N ILE A 119 1.29 3.08 -16.34
CA ILE A 119 0.06 3.86 -16.19
C ILE A 119 -1.09 3.38 -17.09
N ASP A 120 -0.85 2.61 -18.16
CA ASP A 120 -1.92 2.13 -19.06
C ASP A 120 -3.00 1.33 -18.31
N ALA A 121 -2.62 0.57 -17.29
CA ALA A 121 -3.53 -0.20 -16.42
C ALA A 121 -4.43 0.67 -15.51
N GLN A 122 -4.12 1.96 -15.32
CA GLN A 122 -4.91 2.93 -14.54
C GLN A 122 -5.48 4.09 -15.39
N ILE A 123 -5.04 4.26 -16.65
CA ILE A 123 -5.64 5.15 -17.64
C ILE A 123 -6.79 4.44 -18.38
N SER A 124 -6.55 3.22 -18.88
CA SER A 124 -7.51 2.53 -19.76
C SER A 124 -8.79 2.06 -19.06
N ASN A 125 -8.76 1.81 -17.75
CA ASN A 125 -9.90 1.31 -16.99
C ASN A 125 -11.08 2.29 -16.88
N ALA A 126 -10.94 3.54 -17.33
CA ALA A 126 -11.87 4.66 -17.09
C ALA A 126 -13.35 4.43 -17.45
N LEU A 127 -13.71 3.30 -18.08
CA LEU A 127 -15.08 2.83 -18.25
C LEU A 127 -15.74 2.45 -16.90
N ASN A 128 -14.97 1.99 -15.90
CA ASN A 128 -15.44 1.64 -14.55
C ASN A 128 -14.37 1.89 -13.45
N ALA A 129 -14.83 2.13 -12.22
CA ALA A 129 -14.07 2.56 -11.02
C ALA A 129 -13.50 4.00 -11.06
N GLN A 130 -13.44 4.64 -9.89
CA GLN A 130 -12.79 5.94 -9.67
C GLN A 130 -11.45 5.80 -8.92
N GLN A 131 -10.49 6.64 -9.26
CA GLN A 131 -9.10 6.57 -8.81
C GLN A 131 -8.87 7.39 -7.50
N TYR A 132 -7.96 6.93 -6.64
CA TYR A 132 -7.62 7.52 -5.33
C TYR A 132 -6.12 7.88 -5.25
N LYS A 133 -5.74 8.86 -4.41
CA LYS A 133 -4.34 9.21 -4.09
C LYS A 133 -4.01 8.96 -2.61
N VAL A 134 -2.92 8.25 -2.32
CA VAL A 134 -2.52 7.86 -0.95
C VAL A 134 -1.06 8.22 -0.69
N LEU A 135 -0.76 8.75 0.49
CA LEU A 135 0.57 9.21 0.88
C LEU A 135 0.92 8.66 2.27
N ILE A 136 2.02 7.92 2.37
CA ILE A 136 2.54 7.36 3.62
C ILE A 136 3.86 8.05 3.98
N GLY A 137 4.18 8.26 5.26
CA GLY A 137 5.54 8.71 5.60
C GLY A 137 5.86 8.96 7.07
N ASN A 138 6.83 9.86 7.29
CA ASN A 138 7.24 10.36 8.60
C ASN A 138 6.36 11.55 9.04
N ARG A 139 6.34 11.81 10.36
CA ARG A 139 5.59 12.92 10.98
C ARG A 139 5.93 14.29 10.37
N GLU A 140 7.22 14.57 10.17
CA GLU A 140 7.69 15.83 9.57
C GLU A 140 7.48 15.94 8.04
N TRP A 141 7.24 14.85 7.30
CA TRP A 141 6.94 14.92 5.85
C TRP A 141 5.45 15.24 5.59
N MET A 142 4.60 15.13 6.61
CA MET A 142 3.22 15.60 6.55
C MET A 142 3.11 17.12 6.66
N ILE A 143 3.93 17.81 7.48
CA ILE A 143 4.02 19.27 7.44
C ILE A 143 4.67 19.77 6.14
N ARG A 144 5.51 18.96 5.47
CA ARG A 144 5.97 19.23 4.10
C ARG A 144 4.78 19.20 3.13
N ASN A 145 3.90 18.20 3.24
CA ASN A 145 2.60 18.15 2.54
C ASN A 145 1.57 19.18 3.06
N GLY A 146 1.87 19.97 4.10
CA GLY A 146 0.97 20.99 4.67
C GLY A 146 -0.15 20.46 5.58
N LEU A 147 -0.13 19.17 5.93
CA LEU A 147 -0.98 18.52 6.94
C LEU A 147 -0.37 18.69 8.36
N VAL A 148 -1.08 18.26 9.40
CA VAL A 148 -0.61 18.15 10.80
C VAL A 148 -1.38 17.05 11.54
N ILE A 149 -0.76 16.36 12.51
CA ILE A 149 -1.40 15.26 13.29
C ILE A 149 -1.69 15.66 14.76
N ASN A 150 -2.65 15.00 15.41
CA ASN A 150 -3.09 15.34 16.77
C ASN A 150 -1.99 15.18 17.84
N ASN A 151 -2.02 16.00 18.88
CA ASN A 151 -0.98 16.02 19.92
C ASN A 151 -0.95 14.75 20.79
N ASP A 152 -2.10 14.14 21.07
CA ASP A 152 -2.22 12.90 21.85
C ASP A 152 -1.52 11.73 21.14
N VAL A 153 -1.84 11.50 19.86
CA VAL A 153 -1.14 10.51 19.02
C VAL A 153 0.32 10.86 18.76
N ASN A 154 0.71 12.14 18.81
CA ASN A 154 2.11 12.55 18.65
C ASN A 154 2.96 12.14 19.87
N ASP A 155 2.45 12.29 21.10
CA ASP A 155 3.11 11.83 22.34
C ASP A 155 3.26 10.29 22.35
N PHE A 156 2.24 9.58 21.89
CA PHE A 156 2.19 8.12 21.70
C PHE A 156 3.22 7.63 20.67
N MET A 157 3.37 8.32 19.53
CA MET A 157 4.42 8.04 18.56
C MET A 157 5.82 8.29 19.13
N THR A 158 6.01 9.43 19.81
CA THR A 158 7.28 9.80 20.45
C THR A 158 7.71 8.75 21.47
N GLU A 159 6.78 8.27 22.30
CA GLU A 159 7.05 7.26 23.34
C GLU A 159 7.49 5.92 22.73
N HIS A 160 6.84 5.50 21.64
CA HIS A 160 7.21 4.26 20.93
C HIS A 160 8.57 4.38 20.22
N GLU A 161 8.85 5.50 19.55
CA GLU A 161 10.16 5.78 18.94
C GLU A 161 11.28 5.89 20.00
N ARG A 162 11.01 6.50 21.16
CA ARG A 162 11.90 6.58 22.34
C ARG A 162 12.19 5.20 22.94
N LYS A 163 11.25 4.25 22.82
CA LYS A 163 11.40 2.83 23.20
C LYS A 163 11.97 1.95 22.08
N GLY A 164 12.58 2.56 21.06
CA GLY A 164 13.32 1.88 20.00
C GLY A 164 12.45 1.17 18.95
N ARG A 165 11.13 1.45 18.96
CA ARG A 165 10.14 0.99 17.97
C ARG A 165 10.06 2.01 16.82
N THR A 166 9.21 1.77 15.83
CA THR A 166 9.05 2.64 14.65
C THR A 166 7.60 3.13 14.50
N ALA A 167 7.43 4.41 14.16
CA ALA A 167 6.13 5.07 14.00
C ALA A 167 5.94 5.64 12.58
N VAL A 168 4.83 5.33 11.92
CA VAL A 168 4.53 5.71 10.51
C VAL A 168 3.05 6.08 10.33
N LEU A 169 2.75 7.09 9.49
CA LEU A 169 1.42 7.71 9.37
C LEU A 169 0.98 7.92 7.90
N VAL A 170 -0.35 7.99 7.68
CA VAL A 170 -0.97 7.95 6.34
C VAL A 170 -2.07 9.01 6.13
N ALA A 171 -2.06 9.60 4.93
CA ALA A 171 -3.09 10.51 4.41
C ALA A 171 -3.64 10.05 3.04
N VAL A 172 -4.83 10.51 2.68
CA VAL A 172 -5.56 10.13 1.45
C VAL A 172 -6.19 11.38 0.83
N ASP A 173 -5.85 11.70 -0.43
CA ASP A 173 -6.33 12.88 -1.16
C ASP A 173 -6.30 14.19 -0.31
N ASP A 174 -5.20 14.36 0.43
CA ASP A 174 -4.95 15.43 1.42
C ASP A 174 -5.90 15.48 2.65
N GLU A 175 -6.39 14.33 3.12
CA GLU A 175 -7.07 14.16 4.41
C GLU A 175 -6.34 13.13 5.30
N LEU A 176 -6.30 13.36 6.61
CA LEU A 176 -5.82 12.39 7.60
C LEU A 176 -6.65 11.10 7.59
N CYS A 177 -5.99 9.95 7.73
CA CYS A 177 -6.69 8.66 7.75
C CYS A 177 -6.23 7.65 8.82
N GLY A 178 -4.95 7.58 9.19
CA GLY A 178 -4.50 6.65 10.24
C GLY A 178 -2.98 6.66 10.55
N LEU A 179 -2.58 5.92 11.60
CA LEU A 179 -1.17 5.68 11.95
C LEU A 179 -0.88 4.25 12.47
N ILE A 180 0.39 3.86 12.41
CA ILE A 180 0.89 2.50 12.68
C ILE A 180 2.14 2.55 13.58
N ALA A 181 2.17 1.73 14.63
CA ALA A 181 3.33 1.46 15.48
C ALA A 181 3.84 0.01 15.28
N ILE A 182 5.11 -0.12 14.91
CA ILE A 182 5.78 -1.37 14.47
C ILE A 182 7.05 -1.63 15.29
N ALA A 183 7.28 -2.90 15.65
CA ALA A 183 8.31 -3.32 16.63
C ALA A 183 9.06 -4.59 16.21
N ASP A 184 10.31 -4.73 16.67
CA ASP A 184 11.20 -5.89 16.41
C ASP A 184 11.59 -6.68 17.68
N THR A 185 12.03 -7.93 17.48
CA THR A 185 12.58 -8.87 18.49
C THR A 185 11.63 -9.17 19.66
N SER A 1 3.49 -26.62 5.45
CA SER A 1 3.20 -25.30 6.02
C SER A 1 3.85 -25.14 7.39
N PHE A 2 5.05 -24.58 7.46
CA PHE A 2 5.73 -24.27 8.73
C PHE A 2 4.88 -23.32 9.59
N THR A 3 4.39 -22.22 9.00
CA THR A 3 3.53 -21.21 9.62
C THR A 3 4.06 -20.73 10.98
N MET A 4 5.29 -20.19 10.99
CA MET A 4 6.05 -19.81 12.20
C MET A 4 6.28 -18.29 12.35
N HIS A 5 6.05 -17.49 11.31
CA HIS A 5 6.44 -16.08 11.27
C HIS A 5 5.47 -15.15 12.02
N GLY A 6 5.95 -13.93 12.30
CA GLY A 6 5.17 -12.81 12.86
C GLY A 6 4.88 -11.71 11.84
N THR A 7 4.26 -10.62 12.29
CA THR A 7 3.75 -9.50 11.46
C THR A 7 4.48 -8.17 11.73
N PRO A 8 5.44 -7.79 10.87
CA PRO A 8 6.07 -6.46 10.88
C PRO A 8 5.29 -5.41 10.06
N VAL A 9 5.66 -4.14 10.22
CA VAL A 9 5.21 -2.97 9.43
C VAL A 9 3.66 -2.83 9.35
N VAL A 10 3.02 -3.08 10.51
CA VAL A 10 1.56 -3.00 10.76
C VAL A 10 1.15 -3.48 12.16
N ASN A 11 2.11 -3.60 13.08
CA ASN A 11 1.93 -4.28 14.37
C ASN A 11 0.75 -3.69 15.17
N GLN A 12 0.54 -2.37 15.11
CA GLN A 12 -0.69 -1.69 15.55
C GLN A 12 -1.08 -0.57 14.58
N VAL A 13 -2.37 -0.44 14.24
CA VAL A 13 -2.94 0.60 13.37
C VAL A 13 -4.08 1.36 14.06
N LYS A 14 -4.13 2.68 13.91
CA LYS A 14 -5.13 3.57 14.54
C LYS A 14 -5.70 4.56 13.53
N VAL A 15 -7.02 4.70 13.43
CA VAL A 15 -7.68 5.57 12.42
C VAL A 15 -8.10 6.93 12.98
N LEU A 16 -7.70 7.98 12.28
CA LEU A 16 -7.96 9.39 12.61
C LEU A 16 -9.03 10.05 11.71
N THR A 17 -9.37 9.46 10.56
CA THR A 17 -10.49 9.91 9.67
C THR A 17 -11.87 9.34 10.11
N GLU A 18 -11.99 8.75 11.29
CA GLU A 18 -13.16 7.96 11.71
C GLU A 18 -14.52 8.70 11.59
N SER A 19 -15.55 7.95 11.20
CA SER A 19 -16.92 8.41 10.91
C SER A 19 -17.01 9.61 9.93
N ASN A 20 -16.12 9.65 8.94
CA ASN A 20 -16.17 10.64 7.85
C ASN A 20 -15.81 10.05 6.47
N ARG A 21 -14.53 9.98 6.11
CA ARG A 21 -14.07 9.72 4.74
C ARG A 21 -13.76 8.25 4.38
N ILE A 22 -13.00 7.50 5.19
CA ILE A 22 -12.64 6.09 4.93
C ILE A 22 -12.76 5.23 6.20
N SER A 23 -13.17 3.96 6.07
CA SER A 23 -13.30 3.00 7.19
C SER A 23 -12.04 2.14 7.44
N HIS A 24 -11.84 1.70 8.69
CA HIS A 24 -10.65 1.00 9.18
C HIS A 24 -10.20 -0.24 8.39
N HIS A 25 -11.06 -1.20 8.06
CA HIS A 25 -10.67 -2.38 7.27
C HIS A 25 -10.21 -2.00 5.86
N LYS A 26 -10.79 -0.93 5.27
CA LYS A 26 -10.42 -0.42 3.94
C LYS A 26 -9.10 0.34 3.97
N ILE A 27 -8.81 1.10 5.03
CA ILE A 27 -7.50 1.73 5.25
C ILE A 27 -6.40 0.66 5.38
N LEU A 28 -6.63 -0.37 6.20
CA LEU A 28 -5.74 -1.53 6.34
C LEU A 28 -5.49 -2.22 4.99
N ALA A 29 -6.57 -2.50 4.25
CA ALA A 29 -6.52 -3.08 2.90
C ALA A 29 -5.64 -2.27 1.93
N ILE A 30 -5.78 -0.94 1.84
CA ILE A 30 -4.98 -0.16 0.89
C ILE A 30 -3.49 -0.09 1.27
N VAL A 31 -3.14 0.03 2.56
CA VAL A 31 -1.73 0.01 3.00
C VAL A 31 -1.09 -1.34 2.68
N GLY A 32 -1.75 -2.45 3.03
CA GLY A 32 -1.20 -3.78 2.80
C GLY A 32 -1.18 -4.19 1.33
N THR A 33 -2.28 -4.00 0.60
CA THR A 33 -2.34 -4.43 -0.81
C THR A 33 -1.40 -3.62 -1.70
N ALA A 34 -1.15 -2.34 -1.39
CA ALA A 34 -0.09 -1.57 -2.06
C ALA A 34 1.31 -2.19 -1.87
N GLU A 35 1.59 -2.83 -0.72
CA GLU A 35 2.92 -3.35 -0.39
C GLU A 35 3.16 -4.76 -0.94
N SER A 36 2.13 -5.36 -1.54
CA SER A 36 2.20 -6.59 -2.33
C SER A 36 3.10 -6.45 -3.58
N ASN A 37 3.58 -5.23 -3.87
CA ASN A 37 4.47 -4.91 -4.98
C ASN A 37 5.93 -5.35 -4.70
N SER A 38 6.95 -4.51 -4.98
CA SER A 38 8.36 -4.95 -4.97
C SER A 38 9.28 -3.92 -4.29
N GLU A 39 8.79 -3.29 -3.23
CA GLU A 39 9.41 -2.09 -2.62
C GLU A 39 10.22 -2.41 -1.35
N HIS A 40 9.79 -3.45 -0.62
CA HIS A 40 10.44 -3.97 0.58
C HIS A 40 10.35 -5.51 0.60
N PRO A 41 11.30 -6.22 1.24
CA PRO A 41 11.14 -7.65 1.50
C PRO A 41 10.01 -7.93 2.52
N LEU A 42 9.67 -6.92 3.32
CA LEU A 42 8.60 -6.93 4.33
C LEU A 42 7.19 -6.74 3.76
N GLY A 43 7.05 -6.17 2.55
CA GLY A 43 5.75 -5.72 2.04
C GLY A 43 4.65 -6.79 2.02
N THR A 44 4.96 -7.96 1.47
CA THR A 44 4.07 -9.14 1.48
C THR A 44 3.62 -9.58 2.88
N ALA A 45 4.38 -9.30 3.94
CA ALA A 45 3.99 -9.59 5.32
C ALA A 45 2.86 -8.67 5.81
N ILE A 46 2.86 -7.41 5.36
CA ILE A 46 1.76 -6.46 5.56
C ILE A 46 0.53 -6.98 4.81
N THR A 47 0.66 -7.33 3.52
CA THR A 47 -0.46 -7.88 2.73
C THR A 47 -1.04 -9.15 3.36
N LYS A 48 -0.19 -10.11 3.77
CA LYS A 48 -0.55 -11.35 4.51
C LYS A 48 -1.34 -11.08 5.80
N TYR A 49 -1.11 -9.96 6.49
CA TYR A 49 -1.92 -9.53 7.63
C TYR A 49 -3.28 -8.98 7.19
N CYS A 50 -3.29 -8.03 6.25
CA CYS A 50 -4.50 -7.35 5.79
C CYS A 50 -5.50 -8.29 5.11
N LYS A 51 -5.04 -9.19 4.20
CA LYS A 51 -5.91 -10.16 3.51
C LYS A 51 -6.64 -11.09 4.47
N GLN A 52 -5.94 -11.52 5.53
CA GLN A 52 -6.49 -12.39 6.55
C GLN A 52 -7.54 -11.67 7.41
N GLU A 53 -7.41 -10.35 7.59
CA GLU A 53 -8.46 -9.52 8.20
C GLU A 53 -9.70 -9.43 7.31
N LEU A 54 -9.56 -9.33 5.98
CA LEU A 54 -10.69 -9.36 5.06
C LEU A 54 -11.35 -10.75 4.95
N ASP A 55 -10.74 -11.77 5.56
CA ASP A 55 -11.06 -13.19 5.38
C ASP A 55 -10.83 -13.68 3.94
N THR A 56 -9.98 -12.96 3.19
CA THR A 56 -9.76 -13.16 1.75
C THR A 56 -8.47 -13.88 1.40
N GLU A 57 -8.48 -14.51 0.23
CA GLU A 57 -7.33 -15.07 -0.46
C GLU A 57 -7.16 -14.45 -1.86
N THR A 58 -7.94 -13.40 -2.18
CA THR A 58 -7.90 -12.66 -3.45
C THR A 58 -7.91 -11.14 -3.20
N LEU A 59 -6.85 -10.45 -3.66
CA LEU A 59 -6.69 -8.99 -3.61
C LEU A 59 -5.52 -8.51 -4.49
N GLY A 60 -5.50 -7.21 -4.78
CA GLY A 60 -4.43 -6.51 -5.51
C GLY A 60 -4.81 -5.09 -5.90
N THR A 61 -3.82 -4.23 -6.15
CA THR A 61 -3.95 -2.79 -6.40
C THR A 61 -2.90 -2.29 -7.38
N CYS A 62 -3.27 -1.32 -8.23
CA CYS A 62 -2.33 -0.57 -9.07
C CYS A 62 -1.96 0.73 -8.33
N ILE A 63 -0.68 1.14 -8.39
CA ILE A 63 -0.11 2.20 -7.56
C ILE A 63 0.94 3.04 -8.29
N ASP A 64 1.25 4.21 -7.72
CA ASP A 64 2.40 5.05 -8.11
C ASP A 64 3.29 5.34 -6.89
N PHE A 65 4.08 4.34 -6.48
CA PHE A 65 4.92 4.34 -5.28
C PHE A 65 6.18 5.20 -5.46
N GLN A 66 6.37 6.21 -4.62
CA GLN A 66 7.44 7.22 -4.68
C GLN A 66 8.13 7.32 -3.32
N VAL A 67 9.42 6.98 -3.23
CA VAL A 67 10.18 6.92 -1.97
C VAL A 67 11.06 8.14 -1.76
N VAL A 68 10.96 8.79 -0.60
CA VAL A 68 11.85 9.86 -0.12
C VAL A 68 12.46 9.40 1.23
N PRO A 69 13.63 8.73 1.21
CA PRO A 69 14.18 7.99 2.36
C PRO A 69 14.24 8.73 3.71
N GLY A 70 14.56 10.02 3.71
CA GLY A 70 14.66 10.85 4.92
C GLY A 70 13.32 11.40 5.43
N CYS A 71 12.20 11.16 4.75
CA CYS A 71 10.89 11.75 5.07
C CYS A 71 9.72 10.74 5.08
N GLY A 72 9.59 9.89 4.06
CA GLY A 72 8.45 8.98 3.91
C GLY A 72 8.29 8.40 2.50
N ILE A 73 7.05 8.08 2.15
CA ILE A 73 6.60 7.48 0.89
C ILE A 73 5.29 8.15 0.47
N SER A 74 5.19 8.49 -0.82
CA SER A 74 3.93 8.92 -1.45
C SER A 74 3.47 7.86 -2.45
N CYS A 75 2.19 7.52 -2.44
CA CYS A 75 1.63 6.49 -3.31
C CYS A 75 0.24 6.86 -3.83
N LYS A 76 -0.11 6.37 -5.03
CA LYS A 76 -1.50 6.43 -5.52
C LYS A 76 -2.00 4.99 -5.43
N VAL A 77 -3.30 4.74 -5.26
CA VAL A 77 -3.84 3.38 -5.18
C VAL A 77 -5.21 3.27 -5.84
N THR A 78 -5.49 2.11 -6.43
CA THR A 78 -6.77 1.77 -7.07
C THR A 78 -6.92 0.24 -7.12
N ASN A 79 -8.05 -0.27 -7.62
CA ASN A 79 -8.51 -1.67 -7.56
C ASN A 79 -8.84 -2.11 -6.12
N ILE A 80 -10.13 -2.11 -5.76
CA ILE A 80 -10.61 -2.47 -4.40
C ILE A 80 -11.86 -3.36 -4.54
N GLU A 81 -12.88 -2.87 -5.24
CA GLU A 81 -14.04 -3.68 -5.65
C GLU A 81 -13.72 -4.61 -6.84
N GLY A 82 -12.87 -4.14 -7.77
CA GLY A 82 -12.31 -4.79 -8.96
C GLY A 82 -11.73 -6.21 -8.93
N LEU A 83 -11.95 -6.99 -7.87
CA LEU A 83 -11.65 -8.43 -7.83
C LEU A 83 -12.22 -9.19 -9.04
N LEU A 84 -13.39 -8.75 -9.50
CA LEU A 84 -14.13 -9.29 -10.63
C LEU A 84 -13.39 -9.20 -11.98
N HIS A 85 -13.97 -9.87 -12.97
CA HIS A 85 -13.66 -9.78 -14.40
C HIS A 85 -14.86 -9.16 -15.15
N LYS A 86 -14.74 -9.00 -16.47
CA LYS A 86 -15.85 -8.65 -17.37
C LYS A 86 -17.00 -9.66 -17.25
N ASN A 87 -18.25 -9.22 -17.37
CA ASN A 87 -19.43 -10.09 -17.32
C ASN A 87 -19.51 -10.95 -18.60
N ASN A 88 -19.83 -12.25 -18.52
CA ASN A 88 -19.91 -13.14 -19.69
C ASN A 88 -21.32 -13.20 -20.35
N TRP A 89 -22.15 -12.16 -20.18
CA TRP A 89 -23.56 -12.18 -20.57
C TRP A 89 -23.75 -11.91 -22.06
N ASN A 90 -23.05 -10.90 -22.56
CA ASN A 90 -23.04 -10.47 -23.95
C ASN A 90 -21.59 -10.32 -24.45
N ILE A 91 -20.83 -11.41 -24.27
CA ILE A 91 -19.47 -11.59 -24.79
C ILE A 91 -19.52 -12.64 -25.90
N GLU A 92 -19.10 -12.22 -27.08
CA GLU A 92 -18.90 -13.15 -28.20
C GLU A 92 -17.85 -14.20 -27.84
N ASP A 93 -18.19 -15.45 -28.12
CA ASP A 93 -17.40 -16.64 -27.78
C ASP A 93 -17.26 -16.91 -26.27
N ASN A 94 -18.28 -16.54 -25.47
CA ASN A 94 -18.38 -16.97 -24.06
C ASN A 94 -18.48 -18.51 -23.91
N ASN A 95 -18.96 -19.22 -24.94
CA ASN A 95 -18.98 -20.68 -25.06
C ASN A 95 -18.05 -21.08 -26.23
N ILE A 96 -16.78 -21.34 -25.93
CA ILE A 96 -15.73 -21.47 -26.97
C ILE A 96 -15.80 -22.75 -27.80
N LYS A 97 -15.45 -22.62 -29.08
CA LYS A 97 -15.29 -23.71 -30.04
C LYS A 97 -14.23 -23.35 -31.07
N ASN A 98 -13.40 -24.33 -31.47
CA ASN A 98 -12.32 -24.18 -32.43
C ASN A 98 -12.36 -25.27 -33.54
N ALA A 99 -13.28 -26.23 -33.43
CA ALA A 99 -13.43 -27.35 -34.34
C ALA A 99 -13.75 -26.94 -35.80
N SER A 100 -13.33 -27.81 -36.73
CA SER A 100 -13.65 -27.73 -38.16
C SER A 100 -14.80 -28.69 -38.52
N LEU A 101 -14.80 -29.89 -37.93
CA LEU A 101 -15.68 -31.01 -38.27
C LEU A 101 -17.01 -30.99 -37.49
N VAL A 102 -17.97 -31.77 -37.95
CA VAL A 102 -19.23 -32.08 -37.25
C VAL A 102 -19.06 -33.04 -36.06
N GLN A 103 -17.87 -33.64 -35.91
CA GLN A 103 -17.48 -34.39 -34.71
C GLN A 103 -17.46 -33.49 -33.47
N ILE A 104 -17.56 -34.12 -32.29
CA ILE A 104 -17.35 -33.46 -31.00
C ILE A 104 -15.84 -33.24 -30.71
N ASP A 105 -15.20 -32.47 -31.61
CA ASP A 105 -13.82 -31.98 -31.52
C ASP A 105 -13.75 -30.63 -30.77
N ALA A 106 -14.92 -29.99 -30.56
CA ALA A 106 -15.19 -28.83 -29.71
C ALA A 106 -14.09 -27.75 -29.61
N SER A 107 -13.34 -27.74 -28.53
CA SER A 107 -12.41 -26.69 -28.11
C SER A 107 -10.97 -27.19 -28.01
N ASN A 108 -10.01 -26.26 -28.05
CA ASN A 108 -8.58 -26.54 -27.89
C ASN A 108 -7.94 -25.56 -26.90
N GLU A 109 -8.14 -24.27 -27.11
CA GLU A 109 -7.62 -23.20 -26.25
C GLU A 109 -8.52 -21.95 -26.28
N GLN A 110 -8.44 -21.17 -25.21
CA GLN A 110 -9.26 -19.97 -24.98
C GLN A 110 -8.92 -18.80 -25.91
N SER A 111 -9.87 -17.86 -26.09
CA SER A 111 -9.66 -16.62 -26.84
C SER A 111 -8.52 -15.77 -26.25
N SER A 112 -7.81 -15.00 -27.09
CA SER A 112 -6.57 -14.32 -26.70
C SER A 112 -6.82 -12.98 -25.99
N THR A 113 -6.03 -12.68 -24.95
CA THR A 113 -6.04 -11.36 -24.29
C THR A 113 -5.64 -10.21 -25.22
N SER A 114 -4.91 -10.51 -26.31
CA SER A 114 -4.57 -9.56 -27.37
C SER A 114 -5.78 -9.04 -28.14
N SER A 115 -6.90 -9.77 -28.15
CA SER A 115 -8.06 -9.51 -29.03
C SER A 115 -9.06 -8.48 -28.47
N SER A 116 -8.54 -7.28 -28.15
CA SER A 116 -9.26 -6.14 -27.55
C SER A 116 -10.16 -6.49 -26.36
N MET A 117 -9.70 -7.46 -25.55
CA MET A 117 -10.37 -8.05 -24.40
C MET A 117 -10.04 -7.35 -23.07
N ILE A 118 -8.82 -6.81 -22.96
CA ILE A 118 -8.22 -6.29 -21.74
C ILE A 118 -8.07 -4.76 -21.80
N ILE A 119 -7.82 -4.20 -22.99
CA ILE A 119 -7.92 -2.74 -23.22
C ILE A 119 -9.37 -2.25 -23.05
N ASP A 120 -9.53 -1.01 -22.60
CA ASP A 120 -10.80 -0.38 -22.17
C ASP A 120 -11.45 -1.05 -20.94
N ALA A 121 -11.40 -2.39 -20.82
CA ALA A 121 -11.89 -3.19 -19.70
C ALA A 121 -11.19 -2.83 -18.38
N GLN A 122 -9.86 -2.72 -18.40
CA GLN A 122 -9.09 -2.20 -17.26
C GLN A 122 -9.55 -0.80 -16.81
N ILE A 123 -9.99 0.03 -17.76
CA ILE A 123 -10.38 1.42 -17.50
C ILE A 123 -11.81 1.45 -16.94
N SER A 124 -12.74 0.64 -17.48
CA SER A 124 -14.11 0.56 -16.96
C SER A 124 -14.20 -0.12 -15.59
N ASN A 125 -13.26 -1.02 -15.25
CA ASN A 125 -13.09 -1.56 -13.91
C ASN A 125 -12.55 -0.49 -12.94
N ALA A 126 -11.49 0.23 -13.34
CA ALA A 126 -10.93 1.35 -12.59
C ALA A 126 -11.96 2.49 -12.35
N LEU A 127 -12.86 2.73 -13.31
CA LEU A 127 -13.98 3.68 -13.22
C LEU A 127 -15.15 3.15 -12.36
N ASN A 128 -15.10 1.90 -11.93
CA ASN A 128 -16.06 1.22 -11.03
C ASN A 128 -15.47 0.95 -9.63
N ALA A 129 -14.14 1.03 -9.49
CA ALA A 129 -13.41 0.95 -8.23
C ALA A 129 -13.38 2.30 -7.50
N GLN A 130 -12.78 2.34 -6.30
CA GLN A 130 -12.50 3.57 -5.56
C GLN A 130 -11.01 3.94 -5.72
N GLN A 131 -10.76 5.23 -5.96
CA GLN A 131 -9.45 5.78 -6.34
C GLN A 131 -8.93 6.69 -5.23
N TYR A 132 -7.71 6.45 -4.75
CA TYR A 132 -7.09 7.26 -3.68
C TYR A 132 -5.69 7.81 -3.99
N LYS A 133 -5.43 9.01 -3.45
CA LYS A 133 -4.12 9.67 -3.34
C LYS A 133 -3.66 9.48 -1.89
N VAL A 134 -2.49 8.91 -1.64
CA VAL A 134 -2.06 8.46 -0.29
C VAL A 134 -0.61 8.87 0.04
N LEU A 135 -0.33 9.16 1.30
CA LEU A 135 1.03 9.35 1.82
C LEU A 135 1.22 8.56 3.12
N ILE A 136 2.41 7.99 3.33
CA ILE A 136 2.83 7.29 4.55
C ILE A 136 4.22 7.82 4.94
N GLY A 137 4.44 8.31 6.16
CA GLY A 137 5.79 8.76 6.53
C GLY A 137 5.94 9.32 7.93
N ASN A 138 6.95 10.17 8.11
CA ASN A 138 7.25 10.75 9.41
C ASN A 138 6.25 11.87 9.76
N ARG A 139 6.18 12.12 11.07
CA ARG A 139 5.42 13.13 11.80
C ARG A 139 5.65 14.55 11.24
N GLU A 140 6.92 14.97 11.12
CA GLU A 140 7.29 16.29 10.57
C GLU A 140 6.88 16.46 9.10
N TRP A 141 7.07 15.43 8.27
CA TRP A 141 6.83 15.51 6.83
C TRP A 141 5.38 15.82 6.44
N MET A 142 4.38 15.43 7.24
CA MET A 142 2.98 15.81 6.96
C MET A 142 2.70 17.31 7.14
N ILE A 143 3.48 17.99 7.98
CA ILE A 143 3.46 19.46 8.11
C ILE A 143 4.07 20.10 6.84
N ARG A 144 5.01 19.42 6.17
CA ARG A 144 5.55 19.79 4.85
C ARG A 144 4.53 19.53 3.74
N ASN A 145 3.86 18.37 3.74
CA ASN A 145 2.76 18.04 2.82
C ASN A 145 1.61 19.07 2.86
N GLY A 146 1.39 19.70 4.02
CA GLY A 146 0.35 20.72 4.21
C GLY A 146 -0.89 20.22 4.94
N LEU A 147 -0.84 19.06 5.59
CA LEU A 147 -1.96 18.50 6.37
C LEU A 147 -1.88 18.90 7.85
N VAL A 148 -3.00 18.86 8.57
CA VAL A 148 -3.04 19.18 10.00
C VAL A 148 -2.78 17.96 10.86
N ILE A 149 -1.51 17.78 11.26
CA ILE A 149 -1.17 16.84 12.32
C ILE A 149 -1.55 17.50 13.65
N ASN A 150 -2.07 16.70 14.57
CA ASN A 150 -2.54 17.16 15.87
C ASN A 150 -1.54 16.75 16.96
N ASN A 151 -1.39 17.57 18.01
CA ASN A 151 -0.32 17.40 18.99
C ASN A 151 -0.35 16.06 19.75
N ASP A 152 -1.52 15.41 19.85
CA ASP A 152 -1.65 14.11 20.51
C ASP A 152 -1.03 12.95 19.69
N VAL A 153 -1.23 12.92 18.37
CA VAL A 153 -0.55 11.96 17.48
C VAL A 153 0.93 12.29 17.33
N ASN A 154 1.29 13.57 17.17
CA ASN A 154 2.69 14.04 17.16
C ASN A 154 3.45 13.51 18.40
N ASP A 155 2.87 13.76 19.57
CA ASP A 155 3.44 13.38 20.86
C ASP A 155 3.41 11.87 21.15
N PHE A 156 2.39 11.12 20.68
CA PHE A 156 2.36 9.65 20.74
C PHE A 156 3.47 9.03 19.89
N MET A 157 3.68 9.53 18.67
CA MET A 157 4.68 9.03 17.74
C MET A 157 6.08 9.19 18.31
N THR A 158 6.42 10.39 18.81
CA THR A 158 7.69 10.66 19.51
C THR A 158 7.91 9.70 20.69
N GLU A 159 6.86 9.52 21.49
CA GLU A 159 6.89 8.62 22.65
C GLU A 159 7.20 7.17 22.23
N HIS A 160 6.57 6.68 21.16
CA HIS A 160 6.73 5.32 20.65
C HIS A 160 8.08 5.09 19.94
N GLU A 161 8.55 6.11 19.21
CA GLU A 161 9.88 6.18 18.59
C GLU A 161 10.98 6.10 19.68
N ARG A 162 10.82 6.84 20.78
CA ARG A 162 11.67 6.73 22.00
C ARG A 162 11.50 5.41 22.78
N LYS A 163 10.40 4.68 22.58
CA LYS A 163 10.27 3.27 23.09
C LYS A 163 11.12 2.31 22.27
N GLY A 164 11.20 2.58 20.97
CA GLY A 164 12.13 1.93 20.03
C GLY A 164 11.46 1.17 18.89
N ARG A 165 10.17 1.44 18.66
CA ARG A 165 9.33 0.74 17.68
C ARG A 165 8.75 1.77 16.71
N THR A 166 9.29 1.82 15.50
CA THR A 166 9.07 2.88 14.49
C THR A 166 7.60 3.27 14.36
N ALA A 167 7.33 4.58 14.34
CA ALA A 167 5.98 5.13 14.24
C ALA A 167 5.87 6.01 12.99
N VAL A 168 4.85 5.75 12.17
CA VAL A 168 4.56 6.48 10.92
C VAL A 168 3.10 6.88 10.87
N LEU A 169 2.78 7.96 10.16
CA LEU A 169 1.40 8.43 9.97
C LEU A 169 1.00 8.44 8.49
N VAL A 170 -0.31 8.29 8.26
CA VAL A 170 -0.90 8.02 6.95
C VAL A 170 -1.99 9.04 6.62
N ALA A 171 -1.97 9.56 5.40
CA ALA A 171 -3.00 10.44 4.86
C ALA A 171 -3.60 9.86 3.58
N VAL A 172 -4.90 10.12 3.36
CA VAL A 172 -5.67 9.61 2.22
C VAL A 172 -6.60 10.71 1.73
N ASP A 173 -6.61 10.95 0.42
CA ASP A 173 -7.51 11.92 -0.24
C ASP A 173 -7.48 13.32 0.40
N ASP A 174 -6.28 13.76 0.77
CA ASP A 174 -5.98 15.02 1.48
C ASP A 174 -6.64 15.15 2.88
N GLU A 175 -6.80 14.03 3.58
CA GLU A 175 -7.20 13.96 4.99
C GLU A 175 -6.22 13.13 5.84
N LEU A 176 -6.04 13.47 7.11
CA LEU A 176 -5.33 12.66 8.10
C LEU A 176 -6.13 11.37 8.33
N CYS A 177 -5.66 10.23 7.81
CA CYS A 177 -6.45 9.00 7.87
C CYS A 177 -6.10 8.12 9.07
N GLY A 178 -4.86 8.12 9.55
CA GLY A 178 -4.44 7.26 10.64
C GLY A 178 -2.94 7.26 10.92
N LEU A 179 -2.52 6.37 11.81
CA LEU A 179 -1.14 6.14 12.19
C LEU A 179 -0.86 4.66 12.48
N ILE A 180 0.41 4.27 12.36
CA ILE A 180 0.86 2.88 12.46
C ILE A 180 2.13 2.79 13.32
N ALA A 181 2.13 1.92 14.33
CA ALA A 181 3.29 1.55 15.13
C ALA A 181 3.86 0.19 14.69
N ILE A 182 5.19 0.10 14.60
CA ILE A 182 5.90 -1.00 13.96
C ILE A 182 6.92 -1.68 14.89
N ALA A 183 6.75 -2.99 15.03
CA ALA A 183 7.71 -3.91 15.66
C ALA A 183 8.23 -4.91 14.62
N ASP A 184 9.43 -5.46 14.84
CA ASP A 184 9.97 -6.60 14.10
C ASP A 184 9.80 -7.91 14.90
N THR A 185 9.24 -8.94 14.26
CA THR A 185 8.76 -10.19 14.89
C THR A 185 8.95 -11.42 14.01
N SER A 1 21.32 -21.42 9.70
CA SER A 1 20.94 -20.64 10.89
C SER A 1 22.02 -19.62 11.20
N PHE A 2 21.63 -18.46 11.72
CA PHE A 2 22.56 -17.43 12.23
C PHE A 2 22.06 -16.81 13.55
N THR A 3 21.25 -17.56 14.30
CA THR A 3 20.55 -17.13 15.52
C THR A 3 19.81 -15.80 15.31
N MET A 4 18.99 -15.74 14.25
CA MET A 4 18.22 -14.55 13.83
C MET A 4 17.04 -14.27 14.76
N HIS A 5 16.84 -13.00 15.13
CA HIS A 5 15.75 -12.50 15.98
C HIS A 5 15.40 -11.05 15.64
N GLY A 6 14.21 -10.58 16.03
CA GLY A 6 13.83 -9.17 15.86
C GLY A 6 13.43 -8.82 14.42
N THR A 7 12.39 -9.50 13.92
CA THR A 7 11.80 -9.36 12.57
C THR A 7 10.44 -8.64 12.64
N PRO A 8 10.03 -7.81 11.66
CA PRO A 8 8.86 -6.95 11.81
C PRO A 8 7.51 -7.69 11.81
N VAL A 9 6.57 -7.18 12.61
CA VAL A 9 5.14 -7.53 12.68
C VAL A 9 4.30 -6.29 13.01
N VAL A 10 3.07 -6.20 12.50
CA VAL A 10 2.19 -5.06 12.79
C VAL A 10 1.57 -5.19 14.18
N ASN A 11 1.88 -4.25 15.07
CA ASN A 11 1.45 -4.28 16.47
C ASN A 11 0.13 -3.52 16.73
N GLN A 12 -0.12 -2.42 16.01
CA GLN A 12 -1.36 -1.64 16.09
C GLN A 12 -1.60 -0.82 14.81
N VAL A 13 -2.85 -0.80 14.34
CA VAL A 13 -3.37 0.12 13.31
C VAL A 13 -4.53 0.92 13.93
N LYS A 14 -4.55 2.25 13.74
CA LYS A 14 -5.46 3.17 14.43
C LYS A 14 -5.89 4.31 13.52
N VAL A 15 -7.21 4.52 13.37
CA VAL A 15 -7.80 5.36 12.31
C VAL A 15 -8.26 6.75 12.81
N LEU A 16 -7.48 7.75 12.43
CA LEU A 16 -7.54 9.16 12.82
C LEU A 16 -8.62 9.99 12.06
N THR A 17 -9.20 9.44 10.98
CA THR A 17 -10.38 10.01 10.30
C THR A 17 -11.71 9.39 10.80
N GLU A 18 -11.62 8.28 11.55
CA GLU A 18 -12.73 7.38 11.91
C GLU A 18 -13.45 6.82 10.67
N SER A 19 -14.42 7.54 10.09
CA SER A 19 -15.02 7.22 8.78
C SER A 19 -15.65 8.46 8.12
N ASN A 20 -14.88 9.14 7.27
CA ASN A 20 -15.27 10.36 6.55
C ASN A 20 -15.02 10.26 5.03
N ARG A 21 -13.90 10.79 4.50
CA ARG A 21 -13.48 10.63 3.09
C ARG A 21 -13.21 9.15 2.71
N ILE A 22 -12.88 8.36 3.74
CA ILE A 22 -12.54 6.93 3.75
C ILE A 22 -13.09 6.29 5.03
N SER A 23 -13.20 4.95 5.07
CA SER A 23 -13.55 4.17 6.27
C SER A 23 -12.46 3.16 6.65
N HIS A 24 -12.32 2.90 7.96
CA HIS A 24 -11.21 2.16 8.58
C HIS A 24 -10.80 0.84 7.89
N HIS A 25 -11.74 -0.04 7.53
CA HIS A 25 -11.40 -1.33 6.91
C HIS A 25 -10.82 -1.14 5.49
N LYS A 26 -11.36 -0.19 4.72
CA LYS A 26 -10.87 0.17 3.37
C LYS A 26 -9.49 0.85 3.40
N ILE A 27 -9.13 1.51 4.51
CA ILE A 27 -7.78 2.08 4.71
C ILE A 27 -6.73 0.97 4.86
N LEU A 28 -7.01 -0.04 5.71
CA LEU A 28 -6.15 -1.23 5.84
C LEU A 28 -5.99 -1.94 4.48
N ALA A 29 -7.08 -2.05 3.72
CA ALA A 29 -7.06 -2.61 2.37
C ALA A 29 -6.14 -1.81 1.42
N ILE A 30 -6.31 -0.49 1.24
CA ILE A 30 -5.46 0.25 0.29
C ILE A 30 -3.98 0.27 0.69
N VAL A 31 -3.68 0.47 1.98
CA VAL A 31 -2.29 0.47 2.48
C VAL A 31 -1.68 -0.92 2.35
N GLY A 32 -2.37 -1.96 2.83
CA GLY A 32 -1.87 -3.33 2.83
C GLY A 32 -1.90 -4.04 1.49
N THR A 33 -2.67 -3.54 0.51
CA THR A 33 -2.58 -3.99 -0.88
C THR A 33 -1.41 -3.32 -1.63
N ALA A 34 -1.17 -2.02 -1.46
CA ALA A 34 -0.19 -1.24 -2.25
C ALA A 34 1.29 -1.67 -2.15
N GLU A 35 1.66 -2.43 -1.11
CA GLU A 35 2.99 -3.03 -0.96
C GLU A 35 3.14 -4.29 -1.80
N SER A 36 2.06 -4.88 -2.31
CA SER A 36 2.12 -6.00 -3.25
C SER A 36 2.91 -5.67 -4.55
N ASN A 37 3.05 -4.38 -4.90
CA ASN A 37 3.80 -3.88 -6.06
C ASN A 37 5.28 -3.53 -5.78
N SER A 38 5.72 -3.44 -4.51
CA SER A 38 7.12 -3.17 -4.12
C SER A 38 7.71 -4.27 -3.23
N GLU A 39 6.94 -4.65 -2.22
CA GLU A 39 7.25 -5.49 -1.07
C GLU A 39 8.60 -5.17 -0.44
N HIS A 40 8.69 -3.97 0.11
CA HIS A 40 9.80 -3.56 0.97
C HIS A 40 9.79 -4.36 2.29
N PRO A 41 10.87 -4.35 3.11
CA PRO A 41 11.00 -5.20 4.32
C PRO A 41 9.91 -5.04 5.38
N LEU A 42 9.31 -3.86 5.53
CA LEU A 42 8.11 -3.68 6.36
C LEU A 42 6.82 -4.00 5.57
N GLY A 43 6.80 -3.82 4.25
CA GLY A 43 5.65 -4.12 3.40
C GLY A 43 5.25 -5.59 3.43
N THR A 44 6.20 -6.53 3.41
CA THR A 44 5.92 -7.96 3.63
C THR A 44 5.20 -8.26 4.96
N ALA A 45 5.44 -7.46 6.01
CA ALA A 45 4.71 -7.54 7.28
C ALA A 45 3.32 -6.87 7.22
N ILE A 46 3.18 -5.76 6.48
CA ILE A 46 1.91 -5.04 6.29
C ILE A 46 0.97 -5.85 5.40
N THR A 47 1.41 -6.28 4.21
CA THR A 47 0.65 -7.18 3.31
C THR A 47 0.17 -8.42 4.05
N LYS A 48 1.07 -9.13 4.75
CA LYS A 48 0.67 -10.29 5.59
C LYS A 48 -0.38 -9.92 6.65
N TYR A 49 -0.24 -8.80 7.35
CA TYR A 49 -1.22 -8.39 8.37
C TYR A 49 -2.61 -8.09 7.75
N CYS A 50 -2.64 -7.41 6.61
CA CYS A 50 -3.88 -7.08 5.89
C CYS A 50 -4.56 -8.34 5.33
N LYS A 51 -3.84 -9.21 4.62
CA LYS A 51 -4.36 -10.49 4.11
C LYS A 51 -4.85 -11.40 5.25
N GLN A 52 -4.08 -11.51 6.33
CA GLN A 52 -4.49 -12.24 7.53
C GLN A 52 -5.75 -11.65 8.17
N GLU A 53 -5.98 -10.33 8.10
CA GLU A 53 -7.25 -9.75 8.54
C GLU A 53 -8.41 -10.16 7.62
N LEU A 54 -8.27 -10.10 6.29
CA LEU A 54 -9.38 -10.39 5.38
C LEU A 54 -9.73 -11.89 5.25
N ASP A 55 -8.77 -12.77 5.57
CA ASP A 55 -8.83 -14.23 5.30
C ASP A 55 -9.08 -14.57 3.80
N THR A 56 -8.88 -13.61 2.89
CA THR A 56 -9.08 -13.73 1.43
C THR A 56 -7.85 -13.20 0.67
N GLU A 57 -7.43 -13.92 -0.37
CA GLU A 57 -6.28 -13.58 -1.21
C GLU A 57 -6.63 -12.72 -2.44
N THR A 58 -7.91 -12.39 -2.65
CA THR A 58 -8.40 -11.79 -3.90
C THR A 58 -8.39 -10.26 -3.98
N LEU A 59 -7.79 -9.60 -3.01
CA LEU A 59 -7.51 -8.16 -3.00
C LEU A 59 -6.58 -7.70 -4.15
N GLY A 60 -6.59 -6.40 -4.44
CA GLY A 60 -5.77 -5.76 -5.49
C GLY A 60 -6.05 -4.28 -5.71
N THR A 61 -5.03 -3.48 -6.01
CA THR A 61 -5.09 -2.02 -6.23
C THR A 61 -3.98 -1.56 -7.19
N CYS A 62 -4.31 -0.88 -8.28
CA CYS A 62 -3.31 -0.21 -9.13
C CYS A 62 -2.91 1.15 -8.53
N ILE A 63 -1.61 1.48 -8.56
CA ILE A 63 -1.01 2.60 -7.85
C ILE A 63 0.10 3.34 -8.61
N ASP A 64 0.39 4.57 -8.20
CA ASP A 64 1.51 5.39 -8.70
C ASP A 64 2.57 5.71 -7.61
N PHE A 65 3.21 4.66 -7.08
CA PHE A 65 4.07 4.66 -5.88
C PHE A 65 5.45 5.35 -6.05
N GLN A 66 5.73 6.36 -5.23
CA GLN A 66 6.95 7.20 -5.21
C GLN A 66 7.59 7.22 -3.81
N VAL A 67 8.82 6.76 -3.67
CA VAL A 67 9.51 6.58 -2.37
C VAL A 67 10.56 7.66 -2.11
N VAL A 68 10.56 8.23 -0.90
CA VAL A 68 11.56 9.16 -0.37
C VAL A 68 12.24 8.53 0.85
N PRO A 69 13.51 8.09 0.75
CA PRO A 69 14.14 7.28 1.80
C PRO A 69 14.11 7.94 3.18
N GLY A 70 13.33 7.35 4.08
CA GLY A 70 13.19 7.75 5.49
C GLY A 70 12.11 8.82 5.73
N CYS A 71 11.84 9.68 4.74
CA CYS A 71 10.77 10.67 4.82
C CYS A 71 9.39 10.02 4.66
N GLY A 72 9.20 9.19 3.62
CA GLY A 72 7.92 8.55 3.35
C GLY A 72 7.65 8.26 1.87
N ILE A 73 6.41 7.90 1.57
CA ILE A 73 5.98 7.39 0.27
C ILE A 73 4.66 8.05 -0.15
N SER A 74 4.63 8.62 -1.35
CA SER A 74 3.41 9.11 -2.02
C SER A 74 2.91 8.11 -3.06
N CYS A 75 1.62 7.82 -3.12
CA CYS A 75 1.02 7.02 -4.19
C CYS A 75 -0.37 7.53 -4.56
N LYS A 76 -0.95 6.99 -5.63
CA LYS A 76 -2.37 7.13 -5.97
C LYS A 76 -2.92 5.71 -5.96
N VAL A 77 -4.22 5.49 -5.74
CA VAL A 77 -4.79 4.14 -5.58
C VAL A 77 -6.18 4.01 -6.21
N THR A 78 -6.48 2.82 -6.75
CA THR A 78 -7.81 2.48 -7.30
C THR A 78 -8.20 1.03 -6.94
N ASN A 79 -9.34 0.55 -7.44
CA ASN A 79 -9.87 -0.81 -7.26
C ASN A 79 -10.40 -1.17 -5.84
N ILE A 80 -10.67 -0.16 -4.99
CA ILE A 80 -11.12 -0.34 -3.60
C ILE A 80 -12.46 -1.10 -3.49
N GLU A 81 -13.45 -0.71 -4.31
CA GLU A 81 -14.71 -1.44 -4.49
C GLU A 81 -14.50 -2.87 -5.04
N GLY A 82 -13.49 -3.03 -5.90
CA GLY A 82 -13.17 -4.18 -6.75
C GLY A 82 -13.08 -5.60 -6.18
N LEU A 83 -13.33 -5.86 -4.88
CA LEU A 83 -13.43 -7.22 -4.32
C LEU A 83 -14.59 -8.06 -4.93
N LEU A 84 -15.56 -7.37 -5.54
CA LEU A 84 -16.67 -7.93 -6.32
C LEU A 84 -16.23 -8.82 -7.50
N HIS A 85 -17.17 -9.52 -8.13
CA HIS A 85 -16.91 -10.24 -9.38
C HIS A 85 -18.12 -10.23 -10.31
N LYS A 86 -17.88 -10.56 -11.59
CA LYS A 86 -18.87 -10.85 -12.64
C LYS A 86 -18.30 -11.93 -13.58
N ASN A 87 -19.14 -12.44 -14.47
CA ASN A 87 -18.74 -13.29 -15.59
C ASN A 87 -19.16 -12.62 -16.92
N ASN A 88 -18.41 -12.83 -18.00
CA ASN A 88 -18.65 -12.24 -19.32
C ASN A 88 -18.47 -13.28 -20.42
N TRP A 89 -17.35 -14.02 -20.37
CA TRP A 89 -16.85 -14.91 -21.41
C TRP A 89 -16.61 -14.16 -22.73
N ASN A 90 -16.67 -14.84 -23.88
CA ASN A 90 -16.39 -14.29 -25.22
C ASN A 90 -14.94 -13.80 -25.46
N ILE A 91 -14.14 -13.65 -24.40
CA ILE A 91 -12.80 -13.05 -24.41
C ILE A 91 -11.77 -14.07 -24.91
N GLU A 92 -10.98 -13.65 -25.88
CA GLU A 92 -9.78 -14.36 -26.36
C GLU A 92 -8.58 -13.42 -26.60
N ASP A 93 -8.78 -12.10 -26.56
CA ASP A 93 -7.73 -11.08 -26.65
C ASP A 93 -6.75 -11.12 -25.46
N ASN A 94 -7.17 -11.71 -24.33
CA ASN A 94 -6.42 -11.85 -23.08
C ASN A 94 -5.29 -12.90 -23.19
N ASN A 95 -4.27 -12.65 -24.03
CA ASN A 95 -3.19 -13.60 -24.34
C ASN A 95 -2.14 -13.79 -23.22
N ILE A 96 -2.51 -13.66 -21.95
CA ILE A 96 -1.63 -13.91 -20.80
C ILE A 96 -1.24 -15.40 -20.71
N LYS A 97 0.06 -15.65 -20.51
CA LYS A 97 0.67 -16.96 -20.31
C LYS A 97 1.93 -16.80 -19.45
N ASN A 98 2.20 -17.76 -18.56
CA ASN A 98 3.35 -17.73 -17.65
C ASN A 98 4.38 -18.81 -17.98
N ALA A 99 3.95 -20.02 -18.32
CA ALA A 99 4.83 -21.09 -18.81
C ALA A 99 5.49 -20.65 -20.12
N SER A 100 6.82 -20.53 -20.12
CA SER A 100 7.56 -19.92 -21.21
C SER A 100 8.92 -20.57 -21.43
N LEU A 101 9.36 -20.59 -22.69
CA LEU A 101 10.61 -21.19 -23.14
C LEU A 101 11.85 -20.36 -22.73
N VAL A 102 13.02 -20.94 -22.97
CA VAL A 102 14.34 -20.32 -22.74
C VAL A 102 14.94 -19.91 -24.08
N GLN A 103 15.25 -18.62 -24.25
CA GLN A 103 15.93 -18.05 -25.41
C GLN A 103 17.39 -17.70 -25.08
N ILE A 104 18.24 -17.59 -26.10
CA ILE A 104 19.67 -17.25 -26.00
C ILE A 104 19.99 -15.98 -26.82
N ASP A 105 18.95 -15.27 -27.28
CA ASP A 105 19.03 -14.07 -28.14
C ASP A 105 19.80 -12.90 -27.50
N ALA A 106 19.80 -12.80 -26.17
CA ALA A 106 20.38 -11.68 -25.43
C ALA A 106 21.29 -12.11 -24.26
N SER A 107 20.94 -13.17 -23.52
CA SER A 107 21.68 -13.68 -22.36
C SER A 107 22.08 -12.57 -21.37
N ASN A 108 21.12 -11.69 -21.03
CA ASN A 108 21.32 -10.48 -20.25
C ASN A 108 20.12 -10.25 -19.32
N GLU A 109 20.35 -9.79 -18.09
CA GLU A 109 19.26 -9.48 -17.17
C GLU A 109 18.59 -8.14 -17.54
N GLN A 110 17.33 -8.22 -17.98
CA GLN A 110 16.54 -7.10 -18.52
C GLN A 110 15.02 -7.31 -18.34
N SER A 111 14.22 -6.31 -18.68
CA SER A 111 12.76 -6.33 -18.52
C SER A 111 12.04 -7.17 -19.59
N SER A 112 11.69 -8.42 -19.24
CA SER A 112 10.95 -9.39 -20.06
C SER A 112 9.52 -9.65 -19.54
N THR A 113 8.94 -8.64 -18.87
CA THR A 113 7.55 -8.61 -18.40
C THR A 113 6.56 -8.47 -19.55
N SER A 114 5.32 -8.94 -19.37
CA SER A 114 4.20 -8.73 -20.31
C SER A 114 3.59 -7.31 -20.18
N SER A 115 4.44 -6.29 -20.01
CA SER A 115 4.07 -4.91 -19.66
C SER A 115 3.00 -4.31 -20.55
N SER A 116 1.92 -3.77 -19.97
CA SER A 116 0.83 -3.01 -20.62
C SER A 116 -0.01 -3.72 -21.69
N MET A 117 0.28 -5.00 -22.00
CA MET A 117 -0.30 -5.72 -23.14
C MET A 117 -1.50 -6.61 -22.81
N ILE A 118 -1.80 -6.90 -21.54
CA ILE A 118 -2.94 -7.75 -21.11
C ILE A 118 -3.80 -7.14 -19.98
N ILE A 119 -3.60 -5.87 -19.64
CA ILE A 119 -4.19 -5.19 -18.47
C ILE A 119 -5.73 -5.06 -18.44
N ASP A 120 -6.44 -5.41 -19.50
CA ASP A 120 -7.88 -5.11 -19.67
C ASP A 120 -8.77 -5.57 -18.52
N ALA A 121 -8.46 -6.72 -17.90
CA ALA A 121 -9.18 -7.28 -16.76
C ALA A 121 -9.06 -6.40 -15.49
N GLN A 122 -7.84 -6.03 -15.06
CA GLN A 122 -7.67 -5.18 -13.86
C GLN A 122 -8.07 -3.71 -14.09
N ILE A 123 -8.05 -3.22 -15.33
CA ILE A 123 -8.54 -1.87 -15.66
C ILE A 123 -10.08 -1.84 -15.66
N SER A 124 -10.75 -2.87 -16.18
CA SER A 124 -12.22 -2.98 -16.10
C SER A 124 -12.72 -3.26 -14.68
N ASN A 125 -11.99 -4.06 -13.90
CA ASN A 125 -12.30 -4.25 -12.48
C ASN A 125 -12.20 -2.92 -11.70
N ALA A 126 -11.13 -2.14 -11.93
CA ALA A 126 -10.95 -0.83 -11.31
C ALA A 126 -11.94 0.26 -11.78
N LEU A 127 -12.62 0.08 -12.92
CA LEU A 127 -13.66 1.00 -13.39
C LEU A 127 -14.86 1.07 -12.41
N ASN A 128 -15.06 0.03 -11.57
CA ASN A 128 -16.07 0.00 -10.51
C ASN A 128 -15.78 0.96 -9.33
N ALA A 129 -14.61 1.60 -9.29
CA ALA A 129 -14.12 2.38 -8.15
C ALA A 129 -13.82 3.85 -8.47
N GLN A 130 -13.68 4.69 -7.44
CA GLN A 130 -13.13 6.06 -7.54
C GLN A 130 -11.72 6.12 -6.94
N GLN A 131 -10.87 7.01 -7.45
CA GLN A 131 -9.46 7.12 -7.06
C GLN A 131 -9.21 7.95 -5.79
N TYR A 132 -8.14 7.61 -5.08
CA TYR A 132 -7.59 8.40 -3.97
C TYR A 132 -6.08 8.67 -4.15
N LYS A 133 -5.58 9.83 -3.70
CA LYS A 133 -4.14 10.08 -3.49
C LYS A 133 -3.83 9.65 -2.05
N VAL A 134 -2.72 8.96 -1.77
CA VAL A 134 -2.43 8.38 -0.44
C VAL A 134 -0.94 8.55 -0.13
N LEU A 135 -0.61 8.99 1.09
CA LEU A 135 0.76 9.04 1.59
C LEU A 135 0.95 8.10 2.79
N ILE A 136 2.12 7.48 2.92
CA ILE A 136 2.52 6.59 4.02
C ILE A 136 3.97 6.95 4.43
N GLY A 137 4.21 7.39 5.68
CA GLY A 137 5.58 7.76 6.10
C GLY A 137 5.75 8.38 7.48
N ASN A 138 6.70 9.31 7.60
CA ASN A 138 7.02 10.04 8.82
C ASN A 138 6.11 11.27 9.04
N ARG A 139 6.02 11.75 10.29
CA ARG A 139 5.16 12.88 10.70
C ARG A 139 5.56 14.20 10.02
N GLU A 140 6.86 14.46 9.87
CA GLU A 140 7.40 15.71 9.32
C GLU A 140 7.14 15.82 7.81
N TRP A 141 7.28 14.70 7.08
CA TRP A 141 6.85 14.52 5.69
C TRP A 141 5.34 14.80 5.47
N MET A 142 4.47 14.41 6.41
CA MET A 142 3.05 14.79 6.38
C MET A 142 2.84 16.31 6.55
N ILE A 143 3.62 16.96 7.41
CA ILE A 143 3.60 18.43 7.53
C ILE A 143 4.08 19.08 6.22
N ARG A 144 5.05 18.47 5.51
CA ARG A 144 5.53 18.91 4.18
C ARG A 144 4.40 18.87 3.13
N ASN A 145 3.56 17.83 3.14
CA ASN A 145 2.34 17.75 2.32
C ASN A 145 1.35 18.93 2.55
N GLY A 146 1.51 19.69 3.64
CA GLY A 146 0.59 20.78 4.02
C GLY A 146 -0.53 20.30 4.95
N LEU A 147 -0.32 19.19 5.65
CA LEU A 147 -1.27 18.64 6.64
C LEU A 147 -0.95 19.14 8.05
N VAL A 148 -1.94 19.11 8.94
CA VAL A 148 -1.76 19.44 10.36
C VAL A 148 -2.20 18.28 11.25
N ILE A 149 -1.31 17.84 12.13
CA ILE A 149 -1.59 16.80 13.13
C ILE A 149 -1.93 17.44 14.48
N ASN A 150 -2.71 16.75 15.30
CA ASN A 150 -2.97 17.15 16.68
C ASN A 150 -1.87 16.59 17.62
N ASN A 151 -1.40 17.42 18.55
CA ASN A 151 -0.29 17.12 19.46
C ASN A 151 -0.55 15.88 20.35
N ASP A 152 -1.81 15.55 20.61
CA ASP A 152 -2.20 14.36 21.37
C ASP A 152 -1.74 13.05 20.68
N VAL A 153 -2.08 12.87 19.41
CA VAL A 153 -1.66 11.73 18.57
C VAL A 153 -0.20 11.81 18.10
N ASN A 154 0.36 13.00 17.87
CA ASN A 154 1.79 13.12 17.50
C ASN A 154 2.71 12.64 18.64
N ASP A 155 2.36 13.01 19.88
CA ASP A 155 3.01 12.54 21.12
C ASP A 155 2.92 11.01 21.34
N PHE A 156 1.99 10.31 20.70
CA PHE A 156 2.01 8.83 20.68
C PHE A 156 3.19 8.34 19.81
N MET A 157 3.34 8.91 18.61
CA MET A 157 4.31 8.44 17.61
C MET A 157 5.78 8.76 17.93
N THR A 158 6.13 10.00 18.28
CA THR A 158 7.54 10.34 18.59
C THR A 158 8.06 9.54 19.80
N GLU A 159 7.22 9.38 20.81
CA GLU A 159 7.45 8.46 21.94
C GLU A 159 7.61 7.01 21.47
N HIS A 160 6.87 6.54 20.45
CA HIS A 160 6.97 5.17 19.95
C HIS A 160 8.34 4.86 19.30
N GLU A 161 8.99 5.88 18.71
CA GLU A 161 10.38 5.76 18.27
C GLU A 161 11.34 5.69 19.47
N ARG A 162 11.09 6.49 20.52
CA ARG A 162 11.82 6.49 21.82
C ARG A 162 11.55 5.25 22.70
N LYS A 163 10.51 4.46 22.38
CA LYS A 163 10.24 3.12 22.94
C LYS A 163 11.22 2.10 22.35
N GLY A 164 11.43 2.24 21.03
CA GLY A 164 12.39 1.46 20.24
C GLY A 164 11.76 0.67 19.10
N ARG A 165 10.61 1.15 18.62
CA ARG A 165 9.75 0.53 17.61
C ARG A 165 9.74 1.39 16.34
N THR A 166 9.02 0.98 15.30
CA THR A 166 8.84 1.80 14.08
C THR A 166 7.48 2.48 14.11
N ALA A 167 7.41 3.76 13.74
CA ALA A 167 6.18 4.57 13.77
C ALA A 167 5.91 5.25 12.42
N VAL A 168 4.77 4.94 11.77
CA VAL A 168 4.39 5.42 10.43
C VAL A 168 2.96 6.00 10.48
N LEU A 169 2.68 7.09 9.75
CA LEU A 169 1.33 7.64 9.59
C LEU A 169 0.87 7.69 8.13
N VAL A 170 -0.45 7.78 7.94
CA VAL A 170 -1.14 7.64 6.66
C VAL A 170 -2.13 8.80 6.44
N ALA A 171 -2.05 9.42 5.26
CA ALA A 171 -2.97 10.46 4.79
C ALA A 171 -3.65 10.05 3.47
N VAL A 172 -4.90 10.44 3.26
CA VAL A 172 -5.70 10.06 2.06
C VAL A 172 -6.51 11.25 1.55
N ASP A 173 -6.45 11.57 0.26
CA ASP A 173 -7.09 12.75 -0.35
C ASP A 173 -6.77 14.08 0.37
N ASP A 174 -5.53 14.17 0.88
CA ASP A 174 -5.05 15.24 1.77
C ASP A 174 -5.85 15.39 3.08
N GLU A 175 -6.40 14.29 3.61
CA GLU A 175 -7.00 14.13 4.94
C GLU A 175 -6.03 13.37 5.88
N LEU A 176 -6.14 13.62 7.19
CA LEU A 176 -5.48 12.82 8.23
C LEU A 176 -6.26 11.51 8.43
N CYS A 177 -5.76 10.36 7.93
CA CYS A 177 -6.54 9.13 7.92
C CYS A 177 -6.21 8.12 9.03
N GLY A 178 -4.93 7.93 9.40
CA GLY A 178 -4.55 6.95 10.42
C GLY A 178 -3.05 6.83 10.67
N LEU A 179 -2.67 5.96 11.60
CA LEU A 179 -1.28 5.62 11.91
C LEU A 179 -1.10 4.15 12.27
N ILE A 180 0.15 3.68 12.12
CA ILE A 180 0.56 2.29 12.23
C ILE A 180 1.83 2.17 13.08
N ALA A 181 1.79 1.34 14.12
CA ALA A 181 2.89 1.06 15.03
C ALA A 181 3.41 -0.38 14.84
N ILE A 182 4.68 -0.53 14.44
CA ILE A 182 5.27 -1.81 14.02
C ILE A 182 6.35 -2.28 15.01
N ALA A 183 6.17 -3.51 15.48
CA ALA A 183 7.00 -4.22 16.45
C ALA A 183 7.93 -5.22 15.75
N ASP A 184 9.00 -5.64 16.43
CA ASP A 184 9.91 -6.69 15.95
C ASP A 184 9.93 -7.90 16.90
N THR A 185 10.12 -9.11 16.34
CA THR A 185 10.05 -10.41 17.04
C THR A 185 11.12 -11.41 16.60
N SER A 1 18.68 -5.28 4.24
CA SER A 1 17.59 -5.97 3.56
C SER A 1 17.84 -7.47 3.48
N PHE A 2 16.76 -8.26 3.45
CA PHE A 2 16.66 -9.73 3.51
C PHE A 2 17.17 -10.40 4.80
N THR A 3 18.31 -9.98 5.33
CA THR A 3 18.93 -10.53 6.55
C THR A 3 18.06 -10.36 7.80
N MET A 4 18.06 -11.37 8.68
CA MET A 4 17.34 -11.40 9.97
C MET A 4 17.77 -10.27 10.93
N HIS A 5 18.97 -9.72 10.74
CA HIS A 5 19.48 -8.57 11.47
C HIS A 5 18.74 -7.24 11.16
N GLY A 6 18.12 -7.13 9.97
CA GLY A 6 17.62 -5.87 9.43
C GLY A 6 16.17 -5.86 8.94
N THR A 7 15.29 -6.67 9.53
CA THR A 7 13.88 -6.82 9.15
C THR A 7 12.93 -6.50 10.32
N PRO A 8 12.27 -5.33 10.36
CA PRO A 8 11.23 -4.99 11.35
C PRO A 8 9.91 -5.76 11.12
N VAL A 9 8.94 -5.63 12.03
CA VAL A 9 7.64 -6.34 11.95
C VAL A 9 6.43 -5.46 12.32
N VAL A 10 5.26 -5.74 11.74
CA VAL A 10 4.02 -5.01 12.06
C VAL A 10 3.51 -5.43 13.45
N ASN A 11 3.11 -4.44 14.26
CA ASN A 11 2.78 -4.64 15.67
C ASN A 11 1.38 -4.10 16.04
N GLN A 12 0.99 -2.91 15.59
CA GLN A 12 -0.35 -2.33 15.73
C GLN A 12 -0.63 -1.34 14.58
N VAL A 13 -1.91 -1.07 14.33
CA VAL A 13 -2.41 0.00 13.43
C VAL A 13 -3.63 0.68 14.05
N LYS A 14 -3.77 2.01 13.86
CA LYS A 14 -4.86 2.83 14.44
C LYS A 14 -5.34 3.91 13.45
N VAL A 15 -6.66 4.08 13.38
CA VAL A 15 -7.35 4.92 12.39
C VAL A 15 -7.72 6.26 13.02
N LEU A 16 -6.87 7.25 12.76
CA LEU A 16 -6.97 8.64 13.21
C LEU A 16 -8.26 9.32 12.72
N THR A 17 -8.69 9.04 11.48
CA THR A 17 -9.94 9.64 10.96
C THR A 17 -11.20 9.06 11.63
N GLU A 18 -11.06 7.94 12.37
CA GLU A 18 -12.17 7.17 12.95
C GLU A 18 -13.32 6.94 11.95
N SER A 19 -12.92 6.46 10.77
CA SER A 19 -13.76 6.15 9.62
C SER A 19 -14.51 7.32 8.96
N ASN A 20 -14.33 8.56 9.42
CA ASN A 20 -15.16 9.70 9.01
C ASN A 20 -15.04 10.08 7.52
N ARG A 21 -13.82 10.28 6.99
CA ARG A 21 -13.62 10.53 5.54
C ARG A 21 -13.31 9.26 4.74
N ILE A 22 -12.48 8.37 5.28
CA ILE A 22 -12.19 7.03 4.74
C ILE A 22 -12.31 5.99 5.87
N SER A 23 -12.99 4.87 5.62
CA SER A 23 -13.34 3.82 6.59
C SER A 23 -12.13 2.98 7.04
N HIS A 24 -12.08 2.58 8.32
CA HIS A 24 -11.04 1.68 8.85
C HIS A 24 -10.83 0.40 8.03
N HIS A 25 -11.91 -0.29 7.64
CA HIS A 25 -11.86 -1.49 6.82
C HIS A 25 -11.24 -1.20 5.44
N LYS A 26 -11.59 -0.06 4.84
CA LYS A 26 -11.06 0.40 3.55
C LYS A 26 -9.56 0.70 3.64
N ILE A 27 -9.13 1.47 4.65
CA ILE A 27 -7.72 1.86 4.86
C ILE A 27 -6.84 0.61 5.05
N LEU A 28 -7.22 -0.31 5.94
CA LEU A 28 -6.48 -1.55 6.19
C LEU A 28 -6.34 -2.41 4.92
N ALA A 29 -7.44 -2.57 4.18
CA ALA A 29 -7.46 -3.29 2.91
C ALA A 29 -6.53 -2.66 1.86
N ILE A 30 -6.63 -1.35 1.62
CA ILE A 30 -5.83 -0.67 0.57
C ILE A 30 -4.35 -0.54 0.90
N VAL A 31 -3.99 -0.26 2.17
CA VAL A 31 -2.58 -0.19 2.58
C VAL A 31 -1.90 -1.56 2.40
N GLY A 32 -2.55 -2.64 2.87
CA GLY A 32 -2.04 -4.00 2.68
C GLY A 32 -2.00 -4.44 1.21
N THR A 33 -3.02 -4.08 0.43
CA THR A 33 -3.06 -4.48 -1.00
C THR A 33 -2.10 -3.69 -1.89
N ALA A 34 -1.82 -2.42 -1.59
CA ALA A 34 -0.79 -1.64 -2.25
C ALA A 34 0.62 -2.20 -1.95
N GLU A 35 0.98 -2.34 -0.68
CA GLU A 35 2.28 -2.92 -0.28
C GLU A 35 2.34 -4.45 -0.45
N SER A 36 1.41 -5.05 -1.19
CA SER A 36 1.46 -6.45 -1.62
C SER A 36 2.40 -6.66 -2.83
N ASN A 37 2.96 -5.62 -3.46
CA ASN A 37 3.67 -5.74 -4.74
C ASN A 37 5.18 -6.11 -4.62
N SER A 38 6.11 -5.15 -4.44
CA SER A 38 7.57 -5.40 -4.37
C SER A 38 8.37 -4.32 -3.63
N GLU A 39 7.80 -3.76 -2.56
CA GLU A 39 8.29 -2.57 -1.85
C GLU A 39 9.17 -2.95 -0.65
N HIS A 40 8.61 -3.64 0.34
CA HIS A 40 9.20 -3.91 1.65
C HIS A 40 8.83 -5.30 2.20
N PRO A 41 9.63 -5.91 3.09
CA PRO A 41 9.25 -7.11 3.85
C PRO A 41 8.12 -6.82 4.86
N LEU A 42 7.92 -5.54 5.20
CA LEU A 42 6.77 -5.09 5.98
C LEU A 42 5.49 -5.19 5.15
N GLY A 43 5.52 -4.99 3.83
CA GLY A 43 4.33 -5.11 2.98
C GLY A 43 3.82 -6.54 2.91
N THR A 44 4.70 -7.49 2.57
CA THR A 44 4.41 -8.94 2.56
C THR A 44 3.88 -9.47 3.91
N ALA A 45 4.38 -8.88 5.02
CA ALA A 45 3.88 -9.10 6.38
C ALA A 45 2.47 -8.50 6.62
N ILE A 46 2.24 -7.25 6.19
CA ILE A 46 0.98 -6.52 6.37
C ILE A 46 -0.13 -7.18 5.54
N THR A 47 0.08 -7.50 4.26
CA THR A 47 -0.92 -8.23 3.47
C THR A 47 -1.26 -9.58 4.12
N LYS A 48 -0.26 -10.39 4.53
CA LYS A 48 -0.51 -11.65 5.27
C LYS A 48 -1.39 -11.48 6.52
N TYR A 49 -1.25 -10.39 7.28
CA TYR A 49 -2.09 -10.11 8.45
C TYR A 49 -3.48 -9.58 8.06
N CYS A 50 -3.56 -8.57 7.19
CA CYS A 50 -4.79 -7.97 6.68
C CYS A 50 -5.71 -9.03 6.03
N LYS A 51 -5.16 -9.83 5.12
CA LYS A 51 -5.85 -10.94 4.45
C LYS A 51 -6.44 -11.94 5.44
N GLN A 52 -5.68 -12.32 6.46
CA GLN A 52 -6.12 -13.24 7.52
C GLN A 52 -7.23 -12.64 8.40
N GLU A 53 -7.35 -11.32 8.48
CA GLU A 53 -8.48 -10.62 9.10
C GLU A 53 -9.70 -10.49 8.17
N LEU A 54 -9.56 -10.40 6.84
CA LEU A 54 -10.72 -10.30 5.92
C LEU A 54 -11.27 -11.67 5.50
N ASP A 55 -10.41 -12.69 5.54
CA ASP A 55 -10.61 -14.04 4.99
C ASP A 55 -11.09 -14.03 3.53
N THR A 56 -10.73 -13.02 2.74
CA THR A 56 -11.10 -12.88 1.33
C THR A 56 -9.91 -12.45 0.46
N GLU A 57 -9.84 -12.95 -0.77
CA GLU A 57 -8.80 -12.62 -1.77
C GLU A 57 -9.24 -11.57 -2.80
N THR A 58 -10.44 -11.03 -2.66
CA THR A 58 -11.09 -10.04 -3.54
C THR A 58 -10.53 -8.62 -3.32
N LEU A 59 -9.25 -8.42 -3.69
CA LEU A 59 -8.42 -7.25 -3.42
C LEU A 59 -7.58 -6.85 -4.66
N GLY A 60 -6.44 -6.19 -4.45
CA GLY A 60 -5.42 -5.83 -5.44
C GLY A 60 -5.70 -4.54 -6.21
N THR A 61 -4.73 -3.62 -6.26
CA THR A 61 -4.88 -2.29 -6.87
C THR A 61 -3.56 -1.79 -7.45
N CYS A 62 -3.56 -1.35 -8.72
CA CYS A 62 -2.38 -0.78 -9.36
C CYS A 62 -1.95 0.54 -8.70
N ILE A 63 -0.64 0.76 -8.60
CA ILE A 63 0.05 1.80 -7.83
C ILE A 63 1.27 2.31 -8.59
N ASP A 64 1.37 3.63 -8.76
CA ASP A 64 2.59 4.31 -9.24
C ASP A 64 3.41 4.77 -8.02
N PHE A 65 4.26 3.88 -7.48
CA PHE A 65 4.95 4.07 -6.20
C PHE A 65 6.13 5.04 -6.32
N GLN A 66 6.17 6.03 -5.44
CA GLN A 66 7.12 7.15 -5.41
C GLN A 66 7.78 7.23 -4.03
N VAL A 67 9.07 7.58 -3.98
CA VAL A 67 9.89 7.47 -2.76
C VAL A 67 10.72 8.75 -2.53
N VAL A 68 10.64 9.29 -1.31
CA VAL A 68 11.44 10.41 -0.79
C VAL A 68 12.50 9.85 0.18
N PRO A 69 13.78 9.72 -0.23
CA PRO A 69 14.80 9.00 0.54
C PRO A 69 15.03 9.59 1.94
N GLY A 70 14.49 8.91 2.96
CA GLY A 70 14.66 9.21 4.38
C GLY A 70 13.46 9.86 5.05
N CYS A 71 12.41 10.23 4.29
CA CYS A 71 11.29 11.03 4.81
C CYS A 71 9.91 10.36 4.62
N GLY A 72 9.64 9.82 3.43
CA GLY A 72 8.31 9.31 3.09
C GLY A 72 8.17 8.69 1.70
N ILE A 73 6.94 8.30 1.38
CA ILE A 73 6.49 7.59 0.19
C ILE A 73 5.13 8.15 -0.26
N SER A 74 4.86 8.09 -1.56
CA SER A 74 3.53 8.38 -2.10
C SER A 74 3.15 7.46 -3.27
N CYS A 75 1.86 7.23 -3.53
CA CYS A 75 1.39 6.39 -4.63
C CYS A 75 0.10 6.93 -5.27
N LYS A 76 -0.18 6.59 -6.54
CA LYS A 76 -1.49 6.86 -7.16
C LYS A 76 -2.18 5.52 -7.24
N VAL A 77 -3.37 5.35 -6.68
CA VAL A 77 -4.02 4.04 -6.57
C VAL A 77 -5.35 3.99 -7.32
N THR A 78 -5.61 2.84 -7.94
CA THR A 78 -6.70 2.62 -8.90
C THR A 78 -7.24 1.18 -8.79
N ASN A 79 -8.10 0.72 -9.68
CA ASN A 79 -8.87 -0.52 -9.52
C ASN A 79 -9.84 -0.46 -8.33
N ILE A 80 -10.26 0.77 -7.97
CA ILE A 80 -11.11 1.09 -6.80
C ILE A 80 -12.52 0.51 -6.96
N GLU A 81 -13.01 0.33 -8.20
CA GLU A 81 -14.37 -0.17 -8.44
C GLU A 81 -14.57 -1.61 -7.94
N GLY A 82 -13.57 -2.49 -8.10
CA GLY A 82 -13.64 -3.86 -7.61
C GLY A 82 -13.76 -3.94 -6.08
N LEU A 83 -13.31 -2.92 -5.34
CA LEU A 83 -13.42 -2.87 -3.88
C LEU A 83 -14.75 -2.22 -3.41
N LEU A 84 -15.60 -1.69 -4.31
CA LEU A 84 -16.92 -1.14 -3.95
C LEU A 84 -17.89 -2.25 -3.47
N HIS A 85 -18.97 -1.84 -2.80
CA HIS A 85 -20.09 -2.67 -2.30
C HIS A 85 -20.90 -3.41 -3.38
N LYS A 86 -20.65 -3.09 -4.65
CA LYS A 86 -21.41 -3.55 -5.82
C LYS A 86 -21.10 -5.01 -6.20
N ASN A 87 -21.84 -5.54 -7.17
CA ASN A 87 -21.55 -6.83 -7.83
C ASN A 87 -20.35 -6.66 -8.81
N ASN A 88 -19.89 -7.75 -9.43
CA ASN A 88 -18.84 -7.72 -10.45
C ASN A 88 -19.41 -7.31 -11.83
N TRP A 89 -18.69 -6.45 -12.56
CA TRP A 89 -19.17 -5.82 -13.80
C TRP A 89 -18.10 -5.61 -14.89
N ASN A 90 -16.82 -5.58 -14.54
CA ASN A 90 -15.70 -5.36 -15.47
C ASN A 90 -14.35 -5.91 -14.94
N ILE A 91 -14.38 -7.08 -14.29
CA ILE A 91 -13.19 -7.77 -13.76
C ILE A 91 -12.21 -8.11 -14.90
N GLU A 92 -10.96 -7.65 -14.77
CA GLU A 92 -9.86 -7.86 -15.73
C GLU A 92 -9.20 -9.26 -15.63
N ASP A 93 -9.34 -9.97 -14.51
CA ASP A 93 -8.78 -11.32 -14.29
C ASP A 93 -9.34 -12.37 -15.26
N ASN A 94 -10.61 -12.20 -15.65
CA ASN A 94 -11.38 -13.04 -16.57
C ASN A 94 -10.73 -13.16 -17.97
N ASN A 95 -10.96 -14.26 -18.69
CA ASN A 95 -10.40 -14.54 -20.02
C ASN A 95 -8.85 -14.60 -20.06
N ILE A 96 -8.21 -15.15 -19.01
CA ILE A 96 -6.75 -15.29 -18.94
C ILE A 96 -6.19 -16.25 -19.99
N LYS A 97 -4.92 -16.06 -20.37
CA LYS A 97 -4.15 -16.85 -21.33
C LYS A 97 -3.72 -18.22 -20.76
N ASN A 98 -3.90 -19.23 -21.61
CA ASN A 98 -3.49 -20.63 -21.48
C ASN A 98 -3.30 -21.27 -22.88
N ALA A 99 -2.17 -21.93 -23.14
CA ALA A 99 -1.90 -22.62 -24.41
C ALA A 99 -2.31 -24.11 -24.40
N SER A 100 -2.65 -24.68 -25.56
CA SER A 100 -3.14 -26.07 -25.70
C SER A 100 -2.03 -27.13 -25.83
N LEU A 101 -0.77 -26.75 -25.61
CA LEU A 101 0.45 -27.57 -25.71
C LEU A 101 0.84 -28.15 -24.36
N VAL A 102 0.79 -27.27 -23.34
CA VAL A 102 1.00 -27.59 -21.91
C VAL A 102 2.44 -28.10 -21.66
N GLN A 103 3.43 -27.43 -22.25
CA GLN A 103 4.84 -27.85 -22.30
C GLN A 103 5.83 -26.79 -21.76
N ILE A 104 5.57 -25.48 -21.95
CA ILE A 104 6.40 -24.39 -21.43
C ILE A 104 5.62 -23.06 -21.34
N ASP A 105 5.86 -22.26 -20.29
CA ASP A 105 5.11 -21.01 -20.02
C ASP A 105 5.71 -19.77 -20.70
N ALA A 106 6.99 -19.82 -21.06
CA ALA A 106 7.75 -18.77 -21.73
C ALA A 106 7.89 -19.04 -23.25
N SER A 107 7.79 -17.99 -24.06
CA SER A 107 7.96 -18.02 -25.52
C SER A 107 8.79 -16.85 -26.07
N ASN A 108 8.28 -15.62 -26.02
CA ASN A 108 8.89 -14.42 -26.61
C ASN A 108 8.78 -13.17 -25.72
N GLU A 109 9.62 -12.15 -25.98
CA GLU A 109 9.69 -10.90 -25.20
C GLU A 109 10.42 -9.74 -25.90
N GLN A 110 10.31 -8.53 -25.33
CA GLN A 110 10.92 -7.28 -25.81
C GLN A 110 11.79 -6.60 -24.72
N SER A 111 12.59 -5.61 -25.13
CA SER A 111 13.37 -4.73 -24.24
C SER A 111 12.52 -4.00 -23.19
N SER A 112 13.14 -3.63 -22.06
CA SER A 112 12.43 -3.08 -20.88
C SER A 112 11.70 -1.76 -21.13
N THR A 113 12.19 -0.91 -22.03
CA THR A 113 11.48 0.27 -22.54
C THR A 113 10.78 -0.09 -23.85
N SER A 114 9.48 0.15 -23.94
CA SER A 114 8.63 -0.10 -25.10
C SER A 114 7.50 0.94 -25.23
N SER A 115 6.85 0.98 -26.39
CA SER A 115 5.70 1.84 -26.72
C SER A 115 4.37 1.21 -26.30
N SER A 116 3.31 2.03 -26.21
CA SER A 116 1.98 1.65 -25.73
C SER A 116 2.02 0.94 -24.35
N MET A 117 2.85 1.44 -23.43
CA MET A 117 3.18 0.76 -22.16
C MET A 117 2.02 0.69 -21.14
N ILE A 118 0.99 1.52 -21.34
CA ILE A 118 -0.32 1.44 -20.68
C ILE A 118 -1.39 2.01 -21.64
N ILE A 119 -2.42 1.23 -21.94
CA ILE A 119 -3.51 1.59 -22.87
C ILE A 119 -4.87 1.44 -22.21
N ASP A 120 -5.46 2.59 -21.82
CA ASP A 120 -6.86 2.77 -21.39
C ASP A 120 -7.38 1.94 -20.19
N ALA A 121 -6.64 0.93 -19.74
CA ALA A 121 -7.07 -0.08 -18.77
C ALA A 121 -7.42 0.48 -17.39
N GLN A 122 -6.82 1.58 -16.95
CA GLN A 122 -7.05 2.17 -15.62
C GLN A 122 -7.99 3.39 -15.66
N ILE A 123 -8.59 3.70 -16.82
CA ILE A 123 -9.49 4.85 -17.00
C ILE A 123 -10.93 4.52 -16.56
N SER A 124 -11.48 3.39 -16.99
CA SER A 124 -12.87 2.97 -16.72
C SER A 124 -13.26 3.03 -15.23
N ASN A 125 -12.42 2.49 -14.33
CA ASN A 125 -12.73 2.52 -12.90
C ASN A 125 -12.66 3.94 -12.32
N ALA A 126 -11.74 4.78 -12.79
CA ALA A 126 -11.62 6.17 -12.32
C ALA A 126 -12.82 7.04 -12.76
N LEU A 127 -13.58 6.62 -13.80
CA LEU A 127 -14.85 7.21 -14.22
C LEU A 127 -16.08 6.57 -13.56
N ASN A 128 -16.05 5.27 -13.29
CA ASN A 128 -17.08 4.51 -12.54
C ASN A 128 -17.12 4.93 -11.05
N ALA A 129 -15.94 5.12 -10.46
CA ALA A 129 -15.68 5.54 -9.09
C ALA A 129 -15.07 6.96 -9.08
N GLN A 130 -13.87 7.05 -8.50
CA GLN A 130 -12.91 8.14 -8.48
C GLN A 130 -11.51 7.50 -8.40
N GLN A 131 -10.44 8.29 -8.55
CA GLN A 131 -9.08 7.85 -8.25
C GLN A 131 -8.66 8.30 -6.83
N TYR A 132 -7.63 7.70 -6.25
CA TYR A 132 -7.00 8.16 -4.99
C TYR A 132 -5.50 8.44 -5.16
N LYS A 133 -4.98 9.39 -4.36
CA LYS A 133 -3.55 9.70 -4.18
C LYS A 133 -3.24 9.57 -2.69
N VAL A 134 -2.33 8.67 -2.32
CA VAL A 134 -2.09 8.24 -0.93
C VAL A 134 -0.62 8.41 -0.55
N LEU A 135 -0.34 8.81 0.70
CA LEU A 135 0.99 9.09 1.20
C LEU A 135 1.25 8.37 2.53
N ILE A 136 2.47 7.88 2.74
CA ILE A 136 2.92 7.15 3.94
C ILE A 136 4.30 7.69 4.33
N GLY A 137 4.51 8.11 5.58
CA GLY A 137 5.84 8.56 5.99
C GLY A 137 5.96 8.99 7.45
N ASN A 138 6.98 9.78 7.75
CA ASN A 138 7.26 10.21 9.12
C ASN A 138 6.42 11.47 9.49
N ARG A 139 6.24 11.73 10.79
CA ARG A 139 5.36 12.78 11.33
C ARG A 139 5.64 14.17 10.73
N GLU A 140 6.90 14.60 10.72
CA GLU A 140 7.31 15.93 10.23
C GLU A 140 7.21 16.05 8.71
N TRP A 141 7.31 14.95 7.95
CA TRP A 141 7.17 14.94 6.49
C TRP A 141 5.72 15.19 6.05
N MET A 142 4.72 14.81 6.86
CA MET A 142 3.32 15.17 6.63
C MET A 142 3.06 16.66 6.89
N ILE A 143 3.71 17.23 7.90
CA ILE A 143 3.70 18.68 8.13
C ILE A 143 4.35 19.39 6.94
N ARG A 144 5.46 18.87 6.41
CA ARG A 144 6.06 19.33 5.14
C ARG A 144 5.07 19.24 3.97
N ASN A 145 4.26 18.18 3.91
CA ASN A 145 3.22 17.98 2.88
C ASN A 145 2.05 19.00 2.91
N GLY A 146 2.06 19.95 3.86
CA GLY A 146 1.03 20.98 4.00
C GLY A 146 -0.20 20.51 4.80
N LEU A 147 -0.09 19.38 5.49
CA LEU A 147 -1.09 18.88 6.44
C LEU A 147 -0.86 19.49 7.84
N VAL A 148 -1.80 19.26 8.77
CA VAL A 148 -1.67 19.57 10.20
C VAL A 148 -1.84 18.30 11.03
N ILE A 149 -0.86 17.97 11.87
CA ILE A 149 -0.89 16.78 12.73
C ILE A 149 -1.69 17.06 14.01
N ASN A 150 -2.41 16.05 14.52
CA ASN A 150 -3.35 16.21 15.63
C ASN A 150 -2.74 15.82 16.99
N ASN A 151 -3.24 16.42 18.07
CA ASN A 151 -2.69 16.29 19.43
C ASN A 151 -2.77 14.84 19.97
N ASP A 152 -3.76 14.04 19.53
CA ASP A 152 -3.90 12.63 19.93
C ASP A 152 -2.77 11.76 19.34
N VAL A 153 -2.54 11.89 18.03
CA VAL A 153 -1.52 11.14 17.28
C VAL A 153 -0.10 11.59 17.61
N ASN A 154 0.20 12.88 17.67
CA ASN A 154 1.56 13.35 17.97
C ASN A 154 1.99 12.92 19.40
N ASP A 155 1.08 13.07 20.37
CA ASP A 155 1.28 12.65 21.76
C ASP A 155 1.48 11.12 21.88
N PHE A 156 0.85 10.33 21.01
CA PHE A 156 1.08 8.88 20.87
C PHE A 156 2.42 8.55 20.17
N MET A 157 2.73 9.17 19.02
CA MET A 157 3.95 8.90 18.26
C MET A 157 5.20 9.24 19.08
N THR A 158 5.21 10.37 19.79
CA THR A 158 6.34 10.74 20.66
C THR A 158 6.55 9.77 21.82
N GLU A 159 5.49 9.13 22.32
CA GLU A 159 5.54 8.02 23.28
C GLU A 159 6.08 6.74 22.64
N HIS A 160 5.72 6.43 21.39
CA HIS A 160 6.18 5.24 20.67
C HIS A 160 7.67 5.32 20.30
N GLU A 161 8.12 6.47 19.77
CA GLU A 161 9.54 6.73 19.53
C GLU A 161 10.33 6.73 20.86
N ARG A 162 9.75 7.26 21.95
CA ARG A 162 10.30 7.19 23.33
C ARG A 162 10.41 5.76 23.88
N LYS A 163 9.58 4.83 23.39
CA LYS A 163 9.69 3.38 23.65
C LYS A 163 10.64 2.66 22.68
N GLY A 164 11.24 3.37 21.72
CA GLY A 164 12.30 2.86 20.85
C GLY A 164 11.84 2.03 19.65
N ARG A 165 10.59 2.22 19.19
CA ARG A 165 9.97 1.47 18.07
C ARG A 165 9.43 2.39 16.98
N THR A 166 9.36 1.87 15.75
CA THR A 166 9.09 2.62 14.50
C THR A 166 7.66 3.19 14.45
N ALA A 167 7.54 4.48 14.13
CA ALA A 167 6.28 5.22 14.10
C ALA A 167 6.09 5.97 12.75
N VAL A 168 5.00 5.68 12.02
CA VAL A 168 4.68 6.33 10.73
C VAL A 168 3.18 6.64 10.59
N LEU A 169 2.82 7.61 9.75
CA LEU A 169 1.43 8.05 9.55
C LEU A 169 1.04 8.16 8.06
N VAL A 170 -0.26 8.11 7.79
CA VAL A 170 -0.86 7.93 6.45
C VAL A 170 -1.93 8.99 6.15
N ALA A 171 -1.86 9.54 4.93
CA ALA A 171 -2.79 10.56 4.41
C ALA A 171 -3.36 10.21 3.03
N VAL A 172 -4.59 10.65 2.74
CA VAL A 172 -5.31 10.41 1.48
C VAL A 172 -5.82 11.74 0.92
N ASP A 173 -5.24 12.19 -0.20
CA ASP A 173 -5.64 13.41 -0.94
C ASP A 173 -5.90 14.64 -0.03
N ASP A 174 -4.88 15.02 0.74
CA ASP A 174 -4.89 16.13 1.72
C ASP A 174 -5.82 15.92 2.94
N GLU A 175 -5.96 14.69 3.45
CA GLU A 175 -6.65 14.37 4.72
C GLU A 175 -5.87 13.32 5.53
N LEU A 176 -5.71 13.53 6.84
CA LEU A 176 -5.17 12.53 7.78
C LEU A 176 -6.13 11.35 7.95
N CYS A 177 -5.64 10.11 7.77
CA CYS A 177 -6.46 8.91 7.92
C CYS A 177 -6.03 7.93 9.03
N GLY A 178 -4.72 7.72 9.27
CA GLY A 178 -4.27 6.74 10.27
C GLY A 178 -2.76 6.72 10.50
N LEU A 179 -2.34 5.87 11.44
CA LEU A 179 -0.93 5.63 11.78
C LEU A 179 -0.62 4.17 12.11
N ILE A 180 0.66 3.84 11.96
CA ILE A 180 1.23 2.49 12.12
C ILE A 180 2.29 2.50 13.24
N ALA A 181 2.41 1.34 13.86
CA ALA A 181 3.28 1.05 15.00
C ALA A 181 4.03 -0.27 14.75
N ILE A 182 5.30 -0.17 14.34
CA ILE A 182 6.16 -1.29 13.93
C ILE A 182 7.25 -1.55 14.99
N ALA A 183 7.49 -2.81 15.29
CA ALA A 183 8.58 -3.21 16.18
C ALA A 183 9.89 -3.35 15.40
N ASP A 184 10.93 -2.63 15.84
CA ASP A 184 12.29 -2.74 15.30
C ASP A 184 12.90 -4.12 15.59
N THR A 185 13.89 -4.50 14.78
CA THR A 185 14.57 -5.81 14.83
C THR A 185 15.41 -6.00 16.08
N SER A 1 16.48 -1.80 2.59
CA SER A 1 16.59 -2.36 3.94
C SER A 1 17.24 -3.74 3.92
N PHE A 2 18.23 -3.92 4.79
CA PHE A 2 18.90 -5.22 5.02
C PHE A 2 18.61 -5.75 6.43
N THR A 3 18.89 -7.03 6.67
CA THR A 3 18.59 -7.73 7.94
C THR A 3 19.87 -8.17 8.66
N MET A 4 20.14 -7.51 9.78
CA MET A 4 21.33 -7.66 10.63
C MET A 4 20.98 -7.98 12.10
N HIS A 5 19.76 -7.68 12.53
CA HIS A 5 19.27 -7.77 13.92
C HIS A 5 17.80 -8.24 14.01
N GLY A 6 17.33 -9.04 13.04
CA GLY A 6 15.95 -9.53 12.92
C GLY A 6 15.00 -8.60 12.15
N THR A 7 13.87 -9.12 11.65
CA THR A 7 12.97 -8.39 10.71
C THR A 7 11.79 -7.67 11.39
N PRO A 8 11.25 -6.57 10.80
CA PRO A 8 10.12 -5.82 11.37
C PRO A 8 8.73 -6.30 10.91
N VAL A 9 7.73 -6.07 11.76
CA VAL A 9 6.29 -6.27 11.48
C VAL A 9 5.45 -5.10 12.01
N VAL A 10 4.23 -4.95 11.49
CA VAL A 10 3.25 -3.98 12.01
C VAL A 10 2.74 -4.41 13.39
N ASN A 11 2.82 -3.51 14.37
CA ASN A 11 2.60 -3.80 15.79
C ASN A 11 1.29 -3.19 16.34
N GLN A 12 0.93 -1.96 15.98
CA GLN A 12 -0.37 -1.32 16.28
C GLN A 12 -0.78 -0.38 15.14
N VAL A 13 -2.08 -0.31 14.83
CA VAL A 13 -2.69 0.68 13.92
C VAL A 13 -3.86 1.41 14.58
N LYS A 14 -3.97 2.73 14.33
CA LYS A 14 -5.06 3.61 14.81
C LYS A 14 -5.56 4.50 13.67
N VAL A 15 -6.87 4.56 13.44
CA VAL A 15 -7.52 5.41 12.40
C VAL A 15 -7.87 6.79 12.98
N LEU A 16 -7.80 7.82 12.14
CA LEU A 16 -7.84 9.24 12.55
C LEU A 16 -8.78 10.14 11.73
N THR A 17 -9.86 9.60 11.15
CA THR A 17 -10.76 10.36 10.23
C THR A 17 -12.26 9.95 10.33
N GLU A 18 -12.61 9.02 11.22
CA GLU A 18 -13.93 8.36 11.33
C GLU A 18 -14.45 7.76 10.01
N SER A 19 -15.39 8.42 9.33
CA SER A 19 -16.03 7.96 8.08
C SER A 19 -16.27 9.08 7.06
N ASN A 20 -15.72 10.27 7.29
CA ASN A 20 -15.97 11.51 6.53
C ASN A 20 -15.73 11.35 5.01
N ARG A 21 -14.49 11.00 4.66
CA ARG A 21 -14.02 10.73 3.30
C ARG A 21 -13.95 9.22 3.03
N ILE A 22 -13.31 8.48 3.95
CA ILE A 22 -13.02 7.04 3.92
C ILE A 22 -13.29 6.42 5.30
N SER A 23 -13.72 5.16 5.36
CA SER A 23 -13.91 4.41 6.62
C SER A 23 -12.76 3.45 6.95
N HIS A 24 -12.69 3.02 8.22
CA HIS A 24 -11.53 2.32 8.81
C HIS A 24 -11.06 1.02 8.12
N HIS A 25 -11.95 0.10 7.76
CA HIS A 25 -11.60 -1.16 7.11
C HIS A 25 -11.17 -0.93 5.64
N LYS A 26 -11.77 0.06 4.96
CA LYS A 26 -11.36 0.48 3.61
C LYS A 26 -9.97 1.13 3.62
N ILE A 27 -9.60 1.87 4.67
CA ILE A 27 -8.24 2.38 4.88
C ILE A 27 -7.23 1.21 5.05
N LEU A 28 -7.56 0.19 5.86
CA LEU A 28 -6.72 -1.01 6.03
C LEU A 28 -6.51 -1.76 4.70
N ALA A 29 -7.57 -1.91 3.90
CA ALA A 29 -7.50 -2.49 2.56
C ALA A 29 -6.58 -1.69 1.63
N ILE A 30 -6.81 -0.39 1.40
CA ILE A 30 -5.99 0.37 0.43
C ILE A 30 -4.52 0.43 0.83
N VAL A 31 -4.19 0.54 2.12
CA VAL A 31 -2.81 0.49 2.62
C VAL A 31 -2.19 -0.89 2.36
N GLY A 32 -2.85 -1.98 2.78
CA GLY A 32 -2.26 -3.33 2.66
C GLY A 32 -2.22 -3.88 1.24
N THR A 33 -3.13 -3.45 0.38
CA THR A 33 -3.13 -3.73 -1.07
C THR A 33 -2.15 -2.85 -1.85
N ALA A 34 -1.81 -1.64 -1.39
CA ALA A 34 -0.73 -0.83 -1.97
C ALA A 34 0.66 -1.38 -1.60
N GLU A 35 0.86 -1.79 -0.34
CA GLU A 35 2.09 -2.42 0.16
C GLU A 35 2.26 -3.89 -0.30
N SER A 36 1.40 -4.38 -1.19
CA SER A 36 1.50 -5.68 -1.88
C SER A 36 2.58 -5.71 -2.97
N ASN A 37 3.26 -4.58 -3.22
CA ASN A 37 4.22 -4.33 -4.30
C ASN A 37 5.58 -5.09 -4.11
N SER A 38 6.60 -4.70 -4.86
CA SER A 38 7.95 -5.28 -4.87
C SER A 38 8.97 -4.30 -4.30
N GLU A 39 8.75 -3.86 -3.05
CA GLU A 39 9.53 -2.80 -2.39
C GLU A 39 10.66 -3.37 -1.52
N HIS A 40 10.33 -3.72 -0.27
CA HIS A 40 11.29 -4.09 0.77
C HIS A 40 10.67 -5.10 1.78
N PRO A 41 11.41 -5.61 2.80
CA PRO A 41 10.90 -6.63 3.72
C PRO A 41 9.77 -6.24 4.67
N LEU A 42 9.34 -4.97 4.68
CA LEU A 42 8.21 -4.51 5.49
C LEU A 42 6.81 -4.59 4.83
N GLY A 43 6.69 -4.32 3.53
CA GLY A 43 5.38 -4.29 2.85
C GLY A 43 4.65 -5.64 2.94
N THR A 44 5.41 -6.73 2.82
CA THR A 44 4.94 -8.11 3.00
C THR A 44 4.27 -8.34 4.36
N ALA A 45 4.77 -7.72 5.44
CA ALA A 45 4.18 -7.82 6.78
C ALA A 45 2.84 -7.06 6.89
N ILE A 46 2.70 -5.92 6.22
CA ILE A 46 1.46 -5.14 6.14
C ILE A 46 0.42 -5.90 5.30
N THR A 47 0.80 -6.37 4.10
CA THR A 47 -0.13 -7.08 3.22
C THR A 47 -0.62 -8.38 3.86
N LYS A 48 0.26 -9.16 4.53
CA LYS A 48 -0.14 -10.31 5.35
C LYS A 48 -1.10 -9.94 6.48
N TYR A 49 -0.82 -8.91 7.28
CA TYR A 49 -1.71 -8.48 8.38
C TYR A 49 -3.12 -8.11 7.88
N CYS A 50 -3.19 -7.32 6.80
CA CYS A 50 -4.46 -6.96 6.16
C CYS A 50 -5.17 -8.20 5.60
N LYS A 51 -4.49 -9.02 4.78
CA LYS A 51 -5.06 -10.23 4.18
C LYS A 51 -5.58 -11.23 5.22
N GLN A 52 -4.90 -11.35 6.36
CA GLN A 52 -5.31 -12.17 7.51
C GLN A 52 -6.55 -11.60 8.22
N GLU A 53 -6.74 -10.28 8.22
CA GLU A 53 -7.97 -9.64 8.71
C GLU A 53 -9.15 -9.83 7.72
N LEU A 54 -8.88 -9.89 6.40
CA LEU A 54 -9.88 -10.26 5.38
C LEU A 54 -10.17 -11.78 5.34
N ASP A 55 -9.19 -12.57 5.77
CA ASP A 55 -9.10 -14.02 5.61
C ASP A 55 -9.27 -14.48 4.14
N THR A 56 -8.71 -13.71 3.20
CA THR A 56 -8.65 -14.01 1.75
C THR A 56 -7.32 -14.65 1.32
N GLU A 57 -7.28 -15.14 0.08
CA GLU A 57 -6.06 -15.53 -0.64
C GLU A 57 -5.89 -14.75 -1.97
N THR A 58 -6.76 -13.75 -2.24
CA THR A 58 -6.77 -12.94 -3.48
C THR A 58 -7.19 -11.47 -3.23
N LEU A 59 -6.34 -10.51 -3.63
CA LEU A 59 -6.61 -9.06 -3.60
C LEU A 59 -5.70 -8.24 -4.55
N GLY A 60 -6.08 -7.00 -4.88
CA GLY A 60 -5.24 -6.08 -5.67
C GLY A 60 -5.91 -4.81 -6.23
N THR A 61 -5.13 -3.73 -6.35
CA THR A 61 -5.48 -2.39 -6.82
C THR A 61 -4.29 -1.79 -7.59
N CYS A 62 -4.56 -1.01 -8.65
CA CYS A 62 -3.53 -0.30 -9.41
C CYS A 62 -2.99 0.90 -8.61
N ILE A 63 -1.68 1.19 -8.69
CA ILE A 63 -0.94 2.12 -7.84
C ILE A 63 0.16 2.87 -8.62
N ASP A 64 0.09 4.20 -8.71
CA ASP A 64 1.18 5.03 -9.25
C ASP A 64 2.23 5.32 -8.15
N PHE A 65 2.88 4.26 -7.67
CA PHE A 65 3.72 4.17 -6.48
C PHE A 65 5.12 4.79 -6.60
N GLN A 66 5.53 5.53 -5.57
CA GLN A 66 6.73 6.35 -5.49
C GLN A 66 7.36 6.22 -4.08
N VAL A 67 8.66 5.91 -3.98
CA VAL A 67 9.35 5.60 -2.70
C VAL A 67 10.54 6.54 -2.44
N VAL A 68 10.63 7.07 -1.21
CA VAL A 68 11.77 7.84 -0.70
C VAL A 68 12.21 7.27 0.67
N PRO A 69 13.28 6.46 0.72
CA PRO A 69 13.74 5.80 1.95
C PRO A 69 14.39 6.80 2.90
N GLY A 70 13.63 7.19 3.93
CA GLY A 70 13.95 8.25 4.90
C GLY A 70 12.83 9.28 5.08
N CYS A 71 11.80 9.25 4.21
CA CYS A 71 10.66 10.17 4.21
C CYS A 71 9.31 9.45 4.15
N GLY A 72 9.14 8.49 3.23
CA GLY A 72 7.89 7.74 3.05
C GLY A 72 7.63 7.26 1.63
N ILE A 73 6.35 7.09 1.31
CA ILE A 73 5.79 6.56 0.07
C ILE A 73 4.61 7.45 -0.37
N SER A 74 4.44 7.62 -1.68
CA SER A 74 3.26 8.25 -2.31
C SER A 74 2.70 7.33 -3.38
N CYS A 75 1.37 7.21 -3.50
CA CYS A 75 0.75 6.53 -4.63
C CYS A 75 -0.58 7.20 -5.04
N LYS A 76 -1.09 6.82 -6.23
CA LYS A 76 -2.48 7.12 -6.61
C LYS A 76 -3.11 5.75 -6.79
N VAL A 77 -4.15 5.39 -6.02
CA VAL A 77 -4.68 4.02 -5.94
C VAL A 77 -6.11 3.94 -6.51
N THR A 78 -6.44 2.85 -7.19
CA THR A 78 -7.73 2.74 -7.91
C THR A 78 -8.19 1.28 -7.99
N ASN A 79 -9.28 0.99 -8.69
CA ASN A 79 -10.00 -0.30 -8.67
C ASN A 79 -10.66 -0.58 -7.30
N ILE A 80 -10.94 0.47 -6.52
CA ILE A 80 -11.69 0.41 -5.26
C ILE A 80 -13.12 -0.08 -5.53
N GLU A 81 -13.79 0.56 -6.48
CA GLU A 81 -15.05 0.07 -7.07
C GLU A 81 -14.73 -0.97 -8.17
N GLY A 82 -13.88 -0.59 -9.12
CA GLY A 82 -13.43 -1.33 -10.32
C GLY A 82 -12.76 -2.71 -10.20
N LEU A 83 -12.73 -3.36 -9.04
CA LEU A 83 -12.19 -4.72 -8.90
C LEU A 83 -12.78 -5.73 -9.92
N LEU A 84 -14.06 -5.56 -10.29
CA LEU A 84 -14.82 -6.42 -11.22
C LEU A 84 -14.89 -7.89 -10.73
N HIS A 85 -15.50 -8.78 -11.52
CA HIS A 85 -15.70 -10.17 -11.11
C HIS A 85 -14.36 -10.92 -10.97
N LYS A 86 -14.18 -11.68 -9.87
CA LYS A 86 -12.94 -12.42 -9.56
C LYS A 86 -12.66 -13.55 -10.55
N ASN A 87 -11.38 -13.82 -10.79
CA ASN A 87 -10.91 -14.88 -11.67
C ASN A 87 -9.80 -15.76 -11.02
N ASN A 88 -9.50 -16.89 -11.66
CA ASN A 88 -8.63 -17.95 -11.15
C ASN A 88 -7.10 -17.63 -11.21
N TRP A 89 -6.29 -18.32 -10.40
CA TRP A 89 -4.80 -18.25 -10.42
C TRP A 89 -4.06 -19.54 -9.95
N ASN A 90 -4.80 -20.58 -9.58
CA ASN A 90 -4.34 -21.95 -9.30
C ASN A 90 -4.91 -22.86 -10.42
N ILE A 91 -5.24 -24.12 -10.18
CA ILE A 91 -5.95 -24.98 -11.17
C ILE A 91 -5.13 -25.08 -12.47
N GLU A 92 -3.81 -25.24 -12.29
CA GLU A 92 -2.76 -25.11 -13.32
C GLU A 92 -2.62 -26.33 -14.25
N ASP A 93 -3.13 -27.51 -13.87
CA ASP A 93 -3.14 -28.70 -14.75
C ASP A 93 -4.39 -28.79 -15.65
N ASN A 94 -5.34 -27.85 -15.53
CA ASN A 94 -6.65 -27.92 -16.18
C ASN A 94 -6.61 -27.78 -17.72
N ASN A 95 -5.50 -27.29 -18.28
CA ASN A 95 -5.22 -27.33 -19.71
C ASN A 95 -3.84 -27.97 -19.96
N ILE A 96 -3.57 -28.31 -21.23
CA ILE A 96 -2.30 -28.94 -21.64
C ILE A 96 -1.09 -28.11 -21.18
N LYS A 97 0.01 -28.80 -20.79
CA LYS A 97 1.22 -28.22 -20.21
C LYS A 97 2.45 -28.69 -20.99
N ASN A 98 3.32 -27.77 -21.38
CA ASN A 98 4.57 -28.08 -22.05
C ASN A 98 5.63 -28.59 -21.03
N ALA A 99 6.29 -29.70 -21.37
CA ALA A 99 7.36 -30.30 -20.59
C ALA A 99 8.48 -30.86 -21.50
N SER A 100 8.90 -30.05 -22.47
CA SER A 100 9.98 -30.33 -23.43
C SER A 100 11.37 -30.21 -22.79
N LEU A 101 11.72 -31.13 -21.89
CA LEU A 101 13.01 -31.15 -21.16
C LEU A 101 13.63 -32.55 -21.04
N VAL A 102 14.95 -32.61 -20.84
CA VAL A 102 15.72 -33.87 -20.70
C VAL A 102 16.67 -33.80 -19.49
N GLN A 103 16.90 -34.94 -18.83
CA GLN A 103 17.58 -35.12 -17.53
C GLN A 103 16.83 -34.50 -16.33
N ILE A 104 16.60 -35.30 -15.29
CA ILE A 104 15.82 -34.97 -14.07
C ILE A 104 14.43 -34.42 -14.45
N ASP A 105 13.64 -35.28 -15.08
CA ASP A 105 12.29 -35.01 -15.62
C ASP A 105 11.31 -34.55 -14.52
N ALA A 106 11.35 -35.21 -13.35
CA ALA A 106 10.69 -34.86 -12.09
C ALA A 106 9.23 -34.36 -12.26
N SER A 107 8.99 -33.08 -11.99
CA SER A 107 7.70 -32.40 -12.13
C SER A 107 7.90 -30.96 -12.62
N ASN A 108 6.91 -30.39 -13.30
CA ASN A 108 6.83 -28.96 -13.63
C ASN A 108 5.36 -28.48 -13.62
N GLU A 109 5.14 -27.17 -13.65
CA GLU A 109 3.80 -26.56 -13.76
C GLU A 109 3.80 -25.32 -14.66
N GLN A 110 2.61 -24.76 -14.91
CA GLN A 110 2.44 -23.51 -15.66
C GLN A 110 1.64 -22.45 -14.89
N SER A 111 1.39 -21.32 -15.56
CA SER A 111 0.47 -20.26 -15.18
C SER A 111 -0.21 -19.72 -16.45
N SER A 112 -1.49 -19.34 -16.38
CA SER A 112 -2.32 -18.93 -17.51
C SER A 112 -1.93 -17.54 -18.07
N THR A 113 -2.53 -17.13 -19.19
CA THR A 113 -2.21 -15.86 -19.88
C THR A 113 -3.44 -14.95 -20.05
N SER A 114 -3.23 -13.63 -20.09
CA SER A 114 -4.24 -12.62 -20.42
C SER A 114 -3.83 -11.78 -21.65
N SER A 115 -4.73 -11.65 -22.62
CA SER A 115 -4.53 -10.87 -23.85
C SER A 115 -4.54 -9.34 -23.62
N SER A 116 -5.38 -8.85 -22.69
CA SER A 116 -5.50 -7.43 -22.35
C SER A 116 -5.48 -7.20 -20.84
N MET A 117 -4.91 -6.08 -20.41
CA MET A 117 -4.83 -5.70 -18.99
C MET A 117 -4.99 -4.19 -18.76
N ILE A 118 -4.48 -3.37 -19.68
CA ILE A 118 -4.71 -1.91 -19.74
C ILE A 118 -5.03 -1.40 -21.16
N ILE A 119 -4.50 -2.02 -22.23
CA ILE A 119 -4.78 -1.59 -23.61
C ILE A 119 -6.28 -1.68 -23.93
N ASP A 120 -6.85 -0.57 -24.42
CA ASP A 120 -8.28 -0.26 -24.58
C ASP A 120 -9.12 -0.33 -23.28
N ALA A 121 -8.75 -1.15 -22.29
CA ALA A 121 -9.43 -1.30 -21.00
C ALA A 121 -9.37 -0.02 -20.14
N GLN A 122 -8.23 0.67 -20.12
CA GLN A 122 -8.05 1.85 -19.25
C GLN A 122 -9.00 3.01 -19.60
N ILE A 123 -9.47 3.08 -20.85
CA ILE A 123 -10.46 4.05 -21.36
C ILE A 123 -11.88 3.74 -20.83
N SER A 124 -12.21 2.46 -20.67
CA SER A 124 -13.46 1.96 -20.06
C SER A 124 -13.45 2.07 -18.53
N ASN A 125 -12.26 1.98 -17.94
CA ASN A 125 -12.05 2.13 -16.49
C ASN A 125 -12.07 3.61 -16.03
N ALA A 126 -11.60 4.53 -16.88
CA ALA A 126 -11.44 5.95 -16.54
C ALA A 126 -12.70 6.65 -16.01
N LEU A 127 -13.86 6.35 -16.60
CA LEU A 127 -15.14 6.93 -16.19
C LEU A 127 -15.62 6.46 -14.79
N ASN A 128 -15.08 5.35 -14.30
CA ASN A 128 -15.49 4.65 -13.07
C ASN A 128 -14.25 4.35 -12.17
N ALA A 129 -14.26 3.22 -11.44
CA ALA A 129 -13.23 2.72 -10.51
C ALA A 129 -12.95 3.52 -9.22
N GLN A 130 -13.08 4.85 -9.28
CA GLN A 130 -12.71 5.90 -8.32
C GLN A 130 -11.26 5.85 -7.81
N GLN A 131 -10.46 6.86 -8.16
CA GLN A 131 -9.08 7.01 -7.68
C GLN A 131 -8.98 7.67 -6.29
N TYR A 132 -7.95 7.32 -5.52
CA TYR A 132 -7.52 8.01 -4.29
C TYR A 132 -6.05 8.44 -4.33
N LYS A 133 -5.74 9.68 -3.94
CA LYS A 133 -4.38 10.20 -3.69
C LYS A 133 -3.95 9.82 -2.28
N VAL A 134 -2.87 9.04 -2.10
CA VAL A 134 -2.49 8.46 -0.77
C VAL A 134 -0.98 8.58 -0.49
N LEU A 135 -0.62 8.98 0.74
CA LEU A 135 0.76 8.93 1.27
C LEU A 135 0.82 8.07 2.54
N ILE A 136 1.94 7.38 2.73
CA ILE A 136 2.33 6.66 3.95
C ILE A 136 3.75 7.14 4.31
N GLY A 137 3.99 7.72 5.47
CA GLY A 137 5.34 8.25 5.75
C GLY A 137 5.54 8.94 7.10
N ASN A 138 6.68 9.62 7.22
CA ASN A 138 7.16 10.17 8.48
C ASN A 138 6.50 11.51 8.83
N ARG A 139 6.55 11.86 10.12
CA ARG A 139 5.82 12.99 10.72
C ARG A 139 6.23 14.35 10.14
N GLU A 140 7.52 14.61 9.96
CA GLU A 140 8.00 15.85 9.31
C GLU A 140 7.73 15.90 7.80
N TRP A 141 7.49 14.77 7.11
CA TRP A 141 7.21 14.75 5.68
C TRP A 141 5.72 15.03 5.39
N MET A 142 4.84 14.67 6.32
CA MET A 142 3.43 15.11 6.32
C MET A 142 3.33 16.63 6.54
N ILE A 143 4.20 17.21 7.39
CA ILE A 143 4.34 18.66 7.56
C ILE A 143 4.82 19.34 6.27
N ARG A 144 5.71 18.71 5.48
CA ARG A 144 6.08 19.18 4.13
C ARG A 144 4.88 19.17 3.17
N ASN A 145 4.02 18.16 3.20
CA ASN A 145 2.76 18.12 2.45
C ASN A 145 1.72 19.17 2.91
N GLY A 146 1.96 19.87 4.02
CA GLY A 146 1.03 20.85 4.60
C GLY A 146 -0.08 20.21 5.45
N LEU A 147 0.17 19.02 6.00
CA LEU A 147 -0.73 18.29 6.89
C LEU A 147 -0.33 18.50 8.37
N VAL A 148 -1.26 18.28 9.30
CA VAL A 148 -1.04 18.46 10.74
C VAL A 148 -1.66 17.34 11.58
N ILE A 149 -0.94 16.90 12.61
CA ILE A 149 -1.28 15.76 13.49
C ILE A 149 -1.93 16.23 14.81
N ASN A 150 -2.75 15.36 15.42
CA ASN A 150 -3.44 15.71 16.67
C ASN A 150 -2.52 15.50 17.90
N ASN A 151 -2.70 16.30 18.95
CA ASN A 151 -1.77 16.37 20.08
C ASN A 151 -1.76 15.08 20.94
N ASP A 152 -2.92 14.43 21.10
CA ASP A 152 -3.07 13.16 21.81
C ASP A 152 -2.25 12.04 21.15
N VAL A 153 -2.46 11.82 19.85
CA VAL A 153 -1.70 10.81 19.10
C VAL A 153 -0.23 11.18 18.86
N ASN A 154 0.12 12.48 18.88
CA ASN A 154 1.52 12.88 18.77
C ASN A 154 2.33 12.44 20.00
N ASP A 155 1.76 12.58 21.19
CA ASP A 155 2.42 12.13 22.42
C ASP A 155 2.52 10.59 22.50
N PHE A 156 1.53 9.89 21.94
CA PHE A 156 1.55 8.44 21.75
C PHE A 156 2.63 8.00 20.75
N MET A 157 2.76 8.65 19.58
CA MET A 157 3.83 8.32 18.62
C MET A 157 5.20 8.57 19.22
N THR A 158 5.38 9.72 19.89
CA THR A 158 6.62 10.09 20.55
C THR A 158 7.06 9.04 21.56
N GLU A 159 6.17 8.64 22.47
CA GLU A 159 6.48 7.66 23.52
C GLU A 159 6.67 6.25 22.96
N HIS A 160 5.94 5.87 21.90
CA HIS A 160 6.09 4.57 21.27
C HIS A 160 7.42 4.46 20.49
N GLU A 161 7.87 5.54 19.84
CA GLU A 161 9.21 5.66 19.27
C GLU A 161 10.28 5.63 20.36
N ARG A 162 10.03 6.26 21.52
CA ARG A 162 10.90 6.29 22.70
C ARG A 162 11.06 4.90 23.38
N LYS A 163 10.13 3.96 23.16
CA LYS A 163 10.35 2.54 23.55
C LYS A 163 11.55 2.00 22.75
N GLY A 164 11.57 2.34 21.46
CA GLY A 164 12.69 2.10 20.54
C GLY A 164 12.19 1.40 19.27
N ARG A 165 11.08 1.92 18.73
CA ARG A 165 10.29 1.37 17.61
C ARG A 165 10.08 2.46 16.54
N THR A 166 9.40 2.15 15.42
CA THR A 166 9.10 3.12 14.35
C THR A 166 7.63 3.54 14.35
N ALA A 167 7.33 4.82 14.12
CA ALA A 167 5.97 5.35 13.95
C ALA A 167 5.81 6.16 12.64
N VAL A 168 4.74 5.90 11.88
CA VAL A 168 4.43 6.56 10.59
C VAL A 168 2.94 6.91 10.49
N LEU A 169 2.63 7.95 9.71
CA LEU A 169 1.26 8.43 9.46
C LEU A 169 0.78 7.99 8.08
N VAL A 170 -0.55 7.95 7.89
CA VAL A 170 -1.22 7.75 6.61
C VAL A 170 -2.16 8.91 6.33
N ALA A 171 -2.14 9.41 5.09
CA ALA A 171 -2.96 10.53 4.63
C ALA A 171 -3.59 10.24 3.25
N VAL A 172 -4.79 10.77 3.01
CA VAL A 172 -5.61 10.52 1.81
C VAL A 172 -6.22 11.83 1.34
N ASP A 173 -6.14 12.13 0.05
CA ASP A 173 -6.72 13.34 -0.60
C ASP A 173 -6.32 14.68 0.06
N ASP A 174 -5.12 14.71 0.66
CA ASP A 174 -4.57 15.77 1.52
C ASP A 174 -5.32 15.98 2.87
N GLU A 175 -5.83 14.90 3.46
CA GLU A 175 -6.43 14.77 4.80
C GLU A 175 -5.74 13.67 5.62
N LEU A 176 -5.56 13.85 6.94
CA LEU A 176 -5.11 12.80 7.88
C LEU A 176 -6.09 11.61 7.82
N CYS A 177 -5.58 10.37 7.80
CA CYS A 177 -6.43 9.18 7.89
C CYS A 177 -6.00 8.14 8.94
N GLY A 178 -4.72 8.08 9.35
CA GLY A 178 -4.31 7.12 10.37
C GLY A 178 -2.85 7.22 10.80
N LEU A 179 -2.46 6.37 11.76
CA LEU A 179 -1.10 6.17 12.22
C LEU A 179 -0.79 4.69 12.54
N ILE A 180 0.48 4.31 12.38
CA ILE A 180 0.98 2.92 12.48
C ILE A 180 2.27 2.91 13.30
N ALA A 181 2.36 2.00 14.28
CA ALA A 181 3.57 1.71 15.06
C ALA A 181 4.13 0.31 14.70
N ILE A 182 5.40 0.26 14.28
CA ILE A 182 6.11 -0.88 13.67
C ILE A 182 7.28 -1.32 14.56
N ALA A 183 7.51 -2.64 14.70
CA ALA A 183 8.49 -3.21 15.63
C ALA A 183 9.21 -4.46 15.06
N ASP A 184 10.50 -4.60 15.33
CA ASP A 184 11.32 -5.77 14.92
C ASP A 184 11.77 -6.65 16.09
N THR A 185 11.80 -7.97 15.83
CA THR A 185 12.17 -9.05 16.76
C THR A 185 12.96 -10.14 16.04
N SER A 1 30.92 -7.68 8.05
CA SER A 1 29.51 -8.11 8.17
C SER A 1 28.58 -6.92 8.14
N PHE A 2 27.40 -7.08 7.55
CA PHE A 2 26.33 -6.07 7.51
C PHE A 2 25.25 -6.32 8.59
N THR A 3 25.01 -7.60 8.89
CA THR A 3 24.19 -8.11 10.01
C THR A 3 22.72 -7.64 9.97
N MET A 4 21.96 -8.15 9.00
CA MET A 4 20.50 -7.94 8.90
C MET A 4 19.72 -9.12 9.52
N HIS A 5 18.91 -8.85 10.56
CA HIS A 5 18.05 -9.85 11.24
C HIS A 5 16.71 -9.29 11.79
N GLY A 6 16.55 -7.97 11.85
CA GLY A 6 15.42 -7.25 12.47
C GLY A 6 14.14 -7.21 11.64
N THR A 7 13.70 -8.36 11.12
CA THR A 7 12.48 -8.51 10.30
C THR A 7 11.27 -7.80 10.93
N PRO A 8 10.57 -6.91 10.18
CA PRO A 8 9.46 -6.12 10.71
C PRO A 8 8.15 -6.91 10.81
N VAL A 9 7.34 -6.59 11.82
CA VAL A 9 5.97 -7.06 12.02
C VAL A 9 5.06 -5.90 12.45
N VAL A 10 3.83 -5.83 11.93
CA VAL A 10 2.87 -4.77 12.25
C VAL A 10 2.28 -5.01 13.65
N ASN A 11 2.49 -4.07 14.58
CA ASN A 11 2.15 -4.23 15.99
C ASN A 11 0.79 -3.59 16.36
N GLN A 12 0.45 -2.44 15.76
CA GLN A 12 -0.83 -1.74 15.96
C GLN A 12 -1.16 -0.80 14.79
N VAL A 13 -2.44 -0.73 14.41
CA VAL A 13 -3.00 0.27 13.47
C VAL A 13 -4.14 1.05 14.16
N LYS A 14 -4.15 2.38 14.07
CA LYS A 14 -5.13 3.25 14.77
C LYS A 14 -5.64 4.39 13.87
N VAL A 15 -6.94 4.66 13.90
CA VAL A 15 -7.62 5.62 12.99
C VAL A 15 -7.61 7.07 13.54
N LEU A 16 -7.54 8.04 12.61
CA LEU A 16 -7.46 9.48 12.89
C LEU A 16 -8.44 10.34 12.05
N THR A 17 -9.52 9.74 11.55
CA THR A 17 -10.67 10.44 10.92
C THR A 17 -12.04 9.87 11.34
N GLU A 18 -12.04 8.81 12.15
CA GLU A 18 -13.17 7.94 12.53
C GLU A 18 -13.99 7.40 11.34
N SER A 19 -14.87 8.21 10.74
CA SER A 19 -15.59 7.91 9.49
C SER A 19 -15.79 9.15 8.60
N ASN A 20 -15.19 10.30 8.92
CA ASN A 20 -15.51 11.60 8.30
C ASN A 20 -15.19 11.69 6.80
N ARG A 21 -14.00 11.23 6.40
CA ARG A 21 -13.58 11.09 4.99
C ARG A 21 -13.69 9.64 4.50
N ILE A 22 -13.09 8.74 5.28
CA ILE A 22 -12.94 7.30 5.02
C ILE A 22 -13.16 6.49 6.32
N SER A 23 -13.56 5.22 6.19
CA SER A 23 -13.87 4.29 7.29
C SER A 23 -12.74 3.27 7.57
N HIS A 24 -12.64 2.76 8.80
CA HIS A 24 -11.50 1.98 9.29
C HIS A 24 -11.06 0.76 8.45
N HIS A 25 -11.99 -0.14 8.08
CA HIS A 25 -11.64 -1.37 7.36
C HIS A 25 -11.33 -1.08 5.89
N LYS A 26 -11.99 -0.09 5.29
CA LYS A 26 -11.68 0.39 3.93
C LYS A 26 -10.30 1.06 3.86
N ILE A 27 -9.84 1.75 4.92
CA ILE A 27 -8.47 2.28 5.02
C ILE A 27 -7.45 1.13 5.08
N LEU A 28 -7.71 0.09 5.88
CA LEU A 28 -6.88 -1.12 5.97
C LEU A 28 -6.78 -1.82 4.60
N ALA A 29 -7.90 -1.95 3.87
CA ALA A 29 -7.94 -2.46 2.51
C ALA A 29 -7.09 -1.63 1.54
N ILE A 30 -7.37 -0.33 1.34
CA ILE A 30 -6.66 0.44 0.30
C ILE A 30 -5.14 0.51 0.54
N VAL A 31 -4.70 0.62 1.79
CA VAL A 31 -3.28 0.58 2.15
C VAL A 31 -2.68 -0.81 1.89
N GLY A 32 -3.33 -1.89 2.33
CA GLY A 32 -2.81 -3.26 2.16
C GLY A 32 -2.77 -3.70 0.70
N THR A 33 -3.84 -3.44 -0.05
CA THR A 33 -3.96 -3.72 -1.50
C THR A 33 -2.91 -2.94 -2.31
N ALA A 34 -2.53 -1.73 -1.89
CA ALA A 34 -1.43 -0.99 -2.50
C ALA A 34 -0.05 -1.61 -2.16
N GLU A 35 0.26 -1.77 -0.87
CA GLU A 35 1.57 -2.24 -0.37
C GLU A 35 1.86 -3.72 -0.70
N SER A 36 0.84 -4.51 -1.06
CA SER A 36 0.96 -5.90 -1.50
C SER A 36 1.58 -6.10 -2.91
N ASN A 37 1.94 -5.02 -3.61
CA ASN A 37 2.60 -5.07 -4.93
C ASN A 37 4.04 -5.63 -4.83
N SER A 38 5.01 -4.77 -4.50
CA SER A 38 6.39 -5.09 -4.12
C SER A 38 6.94 -3.87 -3.36
N GLU A 39 7.61 -2.97 -4.07
CA GLU A 39 8.03 -1.59 -3.74
C GLU A 39 8.85 -1.31 -2.47
N HIS A 40 8.41 -1.81 -1.32
CA HIS A 40 8.84 -1.43 0.01
C HIS A 40 8.97 -2.66 0.96
N PRO A 41 10.04 -2.82 1.75
CA PRO A 41 10.24 -4.02 2.59
C PRO A 41 9.20 -4.21 3.70
N LEU A 42 8.52 -3.13 4.11
CA LEU A 42 7.42 -3.17 5.07
C LEU A 42 6.09 -3.62 4.44
N GLY A 43 5.93 -3.45 3.12
CA GLY A 43 4.69 -3.78 2.42
C GLY A 43 4.31 -5.26 2.54
N THR A 44 5.30 -6.15 2.47
CA THR A 44 5.14 -7.60 2.76
C THR A 44 4.60 -7.86 4.17
N ALA A 45 5.01 -7.08 5.17
CA ALA A 45 4.48 -7.18 6.54
C ALA A 45 3.04 -6.66 6.66
N ILE A 46 2.68 -5.62 5.91
CA ILE A 46 1.30 -5.09 5.82
C ILE A 46 0.38 -6.11 5.14
N THR A 47 0.77 -6.69 4.00
CA THR A 47 -0.09 -7.68 3.30
C THR A 47 -0.31 -8.94 4.13
N LYS A 48 0.74 -9.49 4.79
CA LYS A 48 0.57 -10.61 5.76
C LYS A 48 -0.45 -10.29 6.85
N TYR A 49 -0.36 -9.11 7.46
CA TYR A 49 -1.27 -8.65 8.52
C TYR A 49 -2.71 -8.43 8.02
N CYS A 50 -2.84 -7.81 6.83
CA CYS A 50 -4.11 -7.54 6.15
C CYS A 50 -4.82 -8.83 5.74
N LYS A 51 -4.12 -9.76 5.07
CA LYS A 51 -4.66 -11.06 4.61
C LYS A 51 -5.26 -11.86 5.77
N GLN A 52 -4.58 -11.88 6.91
CA GLN A 52 -5.05 -12.57 8.13
C GLN A 52 -6.30 -11.90 8.74
N GLU A 53 -6.47 -10.58 8.59
CA GLU A 53 -7.71 -9.85 8.94
C GLU A 53 -8.85 -10.05 7.91
N LEU A 54 -8.55 -10.28 6.62
CA LEU A 54 -9.59 -10.49 5.59
C LEU A 54 -10.01 -11.95 5.43
N ASP A 55 -9.15 -12.91 5.81
CA ASP A 55 -9.27 -14.35 5.53
C ASP A 55 -9.32 -14.68 4.01
N THR A 56 -8.71 -13.83 3.19
CA THR A 56 -8.50 -14.01 1.73
C THR A 56 -7.19 -14.76 1.42
N GLU A 57 -6.96 -15.08 0.15
CA GLU A 57 -5.65 -15.48 -0.38
C GLU A 57 -5.23 -14.64 -1.60
N THR A 58 -6.01 -13.61 -1.97
CA THR A 58 -5.85 -12.82 -3.21
C THR A 58 -6.21 -11.33 -3.06
N LEU A 59 -5.22 -10.46 -3.27
CA LEU A 59 -5.39 -8.99 -3.39
C LEU A 59 -4.21 -8.28 -4.07
N GLY A 60 -4.49 -7.07 -4.55
CA GLY A 60 -3.54 -6.07 -5.01
C GLY A 60 -3.79 -5.53 -6.43
N THR A 61 -3.69 -4.21 -6.56
CA THR A 61 -4.07 -3.37 -7.69
C THR A 61 -3.01 -2.31 -8.05
N CYS A 62 -3.11 -1.73 -9.25
CA CYS A 62 -2.14 -0.81 -9.85
C CYS A 62 -1.96 0.50 -9.06
N ILE A 63 -0.70 0.93 -8.91
CA ILE A 63 -0.25 1.98 -8.03
C ILE A 63 0.78 2.92 -8.68
N ASP A 64 0.66 4.23 -8.44
CA ASP A 64 1.63 5.25 -8.86
C ASP A 64 2.65 5.58 -7.75
N PHE A 65 3.40 4.57 -7.30
CA PHE A 65 4.26 4.61 -6.11
C PHE A 65 5.55 5.41 -6.34
N GLN A 66 5.75 6.47 -5.56
CA GLN A 66 6.90 7.41 -5.56
C GLN A 66 7.58 7.37 -4.18
N VAL A 67 8.91 7.44 -4.13
CA VAL A 67 9.69 7.18 -2.90
C VAL A 67 10.70 8.29 -2.57
N VAL A 68 10.72 8.69 -1.30
CA VAL A 68 11.73 9.56 -0.66
C VAL A 68 12.26 8.80 0.58
N PRO A 69 13.29 7.95 0.44
CA PRO A 69 13.74 7.04 1.52
C PRO A 69 14.03 7.71 2.86
N GLY A 70 14.49 8.96 2.84
CA GLY A 70 14.78 9.79 4.01
C GLY A 70 13.58 10.56 4.60
N CYS A 71 12.33 10.30 4.19
CA CYS A 71 11.14 10.90 4.79
C CYS A 71 9.83 10.10 4.61
N GLY A 72 9.50 9.57 3.42
CA GLY A 72 8.19 8.96 3.15
C GLY A 72 7.90 8.56 1.71
N ILE A 73 6.66 8.15 1.47
CA ILE A 73 6.13 7.61 0.20
C ILE A 73 4.85 8.36 -0.19
N SER A 74 4.68 8.55 -1.50
CA SER A 74 3.49 9.13 -2.15
C SER A 74 3.00 8.12 -3.19
N CYS A 75 1.74 7.73 -3.20
CA CYS A 75 1.21 6.73 -4.14
C CYS A 75 -0.22 7.03 -4.62
N LYS A 76 -0.69 6.32 -5.66
CA LYS A 76 -2.11 6.32 -6.05
C LYS A 76 -2.56 4.87 -6.08
N VAL A 77 -3.84 4.56 -5.89
CA VAL A 77 -4.35 3.18 -5.98
C VAL A 77 -5.72 3.15 -6.67
N THR A 78 -5.89 2.25 -7.65
CA THR A 78 -7.16 2.07 -8.38
C THR A 78 -7.55 0.59 -8.41
N ASN A 79 -8.55 0.19 -9.20
CA ASN A 79 -9.07 -1.19 -9.30
C ASN A 79 -9.63 -1.79 -7.99
N ILE A 80 -9.82 -0.95 -6.97
CA ILE A 80 -10.23 -1.36 -5.62
C ILE A 80 -11.68 -1.87 -5.57
N GLU A 81 -12.58 -1.25 -6.34
CA GLU A 81 -13.97 -1.70 -6.49
C GLU A 81 -14.15 -2.85 -7.51
N GLY A 82 -13.37 -2.86 -8.59
CA GLY A 82 -13.46 -3.70 -9.80
C GLY A 82 -13.56 -5.23 -9.74
N LEU A 83 -13.78 -5.88 -8.60
CA LEU A 83 -13.78 -7.36 -8.43
C LEU A 83 -14.68 -8.13 -9.42
N LEU A 84 -15.69 -7.48 -10.00
CA LEU A 84 -16.62 -7.99 -11.03
C LEU A 84 -15.95 -8.58 -12.28
N HIS A 85 -16.68 -9.41 -13.02
CA HIS A 85 -16.33 -9.91 -14.36
C HIS A 85 -17.18 -9.23 -15.44
N LYS A 86 -16.61 -9.04 -16.64
CA LYS A 86 -17.21 -8.26 -17.74
C LYS A 86 -17.32 -9.06 -19.05
N ASN A 87 -18.39 -8.81 -19.80
CA ASN A 87 -18.61 -9.27 -21.18
C ASN A 87 -17.69 -8.49 -22.12
N ASN A 88 -16.46 -8.99 -22.30
CA ASN A 88 -15.37 -8.36 -23.05
C ASN A 88 -15.34 -8.80 -24.54
N TRP A 89 -14.38 -8.25 -25.30
CA TRP A 89 -14.22 -8.45 -26.76
C TRP A 89 -15.28 -7.70 -27.58
N ASN A 90 -15.36 -6.38 -27.36
CA ASN A 90 -16.20 -5.45 -28.12
C ASN A 90 -15.48 -4.13 -28.46
N ILE A 91 -14.17 -4.05 -28.23
CA ILE A 91 -13.37 -2.82 -28.29
C ILE A 91 -12.28 -2.99 -29.38
N GLU A 92 -12.68 -2.74 -30.63
CA GLU A 92 -11.79 -2.71 -31.81
C GLU A 92 -10.63 -1.72 -31.66
N ASP A 93 -10.84 -0.67 -30.85
CA ASP A 93 -9.88 0.39 -30.56
C ASP A 93 -8.67 -0.08 -29.73
N ASN A 94 -8.77 -1.19 -29.00
CA ASN A 94 -7.71 -1.71 -28.13
C ASN A 94 -7.05 -2.97 -28.72
N ASN A 95 -5.73 -2.95 -28.86
CA ASN A 95 -4.94 -4.05 -29.43
C ASN A 95 -3.48 -4.07 -28.96
N ILE A 96 -2.80 -5.16 -29.32
CA ILE A 96 -1.35 -5.40 -29.23
C ILE A 96 -0.86 -6.01 -30.55
N LYS A 97 0.46 -6.10 -30.77
CA LYS A 97 1.05 -6.84 -31.88
C LYS A 97 2.37 -7.49 -31.46
N ASN A 98 2.37 -8.80 -31.28
CA ASN A 98 3.54 -9.58 -30.88
C ASN A 98 4.03 -10.42 -32.07
N ALA A 99 5.00 -9.88 -32.82
CA ALA A 99 5.55 -10.49 -34.02
C ALA A 99 7.05 -10.15 -34.15
N SER A 100 7.92 -11.04 -33.65
CA SER A 100 9.38 -10.86 -33.63
C SER A 100 10.17 -12.17 -33.77
N LEU A 101 11.37 -12.04 -34.33
CA LEU A 101 12.32 -13.11 -34.64
C LEU A 101 13.74 -12.52 -34.82
N VAL A 102 14.74 -13.39 -34.92
CA VAL A 102 16.12 -13.09 -35.36
C VAL A 102 16.80 -14.40 -35.75
N GLN A 103 16.88 -14.67 -37.06
CA GLN A 103 17.42 -15.93 -37.62
C GLN A 103 18.09 -15.71 -39.00
N ILE A 104 19.09 -16.53 -39.31
CA ILE A 104 19.93 -16.45 -40.51
C ILE A 104 19.38 -17.26 -41.70
N ASP A 105 19.41 -16.66 -42.89
CA ASP A 105 19.00 -17.19 -44.22
C ASP A 105 17.53 -17.62 -44.39
N ALA A 106 16.84 -18.03 -43.32
CA ALA A 106 15.42 -18.36 -43.31
C ALA A 106 14.78 -17.98 -41.96
N SER A 107 14.13 -16.82 -41.91
CA SER A 107 13.45 -16.30 -40.71
C SER A 107 11.91 -16.28 -40.86
N ASN A 108 11.22 -15.99 -39.77
CA ASN A 108 9.77 -15.98 -39.61
C ASN A 108 9.38 -14.80 -38.70
N GLU A 109 8.18 -14.78 -38.11
CA GLU A 109 7.76 -13.84 -37.04
C GLU A 109 6.81 -14.58 -36.07
N GLN A 110 7.02 -14.44 -34.75
CA GLN A 110 6.20 -15.13 -33.73
C GLN A 110 6.00 -14.29 -32.45
N SER A 111 5.15 -14.74 -31.53
CA SER A 111 4.87 -14.08 -30.25
C SER A 111 5.98 -14.30 -29.21
N SER A 112 6.58 -13.22 -28.73
CA SER A 112 7.62 -13.21 -27.69
C SER A 112 7.50 -11.98 -26.77
N THR A 113 8.27 -11.95 -25.70
CA THR A 113 8.38 -10.83 -24.75
C THR A 113 8.62 -9.50 -25.49
N SER A 114 7.73 -8.52 -25.26
CA SER A 114 7.66 -7.26 -26.00
C SER A 114 7.11 -6.12 -25.14
N SER A 115 7.77 -4.96 -25.18
CA SER A 115 7.35 -3.73 -24.50
C SER A 115 6.12 -3.07 -25.15
N SER A 116 5.59 -2.02 -24.51
CA SER A 116 4.55 -1.12 -25.05
C SER A 116 3.22 -1.82 -25.40
N MET A 117 2.23 -1.04 -25.86
CA MET A 117 0.82 -1.42 -26.08
C MET A 117 0.03 -1.93 -24.85
N ILE A 118 0.69 -2.24 -23.73
CA ILE A 118 0.09 -2.68 -22.45
C ILE A 118 -0.66 -1.56 -21.67
N ILE A 119 -1.05 -0.48 -22.35
CA ILE A 119 -1.62 0.76 -21.79
C ILE A 119 -2.90 1.17 -22.53
N ASP A 120 -3.72 1.99 -21.88
CA ASP A 120 -5.11 2.33 -22.28
C ASP A 120 -6.09 1.13 -22.31
N ALA A 121 -5.60 -0.10 -22.17
CA ALA A 121 -6.40 -1.32 -22.10
C ALA A 121 -7.23 -1.43 -20.81
N GLN A 122 -6.60 -1.32 -19.63
CA GLN A 122 -7.28 -1.46 -18.33
C GLN A 122 -8.41 -0.44 -18.08
N ILE A 123 -8.32 0.72 -18.75
CA ILE A 123 -9.18 1.92 -18.59
C ILE A 123 -10.69 1.62 -18.70
N SER A 124 -11.13 0.77 -19.65
CA SER A 124 -12.56 0.48 -19.88
C SER A 124 -13.22 -0.31 -18.74
N ASN A 125 -12.44 -1.11 -17.99
CA ASN A 125 -12.88 -1.78 -16.77
C ASN A 125 -12.66 -0.91 -15.51
N ALA A 126 -11.58 -0.12 -15.48
CA ALA A 126 -11.32 0.85 -14.40
C ALA A 126 -12.41 1.95 -14.29
N LEU A 127 -13.23 2.16 -15.31
CA LEU A 127 -14.43 3.01 -15.28
C LEU A 127 -15.40 2.63 -14.13
N ASN A 128 -15.48 1.33 -13.80
CA ASN A 128 -16.36 0.80 -12.75
C ASN A 128 -15.83 1.01 -11.31
N ALA A 129 -14.81 1.85 -11.11
CA ALA A 129 -14.17 2.06 -9.81
C ALA A 129 -13.74 3.50 -9.51
N GLN A 130 -13.65 3.81 -8.20
CA GLN A 130 -13.00 4.99 -7.65
C GLN A 130 -11.48 4.75 -7.55
N GLN A 131 -10.69 5.82 -7.47
CA GLN A 131 -9.26 5.75 -7.12
C GLN A 131 -8.86 6.75 -6.02
N TYR A 132 -7.79 6.45 -5.29
CA TYR A 132 -7.28 7.25 -4.16
C TYR A 132 -5.80 7.66 -4.31
N LYS A 133 -5.45 8.90 -3.98
CA LYS A 133 -4.05 9.34 -3.78
C LYS A 133 -3.71 9.21 -2.29
N VAL A 134 -2.60 8.57 -1.91
CA VAL A 134 -2.28 8.21 -0.51
C VAL A 134 -0.82 8.53 -0.17
N LEU A 135 -0.59 9.11 1.00
CA LEU A 135 0.72 9.52 1.54
C LEU A 135 1.01 8.73 2.82
N ILE A 136 2.20 8.12 2.94
CA ILE A 136 2.59 7.33 4.12
C ILE A 136 4.06 7.59 4.49
N GLY A 137 4.35 7.93 5.76
CA GLY A 137 5.74 8.10 6.21
C GLY A 137 5.93 8.52 7.67
N ASN A 138 7.11 9.04 7.98
CA ASN A 138 7.46 9.61 9.28
C ASN A 138 6.62 10.88 9.60
N ARG A 139 6.57 11.28 10.88
CA ARG A 139 5.91 12.50 11.37
C ARG A 139 6.25 13.77 10.57
N GLU A 140 7.49 13.91 10.07
CA GLU A 140 7.91 15.06 9.26
C GLU A 140 7.25 15.11 7.88
N TRP A 141 7.07 13.98 7.19
CA TRP A 141 6.51 13.88 5.83
C TRP A 141 5.21 14.65 5.61
N MET A 142 4.36 14.77 6.62
CA MET A 142 3.09 15.49 6.48
C MET A 142 3.27 17.02 6.40
N ILE A 143 4.21 17.61 7.14
CA ILE A 143 4.55 19.04 6.98
C ILE A 143 5.36 19.30 5.70
N ARG A 144 5.91 18.26 5.05
CA ARG A 144 6.48 18.30 3.70
C ARG A 144 5.37 18.35 2.64
N ASN A 145 4.39 17.44 2.71
CA ASN A 145 3.22 17.37 1.81
C ASN A 145 2.31 18.61 1.81
N GLY A 146 2.20 19.32 2.94
CA GLY A 146 1.34 20.50 3.12
C GLY A 146 0.29 20.36 4.23
N LEU A 147 0.25 19.19 4.87
CA LEU A 147 -0.58 18.89 6.03
C LEU A 147 0.06 19.44 7.32
N VAL A 148 -0.63 19.28 8.45
CA VAL A 148 -0.08 19.52 9.81
C VAL A 148 -0.63 18.48 10.79
N ILE A 149 0.21 17.99 11.70
CA ILE A 149 -0.10 16.89 12.64
C ILE A 149 -0.84 17.38 13.89
N ASN A 150 -1.60 16.48 14.53
CA ASN A 150 -2.41 16.76 15.72
C ASN A 150 -1.68 16.33 17.02
N ASN A 151 -1.93 17.00 18.14
CA ASN A 151 -1.22 16.82 19.41
C ASN A 151 -1.36 15.40 20.01
N ASP A 152 -2.51 14.74 19.82
CA ASP A 152 -2.77 13.39 20.34
C ASP A 152 -1.83 12.33 19.72
N VAL A 153 -1.81 12.28 18.39
CA VAL A 153 -0.93 11.39 17.59
C VAL A 153 0.55 11.75 17.73
N ASN A 154 0.89 13.03 17.82
CA ASN A 154 2.26 13.51 18.00
C ASN A 154 2.86 12.96 19.33
N ASP A 155 2.04 12.98 20.40
CA ASP A 155 2.33 12.33 21.68
C ASP A 155 2.37 10.80 21.55
N PHE A 156 1.33 10.16 21.00
CA PHE A 156 1.20 8.69 20.89
C PHE A 156 2.34 8.04 20.10
N MET A 157 2.72 8.63 18.96
CA MET A 157 3.81 8.12 18.10
C MET A 157 5.16 8.26 18.80
N THR A 158 5.43 9.45 19.35
CA THR A 158 6.66 9.71 20.09
C THR A 158 6.80 8.80 21.31
N GLU A 159 5.72 8.64 22.07
CA GLU A 159 5.60 7.75 23.23
C GLU A 159 5.86 6.29 22.85
N HIS A 160 5.28 5.81 21.76
CA HIS A 160 5.44 4.41 21.34
C HIS A 160 6.85 4.14 20.74
N GLU A 161 7.48 5.15 20.15
CA GLU A 161 8.90 5.13 19.75
C GLU A 161 9.82 5.12 20.99
N ARG A 162 9.43 5.88 22.04
CA ARG A 162 10.00 5.86 23.41
C ARG A 162 9.63 4.58 24.19
N LYS A 163 8.82 3.69 23.60
CA LYS A 163 8.52 2.31 24.02
C LYS A 163 9.22 1.25 23.14
N GLY A 164 10.29 1.63 22.45
CA GLY A 164 11.18 0.69 21.74
C GLY A 164 10.69 0.13 20.41
N ARG A 165 9.73 0.79 19.75
CA ARG A 165 9.16 0.43 18.43
C ARG A 165 9.47 1.51 17.37
N THR A 166 8.98 1.31 16.14
CA THR A 166 9.04 2.24 15.00
C THR A 166 7.61 2.77 14.71
N ALA A 167 7.44 4.04 14.33
CA ALA A 167 6.10 4.63 14.09
C ALA A 167 6.01 5.47 12.79
N VAL A 168 4.89 5.35 12.07
CA VAL A 168 4.58 6.08 10.81
C VAL A 168 3.09 6.46 10.72
N LEU A 169 2.75 7.48 9.93
CA LEU A 169 1.39 8.02 9.74
C LEU A 169 0.92 8.09 8.28
N VAL A 170 -0.41 8.21 8.10
CA VAL A 170 -1.13 8.07 6.81
C VAL A 170 -2.10 9.23 6.55
N ALA A 171 -2.12 9.70 5.30
CA ALA A 171 -3.11 10.64 4.76
C ALA A 171 -3.63 10.19 3.38
N VAL A 172 -4.85 10.58 3.02
CA VAL A 172 -5.59 10.12 1.84
C VAL A 172 -6.27 11.33 1.19
N ASP A 173 -6.03 11.55 -0.11
CA ASP A 173 -6.44 12.75 -0.84
C ASP A 173 -5.99 14.05 -0.12
N ASP A 174 -4.79 14.00 0.49
CA ASP A 174 -4.20 15.01 1.36
C ASP A 174 -5.02 15.35 2.63
N GLU A 175 -5.85 14.41 3.10
CA GLU A 175 -6.53 14.45 4.40
C GLU A 175 -5.96 13.42 5.40
N LEU A 176 -5.63 13.84 6.62
CA LEU A 176 -5.32 12.93 7.76
C LEU A 176 -6.33 11.77 7.86
N CYS A 177 -5.84 10.54 8.06
CA CYS A 177 -6.74 9.38 8.24
C CYS A 177 -6.29 8.29 9.24
N GLY A 178 -5.00 8.11 9.55
CA GLY A 178 -4.55 7.07 10.50
C GLY A 178 -3.03 7.01 10.76
N LEU A 179 -2.63 6.09 11.63
CA LEU A 179 -1.22 5.79 11.95
C LEU A 179 -0.95 4.30 12.26
N ILE A 180 0.32 3.90 12.20
CA ILE A 180 0.80 2.51 12.37
C ILE A 180 2.06 2.48 13.25
N ALA A 181 2.11 1.57 14.23
CA ALA A 181 3.30 1.26 15.04
C ALA A 181 3.80 -0.17 14.76
N ILE A 182 5.09 -0.28 14.40
CA ILE A 182 5.78 -1.47 13.86
C ILE A 182 6.89 -1.94 14.81
N ALA A 183 7.06 -3.25 14.94
CA ALA A 183 8.02 -3.90 15.84
C ALA A 183 9.00 -4.83 15.09
N ASP A 184 10.17 -5.08 15.68
CA ASP A 184 11.11 -6.14 15.26
C ASP A 184 11.22 -7.20 16.37
N THR A 185 11.60 -8.43 15.99
CA THR A 185 11.95 -9.55 16.91
C THR A 185 10.96 -9.77 18.05
#